data_6ON2
#
_entry.id   6ON2
#
loop_
_entity.id
_entity.type
_entity.pdbx_description
1 polymer 'ATP-dependent protease La'
2 polymer 'Bound Y2853 Substrate'
3 non-polymer "ADENOSINE-5'-TRIPHOSPHATE"
4 non-polymer 'MAGNESIUM ION'
5 non-polymer "ADENOSINE-5'-DIPHOSPHATE"
#
loop_
_entity_poly.entity_id
_entity_poly.type
_entity_poly.pdbx_seq_one_letter_code
_entity_poly.pdbx_strand_id
1 'polypeptide(L)'
;ALKRKIEAAKMPKDAREKTEAELQKLKMMSPMSAEATVVRGYIDWMLQVPWNSRSKVKKDLVKAQEVLDTDHYGLERVKD
RILEYLAVQSRVSKIKGPILCLVGPPGVGKTSLGQSIAKATGRQYVRMALGGVRDEAEIRGHRRTYIGSMPGKLIQKMAK
VGVKNPLFLLDQIDKMASDMRGDPASALLEVLDPEQNVAFNDHYLEVDYDLSDVMFVATSNSMNIPAPLLDRMEVIRLSG
YTEDEKLNIAKQHLLPKQFERNAIKKGELTIDDSAIMSIIRYYTREAGVRSLEREISKLCRKAVKNLLMDKTVKHIEING
DNLKDFLGVQKVDYGRADTENRVGQVTGLAWTEVGGDLLTIETACVPGKGKLTYTGSLGEVMQESIQAALTVVRARADKL
GINPDFYEKRDIHVHVPEGATPKDGPSAGIAMCTALVSCLTGNPVRADVAMTGEITLRGLVLPIGGLKEKLLAAHRGGIK
VVLIPDDNKRDLEEIPDNVIADLEIHPVKRIDDVLAIALEHPAF
;
A,B,C,D,E,F
2 'polypeptide(L)' AAAAAAA G
#
loop_
_chem_comp.id
_chem_comp.type
_chem_comp.name
_chem_comp.formula
ADP non-polymer ADENOSINE-5'-DIPHOSPHATE 'C10 H15 N5 O10 P2'
ATP non-polymer ADENOSINE-5'-TRIPHOSPHATE 'C10 H16 N5 O13 P3'
MG non-polymer 'MAGNESIUM ION' 'Mg 2'
#
# COMPACT_ATOMS: atom_id res chain seq x y z
N ALA A 1 -48.29 43.79 15.40
CA ALA A 1 -47.29 42.80 15.79
C ALA A 1 -45.95 43.08 15.10
N LEU A 2 -45.55 42.20 14.18
CA LEU A 2 -44.29 42.32 13.48
C LEU A 2 -44.43 42.36 11.96
N LYS A 3 -45.58 42.80 11.45
CA LYS A 3 -45.81 42.90 10.01
C LYS A 3 -44.97 44.00 9.38
N ARG A 4 -44.54 44.99 10.17
CA ARG A 4 -43.78 46.12 9.64
C ARG A 4 -42.37 45.71 9.26
N LYS A 5 -41.85 44.65 9.87
CA LYS A 5 -40.52 44.17 9.49
C LYS A 5 -40.59 43.22 8.30
N ILE A 6 -41.69 42.47 8.18
CA ILE A 6 -41.90 41.64 6.99
C ILE A 6 -42.12 42.52 5.77
N GLU A 7 -42.94 43.56 5.91
CA GLU A 7 -43.18 44.48 4.81
C GLU A 7 -41.97 45.38 4.54
N ALA A 8 -41.33 45.89 5.59
CA ALA A 8 -40.19 46.76 5.44
C ALA A 8 -38.90 46.02 5.09
N ALA A 9 -38.91 44.69 5.14
CA ALA A 9 -37.72 43.93 4.76
C ALA A 9 -37.52 43.91 3.25
N LYS A 10 -38.61 44.04 2.49
CA LYS A 10 -38.64 44.07 1.03
C LYS A 10 -38.02 42.80 0.44
N MET A 11 -38.65 41.69 0.80
CA MET A 11 -38.22 40.37 0.37
C MET A 11 -38.71 40.07 -1.03
N PRO A 12 -38.15 39.04 -1.69
CA PRO A 12 -38.80 38.51 -2.89
C PRO A 12 -40.16 37.89 -2.58
N LYS A 13 -40.97 37.67 -3.63
CA LYS A 13 -42.39 37.41 -3.44
C LYS A 13 -42.66 36.04 -2.83
N ASP A 14 -41.79 35.06 -3.09
CA ASP A 14 -41.98 33.75 -2.50
C ASP A 14 -41.62 33.72 -1.01
N ALA A 15 -40.51 34.38 -0.64
CA ALA A 15 -40.15 34.52 0.76
C ALA A 15 -41.19 35.33 1.51
N ARG A 16 -41.73 36.36 0.84
CA ARG A 16 -42.76 37.19 1.46
C ARG A 16 -44.06 36.40 1.66
N GLU A 17 -44.44 35.59 0.66
CA GLU A 17 -45.73 34.89 0.79
C GLU A 17 -45.65 33.75 1.79
N LYS A 18 -44.48 33.11 1.95
CA LYS A 18 -44.45 32.02 2.91
C LYS A 18 -44.11 32.51 4.32
N THR A 19 -43.44 33.66 4.45
CA THR A 19 -43.32 34.25 5.78
C THR A 19 -44.64 34.82 6.26
N GLU A 20 -45.38 35.50 5.37
CA GLU A 20 -46.71 35.99 5.76
C GLU A 20 -47.68 34.83 5.96
N ALA A 21 -47.55 33.77 5.16
CA ALA A 21 -48.36 32.58 5.36
C ALA A 21 -48.00 31.88 6.67
N GLU A 22 -46.72 31.91 7.04
CA GLU A 22 -46.28 31.24 8.26
C GLU A 22 -46.65 32.06 9.49
N LEU A 23 -46.74 33.38 9.35
CA LEU A 23 -47.31 34.21 10.41
C LEU A 23 -48.81 33.97 10.52
N GLN A 24 -49.47 33.71 9.39
CA GLN A 24 -50.86 33.29 9.43
C GLN A 24 -51.00 31.81 9.74
N LYS A 25 -49.89 31.14 10.03
CA LYS A 25 -49.95 29.91 10.82
C LYS A 25 -49.67 30.20 12.29
N LEU A 26 -48.94 31.30 12.56
CA LEU A 26 -48.52 31.61 13.92
C LEU A 26 -49.68 32.14 14.76
N LYS A 27 -50.54 32.98 14.17
CA LYS A 27 -51.46 33.76 15.00
C LYS A 27 -52.77 33.04 15.32
N MET A 28 -52.81 31.72 15.35
CA MET A 28 -53.95 30.98 15.89
C MET A 28 -53.49 29.78 16.71
N MET A 29 -52.21 29.74 17.06
CA MET A 29 -51.71 28.75 18.01
C MET A 29 -51.23 29.48 19.25
N SER A 30 -51.16 28.74 20.36
CA SER A 30 -50.71 29.30 21.63
C SER A 30 -49.22 29.58 21.58
N PRO A 31 -48.77 30.72 22.12
CA PRO A 31 -47.35 31.07 22.02
C PRO A 31 -46.43 30.26 22.93
N MET A 32 -46.98 29.42 23.81
CA MET A 32 -46.16 28.57 24.66
C MET A 32 -45.94 27.18 24.09
N SER A 33 -46.52 26.87 22.93
CA SER A 33 -46.29 25.59 22.29
C SER A 33 -44.91 25.60 21.61
N ALA A 34 -44.48 24.42 21.18
CA ALA A 34 -43.20 24.31 20.50
C ALA A 34 -43.26 24.88 19.09
N GLU A 35 -44.41 24.74 18.43
CA GLU A 35 -44.58 25.16 17.05
C GLU A 35 -44.49 26.67 16.89
N ALA A 36 -45.00 27.44 17.85
CA ALA A 36 -44.86 28.89 17.81
C ALA A 36 -43.41 29.32 17.98
N THR A 37 -42.62 28.53 18.71
CA THR A 37 -41.20 28.83 18.82
C THR A 37 -40.45 28.49 17.55
N VAL A 38 -40.87 27.40 16.88
CA VAL A 38 -40.25 27.02 15.60
C VAL A 38 -40.53 28.06 14.54
N VAL A 39 -41.80 28.44 14.37
CA VAL A 39 -42.14 29.38 13.31
C VAL A 39 -41.75 30.81 13.69
N ARG A 40 -41.67 31.10 14.99
CA ARG A 40 -41.23 32.42 15.42
C ARG A 40 -39.74 32.60 15.18
N GLY A 41 -38.94 31.58 15.54
CA GLY A 41 -37.52 31.63 15.24
C GLY A 41 -37.25 31.61 13.75
N TYR A 42 -38.08 30.89 12.98
CA TYR A 42 -37.94 30.89 11.53
C TYR A 42 -38.24 32.26 10.94
N ILE A 43 -39.26 32.96 11.44
CA ILE A 43 -39.55 34.32 10.99
C ILE A 43 -38.39 35.26 11.32
N ASP A 44 -37.78 35.09 12.50
CA ASP A 44 -36.66 35.96 12.87
C ASP A 44 -35.43 35.70 12.01
N TRP A 45 -35.19 34.42 11.66
CA TRP A 45 -34.12 34.12 10.70
C TRP A 45 -34.41 34.72 9.33
N MET A 46 -35.66 34.61 8.85
CA MET A 46 -36.03 35.21 7.58
C MET A 46 -35.94 36.73 7.59
N LEU A 47 -36.09 37.36 8.75
CA LEU A 47 -35.96 38.81 8.84
C LEU A 47 -34.52 39.27 8.90
N GLN A 48 -33.61 38.49 9.48
CA GLN A 48 -32.23 38.97 9.57
C GLN A 48 -31.35 38.56 8.38
N VAL A 49 -31.94 38.08 7.30
CA VAL A 49 -31.18 37.71 6.11
C VAL A 49 -31.11 38.92 5.16
N PRO A 50 -29.93 39.27 4.63
CA PRO A 50 -29.82 40.42 3.73
C PRO A 50 -30.38 40.19 2.33
N TRP A 51 -31.68 40.44 2.16
CA TRP A 51 -32.33 40.13 0.88
C TRP A 51 -31.93 41.11 -0.21
N ASN A 52 -31.82 42.39 0.11
CA ASN A 52 -31.54 43.41 -0.91
C ASN A 52 -30.49 44.43 -0.50
N SER A 53 -29.97 44.36 0.72
CA SER A 53 -28.93 45.30 1.13
C SER A 53 -27.62 44.98 0.44
N ARG A 54 -27.25 45.82 -0.52
CA ARG A 54 -26.11 45.55 -1.38
C ARG A 54 -25.13 46.71 -1.30
N SER A 55 -23.85 46.37 -1.19
CA SER A 55 -22.80 47.38 -1.03
C SER A 55 -22.27 47.85 -2.37
N LYS A 56 -21.69 49.04 -2.38
CA LYS A 56 -21.21 49.66 -3.61
C LYS A 56 -19.82 49.15 -3.95
N VAL A 57 -19.61 48.76 -5.21
CA VAL A 57 -18.33 48.24 -5.67
C VAL A 57 -17.54 49.38 -6.27
N LYS A 58 -16.25 49.47 -5.93
CA LYS A 58 -15.36 50.49 -6.44
C LYS A 58 -15.16 50.36 -7.94
N LYS A 59 -14.76 51.47 -8.56
CA LYS A 59 -14.48 51.50 -10.00
C LYS A 59 -13.11 52.07 -10.36
N ASP A 60 -12.44 52.74 -9.43
CA ASP A 60 -11.12 53.29 -9.71
C ASP A 60 -10.08 52.18 -9.67
N LEU A 61 -9.02 52.33 -10.46
CA LEU A 61 -7.98 51.33 -10.53
C LEU A 61 -6.63 51.83 -10.02
N VAL A 62 -6.42 53.14 -9.98
CA VAL A 62 -5.20 53.67 -9.39
C VAL A 62 -5.28 53.60 -7.88
N LYS A 63 -6.41 54.00 -7.31
CA LYS A 63 -6.57 53.98 -5.86
C LYS A 63 -6.71 52.56 -5.35
N ALA A 64 -7.27 51.66 -6.17
CA ALA A 64 -7.37 50.26 -5.78
C ALA A 64 -6.00 49.60 -5.72
N GLN A 65 -5.10 49.96 -6.63
CA GLN A 65 -3.73 49.48 -6.54
C GLN A 65 -2.99 50.13 -5.39
N GLU A 66 -3.32 51.38 -5.05
CA GLU A 66 -2.75 51.99 -3.86
C GLU A 66 -3.25 51.32 -2.59
N VAL A 67 -4.46 50.77 -2.61
CA VAL A 67 -4.94 49.98 -1.47
C VAL A 67 -4.23 48.63 -1.42
N LEU A 68 -4.03 47.99 -2.58
CA LEU A 68 -3.38 46.68 -2.60
C LEU A 68 -1.90 46.75 -2.28
N ASP A 69 -1.23 47.88 -2.52
CA ASP A 69 0.20 47.98 -2.31
C ASP A 69 0.59 48.38 -0.89
N THR A 70 -0.37 48.60 0.00
CA THR A 70 -0.07 48.98 1.38
C THR A 70 -0.30 47.84 2.36
N ASP A 71 -0.45 46.62 1.86
CA ASP A 71 -0.52 45.45 2.71
C ASP A 71 0.47 44.38 2.25
N HIS A 72 0.80 44.38 0.97
CA HIS A 72 1.62 43.33 0.38
C HIS A 72 2.59 43.95 -0.61
N TYR A 73 3.80 43.41 -0.67
CA TYR A 73 4.82 44.03 -1.50
C TYR A 73 4.75 43.59 -2.96
N GLY A 74 4.95 42.30 -3.22
CA GLY A 74 5.28 41.90 -4.58
C GLY A 74 4.47 40.78 -5.18
N LEU A 75 3.17 40.75 -4.91
CA LEU A 75 2.28 39.81 -5.59
C LEU A 75 1.66 40.46 -6.81
N GLU A 76 2.54 40.83 -7.75
CA GLU A 76 2.17 41.73 -8.84
C GLU A 76 1.19 41.09 -9.82
N ARG A 77 1.29 39.78 -10.05
CA ARG A 77 0.36 39.12 -10.96
C ARG A 77 -1.03 38.98 -10.33
N VAL A 78 -1.10 38.81 -9.02
CA VAL A 78 -2.38 38.72 -8.35
C VAL A 78 -3.04 40.08 -8.29
N LYS A 79 -2.26 41.13 -7.99
CA LYS A 79 -2.78 42.49 -7.96
C LYS A 79 -3.26 42.93 -9.35
N ASP A 80 -2.51 42.56 -10.39
CA ASP A 80 -2.95 42.80 -11.76
C ASP A 80 -4.23 42.05 -12.07
N ARG A 81 -4.37 40.82 -11.57
CA ARG A 81 -5.59 40.04 -11.77
C ARG A 81 -6.81 40.69 -11.14
N ILE A 82 -6.68 41.19 -9.91
CA ILE A 82 -7.78 41.89 -9.25
C ILE A 82 -8.11 43.20 -9.96
N LEU A 83 -7.09 43.88 -10.51
CA LEU A 83 -7.39 45.07 -11.32
C LEU A 83 -8.08 44.72 -12.63
N GLU A 84 -7.82 43.54 -13.18
CA GLU A 84 -8.58 43.07 -14.34
C GLU A 84 -10.03 42.78 -13.96
N TYR A 85 -10.23 42.23 -12.76
CA TYR A 85 -11.58 41.94 -12.27
C TYR A 85 -12.39 43.21 -12.09
N LEU A 86 -11.85 44.19 -11.35
CA LEU A 86 -12.46 45.51 -11.20
C LEU A 86 -12.61 46.24 -12.52
N ALA A 87 -11.73 45.97 -13.49
CA ALA A 87 -11.92 46.55 -14.82
C ALA A 87 -13.12 45.94 -15.52
N VAL A 88 -13.35 44.64 -15.33
CA VAL A 88 -14.44 43.98 -16.06
C VAL A 88 -15.80 44.32 -15.44
N GLN A 89 -15.92 44.36 -14.11
CA GLN A 89 -17.23 44.68 -13.57
C GLN A 89 -17.56 46.17 -13.59
N SER A 90 -16.72 47.01 -14.20
CA SER A 90 -17.16 48.34 -14.56
C SER A 90 -17.98 48.35 -15.84
N ARG A 91 -18.16 47.18 -16.48
CA ARG A 91 -19.02 47.03 -17.64
C ARG A 91 -20.23 46.14 -17.33
N VAL A 92 -19.98 44.95 -16.80
CA VAL A 92 -21.05 44.04 -16.42
C VAL A 92 -21.35 44.20 -14.94
N SER A 93 -22.48 43.67 -14.51
CA SER A 93 -22.89 43.71 -13.11
C SER A 93 -22.31 42.55 -12.31
N LYS A 94 -22.57 41.32 -12.75
CA LYS A 94 -22.16 40.11 -12.04
C LYS A 94 -21.24 39.30 -12.94
N ILE A 95 -20.09 38.93 -12.42
CA ILE A 95 -19.11 38.14 -13.17
C ILE A 95 -19.59 36.68 -13.17
N LYS A 96 -19.61 36.07 -14.33
CA LYS A 96 -20.00 34.66 -14.47
C LYS A 96 -18.77 33.83 -14.76
N GLY A 97 -18.86 32.53 -14.50
CA GLY A 97 -17.78 31.61 -14.78
C GLY A 97 -17.07 31.15 -13.53
N PRO A 98 -15.75 31.06 -13.59
CA PRO A 98 -14.98 30.53 -12.46
C PRO A 98 -14.77 31.57 -11.35
N ILE A 99 -14.32 31.07 -10.22
CA ILE A 99 -14.03 31.88 -9.06
C ILE A 99 -12.52 31.97 -8.90
N LEU A 100 -12.06 32.81 -7.97
CA LEU A 100 -10.63 32.95 -7.78
C LEU A 100 -10.10 31.91 -6.82
N CYS A 101 -8.86 31.48 -7.05
CA CYS A 101 -8.19 30.52 -6.19
C CYS A 101 -6.75 30.96 -6.01
N LEU A 102 -6.21 30.78 -4.81
CA LEU A 102 -4.86 31.18 -4.47
C LEU A 102 -4.12 29.96 -3.93
N VAL A 103 -3.30 29.33 -4.76
CA VAL A 103 -2.54 28.15 -4.38
C VAL A 103 -1.13 28.61 -4.06
N GLY A 104 -0.59 28.18 -2.93
CA GLY A 104 0.78 28.49 -2.62
C GLY A 104 1.36 27.72 -1.44
N PRO A 105 2.68 27.73 -1.32
CA PRO A 105 3.32 27.19 -0.11
C PRO A 105 2.99 28.05 1.10
N PRO A 106 3.13 27.52 2.32
CA PRO A 106 2.74 28.30 3.50
C PRO A 106 3.66 29.50 3.73
N GLY A 107 3.05 30.62 4.13
CA GLY A 107 3.76 31.84 4.46
C GLY A 107 3.82 32.87 3.34
N VAL A 108 3.18 32.59 2.19
CA VAL A 108 3.27 33.50 1.05
C VAL A 108 2.26 34.62 1.11
N GLY A 109 1.32 34.58 2.05
CA GLY A 109 0.35 35.64 2.18
C GLY A 109 -0.80 35.51 1.21
N LYS A 110 -1.51 34.40 1.27
CA LYS A 110 -2.67 34.19 0.44
C LYS A 110 -3.96 34.10 1.23
N THR A 111 -3.89 34.18 2.56
CA THR A 111 -5.07 34.36 3.40
C THR A 111 -5.25 35.81 3.82
N SER A 112 -4.16 36.53 4.09
CA SER A 112 -4.19 37.95 4.39
C SER A 112 -4.39 38.83 3.16
N LEU A 113 -4.64 38.24 1.99
CA LEU A 113 -5.13 38.99 0.85
C LEU A 113 -6.63 39.21 0.87
N GLY A 114 -7.35 38.55 1.78
CA GLY A 114 -8.80 38.67 1.78
C GLY A 114 -9.28 40.05 2.20
N GLN A 115 -8.67 40.60 3.25
CA GLN A 115 -8.97 41.97 3.64
C GLN A 115 -8.42 42.97 2.64
N SER A 116 -7.32 42.64 1.95
CA SER A 116 -6.76 43.55 0.96
C SER A 116 -7.67 43.67 -0.26
N ILE A 117 -8.23 42.55 -0.72
CA ILE A 117 -9.14 42.59 -1.85
C ILE A 117 -10.48 43.16 -1.42
N ALA A 118 -10.89 42.90 -0.17
CA ALA A 118 -12.15 43.45 0.31
C ALA A 118 -12.08 44.96 0.51
N LYS A 119 -10.90 45.48 0.84
CA LYS A 119 -10.73 46.92 0.89
C LYS A 119 -10.57 47.51 -0.51
N ALA A 120 -9.84 46.82 -1.39
CA ALA A 120 -9.59 47.35 -2.73
C ALA A 120 -10.84 47.33 -3.60
N THR A 121 -11.80 46.47 -3.29
CA THR A 121 -13.05 46.43 -4.03
C THR A 121 -14.20 47.07 -3.30
N GLY A 122 -14.00 47.52 -2.06
CA GLY A 122 -15.07 48.15 -1.31
C GLY A 122 -16.16 47.19 -0.87
N ARG A 123 -15.83 45.93 -0.68
CA ARG A 123 -16.81 44.91 -0.34
C ARG A 123 -16.56 44.41 1.07
N GLN A 124 -17.61 43.93 1.71
CA GLN A 124 -17.50 43.52 3.10
C GLN A 124 -16.91 42.12 3.19
N TYR A 125 -15.99 41.93 4.13
CA TYR A 125 -15.16 40.73 4.19
C TYR A 125 -15.78 39.68 5.09
N VAL A 126 -15.89 38.47 4.56
CA VAL A 126 -16.34 37.30 5.32
C VAL A 126 -15.35 36.17 5.06
N ARG A 127 -14.86 35.54 6.11
CA ARG A 127 -13.96 34.40 6.00
C ARG A 127 -14.63 33.18 6.60
N MET A 128 -14.45 32.03 5.96
CA MET A 128 -14.97 30.77 6.47
C MET A 128 -13.89 29.70 6.32
N ALA A 129 -13.41 29.19 7.44
CA ALA A 129 -12.35 28.19 7.46
C ALA A 129 -12.97 26.81 7.23
N LEU A 130 -12.45 26.10 6.23
CA LEU A 130 -12.94 24.78 5.86
C LEU A 130 -11.90 23.69 6.11
N GLY A 131 -11.18 23.77 7.22
CA GLY A 131 -10.04 22.89 7.45
C GLY A 131 -10.38 21.52 7.97
N GLY A 132 -11.55 21.35 8.59
CA GLY A 132 -11.90 20.04 9.11
C GLY A 132 -13.37 19.69 9.05
N VAL A 133 -14.14 20.39 8.22
CA VAL A 133 -15.58 20.19 8.15
C VAL A 133 -15.87 18.85 7.47
N ARG A 134 -16.83 18.11 8.01
CA ARG A 134 -17.14 16.76 7.54
C ARG A 134 -18.57 16.62 7.02
N ASP A 135 -19.51 17.33 7.64
CA ASP A 135 -20.92 17.18 7.29
C ASP A 135 -21.40 18.35 6.43
N GLU A 136 -22.42 18.06 5.63
CA GLU A 136 -23.05 19.05 4.77
C GLU A 136 -23.82 20.12 5.54
N ALA A 137 -24.13 19.87 6.81
CA ALA A 137 -24.98 20.79 7.56
C ALA A 137 -24.25 22.06 7.98
N GLU A 138 -22.92 22.07 7.84
CA GLU A 138 -22.21 23.34 8.00
C GLU A 138 -22.37 24.23 6.78
N ILE A 139 -22.83 23.67 5.67
CA ILE A 139 -23.07 24.41 4.45
C ILE A 139 -24.57 24.59 4.20
N ARG A 140 -25.38 23.60 4.55
CA ARG A 140 -26.80 23.63 4.20
C ARG A 140 -27.74 23.58 5.40
N GLY A 141 -27.24 23.33 6.60
CA GLY A 141 -28.08 23.35 7.78
C GLY A 141 -29.01 22.15 7.88
N HIS A 142 -29.99 22.29 8.77
CA HIS A 142 -31.01 21.27 8.98
C HIS A 142 -32.40 21.83 8.71
N ARG A 143 -33.36 20.92 8.59
CA ARG A 143 -34.76 21.28 8.34
C ARG A 143 -35.36 22.02 9.53
N ARG A 144 -36.50 22.66 9.29
CA ARG A 144 -37.18 23.42 10.33
C ARG A 144 -37.81 22.53 11.40
N THR A 145 -38.05 21.27 11.09
CA THR A 145 -38.74 20.38 12.03
C THR A 145 -37.84 19.92 13.16
N TYR A 146 -36.52 20.00 13.01
CA TYR A 146 -35.61 19.58 14.06
C TYR A 146 -35.61 20.60 15.19
N ILE A 147 -35.22 20.13 16.38
CA ILE A 147 -35.44 20.91 17.59
C ILE A 147 -34.42 22.03 17.73
N GLY A 148 -33.13 21.71 17.65
CA GLY A 148 -32.12 22.74 17.80
C GLY A 148 -31.59 23.23 16.47
N SER A 149 -32.47 23.30 15.47
CA SER A 149 -32.03 23.51 14.11
C SER A 149 -31.84 24.99 13.79
N MET A 150 -31.11 25.23 12.71
CA MET A 150 -30.62 26.55 12.31
C MET A 150 -29.99 26.41 10.93
N PRO A 151 -29.81 27.52 10.20
CA PRO A 151 -29.13 27.43 8.91
C PRO A 151 -27.65 27.06 9.06
N GLY A 152 -27.04 26.76 7.92
CA GLY A 152 -25.62 26.50 7.90
C GLY A 152 -24.81 27.78 8.04
N LYS A 153 -23.49 27.62 8.05
CA LYS A 153 -22.59 28.77 8.22
C LYS A 153 -22.66 29.76 7.08
N LEU A 154 -23.17 29.35 5.92
CA LEU A 154 -23.25 30.26 4.78
C LEU A 154 -24.27 31.35 5.03
N ILE A 155 -25.52 30.96 5.33
CA ILE A 155 -26.58 31.91 5.63
C ILE A 155 -26.32 32.63 6.93
N GLN A 156 -25.69 31.96 7.91
CA GLN A 156 -25.38 32.60 9.18
C GLN A 156 -24.28 33.64 9.04
N LYS A 157 -23.38 33.48 8.09
CA LYS A 157 -22.40 34.53 7.84
C LYS A 157 -22.92 35.61 6.90
N MET A 158 -23.90 35.30 6.06
CA MET A 158 -24.60 36.35 5.32
C MET A 158 -25.40 37.23 6.28
N ALA A 159 -26.08 36.63 7.23
CA ALA A 159 -26.79 37.40 8.26
C ALA A 159 -25.82 38.07 9.21
N LYS A 160 -24.64 37.47 9.42
CA LYS A 160 -23.63 38.08 10.28
C LYS A 160 -23.04 39.32 9.63
N VAL A 161 -22.93 39.33 8.30
CA VAL A 161 -22.42 40.52 7.63
C VAL A 161 -23.55 41.48 7.27
N GLY A 162 -24.79 41.00 7.18
CA GLY A 162 -25.95 41.85 6.99
C GLY A 162 -26.06 42.52 5.64
N VAL A 163 -25.27 42.11 4.66
CA VAL A 163 -25.21 42.80 3.37
C VAL A 163 -24.93 41.75 2.29
N LYS A 164 -25.80 41.69 1.28
CA LYS A 164 -25.51 40.85 0.13
C LYS A 164 -24.45 41.54 -0.73
N ASN A 165 -23.92 40.80 -1.71
CA ASN A 165 -22.64 41.08 -2.37
C ASN A 165 -21.52 41.24 -1.32
N PRO A 166 -21.14 40.19 -0.54
CA PRO A 166 -19.87 40.30 0.20
C PRO A 166 -18.73 39.66 -0.57
N LEU A 167 -17.54 39.68 0.03
CA LEU A 167 -16.40 38.92 -0.46
C LEU A 167 -16.17 37.74 0.46
N PHE A 168 -16.12 36.54 -0.09
CA PHE A 168 -15.79 35.35 0.69
C PHE A 168 -14.35 34.94 0.48
N LEU A 169 -13.73 34.48 1.56
CA LEU A 169 -12.42 33.86 1.52
C LEU A 169 -12.60 32.43 2.04
N LEU A 170 -12.93 31.51 1.13
CA LEU A 170 -12.98 30.09 1.44
C LEU A 170 -11.57 29.62 1.75
N ASP A 171 -11.28 29.36 3.02
CA ASP A 171 -9.91 29.47 3.50
C ASP A 171 -9.07 28.28 3.08
N GLN A 172 -9.60 27.06 3.23
CA GLN A 172 -8.85 25.85 2.89
C GLN A 172 -9.79 24.84 2.23
N ILE A 173 -9.82 24.84 0.90
CA ILE A 173 -10.62 23.88 0.16
C ILE A 173 -9.99 22.50 0.20
N ASP A 174 -8.67 22.43 0.11
CA ASP A 174 -7.95 21.17 0.04
C ASP A 174 -7.85 20.42 1.37
N LYS A 175 -8.45 20.94 2.44
CA LYS A 175 -8.41 20.30 3.74
C LYS A 175 -9.77 19.77 4.18
N MET A 176 -10.79 19.86 3.33
CA MET A 176 -12.12 19.39 3.67
C MET A 176 -12.13 17.87 3.78
N ALA A 177 -13.06 17.36 4.57
CA ALA A 177 -13.13 15.94 4.87
C ALA A 177 -14.46 15.35 4.39
N SER A 178 -14.42 14.06 4.09
CA SER A 178 -15.59 13.32 3.65
C SER A 178 -16.13 12.47 4.79
N ASP A 179 -17.41 12.13 4.69
CA ASP A 179 -18.11 11.42 5.75
C ASP A 179 -19.33 10.77 5.13
N MET A 180 -19.95 9.85 5.87
CA MET A 180 -21.23 9.31 5.48
C MET A 180 -22.33 10.31 5.77
N ARG A 181 -23.50 10.08 5.17
CA ARG A 181 -24.76 10.83 5.34
C ARG A 181 -24.69 12.25 4.75
N GLY A 182 -23.52 12.66 4.26
CA GLY A 182 -23.37 13.98 3.66
C GLY A 182 -21.92 14.28 3.36
N ASP A 183 -21.72 15.26 2.48
CA ASP A 183 -20.40 15.66 2.04
C ASP A 183 -20.44 17.13 1.65
N PRO A 184 -19.66 18.00 2.30
CA PRO A 184 -19.73 19.44 1.97
C PRO A 184 -19.04 19.83 0.68
N ALA A 185 -18.43 18.90 -0.05
CA ALA A 185 -17.95 19.21 -1.39
C ALA A 185 -19.08 19.26 -2.41
N SER A 186 -20.13 18.46 -2.21
CA SER A 186 -21.31 18.54 -3.07
C SER A 186 -22.10 19.81 -2.78
N ALA A 187 -22.32 20.11 -1.50
CA ALA A 187 -22.99 21.34 -1.11
C ALA A 187 -22.17 22.56 -1.51
N LEU A 188 -20.85 22.45 -1.44
CA LEU A 188 -19.99 23.55 -1.85
C LEU A 188 -19.97 23.69 -3.36
N LEU A 189 -20.18 22.59 -4.09
CA LEU A 189 -20.44 22.69 -5.52
C LEU A 189 -21.74 23.42 -5.79
N GLU A 190 -22.77 23.19 -4.95
CA GLU A 190 -24.01 23.94 -5.08
C GLU A 190 -23.82 25.41 -4.74
N VAL A 191 -22.84 25.75 -3.91
CA VAL A 191 -22.52 27.14 -3.64
C VAL A 191 -21.84 27.78 -4.85
N LEU A 192 -20.86 27.10 -5.45
CA LEU A 192 -20.01 27.70 -6.47
C LEU A 192 -20.58 27.57 -7.88
N ASP A 193 -21.83 27.13 -8.02
CA ASP A 193 -22.36 26.82 -9.34
C ASP A 193 -23.07 28.03 -9.91
N PRO A 194 -22.65 28.54 -11.09
CA PRO A 194 -23.31 29.74 -11.63
C PRO A 194 -24.73 29.53 -12.10
N GLU A 195 -25.14 28.30 -12.40
CA GLU A 195 -26.54 28.04 -12.71
C GLU A 195 -27.31 27.53 -11.49
N GLN A 196 -26.71 27.56 -10.30
CA GLN A 196 -27.42 27.26 -9.06
C GLN A 196 -27.26 28.32 -8.01
N ASN A 197 -26.66 29.48 -8.35
CA ASN A 197 -26.52 30.57 -7.39
C ASN A 197 -27.87 31.18 -7.02
N VAL A 198 -28.71 31.46 -8.01
CA VAL A 198 -30.01 32.08 -7.75
C VAL A 198 -30.96 31.16 -6.99
N ALA A 199 -30.79 29.85 -7.11
CA ALA A 199 -31.61 28.91 -6.35
C ALA A 199 -30.68 28.11 -5.45
N PHE A 200 -30.42 28.62 -4.24
CA PHE A 200 -29.54 27.89 -3.32
C PHE A 200 -30.29 26.83 -2.54
N ASN A 201 -31.46 27.17 -2.01
CA ASN A 201 -32.39 26.26 -1.33
C ASN A 201 -31.72 25.59 -0.12
N ASP A 202 -31.43 26.43 0.88
CA ASP A 202 -30.96 25.97 2.17
C ASP A 202 -32.02 25.10 2.85
N HIS A 203 -31.59 24.24 3.77
CA HIS A 203 -32.54 23.33 4.39
C HIS A 203 -33.43 24.02 5.41
N TYR A 204 -32.87 24.96 6.18
CA TYR A 204 -33.70 25.71 7.11
C TYR A 204 -34.52 26.76 6.37
N LEU A 205 -33.86 27.53 5.52
CA LEU A 205 -34.53 28.50 4.65
C LEU A 205 -34.86 27.82 3.33
N GLU A 206 -36.05 27.22 3.25
CA GLU A 206 -36.51 26.53 2.06
C GLU A 206 -36.75 27.45 0.86
N VAL A 207 -36.70 28.76 1.06
CA VAL A 207 -36.69 29.71 -0.06
C VAL A 207 -35.40 29.57 -0.85
N ASP A 208 -35.40 30.10 -2.06
CA ASP A 208 -34.16 30.25 -2.81
C ASP A 208 -33.49 31.56 -2.45
N TYR A 209 -32.18 31.52 -2.22
CA TYR A 209 -31.43 32.73 -1.92
C TYR A 209 -30.40 32.97 -3.04
N ASP A 210 -30.26 34.23 -3.43
CA ASP A 210 -29.39 34.61 -4.53
C ASP A 210 -27.96 34.74 -4.00
N LEU A 211 -27.06 33.94 -4.55
CA LEU A 211 -25.65 34.00 -4.20
C LEU A 211 -24.78 34.34 -5.40
N SER A 212 -25.40 34.84 -6.47
CA SER A 212 -24.68 35.20 -7.69
C SER A 212 -23.87 36.47 -7.55
N ASP A 213 -24.17 37.30 -6.54
CA ASP A 213 -23.49 38.56 -6.39
C ASP A 213 -22.30 38.46 -5.45
N VAL A 214 -22.15 37.34 -4.75
CA VAL A 214 -21.08 37.18 -3.78
C VAL A 214 -19.79 36.88 -4.54
N MET A 215 -18.70 37.53 -4.14
CA MET A 215 -17.40 37.20 -4.70
C MET A 215 -16.83 36.00 -3.97
N PHE A 216 -16.17 35.12 -4.71
CA PHE A 216 -15.63 33.87 -4.17
C PHE A 216 -14.13 33.82 -4.42
N VAL A 217 -13.34 34.02 -3.36
CA VAL A 217 -11.91 33.83 -3.39
C VAL A 217 -11.59 32.68 -2.45
N ALA A 218 -11.08 31.59 -3.00
CA ALA A 218 -10.74 30.41 -2.21
C ALA A 218 -9.23 30.22 -2.23
N THR A 219 -8.72 29.48 -1.27
CA THR A 219 -7.30 29.44 -0.99
C THR A 219 -6.88 28.00 -0.67
N SER A 220 -5.74 27.59 -1.25
CA SER A 220 -5.25 26.24 -0.99
C SER A 220 -3.73 26.20 -1.14
N ASN A 221 -3.16 25.15 -0.54
CA ASN A 221 -1.73 24.90 -0.55
C ASN A 221 -1.28 24.02 -1.71
N SER A 222 -2.13 23.07 -2.09
CA SER A 222 -1.80 22.14 -3.17
C SER A 222 -2.91 22.13 -4.21
N MET A 223 -2.72 21.35 -5.27
CA MET A 223 -3.74 21.15 -6.29
C MET A 223 -4.62 19.95 -6.00
N ASN A 224 -4.76 19.58 -4.72
CA ASN A 224 -5.57 18.45 -4.30
C ASN A 224 -7.03 18.83 -4.06
N ILE A 225 -7.50 19.90 -4.71
CA ILE A 225 -8.92 20.25 -4.71
C ILE A 225 -9.67 19.14 -5.45
N PRO A 226 -10.86 18.71 -4.99
CA PRO A 226 -11.62 17.70 -5.73
C PRO A 226 -12.01 18.16 -7.13
N ALA A 227 -11.97 17.20 -8.05
CA ALA A 227 -12.37 17.46 -9.43
C ALA A 227 -13.79 17.98 -9.65
N PRO A 228 -14.81 17.69 -8.81
CA PRO A 228 -16.04 18.49 -8.91
C PRO A 228 -15.86 19.97 -8.60
N LEU A 229 -14.87 20.32 -7.77
CA LEU A 229 -14.66 21.72 -7.40
C LEU A 229 -13.50 22.37 -8.14
N LEU A 230 -12.49 21.61 -8.53
CA LEU A 230 -11.31 22.22 -9.15
C LEU A 230 -11.59 22.69 -10.56
N ASP A 231 -12.61 22.12 -11.22
CA ASP A 231 -12.94 22.54 -12.57
C ASP A 231 -13.90 23.73 -12.58
N ARG A 232 -14.17 24.34 -11.43
CA ARG A 232 -14.95 25.55 -11.35
C ARG A 232 -14.15 26.73 -10.82
N MET A 233 -12.83 26.59 -10.75
CA MET A 233 -11.98 27.59 -10.11
C MET A 233 -10.89 28.03 -11.07
N GLU A 234 -10.24 29.15 -10.75
CA GLU A 234 -9.18 29.72 -11.55
C GLU A 234 -7.92 29.77 -10.72
N VAL A 235 -6.98 28.87 -10.99
CA VAL A 235 -5.81 28.68 -10.13
C VAL A 235 -4.78 29.75 -10.44
N ILE A 236 -4.41 30.51 -9.42
CA ILE A 236 -3.33 31.49 -9.50
C ILE A 236 -2.27 31.03 -8.51
N ARG A 237 -1.21 30.39 -9.01
CA ARG A 237 -0.20 29.84 -8.12
C ARG A 237 0.74 30.95 -7.67
N LEU A 238 0.83 31.14 -6.36
CA LEU A 238 1.79 32.07 -5.79
C LEU A 238 3.09 31.34 -5.52
N SER A 239 4.15 31.75 -6.19
CA SER A 239 5.44 31.09 -6.04
C SER A 239 6.15 31.64 -4.80
N GLY A 240 7.41 31.26 -4.63
CA GLY A 240 8.20 31.75 -3.54
C GLY A 240 8.62 33.20 -3.74
N TYR A 241 9.21 33.75 -2.69
CA TYR A 241 9.70 35.12 -2.68
C TYR A 241 11.20 35.11 -2.82
N THR A 242 11.73 36.05 -3.61
CA THR A 242 13.16 36.17 -3.77
C THR A 242 13.74 36.89 -2.56
N GLU A 243 15.07 36.95 -2.49
CA GLU A 243 15.73 37.55 -1.33
C GLU A 243 15.52 39.05 -1.26
N ASP A 244 15.46 39.72 -2.40
CA ASP A 244 15.28 41.17 -2.40
C ASP A 244 13.86 41.54 -2.00
N GLU A 245 12.86 40.80 -2.48
CA GLU A 245 11.51 41.10 -2.06
C GLU A 245 11.17 40.53 -0.69
N LYS A 246 11.89 39.52 -0.20
CA LYS A 246 11.80 39.19 1.22
C LYS A 246 12.40 40.29 2.07
N LEU A 247 13.49 40.90 1.61
CA LEU A 247 14.05 42.08 2.27
C LEU A 247 13.06 43.24 2.28
N ASN A 248 12.27 43.38 1.21
CA ASN A 248 11.33 44.49 1.17
C ASN A 248 10.07 44.21 1.98
N ILE A 249 9.62 42.96 2.05
CA ILE A 249 8.55 42.58 2.98
C ILE A 249 9.01 42.81 4.42
N ALA A 250 10.28 42.50 4.71
CA ALA A 250 10.81 42.70 6.05
C ALA A 250 10.90 44.18 6.41
N LYS A 251 11.46 44.99 5.51
CA LYS A 251 11.63 46.41 5.78
C LYS A 251 10.30 47.14 5.85
N GLN A 252 9.37 46.82 4.95
CA GLN A 252 8.18 47.64 4.82
C GLN A 252 6.98 47.10 5.58
N HIS A 253 6.97 45.82 5.92
CA HIS A 253 5.77 45.24 6.54
C HIS A 253 6.05 44.49 7.83
N LEU A 254 7.19 43.79 7.90
CA LEU A 254 7.43 42.93 9.05
C LEU A 254 8.09 43.67 10.21
N LEU A 255 9.06 44.54 9.93
CA LEU A 255 9.72 45.27 11.02
C LEU A 255 8.83 46.24 11.79
N PRO A 256 7.97 47.09 11.19
CA PRO A 256 7.10 47.92 12.05
C PRO A 256 6.03 47.11 12.76
N LYS A 257 5.56 46.02 12.17
CA LYS A 257 4.55 45.19 12.83
C LYS A 257 5.14 44.47 14.03
N GLN A 258 6.41 44.05 13.94
CA GLN A 258 7.05 43.40 15.08
C GLN A 258 7.58 44.39 16.09
N PHE A 259 7.91 45.62 15.68
CA PHE A 259 8.19 46.65 16.67
C PHE A 259 6.94 47.02 17.46
N GLU A 260 5.80 47.12 16.77
CA GLU A 260 4.54 47.37 17.46
C GLU A 260 4.09 46.17 18.27
N ARG A 261 4.48 44.97 17.84
CA ARG A 261 4.02 43.73 18.47
C ARG A 261 4.75 43.47 19.77
N ASN A 262 6.04 43.78 19.82
CA ASN A 262 6.84 43.63 21.03
C ASN A 262 7.05 44.95 21.75
N ALA A 263 6.36 46.01 21.32
CA ALA A 263 6.27 47.31 21.98
C ALA A 263 7.64 47.97 22.15
N ILE A 264 8.25 48.28 21.02
CA ILE A 264 9.56 48.90 21.00
C ILE A 264 9.38 50.38 20.68
N LYS A 265 9.77 51.23 21.62
CA LYS A 265 9.71 52.66 21.40
C LYS A 265 10.83 53.11 20.46
N LYS A 266 10.74 54.35 20.01
CA LYS A 266 11.63 54.87 18.99
C LYS A 266 13.03 55.08 19.57
N GLY A 267 14.03 54.49 18.92
CA GLY A 267 15.41 54.75 19.28
C GLY A 267 16.02 53.80 20.28
N GLU A 268 15.42 52.64 20.49
CA GLU A 268 16.03 51.63 21.35
C GLU A 268 16.33 50.32 20.63
N LEU A 269 15.95 50.21 19.37
CA LEU A 269 16.34 49.08 18.52
C LEU A 269 16.31 49.50 17.07
N THR A 270 17.41 49.32 16.36
CA THR A 270 17.45 49.46 14.92
C THR A 270 18.04 48.19 14.32
N ILE A 271 17.57 47.83 13.13
CA ILE A 271 18.04 46.66 12.40
C ILE A 271 18.28 47.10 10.96
N ASP A 272 19.51 47.01 10.50
CA ASP A 272 19.81 47.41 9.14
C ASP A 272 19.52 46.27 8.17
N ASP A 273 19.84 46.48 6.90
CA ASP A 273 19.52 45.50 5.88
C ASP A 273 20.52 44.36 5.81
N SER A 274 21.73 44.58 6.31
CA SER A 274 22.74 43.52 6.30
C SER A 274 22.37 42.40 7.26
N ALA A 275 21.78 42.75 8.40
CA ALA A 275 21.29 41.74 9.34
C ALA A 275 20.15 40.94 8.74
N ILE A 276 19.24 41.61 8.03
CA ILE A 276 18.07 40.93 7.45
C ILE A 276 18.50 40.03 6.30
N MET A 277 19.44 40.49 5.47
CA MET A 277 19.99 39.63 4.44
C MET A 277 20.77 38.46 5.03
N SER A 278 21.37 38.64 6.20
CA SER A 278 22.00 37.51 6.87
C SER A 278 20.97 36.54 7.43
N ILE A 279 19.77 37.03 7.78
CA ILE A 279 18.71 36.11 8.22
C ILE A 279 18.19 35.31 7.03
N ILE A 280 17.96 35.99 5.89
CA ILE A 280 17.40 35.32 4.72
C ILE A 280 18.40 34.33 4.15
N ARG A 281 19.68 34.71 4.09
CA ARG A 281 20.68 33.83 3.53
C ARG A 281 21.08 32.72 4.51
N TYR A 282 21.48 33.10 5.72
CA TYR A 282 22.16 32.17 6.61
C TYR A 282 21.27 31.47 7.64
N TYR A 283 20.04 31.91 7.83
CA TYR A 283 19.23 31.38 8.92
C TYR A 283 17.87 30.86 8.52
N THR A 284 17.41 31.10 7.29
CA THR A 284 16.12 30.62 6.80
C THR A 284 16.27 30.05 5.40
N ARG A 285 15.35 29.16 5.04
CA ARG A 285 15.32 28.58 3.69
C ARG A 285 13.95 28.69 3.03
N GLU A 286 12.87 28.61 3.81
CA GLU A 286 11.53 28.37 3.30
C GLU A 286 11.02 29.47 2.36
N ALA A 287 10.02 29.12 1.55
CA ALA A 287 9.38 30.08 0.66
C ALA A 287 8.20 30.73 1.38
N GLY A 288 8.35 31.99 1.71
CA GLY A 288 7.41 32.66 2.59
C GLY A 288 8.15 33.47 3.62
N VAL A 289 7.40 34.29 4.35
CA VAL A 289 8.01 35.24 5.27
C VAL A 289 7.47 35.05 6.68
N ARG A 290 7.04 33.83 7.00
CA ARG A 290 6.58 33.58 8.36
C ARG A 290 7.75 33.25 9.29
N SER A 291 8.75 32.53 8.79
CA SER A 291 9.93 32.23 9.60
C SER A 291 10.85 33.44 9.70
N LEU A 292 10.91 34.25 8.65
CA LEU A 292 11.59 35.54 8.72
C LEU A 292 10.94 36.45 9.75
N GLU A 293 9.61 36.40 9.84
CA GLU A 293 8.88 37.11 10.87
C GLU A 293 9.21 36.60 12.26
N ARG A 294 9.39 35.28 12.40
CA ARG A 294 9.77 34.74 13.71
C ARG A 294 11.19 35.11 14.10
N GLU A 295 12.12 35.17 13.15
CA GLU A 295 13.49 35.55 13.50
C GLU A 295 13.60 37.04 13.82
N ILE A 296 12.84 37.87 13.12
CA ILE A 296 12.73 39.29 13.48
C ILE A 296 12.12 39.44 14.86
N SER A 297 11.09 38.63 15.15
CA SER A 297 10.44 38.66 16.46
C SER A 297 11.38 38.27 17.59
N LYS A 298 12.27 37.30 17.36
CA LYS A 298 13.18 36.93 18.43
C LYS A 298 14.34 37.91 18.53
N LEU A 299 14.68 38.61 17.45
CA LEU A 299 15.60 39.73 17.58
C LEU A 299 15.01 40.83 18.45
N CYS A 300 13.69 41.06 18.32
CA CYS A 300 13.04 42.08 19.14
C CYS A 300 12.94 41.64 20.60
N ARG A 301 12.66 40.37 20.84
CA ARG A 301 12.59 39.86 22.22
C ARG A 301 13.96 39.88 22.89
N LYS A 302 15.01 39.48 22.17
CA LYS A 302 16.34 39.55 22.75
C LYS A 302 16.81 40.99 22.92
N ALA A 303 16.32 41.91 22.09
CA ALA A 303 16.60 43.31 22.32
C ALA A 303 15.96 43.80 23.61
N VAL A 304 14.70 43.43 23.84
CA VAL A 304 13.99 43.81 25.06
C VAL A 304 14.68 43.24 26.30
N LYS A 305 15.00 41.94 26.26
CA LYS A 305 15.62 41.28 27.41
C LYS A 305 17.03 41.80 27.66
N ASN A 306 17.79 42.08 26.61
CA ASN A 306 19.09 42.71 26.80
C ASN A 306 18.98 44.17 27.23
N LEU A 307 17.83 44.82 27.04
CA LEU A 307 17.66 46.16 27.57
C LEU A 307 17.27 46.20 29.04
N LEU A 308 16.30 45.41 29.48
CA LEU A 308 15.84 45.60 30.85
C LEU A 308 16.64 44.79 31.87
N MET A 309 17.69 44.09 31.44
CA MET A 309 18.60 43.52 32.43
C MET A 309 20.00 44.12 32.37
N ASP A 310 20.16 45.25 31.69
CA ASP A 310 21.46 45.94 31.65
C ASP A 310 21.36 47.34 32.23
N LYS A 311 20.35 48.12 31.81
CA LYS A 311 20.01 49.45 32.32
C LYS A 311 21.12 50.49 32.11
N THR A 312 22.12 50.17 31.29
CA THR A 312 23.14 51.11 30.88
C THR A 312 23.01 51.52 29.42
N VAL A 313 22.88 50.54 28.51
CA VAL A 313 22.59 50.86 27.12
C VAL A 313 21.10 51.14 26.98
N LYS A 314 20.76 52.08 26.09
CA LYS A 314 19.36 52.35 25.80
C LYS A 314 19.09 52.19 24.31
N HIS A 315 20.04 51.60 23.59
CA HIS A 315 19.96 51.44 22.15
C HIS A 315 20.82 50.25 21.73
N ILE A 316 20.24 49.40 20.88
CA ILE A 316 20.90 48.20 20.38
C ILE A 316 20.92 48.25 18.86
N GLU A 317 22.11 48.24 18.29
CA GLU A 317 22.28 48.28 16.84
C GLU A 317 22.68 46.88 16.37
N ILE A 318 21.75 46.19 15.72
CA ILE A 318 21.98 44.86 15.18
C ILE A 318 22.41 44.99 13.74
N ASN A 319 23.55 44.39 13.39
CA ASN A 319 23.95 44.33 11.99
C ASN A 319 24.41 42.93 11.60
N GLY A 320 25.02 42.80 10.43
CA GLY A 320 25.40 41.48 9.93
C GLY A 320 26.52 40.82 10.68
N ASP A 321 27.25 41.57 11.50
CA ASP A 321 28.40 41.04 12.22
C ASP A 321 28.06 40.55 13.63
N ASN A 322 27.20 41.26 14.36
CA ASN A 322 26.84 40.81 15.71
C ASN A 322 25.52 40.04 15.73
N LEU A 323 25.11 39.50 14.59
CA LEU A 323 23.88 38.71 14.56
C LEU A 323 24.08 37.34 15.20
N LYS A 324 25.33 36.89 15.26
CA LYS A 324 25.64 35.60 15.90
C LYS A 324 25.38 35.63 17.39
N ASP A 325 25.50 36.80 18.01
CA ASP A 325 25.25 36.92 19.44
C ASP A 325 23.77 36.79 19.75
N PHE A 326 22.90 37.11 18.79
CA PHE A 326 21.46 37.01 19.00
C PHE A 326 20.90 35.67 18.50
N LEU A 327 21.07 35.39 17.21
CA LEU A 327 20.43 34.21 16.64
C LEU A 327 21.24 32.93 16.85
N GLY A 328 22.56 33.03 16.95
CA GLY A 328 23.40 31.88 17.17
C GLY A 328 24.27 31.56 15.96
N VAL A 329 24.42 30.26 15.72
CA VAL A 329 25.27 29.78 14.64
C VAL A 329 24.46 29.72 13.35
N GLN A 330 25.09 30.11 12.24
CA GLN A 330 24.48 30.06 10.92
C GLN A 330 24.03 28.66 10.55
N LYS A 331 22.72 28.49 10.42
CA LYS A 331 22.17 27.14 10.30
C LYS A 331 22.32 26.59 8.89
N VAL A 332 22.27 27.45 7.87
CA VAL A 332 22.45 27.03 6.49
C VAL A 332 23.54 27.87 5.84
N ASP A 333 23.82 27.61 4.56
CA ASP A 333 24.85 28.33 3.83
C ASP A 333 24.55 28.19 2.34
N TYR A 334 25.12 29.08 1.55
CA TYR A 334 24.97 29.07 0.10
C TYR A 334 26.33 28.96 -0.58
N GLY A 335 26.30 28.54 -1.85
CA GLY A 335 27.52 28.41 -2.60
C GLY A 335 28.06 29.73 -3.08
N ARG A 336 29.38 29.80 -3.19
CA ARG A 336 30.06 31.00 -3.65
C ARG A 336 31.09 30.61 -4.70
N ALA A 337 31.51 31.60 -5.48
CA ALA A 337 32.51 31.39 -6.52
C ALA A 337 33.88 31.16 -5.92
N ASP A 338 34.70 30.40 -6.63
CA ASP A 338 36.09 30.25 -6.23
C ASP A 338 36.86 31.52 -6.61
N THR A 339 37.95 31.77 -5.89
CA THR A 339 38.71 32.99 -6.07
C THR A 339 39.83 32.86 -7.09
N GLU A 340 40.08 31.66 -7.59
CA GLU A 340 41.15 31.42 -8.54
C GLU A 340 40.71 30.29 -9.47
N ASN A 341 41.26 30.27 -10.69
CA ASN A 341 40.81 29.37 -11.72
C ASN A 341 41.34 27.97 -11.47
N ARG A 342 40.45 26.99 -11.43
CA ARG A 342 40.84 25.61 -11.22
C ARG A 342 40.80 24.83 -12.53
N VAL A 343 41.48 23.68 -12.54
CA VAL A 343 41.76 22.96 -13.77
C VAL A 343 40.73 21.87 -14.06
N GLY A 344 39.89 21.52 -13.09
CA GLY A 344 38.86 20.54 -13.35
C GLY A 344 37.54 20.88 -12.70
N GLN A 345 37.25 22.17 -12.55
CA GLN A 345 36.14 22.62 -11.73
C GLN A 345 35.31 23.63 -12.50
N VAL A 346 34.03 23.33 -12.70
CA VAL A 346 33.10 24.26 -13.31
C VAL A 346 31.95 24.50 -12.32
N THR A 347 31.34 25.66 -12.43
CA THR A 347 30.25 26.06 -11.55
C THR A 347 28.93 25.84 -12.31
N GLY A 348 28.25 24.76 -11.96
CA GLY A 348 26.91 24.55 -12.45
C GLY A 348 25.89 25.35 -11.65
N LEU A 349 24.68 25.39 -12.17
CA LEU A 349 23.58 26.09 -11.50
C LEU A 349 22.45 25.11 -11.23
N ALA A 350 21.81 25.28 -10.07
CA ALA A 350 20.77 24.35 -9.66
C ALA A 350 19.54 25.10 -9.18
N TRP A 351 18.39 24.44 -9.32
CA TRP A 351 17.09 24.97 -8.98
C TRP A 351 16.41 24.05 -7.98
N THR A 352 15.90 24.63 -6.91
CA THR A 352 15.05 23.92 -5.95
C THR A 352 13.75 24.69 -5.80
N GLU A 353 12.89 24.20 -4.91
CA GLU A 353 11.60 24.85 -4.72
C GLU A 353 11.70 26.08 -3.82
N VAL A 354 12.82 26.25 -3.12
CA VAL A 354 13.01 27.45 -2.30
C VAL A 354 13.99 28.41 -2.96
N GLY A 355 14.35 28.15 -4.21
CA GLY A 355 15.30 28.99 -4.88
C GLY A 355 16.37 28.19 -5.57
N GLY A 356 17.48 28.83 -5.93
CA GLY A 356 18.58 28.18 -6.61
C GLY A 356 19.86 28.25 -5.81
N ASP A 357 20.85 27.48 -6.27
CA ASP A 357 22.15 27.49 -5.62
C ASP A 357 23.20 27.07 -6.62
N LEU A 358 24.45 27.47 -6.37
CA LEU A 358 25.58 27.15 -7.22
C LEU A 358 25.94 25.68 -6.99
N LEU A 359 26.09 24.93 -8.07
CA LEU A 359 26.73 23.63 -7.98
C LEU A 359 28.21 23.75 -8.27
N THR A 360 28.98 22.79 -7.75
CA THR A 360 30.35 22.58 -8.14
C THR A 360 30.42 21.24 -8.86
N ILE A 361 31.16 21.19 -9.96
CA ILE A 361 31.37 19.94 -10.68
C ILE A 361 32.87 19.75 -10.80
N GLU A 362 33.38 18.69 -10.21
CA GLU A 362 34.81 18.43 -10.13
C GLU A 362 35.11 17.12 -10.81
N THR A 363 35.87 17.16 -11.89
CA THR A 363 36.34 15.97 -12.57
C THR A 363 37.82 15.77 -12.29
N ALA A 364 38.24 14.51 -12.34
CA ALA A 364 39.64 14.16 -12.20
C ALA A 364 39.90 12.91 -13.02
N CYS A 365 40.72 13.03 -14.06
CA CYS A 365 41.15 11.89 -14.84
C CYS A 365 42.62 11.64 -14.54
N VAL A 366 42.95 10.37 -14.31
CA VAL A 366 44.29 9.94 -13.93
C VAL A 366 44.72 8.92 -14.97
N PRO A 367 46.01 8.64 -15.14
CA PRO A 367 46.42 7.53 -16.00
C PRO A 367 45.92 6.20 -15.47
N GLY A 368 45.21 5.47 -16.33
CA GLY A 368 44.57 4.24 -15.91
C GLY A 368 44.16 3.42 -17.10
N LYS A 369 43.26 2.49 -16.87
CA LYS A 369 42.63 1.77 -17.95
C LYS A 369 41.34 2.47 -18.36
N GLY A 370 40.58 1.83 -19.23
CA GLY A 370 39.25 2.35 -19.50
C GLY A 370 38.31 2.03 -18.36
N LYS A 371 38.03 3.03 -17.53
CA LYS A 371 37.08 2.91 -16.43
C LYS A 371 36.61 4.32 -16.10
N LEU A 372 35.39 4.43 -15.59
CA LEU A 372 34.75 5.73 -15.51
C LEU A 372 33.69 5.72 -14.41
N THR A 373 33.89 6.55 -13.40
CA THR A 373 33.11 6.50 -12.18
C THR A 373 32.43 7.83 -11.87
N TYR A 374 31.21 7.72 -11.34
CA TYR A 374 30.32 8.84 -11.07
C TYR A 374 29.96 8.82 -9.59
N THR A 375 30.26 9.90 -8.88
CA THR A 375 29.90 9.99 -7.47
C THR A 375 29.24 11.32 -7.19
N GLY A 376 28.47 11.36 -6.11
CA GLY A 376 27.80 12.55 -5.66
C GLY A 376 26.29 12.46 -5.59
N SER A 377 25.73 11.25 -5.45
CA SER A 377 24.29 10.98 -5.40
C SER A 377 23.57 11.51 -6.64
N LEU A 378 23.95 10.96 -7.79
CA LEU A 378 23.44 11.41 -9.07
C LEU A 378 22.27 10.57 -9.53
N GLY A 379 21.31 11.22 -10.17
CA GLY A 379 20.21 10.51 -10.79
C GLY A 379 20.65 9.90 -12.10
N GLU A 380 19.71 9.20 -12.74
CA GLU A 380 20.02 8.51 -13.98
C GLU A 380 20.08 9.48 -15.16
N VAL A 381 19.27 10.53 -15.13
CA VAL A 381 19.30 11.53 -16.18
C VAL A 381 20.58 12.36 -16.09
N MET A 382 21.07 12.58 -14.87
CA MET A 382 22.31 13.33 -14.67
C MET A 382 23.51 12.55 -15.19
N GLN A 383 23.67 11.30 -14.74
CA GLN A 383 24.75 10.43 -15.20
C GLN A 383 24.67 10.19 -16.70
N GLU A 384 23.45 10.06 -17.20
CA GLU A 384 23.23 9.79 -18.61
C GLU A 384 23.60 11.02 -19.44
N SER A 385 23.42 12.21 -18.88
CA SER A 385 23.94 13.43 -19.48
C SER A 385 25.46 13.50 -19.38
N ILE A 386 26.06 12.90 -18.34
CA ILE A 386 27.52 12.91 -18.24
C ILE A 386 28.13 12.06 -19.33
N GLN A 387 27.59 10.86 -19.56
CA GLN A 387 28.16 10.01 -20.60
C GLN A 387 27.78 10.50 -22.00
N ALA A 388 26.67 11.22 -22.12
CA ALA A 388 26.38 11.93 -23.37
C ALA A 388 27.42 13.00 -23.66
N ALA A 389 27.77 13.80 -22.65
CA ALA A 389 28.81 14.80 -22.81
C ALA A 389 30.18 14.16 -23.00
N LEU A 390 30.37 12.95 -22.46
CA LEU A 390 31.60 12.21 -22.67
C LEU A 390 31.76 11.81 -24.14
N THR A 391 30.70 11.32 -24.76
CA THR A 391 30.81 11.03 -26.18
C THR A 391 30.76 12.28 -27.04
N VAL A 392 30.39 13.43 -26.48
CA VAL A 392 30.68 14.69 -27.17
C VAL A 392 32.18 14.96 -27.16
N VAL A 393 32.86 14.67 -26.05
CA VAL A 393 34.30 14.94 -25.98
C VAL A 393 35.11 13.88 -26.75
N ARG A 394 34.58 12.67 -26.90
CA ARG A 394 35.29 11.64 -27.67
C ARG A 394 35.24 11.95 -29.17
N ALA A 395 34.11 12.44 -29.66
CA ALA A 395 34.11 13.11 -30.95
C ALA A 395 34.79 14.46 -30.81
N ARG A 396 35.16 15.05 -31.94
CA ARG A 396 35.92 16.30 -32.09
C ARG A 396 37.14 16.41 -31.18
N ALA A 397 37.76 15.26 -30.85
CA ALA A 397 38.83 15.22 -29.87
C ALA A 397 40.14 15.79 -30.39
N ASP A 398 40.48 15.51 -31.65
CA ASP A 398 41.68 16.11 -32.23
C ASP A 398 41.47 17.60 -32.50
N LYS A 399 40.22 18.02 -32.68
CA LYS A 399 39.92 19.45 -32.81
C LYS A 399 40.17 20.18 -31.49
N LEU A 400 39.88 19.53 -30.38
CA LEU A 400 40.08 20.12 -29.05
C LEU A 400 41.50 19.98 -28.54
N GLY A 401 42.38 19.32 -29.29
CA GLY A 401 43.73 19.08 -28.82
C GLY A 401 43.86 17.93 -27.85
N ILE A 402 42.99 16.93 -27.96
CA ILE A 402 42.94 15.80 -27.05
C ILE A 402 43.44 14.57 -27.80
N ASN A 403 44.29 13.78 -27.14
CA ASN A 403 44.78 12.52 -27.67
C ASN A 403 43.60 11.55 -27.77
N PRO A 404 43.18 11.15 -28.98
CA PRO A 404 41.86 10.52 -29.15
C PRO A 404 41.75 9.10 -28.63
N ASP A 405 42.83 8.49 -28.13
CA ASP A 405 42.75 7.18 -27.50
C ASP A 405 42.67 7.28 -25.98
N PHE A 406 42.22 8.42 -25.45
CA PHE A 406 42.25 8.67 -24.02
C PHE A 406 41.28 7.77 -23.26
N TYR A 407 40.18 7.37 -23.89
CA TYR A 407 39.14 6.62 -23.19
C TYR A 407 39.58 5.20 -22.88
N GLU A 408 40.57 4.69 -23.60
CA GLU A 408 41.15 3.39 -23.32
C GLU A 408 42.39 3.48 -22.44
N LYS A 409 42.78 4.70 -22.04
CA LYS A 409 43.94 4.85 -21.17
C LYS A 409 43.82 5.90 -20.07
N ARG A 410 42.63 6.45 -19.80
CA ARG A 410 42.48 7.39 -18.69
C ARG A 410 41.31 6.95 -17.84
N ASP A 411 41.46 7.05 -16.52
CA ASP A 411 40.36 6.87 -15.59
C ASP A 411 39.72 8.22 -15.28
N ILE A 412 38.44 8.34 -15.57
CA ILE A 412 37.71 9.59 -15.41
C ILE A 412 36.76 9.45 -14.23
N HIS A 413 36.90 10.34 -13.25
CA HIS A 413 35.96 10.41 -12.14
C HIS A 413 35.25 11.75 -12.18
N VAL A 414 33.93 11.71 -12.06
CA VAL A 414 33.10 12.91 -12.00
C VAL A 414 32.43 12.96 -10.64
N HIS A 415 32.60 14.07 -9.93
CA HIS A 415 32.08 14.19 -8.58
C HIS A 415 31.55 15.58 -8.33
N VAL A 416 30.31 15.64 -7.85
CA VAL A 416 29.71 16.84 -7.27
C VAL A 416 29.87 16.76 -5.76
N PRO A 417 30.41 17.78 -5.11
CA PRO A 417 30.99 17.61 -3.77
C PRO A 417 30.03 17.44 -2.60
N GLU A 418 28.72 17.60 -2.79
CA GLU A 418 27.83 17.62 -1.63
C GLU A 418 27.54 16.23 -1.08
N GLY A 419 27.60 15.19 -1.89
CA GLY A 419 27.60 13.84 -1.36
C GLY A 419 26.25 13.27 -0.95
N ALA A 420 25.56 13.92 -0.02
CA ALA A 420 24.32 13.40 0.53
C ALA A 420 23.07 14.04 -0.07
N THR A 421 23.24 14.97 -1.00
CA THR A 421 22.07 15.58 -1.60
C THR A 421 21.79 14.97 -2.96
N PRO A 422 20.58 14.46 -3.19
CA PRO A 422 20.25 13.92 -4.51
C PRO A 422 20.14 15.03 -5.55
N LYS A 423 20.85 14.83 -6.66
CA LYS A 423 21.00 15.84 -7.70
C LYS A 423 20.73 15.19 -9.05
N ASP A 424 19.66 15.61 -9.71
CA ASP A 424 19.15 14.99 -10.94
C ASP A 424 18.73 16.06 -11.93
N GLY A 425 18.94 15.76 -13.21
CA GLY A 425 18.52 16.65 -14.27
C GLY A 425 19.57 16.75 -15.37
N PRO A 426 19.14 17.11 -16.58
CA PRO A 426 20.09 17.30 -17.68
C PRO A 426 20.73 18.67 -17.71
N SER A 427 20.24 19.61 -16.89
CA SER A 427 20.63 21.01 -16.96
C SER A 427 22.09 21.25 -16.62
N ALA A 428 22.74 20.31 -15.95
CA ALA A 428 24.20 20.36 -15.79
C ALA A 428 24.89 19.57 -16.89
N GLY A 429 24.49 19.80 -18.14
CA GLY A 429 25.12 19.11 -19.24
C GLY A 429 26.34 19.81 -19.79
N ILE A 430 26.18 21.05 -20.26
CA ILE A 430 27.26 21.73 -20.95
C ILE A 430 28.33 22.22 -19.98
N ALA A 431 28.00 22.32 -18.70
CA ALA A 431 29.04 22.48 -17.68
C ALA A 431 29.90 21.23 -17.60
N MET A 432 29.24 20.07 -17.61
CA MET A 432 29.88 18.78 -17.38
C MET A 432 30.96 18.49 -18.42
N CYS A 433 30.57 18.57 -19.69
CA CYS A 433 31.46 18.50 -20.85
C CYS A 433 32.69 19.40 -20.68
N THR A 434 32.46 20.64 -20.23
CA THR A 434 33.53 21.62 -20.05
C THR A 434 34.58 21.09 -19.09
N ALA A 435 34.12 20.57 -17.95
CA ALA A 435 35.03 20.05 -16.94
C ALA A 435 35.84 18.89 -17.48
N LEU A 436 35.17 18.03 -18.27
CA LEU A 436 35.87 16.91 -18.91
C LEU A 436 36.94 17.42 -19.84
N VAL A 437 36.59 18.41 -20.67
CA VAL A 437 37.55 19.00 -21.61
C VAL A 437 38.72 19.60 -20.85
N SER A 438 38.42 20.24 -19.72
CA SER A 438 39.46 20.88 -18.94
C SER A 438 40.40 19.84 -18.35
N CYS A 439 39.83 18.75 -17.81
CA CYS A 439 40.74 17.77 -17.22
C CYS A 439 41.46 16.97 -18.28
N LEU A 440 40.95 16.95 -19.50
CA LEU A 440 41.67 16.27 -20.57
C LEU A 440 42.66 17.17 -21.25
N THR A 441 42.65 18.48 -20.95
CA THR A 441 43.58 19.38 -21.61
C THR A 441 44.50 20.13 -20.66
N GLY A 442 44.17 20.20 -19.37
CA GLY A 442 44.92 21.04 -18.47
C GLY A 442 44.60 22.51 -18.58
N ASN A 443 43.62 22.88 -19.38
CA ASN A 443 43.20 24.26 -19.54
C ASN A 443 42.32 24.60 -18.34
N PRO A 444 42.71 25.56 -17.49
CA PRO A 444 41.91 25.85 -16.30
C PRO A 444 40.64 26.61 -16.64
N VAL A 445 39.54 26.15 -16.05
CA VAL A 445 38.26 26.86 -16.18
C VAL A 445 38.33 28.15 -15.38
N ARG A 446 37.99 29.26 -16.01
CA ARG A 446 37.95 30.53 -15.29
C ARG A 446 36.78 30.53 -14.30
N ALA A 447 37.07 31.00 -13.09
CA ALA A 447 36.16 30.83 -11.95
C ALA A 447 35.04 31.85 -11.91
N ASP A 448 34.95 32.72 -12.92
CA ASP A 448 33.88 33.69 -12.99
C ASP A 448 32.68 33.22 -13.78
N VAL A 449 32.67 31.97 -14.24
CA VAL A 449 31.70 31.53 -15.22
C VAL A 449 30.79 30.46 -14.63
N ALA A 450 29.48 30.69 -14.73
CA ALA A 450 28.48 29.69 -14.37
C ALA A 450 27.87 29.17 -15.66
N MET A 451 27.52 27.89 -15.68
CA MET A 451 27.02 27.25 -16.88
C MET A 451 25.77 26.44 -16.60
N THR A 452 24.82 26.49 -17.52
CA THR A 452 23.61 25.68 -17.48
C THR A 452 23.24 25.31 -18.91
N GLY A 453 22.73 24.10 -19.08
CA GLY A 453 22.22 23.69 -20.37
C GLY A 453 22.44 22.23 -20.69
N GLU A 454 21.44 21.55 -21.22
CA GLU A 454 21.66 20.17 -21.61
C GLU A 454 22.30 20.09 -22.98
N ILE A 455 23.10 19.04 -23.17
CA ILE A 455 23.96 18.87 -24.32
C ILE A 455 23.43 17.70 -25.15
N THR A 456 23.59 17.80 -26.46
CA THR A 456 23.33 16.73 -27.40
C THR A 456 24.64 16.32 -28.07
N LEU A 457 24.61 15.21 -28.79
CA LEU A 457 25.83 14.61 -29.30
C LEU A 457 26.49 15.43 -30.40
N ARG A 458 25.73 16.27 -31.10
CA ARG A 458 26.36 17.10 -32.12
C ARG A 458 26.80 18.45 -31.55
N GLY A 459 26.43 18.76 -30.32
CA GLY A 459 27.02 19.90 -29.65
C GLY A 459 26.05 21.02 -29.29
N LEU A 460 24.77 20.83 -29.54
CA LEU A 460 23.78 21.87 -29.33
C LEU A 460 23.40 21.98 -27.86
N VAL A 461 22.98 23.17 -27.47
CA VAL A 461 22.71 23.49 -26.07
C VAL A 461 21.21 23.76 -25.98
N LEU A 462 20.46 22.75 -25.56
CA LEU A 462 19.01 22.81 -25.53
C LEU A 462 18.52 23.51 -24.25
N PRO A 463 17.29 24.06 -24.25
CA PRO A 463 16.86 24.90 -23.14
C PRO A 463 16.72 24.19 -21.80
N ILE A 464 16.52 25.02 -20.77
CA ILE A 464 16.46 24.62 -19.37
C ILE A 464 15.14 25.12 -18.78
N GLY A 465 14.96 24.86 -17.50
CA GLY A 465 13.84 25.40 -16.77
C GLY A 465 14.31 26.05 -15.49
N GLY A 466 13.56 27.04 -15.04
CA GLY A 466 13.87 27.71 -13.80
C GLY A 466 15.08 28.63 -13.90
N LEU A 467 15.06 29.52 -14.88
CA LEU A 467 16.21 30.39 -15.12
C LEU A 467 16.38 31.47 -14.06
N LYS A 468 15.29 32.09 -13.60
CA LYS A 468 15.39 33.27 -12.74
C LYS A 468 16.05 32.93 -11.41
N GLU A 469 15.75 31.75 -10.87
CA GLU A 469 16.38 31.32 -9.62
C GLU A 469 17.87 31.05 -9.81
N LYS A 470 18.26 30.58 -10.99
CA LYS A 470 19.67 30.32 -11.28
C LYS A 470 20.44 31.62 -11.47
N LEU A 471 19.82 32.62 -12.09
CA LEU A 471 20.48 33.91 -12.26
C LEU A 471 20.59 34.67 -10.94
N LEU A 472 19.55 34.59 -10.11
CA LEU A 472 19.61 35.21 -8.79
C LEU A 472 20.61 34.49 -7.90
N ALA A 473 20.71 33.17 -8.05
CA ALA A 473 21.68 32.39 -7.28
C ALA A 473 23.11 32.70 -7.70
N ALA A 474 23.35 32.83 -9.00
CA ALA A 474 24.69 33.15 -9.48
C ALA A 474 25.06 34.59 -9.15
N HIS A 475 24.08 35.50 -9.19
CA HIS A 475 24.35 36.88 -8.78
C HIS A 475 24.61 36.98 -7.29
N ARG A 476 24.00 36.09 -6.49
CA ARG A 476 24.28 36.05 -5.06
C ARG A 476 25.71 35.57 -4.79
N GLY A 477 26.19 34.60 -5.56
CA GLY A 477 27.47 33.99 -5.28
C GLY A 477 28.68 34.62 -5.94
N GLY A 478 28.55 35.86 -6.39
CA GLY A 478 29.71 36.55 -6.96
C GLY A 478 30.11 36.12 -8.35
N ILE A 479 29.26 35.37 -9.05
CA ILE A 479 29.52 35.05 -10.44
C ILE A 479 29.32 36.31 -11.29
N LYS A 480 30.24 36.55 -12.22
CA LYS A 480 30.15 37.68 -13.13
C LYS A 480 29.55 37.32 -14.48
N VAL A 481 29.89 36.15 -15.02
CA VAL A 481 29.51 35.74 -16.37
C VAL A 481 28.72 34.44 -16.24
N VAL A 482 27.55 34.37 -16.86
CA VAL A 482 26.82 33.12 -16.94
C VAL A 482 26.64 32.76 -18.41
N LEU A 483 26.54 31.47 -18.70
CA LEU A 483 26.27 30.99 -20.05
C LEU A 483 24.87 30.37 -20.06
N ILE A 484 24.12 30.63 -21.13
CA ILE A 484 22.72 30.25 -21.21
C ILE A 484 22.46 29.65 -22.59
N PRO A 485 21.57 28.66 -22.74
CA PRO A 485 21.02 28.34 -24.06
C PRO A 485 20.35 29.55 -24.68
N ASP A 486 20.40 29.59 -26.02
CA ASP A 486 19.97 30.77 -26.77
C ASP A 486 18.48 31.03 -26.60
N ASP A 487 17.66 29.99 -26.77
CA ASP A 487 16.22 30.17 -26.68
C ASP A 487 15.69 30.08 -25.26
N ASN A 488 16.52 30.36 -24.25
CA ASN A 488 16.04 30.81 -22.96
C ASN A 488 16.10 32.32 -22.80
N LYS A 489 16.59 33.05 -23.81
CA LYS A 489 16.83 34.48 -23.63
C LYS A 489 15.53 35.27 -23.54
N ARG A 490 14.41 34.67 -24.00
CA ARG A 490 13.08 35.22 -23.75
C ARG A 490 12.84 35.45 -22.27
N ASP A 491 13.25 34.49 -21.43
CA ASP A 491 13.09 34.60 -19.99
C ASP A 491 13.91 35.74 -19.40
N LEU A 492 14.90 36.25 -20.14
CA LEU A 492 15.66 37.41 -19.71
C LEU A 492 14.82 38.67 -19.58
N GLU A 493 13.61 38.73 -20.16
CA GLU A 493 12.82 39.92 -19.92
C GLU A 493 12.13 39.90 -18.56
N GLU A 494 12.08 38.74 -17.88
CA GLU A 494 11.49 38.67 -16.54
C GLU A 494 12.55 38.57 -15.45
N ILE A 495 13.66 39.29 -15.62
CA ILE A 495 14.75 39.32 -14.64
C ILE A 495 14.81 40.75 -14.13
N PRO A 496 15.11 40.99 -12.85
CA PRO A 496 15.29 42.37 -12.36
C PRO A 496 16.47 43.08 -13.00
N ASP A 497 16.47 44.40 -12.84
CA ASP A 497 17.38 45.27 -13.59
C ASP A 497 18.82 45.18 -13.10
N ASN A 498 19.03 45.03 -11.78
CA ASN A 498 20.39 44.94 -11.26
C ASN A 498 21.05 43.61 -11.60
N VAL A 499 20.27 42.55 -11.75
CA VAL A 499 20.82 41.25 -12.10
C VAL A 499 21.26 41.22 -13.56
N ILE A 500 20.46 41.81 -14.45
CA ILE A 500 20.86 41.96 -15.84
C ILE A 500 22.05 42.91 -15.96
N ALA A 501 22.02 44.01 -15.22
CA ALA A 501 23.07 45.01 -15.30
C ALA A 501 24.38 44.56 -14.65
N ASP A 502 24.34 43.56 -13.77
CA ASP A 502 25.55 43.11 -13.08
C ASP A 502 26.10 41.80 -13.61
N LEU A 503 25.31 41.01 -14.33
CA LEU A 503 25.79 39.79 -14.95
C LEU A 503 26.14 40.04 -16.41
N GLU A 504 27.13 39.30 -16.88
CA GLU A 504 27.48 39.28 -18.30
C GLU A 504 26.92 37.98 -18.87
N ILE A 505 25.71 38.07 -19.41
CA ILE A 505 24.98 36.90 -19.89
C ILE A 505 25.33 36.67 -21.35
N HIS A 506 25.76 35.46 -21.68
CA HIS A 506 26.08 35.09 -23.06
C HIS A 506 25.14 34.00 -23.54
N PRO A 507 24.26 34.28 -24.50
CA PRO A 507 23.50 33.21 -25.13
C PRO A 507 24.39 32.34 -26.00
N VAL A 508 24.18 31.03 -25.90
CA VAL A 508 25.09 30.04 -26.45
C VAL A 508 24.29 29.02 -27.26
N LYS A 509 24.72 28.78 -28.50
CA LYS A 509 24.08 27.78 -29.36
C LYS A 509 24.81 26.44 -29.30
N ARG A 510 26.13 26.46 -29.48
CA ARG A 510 26.93 25.25 -29.63
C ARG A 510 27.97 25.17 -28.52
N ILE A 511 28.60 23.99 -28.41
CA ILE A 511 29.52 23.75 -27.30
C ILE A 511 30.84 24.50 -27.51
N ASP A 512 31.12 24.92 -28.75
CA ASP A 512 32.34 25.68 -29.02
C ASP A 512 32.28 27.08 -28.46
N ASP A 513 31.08 27.66 -28.33
CA ASP A 513 30.94 28.94 -27.64
C ASP A 513 31.25 28.80 -26.17
N VAL A 514 30.74 27.73 -25.55
CA VAL A 514 31.03 27.38 -24.17
C VAL A 514 32.53 27.21 -23.95
N LEU A 515 33.19 26.43 -24.80
CA LEU A 515 34.62 26.20 -24.63
C LEU A 515 35.45 27.43 -25.00
N ALA A 516 34.92 28.34 -25.80
CA ALA A 516 35.64 29.57 -26.12
C ALA A 516 35.55 30.58 -24.98
N ILE A 517 34.43 30.65 -24.28
CA ILE A 517 34.26 31.64 -23.21
C ILE A 517 34.75 31.11 -21.88
N ALA A 518 34.40 29.87 -21.54
CA ALA A 518 34.56 29.38 -20.17
C ALA A 518 35.97 28.91 -19.85
N LEU A 519 36.83 28.71 -20.84
CA LEU A 519 38.20 28.28 -20.57
C LEU A 519 39.14 29.46 -20.65
N GLU A 520 40.28 29.35 -19.96
CA GLU A 520 41.23 30.45 -19.92
C GLU A 520 42.08 30.51 -21.19
N HIS A 521 42.52 29.37 -21.67
CA HIS A 521 43.35 29.34 -22.86
C HIS A 521 42.52 28.93 -24.06
N PRO A 522 42.93 29.32 -25.28
CA PRO A 522 42.18 28.92 -26.47
C PRO A 522 42.30 27.43 -26.77
N ALA A 523 41.20 26.87 -27.28
CA ALA A 523 41.13 25.44 -27.57
C ALA A 523 41.70 25.12 -28.95
N ALA B 1 -33.31 33.86 37.51
CA ALA B 1 -33.08 33.63 36.09
C ALA B 1 -31.60 33.85 35.73
N LEU B 2 -31.35 34.36 34.52
CA LEU B 2 -30.01 34.31 33.96
C LEU B 2 -29.44 35.68 33.61
N LYS B 3 -30.25 36.74 33.64
CA LYS B 3 -29.78 38.02 33.09
C LYS B 3 -28.80 38.71 34.03
N ARG B 4 -28.81 38.35 35.32
CA ARG B 4 -27.76 38.86 36.20
C ARG B 4 -26.45 38.14 35.97
N LYS B 5 -26.49 36.92 35.42
CA LYS B 5 -25.27 36.21 35.06
C LYS B 5 -24.73 36.69 33.72
N ILE B 6 -25.62 36.90 32.75
CA ILE B 6 -25.22 37.41 31.44
C ILE B 6 -24.72 38.84 31.55
N GLU B 7 -25.40 39.67 32.33
CA GLU B 7 -24.89 41.00 32.63
C GLU B 7 -23.65 40.96 33.51
N ALA B 8 -23.58 40.01 34.46
CA ALA B 8 -22.43 39.91 35.35
C ALA B 8 -21.18 39.47 34.59
N ALA B 9 -21.34 38.60 33.60
CA ALA B 9 -20.23 38.22 32.74
C ALA B 9 -20.04 39.31 31.68
N LYS B 10 -19.00 40.13 31.87
CA LYS B 10 -18.74 41.25 30.95
C LYS B 10 -18.17 40.68 29.66
N MET B 11 -19.08 40.30 28.78
CA MET B 11 -18.73 39.68 27.51
C MET B 11 -18.28 40.74 26.51
N PRO B 12 -17.76 40.33 25.36
CA PRO B 12 -17.70 41.26 24.22
C PRO B 12 -19.09 41.47 23.61
N LYS B 13 -19.11 42.20 22.49
CA LYS B 13 -20.37 42.71 21.96
C LYS B 13 -21.25 41.61 21.38
N ASP B 14 -20.73 40.87 20.39
CA ASP B 14 -21.58 39.95 19.62
C ASP B 14 -21.97 38.74 20.45
N ALA B 15 -21.11 38.32 21.38
CA ALA B 15 -21.45 37.22 22.28
C ALA B 15 -22.56 37.63 23.25
N ARG B 16 -22.52 38.87 23.72
CA ARG B 16 -23.60 39.39 24.56
C ARG B 16 -24.90 39.53 23.76
N GLU B 17 -24.80 39.94 22.50
CA GLU B 17 -25.99 40.07 21.67
C GLU B 17 -26.65 38.73 21.40
N LYS B 18 -25.86 37.72 21.04
CA LYS B 18 -26.44 36.40 20.78
C LYS B 18 -26.90 35.74 22.07
N THR B 19 -26.21 36.00 23.19
CA THR B 19 -26.58 35.41 24.46
C THR B 19 -27.90 36.00 24.97
N GLU B 20 -28.05 37.31 24.88
CA GLU B 20 -29.30 37.95 25.29
C GLU B 20 -30.44 37.61 24.34
N ALA B 21 -30.15 37.49 23.04
CA ALA B 21 -31.17 37.08 22.08
C ALA B 21 -31.66 35.67 22.37
N GLU B 22 -30.75 34.77 22.74
CA GLU B 22 -31.17 33.45 23.20
C GLU B 22 -31.88 33.51 24.55
N LEU B 23 -31.63 34.56 25.34
CA LEU B 23 -32.34 34.68 26.61
C LEU B 23 -33.79 35.10 26.41
N GLN B 24 -34.04 36.14 25.61
CA GLN B 24 -35.43 36.51 25.35
C GLN B 24 -36.14 35.52 24.43
N LYS B 25 -35.38 34.72 23.67
CA LYS B 25 -36.03 33.59 23.01
C LYS B 25 -36.32 32.46 24.00
N LEU B 26 -35.51 32.35 25.05
CA LEU B 26 -35.73 31.34 26.08
C LEU B 26 -36.94 31.65 26.96
N LYS B 27 -37.20 32.94 27.22
CA LYS B 27 -38.31 33.31 28.09
C LYS B 27 -39.66 33.36 27.37
N MET B 28 -39.79 32.70 26.22
CA MET B 28 -41.06 32.57 25.52
C MET B 28 -41.40 31.12 25.25
N MET B 29 -40.70 30.19 25.88
CA MET B 29 -40.88 28.76 25.60
C MET B 29 -41.36 28.04 26.85
N SER B 30 -41.89 26.85 26.65
CA SER B 30 -42.19 26.00 27.80
C SER B 30 -40.90 25.44 28.37
N PRO B 31 -40.67 25.60 29.68
CA PRO B 31 -39.36 25.21 30.26
C PRO B 31 -39.12 23.71 30.28
N MET B 32 -40.16 22.89 30.24
CA MET B 32 -39.97 21.44 30.19
C MET B 32 -39.93 20.90 28.77
N SER B 33 -39.78 21.77 27.76
CA SER B 33 -39.65 21.32 26.39
C SER B 33 -38.18 21.09 26.05
N ALA B 34 -37.95 20.49 24.88
CA ALA B 34 -36.59 20.19 24.45
C ALA B 34 -35.85 21.42 23.97
N GLU B 35 -36.57 22.39 23.37
CA GLU B 35 -35.93 23.62 22.92
C GLU B 35 -35.44 24.45 24.08
N ALA B 36 -36.13 24.37 25.23
CA ALA B 36 -35.66 25.04 26.43
C ALA B 36 -34.40 24.38 26.98
N THR B 37 -34.21 23.08 26.71
CA THR B 37 -32.98 22.43 27.13
C THR B 37 -31.85 22.75 26.17
N VAL B 38 -32.15 22.94 24.89
CA VAL B 38 -31.12 23.33 23.93
C VAL B 38 -30.64 24.75 24.21
N VAL B 39 -31.57 25.68 24.35
CA VAL B 39 -31.21 27.08 24.57
C VAL B 39 -30.66 27.27 25.99
N ARG B 40 -31.25 26.58 26.96
CA ARG B 40 -30.79 26.66 28.34
C ARG B 40 -29.39 26.08 28.50
N GLY B 41 -29.12 24.94 27.86
CA GLY B 41 -27.77 24.40 27.86
C GLY B 41 -26.80 25.27 27.09
N TYR B 42 -27.29 25.97 26.06
CA TYR B 42 -26.42 26.86 25.30
C TYR B 42 -26.00 28.07 26.13
N ILE B 43 -26.93 28.66 26.88
CA ILE B 43 -26.60 29.76 27.77
C ILE B 43 -25.69 29.29 28.91
N ASP B 44 -25.95 28.06 29.41
CA ASP B 44 -25.10 27.50 30.46
C ASP B 44 -23.70 27.18 29.96
N TRP B 45 -23.51 27.00 28.65
CA TRP B 45 -22.16 26.99 28.14
C TRP B 45 -21.58 28.38 27.90
N MET B 46 -22.38 29.34 27.44
CA MET B 46 -21.91 30.69 27.18
C MET B 46 -21.50 31.44 28.45
N LEU B 47 -22.04 31.07 29.61
CA LEU B 47 -21.65 31.71 30.85
C LEU B 47 -20.35 31.16 31.44
N GLN B 48 -19.96 29.94 31.05
CA GLN B 48 -18.77 29.32 31.63
C GLN B 48 -17.49 29.66 30.87
N VAL B 49 -17.60 30.21 29.68
CA VAL B 49 -16.41 30.51 28.87
C VAL B 49 -15.74 31.76 29.44
N PRO B 50 -14.43 31.74 29.67
CA PRO B 50 -13.75 32.92 30.22
C PRO B 50 -13.56 34.03 29.20
N TRP B 51 -14.59 34.89 29.06
CA TRP B 51 -14.56 35.92 28.02
C TRP B 51 -13.53 37.00 28.32
N ASN B 52 -13.37 37.39 29.58
CA ASN B 52 -12.34 38.37 29.89
C ASN B 52 -11.58 38.13 31.19
N SER B 53 -11.82 37.03 31.91
CA SER B 53 -11.08 36.76 33.13
C SER B 53 -9.66 36.32 32.78
N ARG B 54 -8.68 36.95 33.42
CA ARG B 54 -7.29 36.69 33.11
C ARG B 54 -6.53 36.31 34.38
N SER B 55 -5.32 35.83 34.18
CA SER B 55 -4.41 35.49 35.27
C SER B 55 -3.20 36.42 35.19
N LYS B 56 -2.77 36.92 36.34
CA LYS B 56 -1.70 37.91 36.38
C LYS B 56 -0.38 37.21 36.07
N VAL B 57 0.23 37.60 34.94
CA VAL B 57 1.48 36.99 34.52
C VAL B 57 2.63 37.64 35.27
N LYS B 58 3.62 36.83 35.66
CA LYS B 58 4.74 37.25 36.49
C LYS B 58 5.61 38.29 35.78
N LYS B 59 6.47 38.94 36.57
CA LYS B 59 7.33 40.01 36.08
C LYS B 59 8.79 39.88 36.47
N ASP B 60 9.12 39.16 37.54
CA ASP B 60 10.50 39.03 37.98
C ASP B 60 11.20 37.95 37.15
N LEU B 61 12.30 38.31 36.49
CA LEU B 61 13.03 37.37 35.67
C LEU B 61 13.99 36.49 36.46
N VAL B 62 14.55 37.01 37.55
CA VAL B 62 15.50 36.24 38.35
C VAL B 62 14.78 35.11 39.07
N LYS B 63 13.60 35.40 39.63
CA LYS B 63 12.86 34.37 40.35
C LYS B 63 12.30 33.32 39.38
N ALA B 64 11.90 33.75 38.18
CA ALA B 64 11.43 32.79 37.18
C ALA B 64 12.56 31.92 36.65
N GLN B 65 13.76 32.50 36.50
CA GLN B 65 14.95 31.71 36.21
C GLN B 65 15.25 30.72 37.32
N GLU B 66 14.96 31.09 38.57
CA GLU B 66 15.15 30.15 39.67
C GLU B 66 14.08 29.06 39.69
N VAL B 67 12.89 29.33 39.18
CA VAL B 67 11.88 28.27 39.10
C VAL B 67 12.21 27.31 37.97
N LEU B 68 12.61 27.84 36.81
CA LEU B 68 12.97 27.00 35.67
C LEU B 68 14.22 26.19 35.96
N ASP B 69 15.19 26.77 36.67
CA ASP B 69 16.34 25.99 37.11
C ASP B 69 16.03 25.07 38.28
N THR B 70 14.97 25.39 39.04
CA THR B 70 14.56 24.50 40.12
C THR B 70 14.00 23.19 39.57
N ASP B 71 13.10 23.28 38.59
CA ASP B 71 12.41 22.06 38.18
C ASP B 71 13.22 21.25 37.16
N HIS B 72 14.01 21.91 36.32
CA HIS B 72 14.79 21.23 35.29
C HIS B 72 16.22 21.74 35.28
N TYR B 73 17.08 21.00 34.60
CA TYR B 73 18.48 21.37 34.43
C TYR B 73 18.81 21.53 32.95
N GLY B 74 19.54 22.59 32.64
CA GLY B 74 20.32 22.65 31.42
C GLY B 74 19.61 23.11 30.17
N LEU B 75 18.29 23.04 30.11
CA LEU B 75 17.55 23.38 28.89
C LEU B 75 17.52 24.90 28.69
N GLU B 76 18.64 25.41 28.17
CA GLU B 76 18.90 26.85 28.27
C GLU B 76 18.07 27.66 27.28
N ARG B 77 17.80 27.12 26.09
CA ARG B 77 17.17 27.91 25.04
C ARG B 77 15.67 28.09 25.29
N VAL B 78 15.01 27.08 25.84
CA VAL B 78 13.59 27.24 26.17
C VAL B 78 13.41 28.18 27.36
N LYS B 79 14.33 28.14 28.33
CA LYS B 79 14.28 29.05 29.46
C LYS B 79 14.55 30.48 29.01
N ASP B 80 15.43 30.64 28.02
CA ASP B 80 15.62 31.96 27.40
C ASP B 80 14.35 32.43 26.72
N ARG B 81 13.63 31.52 26.05
CA ARG B 81 12.38 31.87 25.39
C ARG B 81 11.33 32.34 26.40
N ILE B 82 11.25 31.67 27.55
CA ILE B 82 10.27 32.05 28.56
C ILE B 82 10.66 33.36 29.23
N LEU B 83 11.96 33.62 29.42
CA LEU B 83 12.35 34.89 30.00
C LEU B 83 12.14 36.06 29.04
N GLU B 84 12.32 35.83 27.74
CA GLU B 84 12.00 36.87 26.76
C GLU B 84 10.51 37.15 26.74
N TYR B 85 9.70 36.10 26.87
CA TYR B 85 8.26 36.29 26.99
C TYR B 85 7.88 37.09 28.23
N LEU B 86 8.52 36.80 29.37
CA LEU B 86 8.20 37.55 30.59
C LEU B 86 8.74 38.97 30.57
N ALA B 87 9.77 39.24 29.76
CA ALA B 87 10.27 40.60 29.62
C ALA B 87 9.31 41.45 28.79
N VAL B 88 8.96 40.96 27.59
CA VAL B 88 8.08 41.73 26.72
C VAL B 88 6.67 41.80 27.32
N GLN B 89 6.25 40.74 28.00
CA GLN B 89 5.02 40.79 28.78
C GLN B 89 5.13 41.76 29.94
N SER B 90 6.32 41.90 30.53
CA SER B 90 6.48 42.86 31.61
C SER B 90 6.41 44.29 31.13
N ARG B 91 6.65 44.55 29.84
CA ARG B 91 6.55 45.93 29.36
C ARG B 91 5.12 46.31 28.98
N VAL B 92 4.39 45.44 28.28
CA VAL B 92 3.00 45.73 27.94
C VAL B 92 2.12 44.51 28.19
N SER B 93 0.83 44.80 28.41
CA SER B 93 -0.17 43.76 28.63
C SER B 93 -0.92 43.48 27.32
N LYS B 94 -1.60 42.32 27.29
CA LYS B 94 -2.28 41.76 26.12
C LYS B 94 -1.32 41.64 24.93
N ILE B 95 -0.37 40.73 25.09
CA ILE B 95 0.53 40.31 24.02
C ILE B 95 -0.14 39.14 23.30
N LYS B 96 0.32 38.85 22.09
CA LYS B 96 -0.09 37.61 21.44
C LYS B 96 0.57 36.44 22.14
N GLY B 97 -0.20 35.39 22.37
CA GLY B 97 0.31 34.19 23.00
C GLY B 97 1.30 33.47 22.11
N PRO B 98 2.48 33.16 22.66
CA PRO B 98 3.51 32.47 21.86
C PRO B 98 3.10 31.05 21.51
N ILE B 99 3.35 30.66 20.28
CA ILE B 99 3.03 29.32 19.78
C ILE B 99 4.36 28.60 19.53
N LEU B 100 4.61 27.57 20.33
CA LEU B 100 5.89 26.88 20.33
C LEU B 100 5.69 25.42 19.96
N CYS B 101 6.72 24.83 19.38
CA CYS B 101 6.77 23.38 19.21
C CYS B 101 8.12 22.89 19.74
N LEU B 102 8.07 21.97 20.68
CA LEU B 102 9.28 21.34 21.20
C LEU B 102 9.53 20.05 20.43
N VAL B 103 10.70 19.92 19.81
CA VAL B 103 11.03 18.78 18.98
C VAL B 103 12.29 18.12 19.52
N GLY B 104 12.16 16.87 19.97
CA GLY B 104 13.32 16.12 20.43
C GLY B 104 13.07 14.64 20.60
N PRO B 105 14.12 13.88 20.88
CA PRO B 105 13.98 12.44 21.18
C PRO B 105 13.26 12.22 22.50
N PRO B 106 12.80 11.00 22.79
CA PRO B 106 12.05 10.77 24.03
C PRO B 106 12.91 10.95 25.28
N GLY B 107 12.33 11.60 26.28
CA GLY B 107 12.97 11.79 27.56
C GLY B 107 13.75 13.06 27.74
N VAL B 108 13.73 13.99 26.78
CA VAL B 108 14.53 15.20 26.91
C VAL B 108 13.81 16.29 27.68
N GLY B 109 12.64 16.01 28.23
CA GLY B 109 11.96 16.97 29.06
C GLY B 109 11.10 17.95 28.30
N LYS B 110 10.15 17.43 27.52
CA LYS B 110 9.26 18.32 26.78
C LYS B 110 7.91 18.45 27.46
N THR B 111 7.32 17.33 27.87
CA THR B 111 6.02 17.37 28.51
C THR B 111 6.11 17.88 29.95
N SER B 112 7.12 17.42 30.69
CA SER B 112 7.30 17.84 32.07
C SER B 112 7.72 19.29 32.19
N LEU B 113 8.35 19.84 31.15
CA LEU B 113 8.69 21.25 31.09
C LEU B 113 7.45 22.14 31.00
N GLY B 114 6.39 21.66 30.37
CA GLY B 114 5.23 22.51 30.10
C GLY B 114 4.42 22.84 31.35
N GLN B 115 4.72 22.18 32.47
CA GLN B 115 4.11 22.61 33.72
C GLN B 115 4.96 23.64 34.42
N SER B 116 6.29 23.56 34.26
CA SER B 116 7.21 24.48 34.91
C SER B 116 7.01 25.91 34.42
N ILE B 117 6.78 26.06 33.11
CA ILE B 117 6.44 27.35 32.52
C ILE B 117 5.15 27.88 33.12
N ALA B 118 4.19 26.98 33.37
CA ALA B 118 2.94 27.38 34.00
C ALA B 118 3.12 27.79 35.45
N LYS B 119 4.25 27.43 36.07
CA LYS B 119 4.58 28.01 37.36
C LYS B 119 5.51 29.20 37.25
N ALA B 120 6.22 29.34 36.12
CA ALA B 120 7.18 30.42 36.01
C ALA B 120 6.52 31.68 35.45
N THR B 121 5.54 31.53 34.57
CA THR B 121 4.79 32.65 34.05
C THR B 121 3.57 32.99 34.89
N GLY B 122 3.24 32.18 35.89
CA GLY B 122 2.05 32.41 36.67
C GLY B 122 0.76 32.09 35.94
N ARG B 123 0.82 31.39 34.81
CA ARG B 123 -0.35 30.98 34.07
C ARG B 123 -1.00 29.77 34.73
N GLN B 124 -2.04 29.25 34.10
CA GLN B 124 -2.73 28.06 34.59
C GLN B 124 -2.47 26.91 33.63
N TYR B 125 -2.01 25.80 34.18
CA TYR B 125 -1.63 24.65 33.35
C TYR B 125 -2.87 23.92 32.85
N VAL B 126 -2.83 23.53 31.59
CA VAL B 126 -3.89 22.72 30.98
C VAL B 126 -3.24 21.87 29.90
N ARG B 127 -3.72 20.65 29.74
CA ARG B 127 -3.03 19.70 28.87
C ARG B 127 -4.03 18.90 28.06
N MET B 128 -3.82 18.89 26.75
CA MET B 128 -4.59 18.05 25.83
C MET B 128 -3.65 17.04 25.22
N ALA B 129 -4.05 15.78 25.22
CA ALA B 129 -3.26 14.70 24.64
C ALA B 129 -3.79 14.42 23.24
N LEU B 130 -2.97 14.67 22.24
CA LEU B 130 -3.38 14.53 20.85
C LEU B 130 -2.82 13.27 20.20
N GLY B 131 -2.28 12.34 20.99
CA GLY B 131 -1.81 11.08 20.45
C GLY B 131 -2.94 10.18 20.01
N GLY B 132 -3.01 9.92 18.71
CA GLY B 132 -4.02 9.01 18.20
C GLY B 132 -5.40 9.58 18.07
N VAL B 133 -5.57 10.88 18.28
CA VAL B 133 -6.85 11.55 18.13
C VAL B 133 -7.20 11.60 16.64
N ARG B 134 -8.38 11.09 16.31
CA ARG B 134 -8.86 11.10 14.93
C ARG B 134 -10.10 11.96 14.74
N ASP B 135 -10.86 12.21 15.81
CA ASP B 135 -12.10 12.96 15.70
C ASP B 135 -11.79 14.46 15.70
N GLU B 136 -12.36 15.16 14.73
CA GLU B 136 -12.24 16.60 14.67
C GLU B 136 -13.11 17.29 15.71
N ALA B 137 -14.16 16.62 16.19
CA ALA B 137 -15.07 17.20 17.18
C ALA B 137 -14.46 17.36 18.56
N GLU B 138 -13.24 16.85 18.78
CA GLU B 138 -12.54 17.15 20.02
C GLU B 138 -11.96 18.56 20.01
N ILE B 139 -11.89 19.17 18.83
CA ILE B 139 -11.29 20.48 18.66
C ILE B 139 -12.33 21.53 18.31
N ARG B 140 -13.31 21.16 17.48
CA ARG B 140 -14.33 22.10 17.01
C ARG B 140 -15.75 21.72 17.38
N GLY B 141 -15.97 20.59 18.04
CA GLY B 141 -17.29 20.23 18.54
C GLY B 141 -18.31 19.93 17.44
N HIS B 142 -19.56 19.83 17.88
CA HIS B 142 -20.71 19.71 16.98
C HIS B 142 -21.63 20.90 17.18
N ARG B 143 -22.53 21.11 16.23
CA ARG B 143 -23.56 22.12 16.42
C ARG B 143 -24.62 21.62 17.40
N ARG B 144 -25.40 22.55 17.95
CA ARG B 144 -26.34 22.20 19.00
C ARG B 144 -27.66 21.64 18.47
N THR B 145 -27.74 21.35 17.18
CA THR B 145 -28.90 20.62 16.66
C THR B 145 -28.93 19.19 17.18
N TYR B 146 -27.76 18.58 17.33
CA TYR B 146 -27.66 17.20 17.79
C TYR B 146 -27.96 17.11 19.28
N ILE B 147 -28.04 15.88 19.79
CA ILE B 147 -28.62 15.66 21.11
C ILE B 147 -27.68 16.14 22.22
N GLY B 148 -26.56 15.45 22.42
CA GLY B 148 -25.61 15.92 23.40
C GLY B 148 -24.49 16.69 22.73
N SER B 149 -24.61 18.00 22.63
CA SER B 149 -23.64 18.78 21.87
C SER B 149 -22.77 19.56 22.85
N MET B 150 -21.47 19.45 22.68
CA MET B 150 -20.49 20.04 23.56
C MET B 150 -19.45 20.75 22.71
N PRO B 151 -18.88 21.85 23.19
CA PRO B 151 -18.07 22.70 22.30
C PRO B 151 -16.65 22.25 22.03
N GLY B 152 -16.31 20.99 22.27
CA GLY B 152 -14.97 20.52 22.01
C GLY B 152 -14.05 20.76 23.20
N LYS B 153 -12.96 19.99 23.24
CA LYS B 153 -12.10 19.98 24.41
C LYS B 153 -11.32 21.29 24.59
N LEU B 154 -11.20 22.12 23.56
CA LEU B 154 -10.61 23.44 23.74
C LEU B 154 -11.49 24.31 24.63
N ILE B 155 -12.76 24.49 24.24
CA ILE B 155 -13.67 25.33 25.01
C ILE B 155 -14.04 24.66 26.33
N GLN B 156 -14.02 23.33 26.38
CA GLN B 156 -14.24 22.64 27.65
C GLN B 156 -13.08 22.87 28.61
N LYS B 157 -11.85 22.90 28.10
CA LYS B 157 -10.72 23.12 28.99
C LYS B 157 -10.53 24.59 29.34
N MET B 158 -10.92 25.50 28.44
CA MET B 158 -10.98 26.92 28.80
C MET B 158 -12.02 27.16 29.87
N ALA B 159 -13.17 26.49 29.78
CA ALA B 159 -14.22 26.63 30.77
C ALA B 159 -13.85 25.96 32.08
N LYS B 160 -13.05 24.89 32.03
CA LYS B 160 -12.65 24.21 33.26
C LYS B 160 -11.55 25.01 33.96
N VAL B 161 -10.64 25.62 33.21
CA VAL B 161 -9.60 26.43 33.82
C VAL B 161 -10.18 27.74 34.36
N GLY B 162 -10.88 28.47 33.52
CA GLY B 162 -11.58 29.66 33.95
C GLY B 162 -10.92 30.98 33.63
N VAL B 163 -9.75 30.98 32.98
CA VAL B 163 -9.11 32.20 32.55
C VAL B 163 -8.85 32.11 31.06
N LYS B 164 -8.57 33.26 30.46
CA LYS B 164 -8.22 33.30 29.05
C LYS B 164 -6.72 33.40 28.81
N ASN B 165 -5.90 33.17 29.84
CA ASN B 165 -4.45 33.03 29.68
C ASN B 165 -3.96 31.68 30.21
N PRO B 166 -4.34 30.54 29.59
CA PRO B 166 -3.76 29.28 30.06
C PRO B 166 -2.53 28.93 29.25
N LEU B 167 -1.89 27.85 29.66
CA LEU B 167 -0.79 27.26 28.92
C LEU B 167 -1.27 25.90 28.42
N PHE B 168 -1.80 25.87 27.21
CA PHE B 168 -2.11 24.60 26.56
C PHE B 168 -0.83 23.89 26.17
N LEU B 169 -0.65 22.69 26.70
CA LEU B 169 0.38 21.77 26.28
C LEU B 169 -0.32 20.77 25.35
N LEU B 170 0.18 20.68 24.12
CA LEU B 170 -0.41 19.79 23.14
C LEU B 170 0.60 18.66 22.90
N ASP B 171 0.31 17.49 23.46
CA ASP B 171 1.21 16.36 23.38
C ASP B 171 0.99 15.58 22.08
N GLN B 172 2.10 15.26 21.42
CA GLN B 172 2.15 14.44 20.21
C GLN B 172 1.30 15.02 19.07
N ILE B 173 1.77 16.16 18.56
CA ILE B 173 1.23 16.68 17.29
C ILE B 173 1.48 15.70 16.16
N ASP B 174 2.66 15.09 16.14
CA ASP B 174 3.06 14.18 15.08
C ASP B 174 2.40 12.81 15.15
N LYS B 175 1.58 12.55 16.17
CA LYS B 175 0.90 11.26 16.30
C LYS B 175 -0.60 11.37 16.09
N MET B 176 -1.08 12.44 15.46
CA MET B 176 -2.50 12.58 15.18
C MET B 176 -2.88 11.75 13.96
N ALA B 177 -4.08 11.16 14.01
CA ALA B 177 -4.50 10.22 12.99
C ALA B 177 -4.98 10.97 11.76
N SER B 178 -4.17 10.96 10.71
CA SER B 178 -4.49 11.61 9.45
C SER B 178 -5.05 10.58 8.47
N ASP B 179 -6.28 10.79 8.03
CA ASP B 179 -6.98 9.83 7.18
C ASP B 179 -8.09 10.58 6.46
N MET B 180 -8.68 9.93 5.46
CA MET B 180 -9.88 10.49 4.84
C MET B 180 -11.07 10.39 5.78
N ARG B 181 -11.05 9.42 6.69
CA ARG B 181 -12.03 9.35 7.79
C ARG B 181 -11.31 9.78 9.06
N GLY B 182 -11.23 11.09 9.24
CA GLY B 182 -10.60 11.65 10.42
C GLY B 182 -9.28 12.35 10.14
N ASP B 183 -9.29 13.68 10.24
CA ASP B 183 -8.05 14.47 10.13
C ASP B 183 -8.19 15.72 10.99
N PRO B 184 -7.91 15.62 12.28
CA PRO B 184 -8.02 16.78 13.16
C PRO B 184 -6.79 17.67 13.18
N ALA B 185 -5.70 17.27 12.54
CA ALA B 185 -4.50 18.11 12.49
C ALA B 185 -4.71 19.34 11.62
N SER B 186 -5.59 19.28 10.64
CA SER B 186 -5.91 20.45 9.83
C SER B 186 -6.99 21.31 10.46
N ALA B 187 -7.73 20.78 11.43
CA ALA B 187 -8.65 21.60 12.21
C ALA B 187 -7.92 22.49 13.21
N LEU B 188 -6.67 22.17 13.53
CA LEU B 188 -5.82 23.01 14.37
C LEU B 188 -5.21 24.17 13.61
N LEU B 189 -5.34 24.20 12.28
CA LEU B 189 -4.82 25.30 11.48
C LEU B 189 -5.52 26.62 11.76
N GLU B 190 -6.73 26.58 12.31
CA GLU B 190 -7.40 27.76 12.84
C GLU B 190 -7.06 27.98 14.31
N VAL B 191 -6.73 26.91 15.04
CA VAL B 191 -6.50 27.01 16.48
C VAL B 191 -5.19 27.72 16.78
N LEU B 192 -4.12 27.33 16.10
CA LEU B 192 -2.81 27.93 16.27
C LEU B 192 -2.37 28.52 14.95
N ASP B 193 -2.82 29.75 14.71
CA ASP B 193 -2.58 30.57 13.53
C ASP B 193 -2.36 31.99 14.05
N PRO B 194 -1.14 32.53 13.98
CA PRO B 194 -0.78 33.69 14.82
C PRO B 194 -1.50 34.99 14.49
N GLU B 195 -2.31 35.05 13.43
CA GLU B 195 -3.11 36.23 13.13
C GLU B 195 -4.57 35.92 12.84
N GLN B 196 -5.07 34.75 13.22
CA GLN B 196 -6.46 34.39 13.00
C GLN B 196 -7.12 33.85 14.27
N ASN B 197 -6.38 33.78 15.38
CA ASN B 197 -6.95 33.23 16.60
C ASN B 197 -7.88 34.22 17.30
N VAL B 198 -7.85 35.49 16.88
CA VAL B 198 -8.73 36.49 17.45
C VAL B 198 -10.19 36.23 17.11
N ALA B 199 -10.45 35.48 16.04
CA ALA B 199 -11.80 35.01 15.71
C ALA B 199 -11.71 33.52 15.44
N PHE B 200 -11.76 32.71 16.50
CA PHE B 200 -11.86 31.27 16.37
C PHE B 200 -13.34 30.90 16.47
N ASN B 201 -13.91 30.53 15.33
CA ASN B 201 -15.33 30.18 15.29
C ASN B 201 -15.48 28.72 15.69
N ASP B 202 -16.29 28.49 16.72
CA ASP B 202 -16.59 27.15 17.21
C ASP B 202 -17.92 26.71 16.64
N HIS B 203 -18.07 25.40 16.43
CA HIS B 203 -19.31 24.92 15.83
C HIS B 203 -20.46 24.85 16.83
N TYR B 204 -20.17 24.85 18.12
CA TYR B 204 -21.22 24.88 19.13
C TYR B 204 -21.53 26.29 19.60
N LEU B 205 -20.50 27.10 19.83
CA LEU B 205 -20.72 28.44 20.36
C LEU B 205 -21.24 29.39 19.29
N GLU B 206 -20.76 29.23 18.05
CA GLU B 206 -21.13 30.00 16.85
C GLU B 206 -20.60 31.45 16.89
N VAL B 207 -20.06 31.87 18.02
CA VAL B 207 -19.49 33.21 18.19
C VAL B 207 -17.97 33.09 18.12
N ASP B 208 -17.35 34.13 17.56
CA ASP B 208 -15.89 34.20 17.49
C ASP B 208 -15.32 34.32 18.90
N TYR B 209 -14.42 33.41 19.26
CA TYR B 209 -13.77 33.44 20.56
C TYR B 209 -12.28 33.67 20.42
N ASP B 210 -11.76 34.60 21.21
CA ASP B 210 -10.37 35.02 21.12
C ASP B 210 -9.47 33.98 21.76
N LEU B 211 -8.53 33.45 20.97
CA LEU B 211 -7.49 32.57 21.48
C LEU B 211 -6.11 33.19 21.35
N SER B 212 -6.03 34.50 21.21
CA SER B 212 -4.76 35.15 20.86
C SER B 212 -3.78 35.19 22.01
N ASP B 213 -4.26 35.18 23.25
CA ASP B 213 -3.38 35.23 24.41
C ASP B 213 -3.22 33.88 25.11
N VAL B 214 -3.80 32.82 24.56
CA VAL B 214 -3.55 31.47 25.06
C VAL B 214 -2.15 31.05 24.64
N MET B 215 -1.36 30.56 25.60
CA MET B 215 0.01 30.17 25.30
C MET B 215 0.04 28.71 24.87
N PHE B 216 0.41 28.48 23.61
CA PHE B 216 0.41 27.17 22.98
C PHE B 216 1.82 26.61 22.96
N VAL B 217 2.06 25.58 23.76
CA VAL B 217 3.31 24.82 23.70
C VAL B 217 2.96 23.41 23.30
N ALA B 218 3.54 22.96 22.18
CA ALA B 218 3.30 21.65 21.64
C ALA B 218 4.58 20.83 21.66
N THR B 219 4.44 19.52 21.78
CA THR B 219 5.58 18.61 21.88
C THR B 219 5.49 17.54 20.79
N SER B 220 6.63 17.23 20.18
CA SER B 220 6.67 16.21 19.13
C SER B 220 8.05 15.59 19.09
N ASN B 221 8.11 14.38 18.54
CA ASN B 221 9.36 13.64 18.43
C ASN B 221 10.10 13.86 17.12
N SER B 222 9.44 14.42 16.11
CA SER B 222 10.02 14.49 14.78
C SER B 222 9.52 15.75 14.10
N MET B 223 9.70 15.78 12.77
CA MET B 223 9.24 16.87 11.94
C MET B 223 8.13 16.44 10.99
N ASN B 224 7.49 15.30 11.25
CA ASN B 224 6.45 14.74 10.40
C ASN B 224 5.09 15.40 10.60
N ILE B 225 5.06 16.54 11.29
CA ILE B 225 3.89 17.42 11.33
C ILE B 225 3.63 17.91 9.91
N PRO B 226 2.38 17.99 9.45
CA PRO B 226 2.08 18.57 8.13
C PRO B 226 2.56 20.01 8.03
N ALA B 227 3.28 20.31 6.95
CA ALA B 227 3.90 21.61 6.66
C ALA B 227 2.99 22.85 6.69
N PRO B 228 1.69 22.77 6.41
CA PRO B 228 0.81 23.88 6.81
C PRO B 228 0.71 24.10 8.31
N LEU B 229 0.84 23.06 9.14
CA LEU B 229 0.81 23.21 10.59
C LEU B 229 2.18 23.44 11.20
N LEU B 230 3.24 22.90 10.60
CA LEU B 230 4.58 23.08 11.13
C LEU B 230 5.07 24.51 10.95
N ASP B 231 4.53 25.24 9.99
CA ASP B 231 4.99 26.60 9.72
C ASP B 231 4.52 27.59 10.78
N ARG B 232 3.36 27.35 11.39
CA ARG B 232 2.81 28.29 12.36
C ARG B 232 3.51 28.25 13.72
N MET B 233 4.41 27.30 13.95
CA MET B 233 4.94 27.07 15.28
C MET B 233 6.42 27.43 15.33
N GLU B 234 6.82 28.15 16.38
CA GLU B 234 8.22 28.45 16.63
C GLU B 234 8.87 27.18 17.14
N VAL B 235 9.72 26.57 16.33
CA VAL B 235 10.22 25.22 16.62
C VAL B 235 11.56 25.31 17.36
N ILE B 236 11.61 24.73 18.55
CA ILE B 236 12.84 24.59 19.32
C ILE B 236 13.21 23.11 19.38
N ARG B 237 14.41 22.78 18.91
CA ARG B 237 14.85 21.40 18.84
C ARG B 237 15.70 21.10 20.07
N LEU B 238 15.10 20.42 21.04
CA LEU B 238 15.80 19.99 22.25
C LEU B 238 16.65 18.79 21.90
N SER B 239 17.96 19.01 21.79
CA SER B 239 18.88 17.95 21.44
C SER B 239 19.07 17.00 22.61
N GLY B 240 19.75 15.88 22.34
CA GLY B 240 20.02 14.91 23.37
C GLY B 240 21.01 15.41 24.39
N TYR B 241 21.05 14.70 25.52
CA TYR B 241 21.85 15.09 26.66
C TYR B 241 23.26 14.52 26.55
N THR B 242 24.22 15.25 27.12
CA THR B 242 25.60 14.82 27.14
C THR B 242 25.83 14.01 28.41
N GLU B 243 27.09 13.70 28.73
CA GLU B 243 27.34 12.94 29.94
C GLU B 243 27.42 13.81 31.18
N ASP B 244 27.94 15.03 31.06
CA ASP B 244 27.91 15.93 32.21
C ASP B 244 26.51 16.43 32.49
N GLU B 245 25.70 16.59 31.44
CA GLU B 245 24.31 16.98 31.64
C GLU B 245 23.51 15.86 32.27
N LYS B 246 23.72 14.61 31.84
CA LYS B 246 23.06 13.49 32.49
C LYS B 246 23.58 13.27 33.90
N LEU B 247 24.83 13.63 34.16
CA LEU B 247 25.37 13.57 35.52
C LEU B 247 24.66 14.57 36.43
N ASN B 248 24.57 15.84 36.00
CA ASN B 248 23.96 16.87 36.84
C ASN B 248 22.45 16.72 36.96
N ILE B 249 21.78 16.27 35.89
CA ILE B 249 20.36 15.92 35.98
C ILE B 249 20.17 14.75 36.92
N ALA B 250 21.06 13.76 36.84
CA ALA B 250 20.93 12.57 37.67
C ALA B 250 21.22 12.84 39.14
N LYS B 251 22.03 13.86 39.46
CA LYS B 251 22.39 14.08 40.85
C LYS B 251 21.68 15.27 41.48
N GLN B 252 21.07 16.15 40.67
CA GLN B 252 20.36 17.28 41.23
C GLN B 252 18.85 17.11 41.21
N HIS B 253 18.32 16.28 40.32
CA HIS B 253 16.89 16.13 40.15
C HIS B 253 16.40 14.69 40.26
N LEU B 254 17.18 13.71 39.84
CA LEU B 254 16.69 12.34 39.82
C LEU B 254 16.92 11.59 41.11
N LEU B 255 18.07 11.77 41.76
CA LEU B 255 18.31 11.15 43.06
C LEU B 255 17.40 11.64 44.20
N PRO B 256 17.08 12.94 44.35
CA PRO B 256 16.07 13.27 45.39
C PRO B 256 14.68 12.78 45.06
N LYS B 257 14.30 12.74 43.77
CA LYS B 257 12.98 12.27 43.40
C LYS B 257 12.84 10.77 43.62
N GLN B 258 13.89 10.02 43.31
CA GLN B 258 13.82 8.57 43.50
C GLN B 258 14.14 8.13 44.91
N PHE B 259 14.84 8.96 45.69
CA PHE B 259 14.88 8.72 47.14
C PHE B 259 13.52 8.98 47.76
N GLU B 260 12.82 10.02 47.28
CA GLU B 260 11.54 10.37 47.87
C GLU B 260 10.43 9.38 47.45
N ARG B 261 10.51 8.83 46.24
CA ARG B 261 9.49 7.87 45.81
C ARG B 261 9.71 6.50 46.42
N ASN B 262 10.90 6.26 46.99
CA ASN B 262 11.22 5.00 47.63
C ASN B 262 11.39 5.14 49.14
N ALA B 263 11.21 6.35 49.67
CA ALA B 263 11.32 6.68 51.10
C ALA B 263 12.68 6.30 51.67
N ILE B 264 13.74 6.82 51.04
CA ILE B 264 15.09 6.63 51.57
C ILE B 264 15.35 7.70 52.62
N LYS B 265 15.84 7.27 53.79
CA LYS B 265 16.17 8.20 54.85
C LYS B 265 17.57 8.75 54.63
N LYS B 266 18.12 9.43 55.63
CA LYS B 266 19.33 10.23 55.43
C LYS B 266 20.58 9.35 55.31
N GLY B 267 20.91 8.62 56.37
CA GLY B 267 22.10 7.80 56.36
C GLY B 267 21.82 6.36 55.94
N GLU B 268 21.02 6.18 54.90
CA GLU B 268 20.53 4.85 54.58
C GLU B 268 21.04 4.36 53.23
N LEU B 269 21.37 5.26 52.31
CA LEU B 269 21.84 4.89 50.98
C LEU B 269 22.66 6.05 50.42
N THR B 270 23.74 5.71 49.71
CA THR B 270 24.64 6.71 49.15
C THR B 270 25.14 6.22 47.79
N ILE B 271 24.68 6.85 46.72
CA ILE B 271 25.12 6.55 45.37
C ILE B 271 26.00 7.72 44.92
N ASP B 272 27.27 7.46 44.69
CA ASP B 272 28.20 8.53 44.36
C ASP B 272 28.20 8.78 42.85
N ASP B 273 29.10 9.66 42.39
CA ASP B 273 29.09 10.06 40.99
C ASP B 273 29.73 9.02 40.08
N SER B 274 30.61 8.17 40.62
CA SER B 274 31.25 7.15 39.80
C SER B 274 30.27 6.05 39.41
N ALA B 275 29.30 5.75 40.27
CA ALA B 275 28.29 4.76 39.92
C ALA B 275 27.30 5.32 38.92
N ILE B 276 26.93 6.60 39.08
CA ILE B 276 26.06 7.27 38.11
C ILE B 276 26.72 7.34 36.75
N MET B 277 27.99 7.74 36.71
CA MET B 277 28.72 7.75 35.45
C MET B 277 28.93 6.36 34.89
N SER B 278 29.01 5.33 35.73
CA SER B 278 29.07 3.98 35.20
C SER B 278 27.73 3.52 34.63
N ILE B 279 26.62 4.02 35.17
CA ILE B 279 25.32 3.79 34.54
C ILE B 279 25.26 4.47 33.19
N ILE B 280 25.81 5.68 33.09
CA ILE B 280 25.77 6.43 31.83
C ILE B 280 26.67 5.77 30.78
N ARG B 281 27.88 5.37 31.15
CA ARG B 281 28.80 4.76 30.20
C ARG B 281 28.38 3.35 29.82
N TYR B 282 27.90 2.55 30.79
CA TYR B 282 27.94 1.10 30.65
C TYR B 282 26.59 0.41 30.63
N TYR B 283 25.51 1.08 31.05
CA TYR B 283 24.22 0.41 31.16
C TYR B 283 23.15 1.08 30.32
N THR B 284 23.19 2.39 30.16
CA THR B 284 22.18 3.09 29.37
C THR B 284 22.79 3.64 28.09
N ARG B 285 22.04 3.51 27.00
CA ARG B 285 22.45 4.02 25.70
C ARG B 285 21.33 4.81 25.02
N GLU B 286 20.78 5.79 25.72
CA GLU B 286 19.68 6.58 25.18
C GLU B 286 20.07 8.06 25.11
N ALA B 287 19.14 8.86 24.58
CA ALA B 287 19.30 10.31 24.55
C ALA B 287 18.63 10.98 25.73
N GLY B 288 17.54 10.43 26.24
CA GLY B 288 16.85 10.97 27.38
C GLY B 288 17.44 10.50 28.70
N VAL B 289 16.66 10.70 29.76
CA VAL B 289 17.08 10.31 31.10
C VAL B 289 16.04 9.48 31.80
N ARG B 290 15.23 8.73 31.05
CA ARG B 290 14.19 7.94 31.68
C ARG B 290 14.66 6.52 32.01
N SER B 291 15.54 5.94 31.19
CA SER B 291 16.17 4.68 31.58
C SER B 291 17.22 4.91 32.65
N LEU B 292 17.77 6.13 32.71
CA LEU B 292 18.68 6.50 33.78
C LEU B 292 17.98 6.48 35.14
N GLU B 293 16.77 7.03 35.22
CA GLU B 293 16.04 6.97 36.46
C GLU B 293 15.40 5.59 36.67
N ARG B 294 15.31 4.78 35.61
CA ARG B 294 15.03 3.36 35.84
C ARG B 294 16.16 2.68 36.59
N GLU B 295 17.41 2.95 36.19
CA GLU B 295 18.52 2.30 36.87
C GLU B 295 18.72 2.84 38.27
N ILE B 296 18.49 4.15 38.46
CA ILE B 296 18.54 4.74 39.78
C ILE B 296 17.44 4.17 40.68
N SER B 297 16.23 4.04 40.12
CA SER B 297 15.13 3.45 40.86
C SER B 297 15.37 1.98 41.18
N LYS B 298 16.12 1.29 40.32
CA LYS B 298 16.43 -0.11 40.61
C LYS B 298 17.50 -0.20 41.70
N LEU B 299 18.43 0.76 41.74
CA LEU B 299 19.41 0.81 42.82
C LEU B 299 18.75 1.08 44.17
N CYS B 300 17.85 2.07 44.21
CA CYS B 300 17.18 2.40 45.45
C CYS B 300 16.27 1.27 45.90
N ARG B 301 15.62 0.62 44.95
CA ARG B 301 14.66 -0.42 45.25
C ARG B 301 15.35 -1.68 45.77
N LYS B 302 16.46 -2.07 45.12
CA LYS B 302 17.27 -3.18 45.62
C LYS B 302 17.92 -2.86 46.96
N ALA B 303 18.23 -1.58 47.20
CA ALA B 303 18.71 -1.19 48.52
C ALA B 303 17.63 -1.37 49.58
N VAL B 304 16.37 -1.08 49.22
CA VAL B 304 15.25 -1.24 50.15
C VAL B 304 15.05 -2.71 50.50
N LYS B 305 15.10 -3.59 49.50
CA LYS B 305 14.87 -5.01 49.80
C LYS B 305 16.07 -5.62 50.53
N ASN B 306 17.29 -5.19 50.19
CA ASN B 306 18.47 -5.71 50.89
C ASN B 306 18.50 -5.27 52.34
N LEU B 307 18.13 -4.02 52.64
CA LEU B 307 18.08 -3.57 54.01
C LEU B 307 16.92 -4.19 54.78
N LEU B 308 15.80 -4.44 54.11
CA LEU B 308 14.66 -5.03 54.80
C LEU B 308 14.86 -6.51 55.07
N MET B 309 15.63 -7.20 54.23
CA MET B 309 15.81 -8.64 54.42
C MET B 309 17.15 -9.01 55.04
N ASP B 310 18.04 -8.03 55.27
CA ASP B 310 19.31 -8.34 55.94
C ASP B 310 19.27 -8.00 57.42
N LYS B 311 18.78 -6.81 57.78
CA LYS B 311 18.55 -6.28 59.13
C LYS B 311 19.81 -6.07 59.95
N THR B 312 21.00 -6.37 59.42
CA THR B 312 22.25 -6.10 60.12
C THR B 312 22.95 -4.86 59.61
N VAL B 313 22.98 -4.65 58.29
CA VAL B 313 23.53 -3.43 57.75
C VAL B 313 22.44 -2.36 57.71
N LYS B 314 22.85 -1.09 57.80
CA LYS B 314 21.94 0.03 57.69
C LYS B 314 22.47 1.13 56.79
N HIS B 315 23.42 0.82 55.91
CA HIS B 315 23.96 1.79 54.97
C HIS B 315 24.54 1.02 53.79
N ILE B 316 24.14 1.39 52.59
CA ILE B 316 24.64 0.78 51.37
C ILE B 316 25.32 1.86 50.54
N GLU B 317 26.59 1.67 50.24
CA GLU B 317 27.33 2.57 49.36
C GLU B 317 27.60 1.84 48.05
N ILE B 318 27.10 2.40 46.96
CA ILE B 318 27.27 1.84 45.63
C ILE B 318 28.26 2.75 44.92
N ASN B 319 29.52 2.30 44.84
CA ASN B 319 30.62 3.17 44.44
C ASN B 319 31.13 2.90 43.02
N GLY B 320 30.31 2.29 42.16
CA GLY B 320 30.71 1.98 40.81
C GLY B 320 31.47 0.68 40.67
N ASP B 321 32.04 0.18 41.76
CA ASP B 321 32.74 -1.11 41.72
C ASP B 321 31.80 -2.25 42.04
N ASN B 322 30.89 -2.04 42.98
CA ASN B 322 29.85 -3.03 43.31
C ASN B 322 28.55 -2.74 42.57
N LEU B 323 28.58 -1.85 41.58
CA LEU B 323 27.41 -1.58 40.76
C LEU B 323 27.02 -2.80 39.95
N LYS B 324 28.03 -3.59 39.53
CA LYS B 324 27.86 -4.91 38.93
C LYS B 324 27.04 -5.85 39.81
N ASP B 325 27.16 -5.76 41.14
CA ASP B 325 26.41 -6.62 42.03
C ASP B 325 24.94 -6.25 42.11
N PHE B 326 24.58 -5.04 41.68
CA PHE B 326 23.19 -4.57 41.71
C PHE B 326 22.53 -4.60 40.33
N LEU B 327 23.12 -3.95 39.33
CA LEU B 327 22.45 -3.82 38.05
C LEU B 327 22.64 -5.06 37.19
N GLY B 328 23.64 -5.88 37.51
CA GLY B 328 23.94 -7.05 36.72
C GLY B 328 25.20 -6.82 35.93
N VAL B 329 25.31 -7.51 34.80
CA VAL B 329 26.51 -7.44 33.99
C VAL B 329 26.43 -6.19 33.11
N GLN B 330 27.59 -5.64 32.76
CA GLN B 330 27.73 -4.51 31.85
C GLN B 330 27.08 -4.77 30.49
N LYS B 331 26.12 -3.92 30.11
CA LYS B 331 25.36 -4.16 28.90
C LYS B 331 26.08 -3.69 27.65
N VAL B 332 26.42 -2.40 27.61
CA VAL B 332 27.01 -1.80 26.42
C VAL B 332 28.42 -1.30 26.75
N ASP B 333 29.10 -0.80 25.73
CA ASP B 333 30.43 -0.26 25.90
C ASP B 333 30.65 0.81 24.84
N TYR B 334 31.59 1.71 25.10
CA TYR B 334 31.94 2.76 24.17
C TYR B 334 33.33 2.49 23.56
N GLY B 335 33.64 3.23 22.50
CA GLY B 335 34.90 3.06 21.82
C GLY B 335 36.01 3.91 22.42
N ARG B 336 37.22 3.38 22.37
CA ARG B 336 38.38 4.04 22.96
C ARG B 336 39.47 4.18 21.90
N ALA B 337 40.44 5.04 22.20
CA ALA B 337 41.59 5.19 21.35
C ALA B 337 42.49 3.97 21.45
N ASP B 338 43.23 3.71 20.38
CA ASP B 338 44.24 2.67 20.42
C ASP B 338 45.50 3.23 21.09
N THR B 339 46.31 2.31 21.62
CA THR B 339 47.50 2.70 22.38
C THR B 339 48.78 2.69 21.57
N GLU B 340 48.75 2.18 20.34
CA GLU B 340 49.93 2.09 19.51
C GLU B 340 49.60 2.62 18.12
N ASN B 341 50.57 3.33 17.53
CA ASN B 341 50.39 3.88 16.19
C ASN B 341 50.45 2.75 15.18
N ARG B 342 49.42 2.63 14.35
CA ARG B 342 49.31 1.53 13.40
C ARG B 342 49.15 2.05 11.98
N VAL B 343 49.38 1.16 11.02
CA VAL B 343 49.56 1.60 9.63
C VAL B 343 48.21 1.86 8.97
N GLY B 344 47.42 0.82 8.75
CA GLY B 344 46.23 1.00 7.94
C GLY B 344 44.98 1.27 8.72
N GLN B 345 45.09 2.06 9.79
CA GLN B 345 43.98 2.24 10.72
C GLN B 345 43.92 3.66 11.22
N VAL B 346 42.81 4.34 10.98
CA VAL B 346 42.56 5.67 11.49
C VAL B 346 41.37 5.61 12.44
N THR B 347 41.14 6.71 13.14
CA THR B 347 40.06 6.83 14.11
C THR B 347 39.04 7.83 13.54
N GLY B 348 37.89 7.32 13.15
CA GLY B 348 36.85 8.18 12.65
C GLY B 348 35.87 8.56 13.74
N LEU B 349 35.21 9.69 13.52
CA LEU B 349 34.18 10.19 14.42
C LEU B 349 32.82 9.99 13.79
N ALA B 350 31.93 9.32 14.51
CA ALA B 350 30.56 9.11 14.06
C ALA B 350 29.60 9.71 15.05
N TRP B 351 28.39 9.99 14.56
CA TRP B 351 27.33 10.60 15.36
C TRP B 351 26.03 9.88 15.11
N THR B 352 25.32 9.55 16.18
CA THR B 352 23.96 9.06 16.14
C THR B 352 23.10 9.85 17.12
N GLU B 353 21.86 9.41 17.30
CA GLU B 353 20.91 10.23 18.06
C GLU B 353 21.05 10.04 19.55
N VAL B 354 21.73 8.96 19.99
CA VAL B 354 21.97 8.77 21.41
C VAL B 354 23.28 9.42 21.83
N GLY B 355 24.08 9.81 20.85
CA GLY B 355 25.33 10.48 21.17
C GLY B 355 26.33 10.28 20.05
N GLY B 356 27.60 10.51 20.37
CA GLY B 356 28.66 10.24 19.42
C GLY B 356 29.41 8.97 19.76
N ASP B 357 30.23 8.54 18.80
CA ASP B 357 31.03 7.33 19.00
C ASP B 357 32.24 7.41 18.09
N LEU B 358 33.24 6.60 18.40
CA LEU B 358 34.45 6.52 17.59
C LEU B 358 34.25 5.46 16.52
N LEU B 359 34.75 5.74 15.31
CA LEU B 359 34.85 4.71 14.29
C LEU B 359 36.29 4.28 14.11
N THR B 360 36.49 2.98 13.98
CA THR B 360 37.72 2.43 13.47
C THR B 360 37.55 2.28 11.96
N ILE B 361 38.56 2.67 11.20
CA ILE B 361 38.52 2.53 9.75
C ILE B 361 39.78 1.80 9.34
N GLU B 362 39.62 0.55 8.93
CA GLU B 362 40.75 -0.33 8.65
C GLU B 362 40.90 -0.52 7.15
N THR B 363 42.13 -0.48 6.68
CA THR B 363 42.43 -0.80 5.29
C THR B 363 43.49 -1.88 5.23
N ALA B 364 43.31 -2.80 4.30
CA ALA B 364 44.33 -3.80 4.00
C ALA B 364 44.63 -3.73 2.52
N CYS B 365 45.90 -3.53 2.18
CA CYS B 365 46.32 -3.36 0.80
C CYS B 365 47.30 -4.48 0.47
N VAL B 366 46.79 -5.52 -0.19
CA VAL B 366 47.53 -6.76 -0.45
C VAL B 366 48.03 -6.68 -1.88
N PRO B 367 49.18 -7.24 -2.23
CA PRO B 367 49.53 -7.37 -3.66
C PRO B 367 48.53 -8.23 -4.41
N GLY B 368 47.83 -7.60 -5.34
CA GLY B 368 46.79 -8.27 -6.09
C GLY B 368 46.65 -7.70 -7.49
N LYS B 369 45.41 -7.69 -7.98
CA LYS B 369 45.14 -7.25 -9.34
C LYS B 369 44.18 -6.07 -9.42
N GLY B 370 44.08 -5.24 -8.39
CA GLY B 370 43.28 -4.04 -8.48
C GLY B 370 41.84 -4.16 -8.04
N LYS B 371 41.45 -5.28 -7.44
CA LYS B 371 40.11 -5.43 -6.91
C LYS B 371 39.92 -4.53 -5.69
N LEU B 372 38.78 -3.84 -5.67
CA LEU B 372 38.42 -2.96 -4.57
C LEU B 372 37.22 -3.54 -3.85
N THR B 373 37.37 -3.78 -2.54
CA THR B 373 36.29 -4.36 -1.75
C THR B 373 36.10 -3.54 -0.47
N TYR B 374 34.84 -3.29 -0.13
CA TYR B 374 34.50 -2.43 1.00
C TYR B 374 33.44 -3.16 1.82
N THR B 375 33.79 -3.57 3.03
CA THR B 375 32.85 -4.27 3.90
C THR B 375 32.61 -3.45 5.16
N GLY B 376 31.63 -3.88 5.93
CA GLY B 376 31.25 -3.21 7.14
C GLY B 376 29.84 -2.65 7.15
N SER B 377 28.94 -3.16 6.30
CA SER B 377 27.56 -2.70 6.15
C SER B 377 27.49 -1.22 5.84
N LEU B 378 28.27 -0.80 4.86
CA LEU B 378 28.40 0.60 4.52
C LEU B 378 27.26 1.04 3.59
N GLY B 379 26.84 2.29 3.76
CA GLY B 379 25.89 2.90 2.85
C GLY B 379 26.55 3.29 1.54
N GLU B 380 25.75 3.86 0.65
CA GLU B 380 26.26 4.15 -0.68
C GLU B 380 27.06 5.45 -0.71
N VAL B 381 26.70 6.41 0.15
CA VAL B 381 27.44 7.66 0.24
C VAL B 381 28.84 7.43 0.84
N MET B 382 28.97 6.49 1.78
CA MET B 382 30.30 6.15 2.29
C MET B 382 31.15 5.44 1.24
N GLN B 383 30.52 4.61 0.40
CA GLN B 383 31.27 3.96 -0.68
C GLN B 383 31.73 4.96 -1.71
N GLU B 384 30.87 5.94 -2.04
CA GLU B 384 31.28 7.06 -2.89
C GLU B 384 32.37 7.90 -2.23
N SER B 385 32.39 7.94 -0.90
CA SER B 385 33.45 8.65 -0.19
C SER B 385 34.78 7.91 -0.28
N ILE B 386 34.73 6.57 -0.29
CA ILE B 386 35.96 5.79 -0.49
C ILE B 386 36.46 5.96 -1.90
N GLN B 387 35.54 6.01 -2.87
CA GLN B 387 35.96 6.18 -4.27
C GLN B 387 36.53 7.58 -4.50
N ALA B 388 35.98 8.58 -3.81
CA ALA B 388 36.55 9.93 -3.87
C ALA B 388 37.92 9.97 -3.21
N ALA B 389 38.10 9.21 -2.13
CA ALA B 389 39.40 9.13 -1.46
C ALA B 389 40.44 8.47 -2.36
N LEU B 390 40.06 7.40 -3.04
CA LEU B 390 40.96 6.76 -3.99
C LEU B 390 41.29 7.66 -5.17
N THR B 391 40.35 8.51 -5.59
CA THR B 391 40.66 9.44 -6.67
C THR B 391 41.62 10.53 -6.20
N VAL B 392 41.51 10.95 -4.94
CA VAL B 392 42.46 11.92 -4.39
C VAL B 392 43.84 11.31 -4.27
N VAL B 393 43.92 10.04 -3.88
CA VAL B 393 45.22 9.37 -3.76
C VAL B 393 45.84 9.13 -5.14
N ARG B 394 45.04 8.70 -6.11
CA ARG B 394 45.57 8.45 -7.45
C ARG B 394 45.92 9.74 -8.18
N ALA B 395 45.27 10.86 -7.83
CA ALA B 395 45.65 12.13 -8.41
C ALA B 395 46.95 12.65 -7.82
N ARG B 396 47.22 12.34 -6.55
CA ARG B 396 48.41 12.79 -5.85
C ARG B 396 49.41 11.66 -5.60
N ALA B 397 49.49 10.70 -6.52
CA ALA B 397 50.32 9.52 -6.29
C ALA B 397 51.81 9.80 -6.37
N ASP B 398 52.23 10.83 -7.10
CA ASP B 398 53.66 11.11 -7.23
C ASP B 398 54.24 11.80 -6.01
N LYS B 399 53.58 12.84 -5.50
CA LYS B 399 54.14 13.60 -4.39
C LYS B 399 53.81 12.99 -3.02
N LEU B 400 53.29 11.77 -2.98
CA LEU B 400 53.12 11.05 -1.72
C LEU B 400 54.04 9.84 -1.61
N GLY B 401 54.85 9.56 -2.62
CA GLY B 401 55.76 8.42 -2.56
C GLY B 401 55.10 7.10 -2.88
N ILE B 402 53.95 7.13 -3.52
CA ILE B 402 53.21 5.92 -3.87
C ILE B 402 53.57 5.55 -5.30
N ASN B 403 53.77 4.25 -5.53
CA ASN B 403 54.03 3.73 -6.86
C ASN B 403 52.77 3.90 -7.70
N PRO B 404 52.80 4.70 -8.78
CA PRO B 404 51.54 5.13 -9.43
C PRO B 404 50.78 4.06 -10.18
N ASP B 405 51.24 2.81 -10.20
CA ASP B 405 50.49 1.73 -10.85
C ASP B 405 49.86 0.78 -9.85
N PHE B 406 49.47 1.27 -8.67
CA PHE B 406 48.91 0.40 -7.65
C PHE B 406 47.45 0.05 -7.93
N TYR B 407 46.80 0.75 -8.86
CA TYR B 407 45.44 0.42 -9.25
C TYR B 407 45.36 -0.88 -10.04
N GLU B 408 46.49 -1.38 -10.54
CA GLU B 408 46.52 -2.68 -11.21
C GLU B 408 47.24 -3.73 -10.39
N LYS B 409 48.02 -3.30 -9.40
CA LYS B 409 48.94 -4.19 -8.71
C LYS B 409 48.58 -4.42 -7.25
N ARG B 410 47.56 -3.76 -6.72
CA ARG B 410 47.24 -3.85 -5.30
C ARG B 410 45.73 -4.00 -5.15
N ASP B 411 45.31 -4.97 -4.34
CA ASP B 411 43.92 -5.08 -3.94
C ASP B 411 43.69 -4.37 -2.60
N ILE B 412 42.61 -3.61 -2.53
CA ILE B 412 42.34 -2.72 -1.41
C ILE B 412 41.04 -3.12 -0.75
N HIS B 413 41.09 -3.43 0.54
CA HIS B 413 39.92 -3.74 1.34
C HIS B 413 39.74 -2.67 2.40
N VAL B 414 38.59 -2.02 2.40
CA VAL B 414 38.25 -1.01 3.41
C VAL B 414 37.12 -1.58 4.25
N HIS B 415 37.39 -1.76 5.54
CA HIS B 415 36.46 -2.40 6.47
C HIS B 415 36.29 -1.54 7.70
N VAL B 416 35.05 -1.40 8.13
CA VAL B 416 34.70 -0.75 9.40
C VAL B 416 34.16 -1.83 10.33
N PRO B 417 34.74 -2.00 11.53
CA PRO B 417 34.68 -3.31 12.21
C PRO B 417 33.31 -3.79 12.63
N GLU B 418 32.46 -2.94 13.20
CA GLU B 418 31.13 -3.40 13.55
C GLU B 418 30.27 -3.56 12.31
N GLY B 419 30.36 -4.72 11.67
CA GLY B 419 29.63 -5.03 10.45
C GLY B 419 28.16 -5.28 10.62
N ALA B 420 27.69 -5.41 11.86
CA ALA B 420 26.28 -5.58 12.12
C ALA B 420 25.51 -4.27 12.12
N THR B 421 26.19 -3.16 12.35
CA THR B 421 25.52 -1.87 12.44
C THR B 421 25.63 -1.15 11.09
N PRO B 422 24.51 -0.73 10.50
CA PRO B 422 24.60 0.01 9.23
C PRO B 422 25.14 1.41 9.44
N LYS B 423 25.91 1.86 8.45
CA LYS B 423 26.61 3.14 8.50
C LYS B 423 26.47 3.83 7.15
N ASP B 424 26.22 5.14 7.17
CA ASP B 424 26.03 5.91 5.94
C ASP B 424 26.36 7.36 6.27
N GLY B 425 26.95 8.08 5.32
CA GLY B 425 27.27 9.48 5.50
C GLY B 425 28.48 9.96 4.71
N PRO B 426 28.50 11.24 4.38
CA PRO B 426 29.65 11.78 3.64
C PRO B 426 30.89 11.96 4.50
N SER B 427 30.73 12.03 5.82
CA SER B 427 31.84 12.28 6.72
C SER B 427 32.76 11.07 6.78
N ALA B 428 33.89 11.26 7.47
CA ALA B 428 35.04 10.37 7.46
C ALA B 428 35.51 10.04 6.05
N GLY B 429 35.62 11.06 5.20
CA GLY B 429 36.24 10.87 3.91
C GLY B 429 37.71 11.20 3.93
N ILE B 430 38.10 12.19 4.73
CA ILE B 430 39.52 12.44 4.96
C ILE B 430 40.12 11.38 5.86
N ALA B 431 39.28 10.70 6.66
CA ALA B 431 39.76 9.58 7.43
C ALA B 431 40.08 8.40 6.52
N MET B 432 39.23 8.14 5.54
CA MET B 432 39.48 7.03 4.63
C MET B 432 40.58 7.37 3.65
N CYS B 433 40.72 8.64 3.28
CA CYS B 433 41.86 9.06 2.47
C CYS B 433 43.15 8.96 3.26
N THR B 434 43.10 9.22 4.57
CA THR B 434 44.30 9.08 5.40
C THR B 434 44.67 7.62 5.56
N ALA B 435 43.68 6.75 5.73
CA ALA B 435 43.94 5.32 5.82
C ALA B 435 44.32 4.69 4.48
N LEU B 436 44.07 5.38 3.37
CA LEU B 436 44.56 4.92 2.08
C LEU B 436 45.92 5.49 1.70
N VAL B 437 46.26 6.69 2.15
CA VAL B 437 47.64 7.17 1.99
C VAL B 437 48.59 6.32 2.83
N SER B 438 48.19 5.99 4.05
CA SER B 438 48.86 4.92 4.77
C SER B 438 48.46 3.58 4.17
N CYS B 439 49.29 2.57 4.44
CA CYS B 439 49.29 1.19 3.90
C CYS B 439 49.51 1.12 2.39
N LEU B 440 49.73 2.26 1.74
CA LEU B 440 50.39 2.33 0.44
C LEU B 440 51.80 2.86 0.55
N THR B 441 52.15 3.50 1.66
CA THR B 441 53.47 4.03 1.93
C THR B 441 54.16 3.34 3.09
N GLY B 442 53.42 2.60 3.92
CA GLY B 442 53.96 2.05 5.15
C GLY B 442 54.03 3.04 6.29
N ASN B 443 53.54 4.26 6.08
CA ASN B 443 53.51 5.28 7.10
C ASN B 443 52.45 4.92 8.14
N PRO B 444 52.80 4.82 9.42
CA PRO B 444 51.77 4.52 10.43
C PRO B 444 50.94 5.74 10.78
N VAL B 445 49.65 5.53 10.98
CA VAL B 445 48.77 6.60 11.45
C VAL B 445 48.87 6.69 12.97
N ARG B 446 49.11 7.90 13.47
CA ARG B 446 49.27 8.08 14.91
C ARG B 446 47.94 7.91 15.64
N ALA B 447 47.99 7.14 16.73
CA ALA B 447 46.78 6.58 17.34
C ALA B 447 46.00 7.59 18.19
N ASP B 448 46.58 8.74 18.50
CA ASP B 448 45.90 9.73 19.31
C ASP B 448 45.23 10.83 18.49
N VAL B 449 44.92 10.56 17.22
CA VAL B 449 44.32 11.54 16.33
C VAL B 449 43.04 10.95 15.76
N ALA B 450 41.92 11.60 16.04
CA ALA B 450 40.66 11.35 15.35
C ALA B 450 40.39 12.49 14.38
N MET B 451 39.52 12.23 13.41
CA MET B 451 39.26 13.22 12.38
C MET B 451 37.89 12.99 11.78
N THR B 452 37.37 14.04 11.17
CA THR B 452 36.09 14.02 10.47
C THR B 452 36.11 15.09 9.39
N GLY B 453 35.38 14.85 8.32
CA GLY B 453 35.34 15.77 7.21
C GLY B 453 34.86 15.08 5.94
N GLU B 454 34.40 15.89 5.00
CA GLU B 454 34.00 15.41 3.69
C GLU B 454 35.02 15.88 2.66
N ILE B 455 35.45 14.96 1.81
CA ILE B 455 36.54 15.23 0.89
C ILE B 455 35.97 15.53 -0.50
N THR B 456 36.68 16.37 -1.24
CA THR B 456 36.41 16.63 -2.65
C THR B 456 37.59 16.10 -3.46
N LEU B 457 37.44 16.06 -4.78
CA LEU B 457 38.53 15.54 -5.60
C LEU B 457 39.67 16.53 -5.74
N ARG B 458 39.46 17.79 -5.37
CA ARG B 458 40.54 18.75 -5.36
C ARG B 458 41.39 18.63 -4.11
N GLY B 459 40.90 17.90 -3.11
CA GLY B 459 41.59 17.74 -1.85
C GLY B 459 41.02 18.55 -0.71
N LEU B 460 39.90 19.25 -0.93
CA LEU B 460 39.34 20.10 0.10
C LEU B 460 38.60 19.29 1.15
N VAL B 461 38.40 19.92 2.30
CA VAL B 461 37.65 19.35 3.41
C VAL B 461 36.39 20.19 3.59
N LEU B 462 35.24 19.55 3.49
CA LEU B 462 33.96 20.19 3.58
C LEU B 462 33.38 20.04 4.98
N PRO B 463 32.45 20.91 5.39
CA PRO B 463 31.89 20.81 6.75
C PRO B 463 31.09 19.54 6.98
N ILE B 464 30.89 19.24 8.27
CA ILE B 464 30.16 18.08 8.72
C ILE B 464 29.09 18.55 9.71
N GLY B 465 28.37 17.59 10.28
CA GLY B 465 27.28 17.88 11.18
C GLY B 465 27.54 17.31 12.57
N GLY B 466 27.25 18.11 13.58
CA GLY B 466 27.31 17.66 14.95
C GLY B 466 28.71 17.49 15.51
N LEU B 467 29.45 18.60 15.65
CA LEU B 467 30.76 18.50 16.29
C LEU B 467 30.70 18.22 17.77
N LYS B 468 29.61 18.59 18.45
CA LYS B 468 29.61 18.54 19.90
C LYS B 468 29.66 17.11 20.43
N GLU B 469 28.81 16.24 19.89
CA GLU B 469 28.82 14.84 20.34
C GLU B 469 30.05 14.10 19.85
N LYS B 470 30.64 14.55 18.74
CA LYS B 470 31.84 13.92 18.22
C LYS B 470 33.07 14.32 19.04
N LEU B 471 33.14 15.57 19.47
CA LEU B 471 34.23 16.01 20.34
C LEU B 471 34.06 15.46 21.75
N LEU B 472 32.83 15.19 22.17
CA LEU B 472 32.63 14.49 23.44
C LEU B 472 32.96 13.02 23.31
N ALA B 473 32.76 12.43 22.13
CA ALA B 473 33.16 11.05 21.92
C ALA B 473 34.67 10.93 21.83
N ALA B 474 35.33 11.94 21.28
CA ALA B 474 36.79 11.94 21.23
C ALA B 474 37.38 12.25 22.61
N HIS B 475 36.70 13.10 23.38
CA HIS B 475 37.17 13.41 24.72
C HIS B 475 36.94 12.24 25.67
N ARG B 476 35.89 11.46 25.43
CA ARG B 476 35.63 10.30 26.27
C ARG B 476 36.65 9.20 26.03
N GLY B 477 37.16 9.09 24.81
CA GLY B 477 38.24 8.18 24.51
C GLY B 477 39.58 8.78 24.90
N GLY B 478 40.64 8.15 24.41
CA GLY B 478 41.97 8.66 24.67
C GLY B 478 42.50 9.53 23.56
N ILE B 479 41.59 10.09 22.76
CA ILE B 479 41.97 10.98 21.68
C ILE B 479 42.46 12.29 22.28
N LYS B 480 43.56 12.82 21.74
CA LYS B 480 44.11 14.10 22.18
C LYS B 480 44.09 15.17 21.10
N VAL B 481 44.12 14.78 19.84
CA VAL B 481 44.13 15.70 18.71
C VAL B 481 42.94 15.35 17.83
N VAL B 482 42.11 16.35 17.51
CA VAL B 482 40.94 16.14 16.65
C VAL B 482 41.08 17.06 15.46
N LEU B 483 41.02 16.49 14.25
CA LEU B 483 41.07 17.26 13.02
C LEU B 483 39.64 17.51 12.56
N ILE B 484 39.22 18.77 12.60
CA ILE B 484 37.85 19.12 12.22
C ILE B 484 37.93 19.85 10.89
N PRO B 485 36.85 19.96 10.12
CA PRO B 485 36.86 20.85 8.95
C PRO B 485 36.99 22.31 9.36
N ASP B 486 37.37 23.13 8.39
CA ASP B 486 37.66 24.54 8.68
C ASP B 486 36.40 25.31 9.02
N ASP B 487 35.39 25.18 8.17
CA ASP B 487 34.14 25.94 8.35
C ASP B 487 33.28 25.43 9.51
N ASN B 488 33.72 24.42 10.25
CA ASN B 488 33.09 24.05 11.52
C ASN B 488 33.68 24.78 12.71
N LYS B 489 34.60 25.73 12.49
CA LYS B 489 35.07 26.58 13.59
C LYS B 489 33.93 27.37 14.23
N ARG B 490 32.89 27.67 13.45
CA ARG B 490 31.72 28.37 13.98
C ARG B 490 30.92 27.52 14.96
N ASP B 491 31.21 26.22 15.05
CA ASP B 491 30.58 25.41 16.08
C ASP B 491 31.35 25.41 17.39
N LEU B 492 32.63 25.78 17.36
CA LEU B 492 33.49 25.66 18.55
C LEU B 492 33.17 26.66 19.65
N GLU B 493 32.22 27.59 19.44
CA GLU B 493 31.76 28.46 20.50
C GLU B 493 30.69 27.81 21.37
N GLU B 494 30.17 26.64 20.96
CA GLU B 494 29.18 25.95 21.78
C GLU B 494 29.71 24.62 22.28
N ILE B 495 30.99 24.60 22.65
CA ILE B 495 31.65 23.42 23.21
C ILE B 495 32.05 23.79 24.63
N PRO B 496 31.91 22.88 25.61
CA PRO B 496 32.34 23.20 26.98
C PRO B 496 33.85 23.38 27.09
N ASP B 497 34.26 24.01 28.19
CA ASP B 497 35.66 24.38 28.37
C ASP B 497 36.56 23.18 28.64
N ASN B 498 36.00 22.08 29.15
CA ASN B 498 36.79 20.87 29.36
C ASN B 498 37.26 20.28 28.04
N VAL B 499 36.37 20.22 27.05
CA VAL B 499 36.68 19.62 25.78
C VAL B 499 37.65 20.50 24.98
N ILE B 500 37.46 21.82 25.04
CA ILE B 500 38.37 22.75 24.37
C ILE B 500 39.73 22.73 25.04
N ALA B 501 39.78 22.67 26.38
CA ALA B 501 41.05 22.71 27.07
C ALA B 501 41.82 21.40 26.95
N ASP B 502 41.10 20.28 26.81
CA ASP B 502 41.78 18.99 26.77
C ASP B 502 42.19 18.61 25.34
N LEU B 503 41.29 18.76 24.38
CA LEU B 503 41.58 18.36 23.01
C LEU B 503 42.39 19.41 22.27
N GLU B 504 43.31 18.95 21.43
CA GLU B 504 44.06 19.82 20.53
C GLU B 504 43.32 19.82 19.19
N ILE B 505 42.46 20.80 19.00
CA ILE B 505 41.52 20.82 17.89
C ILE B 505 42.15 21.60 16.74
N HIS B 506 42.44 20.91 15.64
CA HIS B 506 43.00 21.55 14.46
C HIS B 506 41.94 21.67 13.37
N PRO B 507 41.58 22.87 12.94
CA PRO B 507 40.75 22.99 11.73
C PRO B 507 41.60 22.93 10.47
N VAL B 508 41.17 22.19 9.45
CA VAL B 508 41.96 21.97 8.26
C VAL B 508 41.19 22.39 7.02
N LYS B 509 41.93 22.85 6.01
CA LYS B 509 41.38 23.24 4.72
C LYS B 509 41.52 22.16 3.68
N ARG B 510 42.73 21.63 3.49
CA ARG B 510 43.01 20.68 2.43
C ARG B 510 43.62 19.41 3.05
N ILE B 511 43.83 18.40 2.20
CA ILE B 511 44.19 17.07 2.70
C ILE B 511 45.67 17.02 3.08
N ASP B 512 46.47 17.97 2.61
CA ASP B 512 47.88 17.98 2.95
C ASP B 512 48.11 18.34 4.41
N ASP B 513 47.21 19.11 5.01
CA ASP B 513 47.28 19.39 6.43
C ASP B 513 46.92 18.16 7.24
N VAL B 514 45.91 17.41 6.77
CA VAL B 514 45.49 16.18 7.43
C VAL B 514 46.60 15.14 7.41
N LEU B 515 47.23 14.95 6.24
CA LEU B 515 48.34 14.01 6.15
C LEU B 515 49.59 14.53 6.84
N ALA B 516 49.73 15.84 6.99
CA ALA B 516 50.88 16.39 7.70
C ALA B 516 50.76 16.13 9.19
N ILE B 517 49.56 16.27 9.75
CA ILE B 517 49.40 16.12 11.19
C ILE B 517 49.28 14.65 11.58
N ALA B 518 48.43 13.89 10.88
CA ALA B 518 48.00 12.58 11.36
C ALA B 518 48.88 11.43 10.87
N LEU B 519 50.14 11.68 10.56
CA LEU B 519 51.07 10.62 10.16
C LEU B 519 52.37 10.78 10.93
N GLU B 520 52.92 9.64 11.36
CA GLU B 520 54.13 9.61 12.16
C GLU B 520 55.32 10.20 11.43
N HIS B 521 55.43 9.89 10.15
CA HIS B 521 56.51 10.39 9.33
C HIS B 521 55.86 11.28 8.31
N PRO B 522 56.47 12.44 8.02
CA PRO B 522 55.81 13.33 7.07
C PRO B 522 55.64 12.68 5.71
N ALA B 523 54.43 12.80 5.17
CA ALA B 523 54.08 12.22 3.88
C ALA B 523 54.87 12.83 2.73
N PHE B 524 55.04 14.14 2.78
CA PHE B 524 55.76 14.86 1.74
C PHE B 524 57.21 15.11 2.11
N ALA C 1 -32.37 10.86 45.14
CA ALA C 1 -32.11 9.47 44.81
C ALA C 1 -30.72 9.29 44.20
N LEU C 2 -30.37 10.19 43.27
CA LEU C 2 -29.07 10.11 42.62
C LEU C 2 -27.99 10.87 43.39
N LYS C 3 -28.35 11.93 44.09
CA LYS C 3 -27.35 12.73 44.80
C LYS C 3 -26.85 12.01 46.05
N ARG C 4 -27.62 11.03 46.56
CA ARG C 4 -27.09 10.20 47.64
C ARG C 4 -26.13 9.15 47.10
N LYS C 5 -26.27 8.81 45.82
CA LYS C 5 -25.27 7.97 45.17
C LYS C 5 -24.01 8.75 44.85
N ILE C 6 -24.17 10.04 44.51
CA ILE C 6 -23.00 10.88 44.24
C ILE C 6 -22.25 11.17 45.53
N GLU C 7 -22.96 11.49 46.60
CA GLU C 7 -22.32 11.71 47.89
C GLU C 7 -21.85 10.41 48.52
N ALA C 8 -22.49 9.29 48.22
CA ALA C 8 -22.07 8.00 48.77
C ALA C 8 -20.74 7.56 48.16
N ALA C 9 -20.72 7.34 46.85
CA ALA C 9 -19.48 7.07 46.13
C ALA C 9 -18.72 8.38 46.02
N LYS C 10 -17.93 8.71 47.04
CA LYS C 10 -17.35 10.04 47.19
C LYS C 10 -16.22 10.22 46.17
N MET C 11 -16.27 11.37 45.51
CA MET C 11 -15.40 11.65 44.39
C MET C 11 -14.34 12.67 44.82
N PRO C 12 -13.34 12.94 43.95
CA PRO C 12 -12.56 14.18 44.12
C PRO C 12 -13.34 15.42 43.70
N LYS C 13 -12.65 16.56 43.65
CA LYS C 13 -13.34 17.85 43.52
C LYS C 13 -13.98 18.01 42.15
N ASP C 14 -13.21 17.83 41.08
CA ASP C 14 -13.68 18.13 39.74
C ASP C 14 -14.74 17.13 39.27
N ALA C 15 -14.61 15.88 39.69
CA ALA C 15 -15.59 14.87 39.35
C ALA C 15 -16.92 15.10 40.07
N ARG C 16 -16.85 15.56 41.32
CA ARG C 16 -18.06 15.85 42.08
C ARG C 16 -18.76 17.10 41.56
N GLU C 17 -17.98 18.12 41.21
CA GLU C 17 -18.58 19.34 40.66
C GLU C 17 -19.17 19.10 39.28
N LYS C 18 -18.50 18.29 38.45
CA LYS C 18 -19.03 17.95 37.14
C LYS C 18 -20.28 17.08 37.25
N THR C 19 -20.29 16.13 38.19
CA THR C 19 -21.42 15.23 38.30
C THR C 19 -22.63 15.91 38.93
N GLU C 20 -22.40 16.75 39.93
CA GLU C 20 -23.51 17.50 40.54
C GLU C 20 -24.02 18.58 39.61
N ALA C 21 -23.14 19.19 38.80
CA ALA C 21 -23.59 20.12 37.78
C ALA C 21 -24.39 19.39 36.70
N GLU C 22 -24.01 18.15 36.42
CA GLU C 22 -24.74 17.30 35.48
C GLU C 22 -26.11 16.91 36.00
N LEU C 23 -26.24 16.62 37.30
CA LEU C 23 -27.55 16.30 37.87
C LEU C 23 -28.43 17.53 37.95
N GLN C 24 -27.84 18.67 38.32
CA GLN C 24 -28.58 19.93 38.33
C GLN C 24 -29.02 20.32 36.93
N LYS C 25 -28.24 19.94 35.91
CA LYS C 25 -28.71 20.06 34.54
C LYS C 25 -29.82 19.07 34.23
N LEU C 26 -29.80 17.89 34.85
CA LEU C 26 -30.84 16.90 34.59
C LEU C 26 -32.17 17.29 35.24
N LYS C 27 -32.14 18.10 36.29
CA LYS C 27 -33.36 18.42 37.04
C LYS C 27 -34.36 19.27 36.25
N MET C 28 -33.91 19.97 35.21
CA MET C 28 -34.82 20.75 34.36
C MET C 28 -35.07 20.06 33.02
N MET C 29 -35.18 18.74 33.01
CA MET C 29 -35.47 17.99 31.80
C MET C 29 -36.70 17.12 32.02
N SER C 30 -37.38 16.81 30.92
CA SER C 30 -38.37 15.77 30.94
C SER C 30 -37.68 14.42 31.13
N PRO C 31 -38.29 13.50 31.89
CA PRO C 31 -37.59 12.23 32.18
C PRO C 31 -37.42 11.33 30.96
N MET C 32 -38.42 11.25 30.09
CA MET C 32 -38.33 10.40 28.90
C MET C 32 -38.02 11.29 27.70
N SER C 33 -36.74 11.64 27.58
CA SER C 33 -36.24 12.43 26.46
C SER C 33 -34.79 12.04 26.21
N ALA C 34 -34.31 12.36 25.01
CA ALA C 34 -33.01 11.87 24.57
C ALA C 34 -31.85 12.51 25.34
N GLU C 35 -31.92 13.82 25.57
CA GLU C 35 -30.88 14.50 26.33
C GLU C 35 -30.88 14.05 27.80
N ALA C 36 -32.05 13.68 28.32
CA ALA C 36 -32.11 13.07 29.64
C ALA C 36 -31.42 11.71 29.67
N THR C 37 -31.49 10.96 28.57
CA THR C 37 -30.81 9.67 28.53
C THR C 37 -29.32 9.84 28.40
N VAL C 38 -28.87 10.87 27.68
CA VAL C 38 -27.43 11.13 27.58
C VAL C 38 -26.88 11.59 28.93
N VAL C 39 -27.64 12.42 29.65
CA VAL C 39 -27.18 12.90 30.95
C VAL C 39 -27.19 11.78 31.98
N ARG C 40 -28.25 10.95 32.00
CA ARG C 40 -28.28 9.80 32.91
C ARG C 40 -27.20 8.78 32.59
N GLY C 41 -26.87 8.61 31.31
CA GLY C 41 -25.76 7.73 30.95
C GLY C 41 -24.42 8.26 31.42
N TYR C 42 -24.22 9.59 31.32
CA TYR C 42 -22.98 10.14 31.87
C TYR C 42 -22.96 10.05 33.39
N ILE C 43 -24.11 10.15 34.04
CA ILE C 43 -24.14 10.10 35.50
C ILE C 43 -23.83 8.70 36.01
N ASP C 44 -24.51 7.66 35.48
CA ASP C 44 -24.25 6.33 36.03
C ASP C 44 -22.92 5.77 35.52
N TRP C 45 -22.42 6.27 34.38
CA TRP C 45 -21.02 5.98 34.06
C TRP C 45 -20.05 6.67 35.02
N MET C 46 -20.39 7.87 35.52
CA MET C 46 -19.55 8.46 36.56
C MET C 46 -19.70 7.78 37.90
N LEU C 47 -20.80 7.04 38.12
CA LEU C 47 -20.99 6.37 39.40
C LEU C 47 -20.36 4.98 39.41
N GLN C 48 -20.32 4.30 38.26
CA GLN C 48 -19.70 2.97 38.21
C GLN C 48 -18.18 3.02 38.33
N VAL C 49 -17.57 4.15 37.97
CA VAL C 49 -16.11 4.24 37.92
C VAL C 49 -15.56 4.46 39.32
N PRO C 50 -14.61 3.65 39.79
CA PRO C 50 -14.11 3.79 41.17
C PRO C 50 -13.19 5.00 41.31
N TRP C 51 -13.40 5.76 42.38
CA TRP C 51 -12.58 6.94 42.65
C TRP C 51 -11.66 6.78 43.84
N ASN C 52 -12.02 5.96 44.83
CA ASN C 52 -11.24 5.85 46.05
C ASN C 52 -11.00 4.43 46.53
N SER C 53 -11.70 3.44 45.98
CA SER C 53 -11.59 2.06 46.46
C SER C 53 -10.27 1.44 46.02
N ARG C 54 -9.58 0.84 46.98
CA ARG C 54 -8.27 0.23 46.75
C ARG C 54 -8.28 -1.21 47.24
N SER C 55 -7.11 -1.83 47.24
CA SER C 55 -6.93 -3.16 47.76
C SER C 55 -5.69 -3.21 48.65
N LYS C 56 -5.77 -3.97 49.73
CA LYS C 56 -4.68 -4.13 50.67
C LYS C 56 -3.59 -4.97 50.01
N VAL C 57 -2.51 -4.31 49.60
CA VAL C 57 -1.38 -5.00 48.99
C VAL C 57 -0.60 -5.73 50.07
N LYS C 58 -0.14 -6.94 49.75
CA LYS C 58 0.51 -7.83 50.71
C LYS C 58 1.84 -7.24 51.20
N LYS C 59 2.33 -7.78 52.32
CA LYS C 59 3.54 -7.28 52.95
C LYS C 59 4.57 -8.36 53.25
N ASP C 60 4.16 -9.62 53.35
CA ASP C 60 5.08 -10.71 53.64
C ASP C 60 5.84 -11.08 52.38
N LEU C 61 7.16 -10.98 52.41
CA LEU C 61 7.96 -11.30 51.22
C LEU C 61 8.18 -12.79 51.07
N VAL C 62 8.23 -13.51 52.20
CA VAL C 62 8.53 -14.94 52.16
C VAL C 62 7.34 -15.71 51.59
N LYS C 63 6.13 -15.33 52.00
CA LYS C 63 4.94 -15.99 51.46
C LYS C 63 4.70 -15.57 50.02
N ALA C 64 5.14 -14.36 49.64
CA ALA C 64 5.02 -13.92 48.25
C ALA C 64 5.95 -14.70 47.34
N GLN C 65 7.20 -14.92 47.76
CA GLN C 65 8.09 -15.81 47.04
C GLN C 65 7.59 -17.24 47.06
N GLU C 66 6.83 -17.62 48.10
CA GLU C 66 6.21 -18.94 48.12
C GLU C 66 5.12 -19.06 47.07
N VAL C 67 4.36 -17.99 46.83
CA VAL C 67 3.33 -18.02 45.79
C VAL C 67 3.96 -18.00 44.40
N LEU C 68 4.97 -17.14 44.21
CA LEU C 68 5.66 -17.06 42.93
C LEU C 68 6.39 -18.34 42.59
N ASP C 69 6.96 -19.03 43.58
CA ASP C 69 7.54 -20.34 43.35
C ASP C 69 6.49 -21.44 43.29
N THR C 70 5.28 -21.18 43.79
CA THR C 70 4.22 -22.16 43.65
C THR C 70 3.70 -22.20 42.22
N ASP C 71 3.59 -21.06 41.56
CA ASP C 71 3.03 -21.05 40.21
C ASP C 71 4.06 -21.28 39.11
N HIS C 72 5.25 -20.67 39.20
CA HIS C 72 6.23 -20.78 38.12
C HIS C 72 7.57 -21.23 38.67
N TYR C 73 8.43 -21.66 37.76
CA TYR C 73 9.80 -22.05 38.07
C TYR C 73 10.77 -21.12 37.36
N GLY C 74 11.90 -20.86 38.00
CA GLY C 74 12.88 -19.95 37.42
C GLY C 74 12.37 -18.52 37.48
N LEU C 75 12.70 -17.76 36.44
CA LEU C 75 12.23 -16.38 36.24
C LEU C 75 12.58 -15.48 37.42
N GLU C 76 13.87 -15.46 37.76
CA GLU C 76 14.31 -14.83 39.00
C GLU C 76 14.26 -13.31 38.93
N ARG C 77 14.40 -12.73 37.74
CA ARG C 77 14.47 -11.27 37.66
C ARG C 77 13.09 -10.64 37.85
N VAL C 78 12.05 -11.26 37.28
CA VAL C 78 10.71 -10.71 37.45
C VAL C 78 10.21 -10.95 38.88
N LYS C 79 10.59 -12.07 39.50
CA LYS C 79 10.22 -12.33 40.89
C LYS C 79 10.96 -11.40 41.83
N ASP C 80 12.22 -11.07 41.51
CA ASP C 80 12.93 -10.02 42.22
C ASP C 80 12.22 -8.69 42.09
N ARG C 81 11.70 -8.38 40.90
CA ARG C 81 11.00 -7.12 40.69
C ARG C 81 9.73 -7.04 41.52
N ILE C 82 9.01 -8.16 41.64
CA ILE C 82 7.76 -8.15 42.40
C ILE C 82 8.04 -8.09 43.90
N LEU C 83 9.09 -8.77 44.37
CA LEU C 83 9.41 -8.71 45.80
C LEU C 83 9.95 -7.33 46.20
N GLU C 84 10.67 -6.67 45.29
CA GLU C 84 11.14 -5.32 45.55
C GLU C 84 10.00 -4.31 45.54
N TYR C 85 9.01 -4.52 44.66
CA TYR C 85 7.77 -3.76 44.73
C TYR C 85 7.06 -3.95 46.06
N LEU C 86 7.03 -5.19 46.57
CA LEU C 86 6.37 -5.43 47.84
C LEU C 86 7.18 -4.90 49.03
N ALA C 87 8.49 -4.73 48.86
CA ALA C 87 9.28 -4.12 49.92
C ALA C 87 9.05 -2.62 49.99
N VAL C 88 9.12 -1.94 48.85
CA VAL C 88 8.87 -0.50 48.81
C VAL C 88 7.42 -0.20 49.19
N GLN C 89 6.49 -1.04 48.75
CA GLN C 89 5.09 -0.92 49.15
C GLN C 89 4.93 -1.25 50.62
N SER C 90 5.80 -2.09 51.19
CA SER C 90 5.74 -2.33 52.62
C SER C 90 6.20 -1.12 53.41
N ARG C 91 7.05 -0.28 52.83
CA ARG C 91 7.49 0.92 53.54
C ARG C 91 6.60 2.14 53.24
N VAL C 92 6.10 2.25 52.01
CA VAL C 92 5.36 3.45 51.60
C VAL C 92 3.90 3.09 51.38
N SER C 93 3.01 3.98 51.81
CA SER C 93 1.57 3.73 51.72
C SER C 93 1.08 3.70 50.28
N LYS C 94 1.62 4.56 49.43
CA LYS C 94 1.19 4.64 48.03
C LYS C 94 2.36 5.06 47.15
N ILE C 95 2.70 4.20 46.19
CA ILE C 95 3.71 4.51 45.19
C ILE C 95 3.10 4.39 43.81
N LYS C 96 3.91 4.66 42.78
CA LYS C 96 3.39 4.92 41.45
C LYS C 96 2.93 3.65 40.73
N GLY C 97 3.41 2.48 41.13
CA GLY C 97 3.03 1.26 40.45
C GLY C 97 3.88 1.05 39.21
N PRO C 98 4.48 -0.12 39.09
CA PRO C 98 5.46 -0.34 38.01
C PRO C 98 4.80 -0.54 36.66
N ILE C 99 5.52 -0.11 35.61
CA ILE C 99 5.11 -0.31 34.23
C ILE C 99 6.14 -1.23 33.61
N LEU C 100 5.74 -2.48 33.37
CA LEU C 100 6.66 -3.53 32.98
C LEU C 100 6.31 -4.05 31.59
N CYS C 101 7.34 -4.34 30.80
CA CYS C 101 7.18 -4.95 29.49
C CYS C 101 7.98 -6.25 29.50
N LEU C 102 7.28 -7.38 29.52
CA LEU C 102 7.93 -8.68 29.47
C LEU C 102 8.13 -9.07 28.02
N VAL C 103 9.38 -9.33 27.63
CA VAL C 103 9.73 -9.57 26.23
C VAL C 103 10.43 -10.92 26.13
N GLY C 104 9.89 -11.83 25.32
CA GLY C 104 10.52 -13.12 25.13
C GLY C 104 9.87 -13.98 24.07
N PRO C 105 10.49 -15.12 23.77
CA PRO C 105 9.91 -16.07 22.81
C PRO C 105 8.64 -16.69 23.35
N PRO C 106 7.80 -17.29 22.49
CA PRO C 106 6.51 -17.82 22.98
C PRO C 106 6.69 -19.03 23.88
N GLY C 107 5.77 -19.20 24.82
CA GLY C 107 5.75 -20.34 25.71
C GLY C 107 6.58 -20.20 26.96
N VAL C 108 7.18 -19.04 27.22
CA VAL C 108 8.07 -18.90 28.37
C VAL C 108 7.31 -18.44 29.60
N GLY C 109 5.98 -18.32 29.47
CA GLY C 109 5.16 -18.01 30.62
C GLY C 109 5.22 -16.58 31.06
N LYS C 110 4.72 -15.66 30.24
CA LYS C 110 4.59 -14.27 30.63
C LYS C 110 3.15 -13.80 30.72
N THR C 111 2.19 -14.56 30.19
CA THR C 111 0.77 -14.27 30.37
C THR C 111 0.26 -14.83 31.70
N SER C 112 0.59 -16.09 32.00
CA SER C 112 0.22 -16.67 33.30
C SER C 112 1.03 -16.08 34.44
N LEU C 113 2.21 -15.55 34.13
CA LEU C 113 3.03 -14.86 35.12
C LEU C 113 2.32 -13.64 35.68
N GLY C 114 1.48 -12.98 34.87
CA GLY C 114 0.70 -11.86 35.36
C GLY C 114 -0.30 -12.25 36.43
N GLN C 115 -1.03 -13.34 36.20
CA GLN C 115 -1.99 -13.79 37.20
C GLN C 115 -1.29 -14.33 38.44
N SER C 116 -0.07 -14.87 38.26
CA SER C 116 0.76 -15.20 39.41
C SER C 116 1.12 -13.97 40.22
N ILE C 117 1.47 -12.86 39.54
CA ILE C 117 1.81 -11.62 40.21
C ILE C 117 0.61 -11.04 40.95
N ALA C 118 -0.56 -11.03 40.31
CA ALA C 118 -1.77 -10.51 40.94
C ALA C 118 -2.21 -11.37 42.12
N LYS C 119 -1.93 -12.67 42.09
CA LYS C 119 -2.20 -13.47 43.27
C LYS C 119 -1.18 -13.23 44.38
N ALA C 120 0.09 -13.00 44.03
CA ALA C 120 1.14 -12.84 45.02
C ALA C 120 1.23 -11.45 45.62
N THR C 121 0.56 -10.45 45.03
CA THR C 121 0.57 -9.10 45.58
C THR C 121 -0.74 -8.69 46.22
N GLY C 122 -1.80 -9.47 46.07
CA GLY C 122 -3.11 -9.09 46.57
C GLY C 122 -3.88 -8.15 45.67
N ARG C 123 -3.26 -7.61 44.64
CA ARG C 123 -3.93 -6.72 43.70
C ARG C 123 -4.90 -7.51 42.83
N GLN C 124 -5.99 -6.86 42.46
CA GLN C 124 -6.97 -7.50 41.60
C GLN C 124 -6.44 -7.61 40.17
N TYR C 125 -6.96 -8.57 39.43
CA TYR C 125 -6.41 -8.93 38.14
C TYR C 125 -7.36 -8.50 37.02
N VAL C 126 -6.82 -7.80 36.03
CA VAL C 126 -7.56 -7.34 34.86
C VAL C 126 -6.72 -7.65 33.64
N ARG C 127 -7.31 -8.31 32.64
CA ARG C 127 -6.60 -8.62 31.41
C ARG C 127 -7.26 -7.91 30.24
N MET C 128 -6.44 -7.35 29.36
CA MET C 128 -6.92 -6.74 28.12
C MET C 128 -6.00 -7.17 26.98
N ALA C 129 -6.57 -7.79 25.95
CA ALA C 129 -5.79 -8.32 24.84
C ALA C 129 -5.71 -7.28 23.73
N LEU C 130 -4.49 -6.95 23.32
CA LEU C 130 -4.24 -5.92 22.31
C LEU C 130 -3.80 -6.50 20.98
N GLY C 131 -3.95 -7.80 20.78
CA GLY C 131 -3.49 -8.44 19.55
C GLY C 131 -4.35 -8.11 18.35
N GLY C 132 -3.82 -7.30 17.45
CA GLY C 132 -4.52 -6.97 16.23
C GLY C 132 -5.50 -5.82 16.36
N VAL C 133 -5.60 -5.24 17.56
CA VAL C 133 -6.52 -4.14 17.85
C VAL C 133 -6.10 -2.90 17.07
N ARG C 134 -7.04 -2.32 16.34
CA ARG C 134 -6.77 -1.24 15.41
C ARG C 134 -7.48 0.06 15.78
N ASP C 135 -8.65 -0.02 16.41
CA ASP C 135 -9.42 1.16 16.80
C ASP C 135 -8.82 1.76 18.06
N GLU C 136 -8.54 3.07 17.99
CA GLU C 136 -8.05 3.79 19.17
C GLU C 136 -9.16 4.12 20.16
N ALA C 137 -10.42 3.93 19.77
CA ALA C 137 -11.53 4.18 20.67
C ALA C 137 -11.76 3.04 21.64
N GLU C 138 -10.98 1.98 21.58
CA GLU C 138 -11.00 0.96 22.62
C GLU C 138 -10.34 1.47 23.89
N ILE C 139 -9.49 2.49 23.77
CA ILE C 139 -8.76 3.04 24.91
C ILE C 139 -9.43 4.30 25.45
N ARG C 140 -9.87 5.19 24.57
CA ARG C 140 -10.44 6.46 24.98
C ARG C 140 -11.95 6.56 24.82
N GLY C 141 -12.54 5.81 23.90
CA GLY C 141 -13.97 5.88 23.71
C GLY C 141 -14.37 6.96 22.72
N HIS C 142 -15.62 7.40 22.87
CA HIS C 142 -16.20 8.43 22.04
C HIS C 142 -16.91 9.44 22.93
N ARG C 143 -17.17 10.63 22.39
CA ARG C 143 -17.95 11.64 23.09
C ARG C 143 -19.38 11.15 23.31
N ARG C 144 -20.07 11.75 24.27
CA ARG C 144 -21.44 11.33 24.52
C ARG C 144 -22.44 11.96 23.57
N THR C 145 -21.97 12.66 22.53
CA THR C 145 -22.83 13.04 21.40
C THR C 145 -23.35 11.81 20.69
N TYR C 146 -22.52 10.79 20.57
CA TYR C 146 -22.78 9.68 19.69
C TYR C 146 -23.78 8.71 20.31
N ILE C 147 -24.58 8.08 19.46
CA ILE C 147 -25.60 7.14 19.93
C ILE C 147 -24.92 5.85 20.38
N GLY C 148 -25.25 5.40 21.59
CA GLY C 148 -24.66 4.19 22.10
C GLY C 148 -23.21 4.34 22.50
N SER C 149 -22.81 5.54 22.88
CA SER C 149 -21.43 5.79 23.25
C SER C 149 -21.16 5.31 24.67
N MET C 150 -19.88 5.21 24.99
CA MET C 150 -19.40 4.60 26.22
C MET C 150 -17.91 4.93 26.35
N PRO C 151 -17.31 4.76 27.54
CA PRO C 151 -15.87 4.99 27.65
C PRO C 151 -15.01 3.95 26.94
N GLY C 152 -13.70 4.13 27.03
CA GLY C 152 -12.78 3.11 26.54
C GLY C 152 -12.84 1.86 27.37
N LYS C 153 -12.26 0.78 26.83
CA LYS C 153 -12.34 -0.50 27.50
C LYS C 153 -11.49 -0.52 28.76
N LEU C 154 -10.52 0.37 28.87
CA LEU C 154 -9.76 0.51 30.11
C LEU C 154 -10.65 1.01 31.23
N ILE C 155 -11.43 2.06 30.97
CA ILE C 155 -12.34 2.59 31.98
C ILE C 155 -13.47 1.61 32.26
N GLN C 156 -13.89 0.83 31.27
CA GLN C 156 -14.89 -0.20 31.48
C GLN C 156 -14.37 -1.31 32.39
N LYS C 157 -13.10 -1.68 32.23
CA LYS C 157 -12.52 -2.71 33.08
C LYS C 157 -12.22 -2.20 34.47
N MET C 158 -11.84 -0.92 34.60
CA MET C 158 -11.70 -0.30 35.90
C MET C 158 -13.05 -0.24 36.62
N ALA C 159 -14.11 0.08 35.89
CA ALA C 159 -15.45 0.10 36.47
C ALA C 159 -15.96 -1.30 36.79
N LYS C 160 -15.47 -2.30 36.07
CA LYS C 160 -15.86 -3.68 36.37
C LYS C 160 -15.15 -4.19 37.62
N VAL C 161 -13.85 -3.92 37.73
CA VAL C 161 -13.07 -4.50 38.82
C VAL C 161 -13.33 -3.78 40.14
N GLY C 162 -13.77 -2.53 40.11
CA GLY C 162 -14.22 -1.85 41.31
C GLY C 162 -13.16 -1.21 42.17
N VAL C 163 -11.88 -1.42 41.87
CA VAL C 163 -10.80 -0.83 42.65
C VAL C 163 -9.88 -0.04 41.73
N LYS C 164 -9.12 0.87 42.32
CA LYS C 164 -8.16 1.66 41.57
C LYS C 164 -6.75 1.11 41.65
N ASN C 165 -6.56 -0.08 42.25
CA ASN C 165 -5.29 -0.81 42.21
C ASN C 165 -5.45 -2.17 41.53
N PRO C 166 -5.61 -2.23 40.20
CA PRO C 166 -5.51 -3.53 39.56
C PRO C 166 -4.14 -3.79 38.97
N LEU C 167 -3.99 -5.01 38.48
CA LEU C 167 -2.91 -5.37 37.58
C LEU C 167 -3.51 -5.52 36.19
N PHE C 168 -3.18 -4.59 35.30
CA PHE C 168 -3.46 -4.74 33.88
C PHE C 168 -2.39 -5.57 33.20
N LEU C 169 -2.83 -6.53 32.41
CA LEU C 169 -1.97 -7.37 31.59
C LEU C 169 -2.25 -7.01 30.14
N LEU C 170 -1.32 -6.25 29.55
CA LEU C 170 -1.44 -5.82 28.17
C LEU C 170 -0.90 -6.88 27.23
N ASP C 171 -1.76 -7.77 26.75
CA ASP C 171 -1.30 -8.88 25.92
C ASP C 171 -1.09 -8.45 24.49
N GLN C 172 0.06 -8.84 23.93
CA GLN C 172 0.49 -8.55 22.56
C GLN C 172 0.48 -7.04 22.28
N ILE C 173 1.35 -6.33 22.99
CA ILE C 173 1.46 -4.88 22.79
C ILE C 173 2.22 -4.55 21.51
N ASP C 174 2.97 -5.49 20.95
CA ASP C 174 3.67 -5.27 19.69
C ASP C 174 2.85 -5.69 18.47
N LYS C 175 1.84 -6.54 18.64
CA LYS C 175 0.94 -6.90 17.55
C LYS C 175 -0.25 -5.96 17.43
N MET C 176 -0.11 -4.71 17.86
CA MET C 176 -1.13 -3.70 17.65
C MET C 176 -0.96 -3.07 16.27
N ALA C 177 -2.08 -2.62 15.71
CA ALA C 177 -2.04 -1.95 14.42
C ALA C 177 -1.42 -0.56 14.56
N SER C 178 -0.68 -0.17 13.53
CA SER C 178 -0.04 1.15 13.51
C SER C 178 0.04 1.60 12.05
N ASP C 179 -0.95 2.35 11.61
CA ASP C 179 -0.96 2.93 10.27
C ASP C 179 -1.67 4.28 10.34
N MET C 180 -2.05 4.81 9.18
CA MET C 180 -2.81 6.06 9.16
C MET C 180 -4.25 5.85 9.61
N ARG C 181 -4.82 4.68 9.31
CA ARG C 181 -6.22 4.44 9.62
C ARG C 181 -6.44 4.15 11.10
N GLY C 182 -5.49 3.45 11.73
CA GLY C 182 -5.61 3.13 13.14
C GLY C 182 -4.30 3.11 13.89
N ASP C 183 -4.22 3.82 15.00
CA ASP C 183 -3.03 3.82 15.85
C ASP C 183 -3.41 3.91 17.32
N PRO C 184 -3.70 2.76 17.96
CA PRO C 184 -3.90 2.76 19.41
C PRO C 184 -2.60 2.71 20.19
N ALA C 185 -1.47 2.47 19.54
CA ALA C 185 -0.19 2.45 20.23
C ALA C 185 0.22 3.85 20.68
N SER C 186 -0.18 4.87 19.96
CA SER C 186 0.03 6.25 20.38
C SER C 186 -1.12 6.76 21.26
N ALA C 187 -2.22 6.01 21.34
CA ALA C 187 -3.23 6.27 22.35
C ALA C 187 -2.85 5.72 23.71
N LEU C 188 -2.06 4.63 23.75
CA LEU C 188 -1.48 4.12 24.98
C LEU C 188 -0.31 4.95 25.48
N LEU C 189 0.09 5.96 24.73
CA LEU C 189 1.25 6.76 25.08
C LEU C 189 0.95 7.72 26.22
N GLU C 190 -0.32 7.99 26.47
CA GLU C 190 -0.81 8.76 27.61
C GLU C 190 -1.03 7.90 28.84
N VAL C 191 -1.51 6.68 28.66
CA VAL C 191 -1.86 5.83 29.79
C VAL C 191 -0.64 5.08 30.33
N LEU C 192 0.44 5.01 29.57
CA LEU C 192 1.68 4.43 30.06
C LEU C 192 2.73 5.49 30.36
N ASP C 193 2.34 6.75 30.32
CA ASP C 193 3.24 7.85 30.64
C ASP C 193 3.41 7.92 32.15
N PRO C 194 4.61 7.68 32.69
CA PRO C 194 4.75 7.54 34.15
C PRO C 194 4.56 8.83 34.94
N GLU C 195 4.43 9.99 34.28
CA GLU C 195 4.23 11.24 34.97
C GLU C 195 2.81 11.78 34.79
N GLN C 196 2.15 11.41 33.69
CA GLN C 196 0.87 12.01 33.32
C GLN C 196 -0.29 11.05 33.49
N ASN C 197 -0.13 9.98 34.27
CA ASN C 197 -1.25 9.11 34.58
C ASN C 197 -2.16 9.68 35.66
N VAL C 198 -1.74 10.77 36.31
CA VAL C 198 -2.61 11.41 37.29
C VAL C 198 -3.77 12.11 36.63
N ALA C 199 -3.66 12.46 35.34
CA ALA C 199 -4.74 13.07 34.59
C ALA C 199 -4.85 12.33 33.26
N PHE C 200 -5.60 11.23 33.26
CA PHE C 200 -5.93 10.52 32.03
C PHE C 200 -7.29 10.99 31.57
N ASN C 201 -7.31 11.82 30.53
CA ASN C 201 -8.54 12.36 29.99
C ASN C 201 -8.92 11.54 28.77
N ASP C 202 -9.97 10.74 28.89
CA ASP C 202 -10.50 10.06 27.72
C ASP C 202 -11.69 10.85 27.18
N HIS C 203 -12.39 10.29 26.20
CA HIS C 203 -13.34 11.06 25.41
C HIS C 203 -14.76 11.01 25.94
N TYR C 204 -15.16 9.94 26.62
CA TYR C 204 -16.52 9.91 27.15
C TYR C 204 -16.60 10.63 28.50
N LEU C 205 -15.85 10.13 29.48
CA LEU C 205 -15.79 10.77 30.78
C LEU C 205 -14.70 11.82 30.76
N GLU C 206 -15.03 13.05 30.36
CA GLU C 206 -14.00 14.04 30.04
C GLU C 206 -13.35 14.67 31.28
N VAL C 207 -13.58 14.10 32.48
CA VAL C 207 -12.85 14.47 33.68
C VAL C 207 -11.50 13.76 33.65
N ASP C 208 -10.58 14.25 34.47
CA ASP C 208 -9.27 13.61 34.60
C ASP C 208 -9.39 12.44 35.57
N TYR C 209 -8.92 11.27 35.14
CA TYR C 209 -8.98 10.07 35.96
C TYR C 209 -7.57 9.62 36.31
N ASP C 210 -7.37 9.20 37.55
CA ASP C 210 -6.05 8.89 38.07
C ASP C 210 -5.74 7.43 37.79
N LEU C 211 -4.65 7.20 37.07
CA LEU C 211 -4.16 5.85 36.80
C LEU C 211 -2.72 5.68 37.25
N SER C 212 -2.30 6.45 38.25
CA SER C 212 -0.92 6.45 38.71
C SER C 212 -0.68 5.46 39.84
N ASP C 213 -1.52 4.44 39.97
CA ASP C 213 -1.26 3.33 40.87
C ASP C 213 -1.64 1.98 40.28
N VAL C 214 -2.16 1.95 39.07
CA VAL C 214 -2.42 0.71 38.37
C VAL C 214 -1.09 0.09 37.98
N MET C 215 -0.91 -1.20 38.26
CA MET C 215 0.29 -1.87 37.80
C MET C 215 0.07 -2.32 36.36
N PHE C 216 0.87 -1.81 35.43
CA PHE C 216 0.81 -2.22 34.03
C PHE C 216 1.93 -3.21 33.75
N VAL C 217 1.56 -4.41 33.29
CA VAL C 217 2.50 -5.41 32.84
C VAL C 217 2.11 -5.77 31.42
N ALA C 218 2.99 -5.48 30.46
CA ALA C 218 2.74 -5.75 29.05
C ALA C 218 3.57 -6.94 28.59
N THR C 219 2.99 -7.76 27.72
CA THR C 219 3.65 -8.95 27.20
C THR C 219 3.82 -8.82 25.69
N SER C 220 5.05 -9.03 25.22
CA SER C 220 5.34 -8.97 23.80
C SER C 220 6.38 -10.01 23.44
N ASN C 221 6.46 -10.33 22.15
CA ASN C 221 7.42 -11.32 21.66
C ASN C 221 8.69 -10.71 21.09
N SER C 222 8.70 -9.41 20.84
CA SER C 222 9.85 -8.80 20.18
C SER C 222 9.95 -7.35 20.59
N MET C 223 11.06 -6.73 20.21
CA MET C 223 11.30 -5.32 20.42
C MET C 223 10.68 -4.45 19.33
N ASN C 224 9.76 -5.00 18.54
CA ASN C 224 9.07 -4.27 17.48
C ASN C 224 7.93 -3.43 18.07
N ILE C 225 8.33 -2.49 18.92
CA ILE C 225 7.42 -1.59 19.64
C ILE C 225 7.93 -0.19 19.28
N PRO C 226 7.05 0.80 19.10
CA PRO C 226 7.53 2.17 18.83
C PRO C 226 8.39 2.73 19.97
N ALA C 227 9.43 3.47 19.57
CA ALA C 227 10.41 4.00 20.53
C ALA C 227 9.86 4.93 21.61
N PRO C 228 8.79 5.70 21.42
CA PRO C 228 8.15 6.32 22.60
C PRO C 228 7.52 5.33 23.58
N LEU C 229 6.89 4.25 23.12
CA LEU C 229 6.36 3.24 24.03
C LEU C 229 7.43 2.45 24.75
N LEU C 230 8.51 2.08 24.06
CA LEU C 230 9.61 1.36 24.71
C LEU C 230 10.28 2.20 25.78
N ASP C 231 10.30 3.51 25.62
CA ASP C 231 10.94 4.36 26.60
C ASP C 231 10.07 4.54 27.84
N ARG C 232 8.77 4.27 27.76
CA ARG C 232 7.88 4.42 28.90
C ARG C 232 7.67 3.11 29.66
N MET C 233 8.30 2.03 29.24
CA MET C 233 8.16 0.73 29.89
C MET C 233 9.50 0.24 30.38
N GLU C 234 9.46 -0.61 31.41
CA GLU C 234 10.64 -1.26 31.97
C GLU C 234 10.76 -2.64 31.35
N VAL C 235 11.78 -2.85 30.53
CA VAL C 235 11.89 -4.06 29.73
C VAL C 235 12.56 -5.15 30.55
N ILE C 236 11.90 -6.30 30.67
CA ILE C 236 12.49 -7.48 31.28
C ILE C 236 12.54 -8.57 30.20
N ARG C 237 13.75 -9.04 29.91
CA ARG C 237 13.95 -10.03 28.85
C ARG C 237 13.88 -11.43 29.46
N LEU C 238 12.86 -12.17 29.04
CA LEU C 238 12.69 -13.58 29.42
C LEU C 238 13.31 -14.43 28.34
N SER C 239 14.51 -14.95 28.60
CA SER C 239 15.20 -15.77 27.62
C SER C 239 14.62 -17.17 27.60
N GLY C 240 15.10 -17.99 26.66
CA GLY C 240 14.64 -19.35 26.54
C GLY C 240 15.15 -20.23 27.66
N TYR C 241 14.51 -21.38 27.79
CA TYR C 241 14.78 -22.31 28.87
C TYR C 241 15.87 -23.30 28.48
N THR C 242 16.65 -23.73 29.46
CA THR C 242 17.71 -24.70 29.24
C THR C 242 17.15 -26.10 29.43
N GLU C 243 18.02 -27.12 29.36
CA GLU C 243 17.54 -28.49 29.53
C GLU C 243 17.18 -28.80 30.97
N ASP C 244 17.99 -28.33 31.92
CA ASP C 244 17.77 -28.65 33.33
C ASP C 244 16.52 -27.98 33.87
N GLU C 245 16.25 -26.75 33.45
CA GLU C 245 15.06 -26.07 33.95
C GLU C 245 13.81 -26.45 33.16
N LYS C 246 13.93 -26.94 31.93
CA LYS C 246 12.78 -27.62 31.33
C LYS C 246 12.49 -28.94 32.02
N LEU C 247 13.53 -29.63 32.48
CA LEU C 247 13.35 -30.82 33.29
C LEU C 247 12.66 -30.49 34.62
N ASN C 248 13.00 -29.35 35.20
CA ASN C 248 12.41 -28.97 36.49
C ASN C 248 11.01 -28.41 36.34
N ILE C 249 10.72 -27.68 35.26
CA ILE C 249 9.35 -27.25 34.97
C ILE C 249 8.47 -28.45 34.69
N ALA C 250 9.02 -29.45 33.98
CA ALA C 250 8.25 -30.64 33.66
C ALA C 250 7.98 -31.48 34.91
N LYS C 251 9.00 -31.65 35.76
CA LYS C 251 8.80 -32.46 36.97
C LYS C 251 7.93 -31.74 38.00
N GLN C 252 8.10 -30.43 38.15
CA GLN C 252 7.45 -29.72 39.24
C GLN C 252 6.15 -29.05 38.86
N HIS C 253 5.93 -28.77 37.59
CA HIS C 253 4.70 -28.06 37.25
C HIS C 253 3.88 -28.71 36.16
N LEU C 254 4.52 -29.28 35.14
CA LEU C 254 3.75 -29.76 33.99
C LEU C 254 3.17 -31.14 34.22
N LEU C 255 3.97 -32.08 34.74
CA LEU C 255 3.46 -33.40 35.09
C LEU C 255 2.35 -33.42 36.15
N PRO C 256 2.41 -32.66 37.27
CA PRO C 256 1.26 -32.72 38.19
C PRO C 256 -0.02 -32.11 37.64
N LYS C 257 0.05 -31.04 36.83
CA LYS C 257 -1.19 -30.50 36.32
C LYS C 257 -1.73 -31.30 35.15
N GLN C 258 -0.87 -31.94 34.35
CA GLN C 258 -1.39 -32.83 33.33
C GLN C 258 -1.84 -34.17 33.90
N PHE C 259 -1.34 -34.55 35.06
CA PHE C 259 -1.98 -35.64 35.81
C PHE C 259 -3.32 -35.21 36.35
N GLU C 260 -3.45 -33.95 36.73
CA GLU C 260 -4.72 -33.48 37.31
C GLU C 260 -5.78 -33.28 36.23
N ARG C 261 -5.38 -32.99 35.00
CA ARG C 261 -6.33 -32.78 33.93
C ARG C 261 -6.82 -34.07 33.29
N ASN C 262 -6.28 -35.21 33.70
CA ASN C 262 -6.59 -36.47 33.05
C ASN C 262 -7.06 -37.55 34.02
N ALA C 263 -7.31 -37.20 35.29
CA ALA C 263 -7.76 -38.11 36.35
C ALA C 263 -6.82 -39.28 36.55
N ILE C 264 -5.53 -39.05 36.36
CA ILE C 264 -4.54 -40.09 36.57
C ILE C 264 -4.21 -40.18 38.05
N LYS C 265 -4.40 -41.35 38.63
CA LYS C 265 -4.11 -41.56 40.05
C LYS C 265 -2.60 -41.72 40.23
N LYS C 266 -2.17 -41.88 41.48
CA LYS C 266 -0.74 -41.88 41.77
C LYS C 266 -0.07 -43.19 41.36
N GLY C 267 -0.85 -44.26 41.19
CA GLY C 267 -0.26 -45.56 40.91
C GLY C 267 -0.61 -46.11 39.55
N GLU C 268 -0.85 -45.24 38.58
CA GLU C 268 -1.17 -45.64 37.22
C GLU C 268 -0.08 -45.29 36.22
N LEU C 269 0.46 -44.09 36.29
CA LEU C 269 1.43 -43.60 35.31
C LEU C 269 2.65 -43.04 36.02
N THR C 270 3.82 -43.38 35.50
CA THR C 270 5.08 -42.89 36.04
C THR C 270 6.01 -42.55 34.88
N ILE C 271 6.55 -41.33 34.90
CA ILE C 271 7.46 -40.85 33.86
C ILE C 271 8.72 -40.36 34.56
N ASP C 272 9.88 -40.88 34.15
CA ASP C 272 11.14 -40.55 34.79
C ASP C 272 11.90 -39.51 33.98
N ASP C 273 13.14 -39.23 34.39
CA ASP C 273 13.93 -38.18 33.76
C ASP C 273 14.42 -38.56 32.38
N SER C 274 14.52 -39.86 32.09
CA SER C 274 14.96 -40.30 30.76
C SER C 274 13.93 -39.99 29.70
N ALA C 275 12.65 -40.19 30.01
CA ALA C 275 11.59 -39.87 29.05
C ALA C 275 11.45 -38.36 28.89
N ILE C 276 11.57 -37.59 29.98
CA ILE C 276 11.43 -36.14 29.91
C ILE C 276 12.58 -35.53 29.11
N MET C 277 13.81 -35.91 29.44
CA MET C 277 14.96 -35.40 28.70
C MET C 277 15.00 -35.91 27.27
N SER C 278 14.41 -37.08 27.02
CA SER C 278 14.32 -37.55 25.63
C SER C 278 13.29 -36.76 24.85
N ILE C 279 12.20 -36.33 25.49
CA ILE C 279 11.25 -35.42 24.84
C ILE C 279 11.90 -34.07 24.56
N ILE C 280 12.68 -33.56 25.52
CA ILE C 280 13.35 -32.27 25.36
C ILE C 280 14.38 -32.33 24.23
N ARG C 281 15.12 -33.43 24.14
CA ARG C 281 16.18 -33.51 23.13
C ARG C 281 15.63 -33.85 21.75
N TYR C 282 14.63 -34.72 21.66
CA TYR C 282 14.29 -35.31 20.37
C TYR C 282 12.89 -35.04 19.86
N TYR C 283 12.10 -34.20 20.53
CA TYR C 283 10.75 -33.97 20.04
C TYR C 283 10.35 -32.50 20.00
N THR C 284 10.91 -31.67 20.89
CA THR C 284 10.39 -30.31 21.03
C THR C 284 11.00 -29.33 20.03
N ARG C 285 12.30 -29.05 20.19
CA ARG C 285 13.01 -27.93 19.54
C ARG C 285 12.23 -26.62 19.67
N GLU C 286 12.20 -26.13 20.90
CA GLU C 286 11.45 -24.91 21.21
C GLU C 286 12.25 -24.07 22.19
N ALA C 287 11.73 -22.88 22.46
CA ALA C 287 12.26 -22.07 23.55
C ALA C 287 11.35 -22.10 24.76
N GLY C 288 10.05 -22.24 24.54
CA GLY C 288 9.09 -22.33 25.62
C GLY C 288 8.96 -23.75 26.14
N VAL C 289 7.79 -24.05 26.70
CA VAL C 289 7.47 -25.37 27.22
C VAL C 289 6.10 -25.86 26.74
N ARG C 290 5.56 -25.23 25.70
CA ARG C 290 4.17 -25.52 25.31
C ARG C 290 4.07 -26.79 24.49
N SER C 291 5.01 -27.04 23.58
CA SER C 291 5.02 -28.34 22.91
C SER C 291 5.51 -29.43 23.84
N LEU C 292 6.29 -29.07 24.86
CA LEU C 292 6.69 -30.04 25.89
C LEU C 292 5.49 -30.56 26.65
N GLU C 293 4.61 -29.67 27.10
CA GLU C 293 3.40 -30.13 27.78
C GLU C 293 2.40 -30.71 26.80
N ARG C 294 2.52 -30.42 25.50
CA ARG C 294 1.71 -31.17 24.54
C ARG C 294 2.19 -32.61 24.39
N GLU C 295 3.51 -32.84 24.44
CA GLU C 295 4.01 -34.22 24.41
C GLU C 295 3.66 -34.97 25.68
N ILE C 296 3.75 -34.28 26.83
CA ILE C 296 3.38 -34.88 28.10
C ILE C 296 1.90 -35.22 28.16
N SER C 297 1.05 -34.30 27.66
CA SER C 297 -0.38 -34.56 27.60
C SER C 297 -0.71 -35.69 26.63
N LYS C 298 0.08 -35.82 25.56
CA LYS C 298 -0.10 -36.93 24.63
C LYS C 298 0.21 -38.26 25.29
N LEU C 299 1.29 -38.29 26.08
CA LEU C 299 1.62 -39.48 26.88
C LEU C 299 0.52 -39.80 27.87
N CYS C 300 -0.10 -38.78 28.45
CA CYS C 300 -1.10 -39.03 29.47
C CYS C 300 -2.41 -39.56 28.88
N ARG C 301 -2.86 -39.00 27.74
CA ARG C 301 -4.10 -39.51 27.16
C ARG C 301 -3.90 -40.86 26.48
N LYS C 302 -2.70 -41.12 25.93
CA LYS C 302 -2.42 -42.48 25.45
C LYS C 302 -2.35 -43.47 26.60
N ALA C 303 -1.84 -43.04 27.76
CA ALA C 303 -1.87 -43.90 28.94
C ALA C 303 -3.30 -44.15 29.41
N VAL C 304 -4.18 -43.15 29.29
CA VAL C 304 -5.57 -43.31 29.70
C VAL C 304 -6.27 -44.33 28.79
N LYS C 305 -6.12 -44.20 27.47
CA LYS C 305 -6.81 -45.15 26.62
C LYS C 305 -6.15 -46.53 26.67
N ASN C 306 -4.87 -46.59 27.03
CA ASN C 306 -4.25 -47.90 27.23
C ASN C 306 -4.64 -48.51 28.56
N LEU C 307 -5.15 -47.72 29.51
CA LEU C 307 -5.74 -48.29 30.71
C LEU C 307 -7.21 -48.62 30.56
N LEU C 308 -7.91 -48.03 29.57
CA LEU C 308 -9.29 -48.40 29.33
C LEU C 308 -9.46 -49.56 28.36
N MET C 309 -8.65 -49.62 27.29
CA MET C 309 -8.88 -50.62 26.26
C MET C 309 -8.32 -51.97 26.69
N ASP C 310 -7.38 -51.99 27.63
CA ASP C 310 -6.78 -53.25 28.06
C ASP C 310 -7.46 -53.79 29.31
N LYS C 311 -7.41 -53.00 30.40
CA LYS C 311 -8.02 -53.32 31.70
C LYS C 311 -7.51 -54.62 32.32
N THR C 312 -6.32 -55.07 31.94
CA THR C 312 -5.61 -56.10 32.69
C THR C 312 -4.20 -55.66 33.06
N VAL C 313 -3.69 -54.61 32.42
CA VAL C 313 -2.50 -53.91 32.88
C VAL C 313 -2.94 -52.59 33.50
N LYS C 314 -2.59 -52.38 34.76
CA LYS C 314 -3.08 -51.24 35.52
C LYS C 314 -1.98 -50.30 35.99
N HIS C 315 -0.76 -50.44 35.47
CA HIS C 315 0.32 -49.49 35.76
C HIS C 315 1.18 -49.38 34.52
N ILE C 316 1.22 -48.18 33.93
CA ILE C 316 1.99 -47.90 32.74
C ILE C 316 3.23 -47.11 33.15
N GLU C 317 4.40 -47.61 32.78
CA GLU C 317 5.67 -47.00 33.14
C GLU C 317 6.38 -46.54 31.87
N ILE C 318 6.44 -45.23 31.66
CA ILE C 318 7.06 -44.66 30.48
C ILE C 318 8.48 -44.27 30.85
N ASN C 319 9.45 -44.69 30.05
CA ASN C 319 10.83 -44.25 30.21
C ASN C 319 11.51 -44.09 28.86
N GLY C 320 12.84 -44.01 28.86
CA GLY C 320 13.62 -43.57 27.71
C GLY C 320 13.55 -44.45 26.48
N ASP C 321 13.15 -45.71 26.59
CA ASP C 321 13.14 -46.61 25.45
C ASP C 321 11.78 -46.76 24.78
N ASN C 322 10.69 -46.64 25.53
CA ASN C 322 9.36 -46.83 24.98
C ASN C 322 8.61 -45.53 24.71
N LEU C 323 9.32 -44.41 24.50
CA LEU C 323 8.63 -43.23 24.02
C LEU C 323 8.17 -43.37 22.57
N LYS C 324 8.94 -44.07 21.75
CA LYS C 324 8.53 -44.28 20.37
C LYS C 324 7.33 -45.21 20.27
N ASP C 325 7.08 -46.03 21.30
CA ASP C 325 5.86 -46.81 21.38
C ASP C 325 4.64 -45.93 21.59
N PHE C 326 4.82 -44.74 22.15
CA PHE C 326 3.73 -43.80 22.36
C PHE C 326 3.84 -42.57 21.47
N LEU C 327 4.97 -41.88 21.49
CA LEU C 327 5.09 -40.65 20.71
C LEU C 327 5.49 -40.91 19.26
N GLY C 328 6.26 -41.96 19.00
CA GLY C 328 6.61 -42.29 17.64
C GLY C 328 8.02 -41.89 17.24
N VAL C 329 8.19 -41.52 15.99
CA VAL C 329 9.50 -41.20 15.43
C VAL C 329 9.96 -39.85 15.98
N GLN C 330 11.24 -39.76 16.32
CA GLN C 330 11.87 -38.54 16.78
C GLN C 330 11.76 -37.44 15.73
N LYS C 331 11.13 -36.32 16.11
CA LYS C 331 10.92 -35.23 15.17
C LYS C 331 12.21 -34.50 14.82
N VAL C 332 13.04 -34.21 15.82
CA VAL C 332 14.22 -33.38 15.58
C VAL C 332 15.49 -34.13 15.96
N ASP C 333 16.62 -33.47 15.76
CA ASP C 333 17.92 -34.03 16.13
C ASP C 333 18.85 -32.87 16.39
N TYR C 334 19.48 -32.86 17.57
CA TYR C 334 20.40 -31.79 17.90
C TYR C 334 21.74 -32.00 17.18
N GLY C 335 22.43 -30.90 16.94
CA GLY C 335 23.74 -30.98 16.34
C GLY C 335 24.77 -31.59 17.28
N ARG C 336 25.66 -32.39 16.72
CA ARG C 336 26.67 -33.08 17.49
C ARG C 336 28.05 -32.71 16.96
N ALA C 337 29.06 -32.93 17.79
CA ALA C 337 30.44 -32.70 17.39
C ALA C 337 30.89 -33.77 16.41
N ASP C 338 32.02 -33.53 15.76
CA ASP C 338 32.57 -34.51 14.83
C ASP C 338 33.59 -35.37 15.56
N THR C 339 33.92 -36.52 14.98
CA THR C 339 34.78 -37.49 15.64
C THR C 339 36.21 -37.48 15.15
N GLU C 340 36.48 -36.97 13.95
CA GLU C 340 37.83 -36.97 13.41
C GLU C 340 38.23 -35.55 13.07
N ASN C 341 39.54 -35.31 13.07
CA ASN C 341 40.05 -34.00 12.71
C ASN C 341 40.10 -33.90 11.19
N ARG C 342 39.39 -32.93 10.63
CA ARG C 342 39.16 -32.88 9.19
C ARG C 342 39.62 -31.54 8.61
N VAL C 343 40.20 -31.59 7.42
CA VAL C 343 40.73 -30.41 6.76
C VAL C 343 39.57 -29.59 6.21
N GLY C 344 39.46 -28.34 6.63
CA GLY C 344 38.60 -27.39 6.00
C GLY C 344 37.32 -27.08 6.74
N GLN C 345 36.85 -27.95 7.62
CA GLN C 345 35.61 -27.67 8.33
C GLN C 345 35.92 -27.16 9.73
N VAL C 346 35.16 -26.19 10.18
CA VAL C 346 35.15 -25.74 11.56
C VAL C 346 33.72 -25.85 12.07
N THR C 347 33.56 -25.58 13.36
CA THR C 347 32.25 -25.60 14.01
C THR C 347 32.08 -24.27 14.73
N GLY C 348 31.41 -23.34 14.06
CA GLY C 348 30.94 -22.14 14.71
C GLY C 348 29.75 -22.43 15.60
N LEU C 349 29.35 -21.42 16.35
CA LEU C 349 28.21 -21.52 17.25
C LEU C 349 27.15 -20.53 16.78
N ALA C 350 26.00 -21.05 16.40
CA ALA C 350 24.90 -20.22 15.91
C ALA C 350 23.87 -20.06 17.01
N TRP C 351 23.15 -18.96 16.96
CA TRP C 351 22.11 -18.70 17.95
C TRP C 351 20.88 -18.09 17.31
N THR C 352 19.75 -18.78 17.42
CA THR C 352 18.45 -18.27 17.05
C THR C 352 17.57 -18.18 18.30
N GLU C 353 16.33 -17.71 18.11
CA GLU C 353 15.44 -17.52 19.25
C GLU C 353 14.90 -18.85 19.79
N VAL C 354 14.93 -19.90 18.97
CA VAL C 354 14.65 -21.24 19.47
C VAL C 354 15.73 -21.66 20.46
N GLY C 355 16.97 -21.29 20.21
CA GLY C 355 18.07 -21.56 21.11
C GLY C 355 19.38 -21.53 20.36
N GLY C 356 20.41 -22.03 21.02
CA GLY C 356 21.70 -22.19 20.40
C GLY C 356 21.78 -23.48 19.61
N ASP C 357 22.62 -23.49 18.59
CA ASP C 357 22.83 -24.71 17.83
C ASP C 357 24.26 -24.68 17.30
N LEU C 358 24.80 -25.87 17.05
CA LEU C 358 26.09 -25.98 16.40
C LEU C 358 25.96 -25.55 14.94
N LEU C 359 27.07 -25.09 14.38
CA LEU C 359 27.08 -24.51 13.04
C LEU C 359 28.29 -25.04 12.30
N THR C 360 28.10 -26.08 11.50
CA THR C 360 29.22 -26.60 10.72
C THR C 360 29.50 -25.72 9.52
N ILE C 361 30.78 -25.42 9.31
CA ILE C 361 31.22 -24.52 8.25
C ILE C 361 32.30 -25.26 7.49
N GLU C 362 32.14 -25.42 6.18
CA GLU C 362 33.09 -26.19 5.41
C GLU C 362 33.57 -25.40 4.20
N THR C 363 34.77 -25.75 3.75
CA THR C 363 35.48 -25.04 2.72
C THR C 363 36.17 -26.05 1.82
N ALA C 364 36.05 -25.84 0.51
CA ALA C 364 36.82 -26.61 -0.47
C ALA C 364 37.68 -25.60 -1.22
N CYS C 365 38.96 -25.91 -1.38
CA CYS C 365 39.86 -25.03 -2.11
C CYS C 365 40.49 -25.84 -3.23
N VAL C 366 39.80 -25.87 -4.36
CA VAL C 366 40.23 -26.64 -5.54
C VAL C 366 41.07 -25.73 -6.42
N PRO C 367 42.01 -26.26 -7.20
CA PRO C 367 42.82 -25.41 -8.08
C PRO C 367 42.00 -24.85 -9.23
N GLY C 368 42.03 -23.53 -9.38
CA GLY C 368 41.23 -22.86 -10.38
C GLY C 368 41.75 -21.48 -10.73
N LYS C 369 40.84 -20.51 -10.84
CA LYS C 369 41.19 -19.17 -11.30
C LYS C 369 40.79 -18.10 -10.29
N GLY C 370 40.79 -18.43 -9.01
CA GLY C 370 40.46 -17.45 -8.00
C GLY C 370 38.99 -17.16 -7.86
N LYS C 371 38.11 -18.11 -8.15
CA LYS C 371 36.68 -17.90 -8.00
C LYS C 371 36.29 -17.99 -6.53
N LEU C 372 35.36 -17.14 -6.12
CA LEU C 372 34.91 -17.05 -4.74
C LEU C 372 33.39 -17.24 -4.70
N THR C 373 32.95 -18.46 -4.40
CA THR C 373 31.53 -18.76 -4.28
C THR C 373 31.19 -19.06 -2.83
N TYR C 374 30.06 -18.53 -2.36
CA TYR C 374 29.64 -18.67 -0.97
C TYR C 374 28.18 -19.10 -0.95
N THR C 375 27.92 -20.34 -0.55
CA THR C 375 26.57 -20.88 -0.56
C THR C 375 26.13 -21.21 0.86
N GLY C 376 24.84 -21.48 1.01
CA GLY C 376 24.29 -21.90 2.28
C GLY C 376 23.31 -20.91 2.88
N SER C 377 22.60 -20.18 2.03
CA SER C 377 21.60 -19.16 2.41
C SER C 377 22.20 -18.09 3.31
N LEU C 378 23.38 -17.60 2.93
CA LEU C 378 24.11 -16.63 3.73
C LEU C 378 23.46 -15.26 3.63
N GLY C 379 23.67 -14.45 4.67
CA GLY C 379 23.24 -13.07 4.68
C GLY C 379 24.23 -12.21 3.95
N GLU C 380 24.15 -10.90 4.19
CA GLU C 380 25.12 -10.02 3.57
C GLU C 380 26.22 -9.65 4.54
N VAL C 381 25.89 -9.53 5.83
CA VAL C 381 26.91 -9.33 6.85
C VAL C 381 27.77 -10.58 7.01
N MET C 382 27.17 -11.76 6.79
CA MET C 382 27.94 -13.01 6.84
C MET C 382 28.91 -13.10 5.68
N GLN C 383 28.50 -12.68 4.47
CA GLN C 383 29.39 -12.74 3.32
C GLN C 383 30.47 -11.68 3.40
N GLU C 384 30.14 -10.51 3.96
CA GLU C 384 31.18 -9.52 4.25
C GLU C 384 32.14 -10.02 5.32
N SER C 385 31.65 -10.85 6.22
CA SER C 385 32.50 -11.46 7.23
C SER C 385 33.44 -12.49 6.63
N ILE C 386 32.98 -13.24 5.61
CA ILE C 386 33.88 -14.19 4.95
C ILE C 386 34.90 -13.44 4.11
N GLN C 387 34.51 -12.30 3.51
CA GLN C 387 35.46 -11.50 2.75
C GLN C 387 36.53 -10.90 3.66
N ALA C 388 36.13 -10.48 4.87
CA ALA C 388 37.10 -9.95 5.82
C ALA C 388 38.03 -11.05 6.32
N ALA C 389 37.48 -12.23 6.60
CA ALA C 389 38.30 -13.38 7.04
C ALA C 389 39.30 -13.79 5.97
N LEU C 390 38.88 -13.79 4.71
CA LEU C 390 39.77 -14.11 3.60
C LEU C 390 40.84 -13.04 3.42
N THR C 391 40.50 -11.79 3.71
CA THR C 391 41.51 -10.73 3.67
C THR C 391 42.52 -10.90 4.80
N VAL C 392 42.09 -11.39 5.97
CA VAL C 392 43.01 -11.63 7.08
C VAL C 392 43.95 -12.78 6.76
N VAL C 393 43.43 -13.85 6.15
CA VAL C 393 44.28 -14.96 5.72
C VAL C 393 45.24 -14.51 4.63
N ARG C 394 44.76 -13.63 3.74
CA ARG C 394 45.55 -13.23 2.57
C ARG C 394 46.68 -12.29 2.95
N ALA C 395 46.44 -11.39 3.91
CA ALA C 395 47.50 -10.48 4.35
C ALA C 395 48.49 -11.14 5.30
N ARG C 396 48.20 -12.35 5.75
CA ARG C 396 49.03 -13.07 6.73
C ARG C 396 49.57 -14.37 6.14
N ALA C 397 49.41 -14.58 4.84
CA ALA C 397 49.69 -15.88 4.22
C ALA C 397 51.18 -16.20 4.13
N ASP C 398 52.06 -15.23 4.34
CA ASP C 398 53.49 -15.56 4.38
C ASP C 398 53.87 -16.25 5.69
N LYS C 399 53.33 -15.77 6.81
CA LYS C 399 53.56 -16.38 8.11
C LYS C 399 52.93 -17.75 8.23
N LEU C 400 51.75 -17.94 7.62
CA LEU C 400 50.99 -19.18 7.77
C LEU C 400 51.53 -20.33 6.93
N GLY C 401 52.54 -20.10 6.12
CA GLY C 401 53.03 -21.14 5.23
C GLY C 401 52.18 -21.37 4.01
N ILE C 402 51.52 -20.34 3.50
CA ILE C 402 50.62 -20.46 2.38
C ILE C 402 51.26 -19.78 1.17
N ASN C 403 51.17 -20.43 0.03
CA ASN C 403 51.60 -19.87 -1.25
C ASN C 403 50.81 -18.60 -1.54
N PRO C 404 51.44 -17.41 -1.55
CA PRO C 404 50.68 -16.16 -1.48
C PRO C 404 49.89 -15.81 -2.74
N ASP C 405 50.06 -16.55 -3.84
CA ASP C 405 49.25 -16.32 -5.03
C ASP C 405 48.08 -17.30 -5.14
N PHE C 406 47.51 -17.71 -4.01
CA PHE C 406 46.34 -18.58 -4.03
C PHE C 406 45.09 -17.85 -4.49
N TYR C 407 45.08 -16.51 -4.45
CA TYR C 407 43.97 -15.72 -4.95
C TYR C 407 43.86 -15.77 -6.46
N GLU C 408 44.91 -16.20 -7.15
CA GLU C 408 44.91 -16.40 -8.60
C GLU C 408 44.74 -17.86 -8.99
N LYS C 409 45.27 -18.78 -8.20
CA LYS C 409 45.47 -20.15 -8.61
C LYS C 409 44.45 -21.12 -8.04
N ARG C 410 43.68 -20.73 -7.04
CA ARG C 410 42.83 -21.67 -6.34
C ARG C 410 41.44 -21.06 -6.15
N ASP C 411 40.40 -21.87 -6.32
CA ASP C 411 39.02 -21.45 -6.15
C ASP C 411 38.51 -21.90 -4.80
N ILE C 412 37.86 -21.00 -4.07
CA ILE C 412 37.46 -21.21 -2.68
C ILE C 412 35.95 -21.22 -2.61
N HIS C 413 35.38 -22.25 -1.95
CA HIS C 413 33.95 -22.39 -1.79
C HIS C 413 33.63 -22.60 -0.30
N VAL C 414 33.12 -21.56 0.35
CA VAL C 414 32.67 -21.65 1.74
C VAL C 414 31.21 -22.05 1.75
N HIS C 415 30.90 -23.14 2.42
CA HIS C 415 29.53 -23.63 2.48
C HIS C 415 29.15 -23.97 3.91
N VAL C 416 27.89 -23.70 4.24
CA VAL C 416 27.30 -24.05 5.52
C VAL C 416 26.15 -25.01 5.27
N PRO C 417 26.27 -26.28 5.63
CA PRO C 417 25.43 -27.33 5.02
C PRO C 417 23.99 -27.40 5.50
N GLU C 418 23.44 -26.41 6.21
CA GLU C 418 22.03 -26.51 6.53
C GLU C 418 21.18 -26.12 5.33
N GLY C 419 21.69 -25.21 4.49
CA GLY C 419 21.13 -25.00 3.17
C GLY C 419 19.85 -24.19 3.10
N ALA C 420 18.75 -24.75 3.56
CA ALA C 420 17.46 -24.07 3.51
C ALA C 420 17.31 -23.01 4.58
N THR C 421 18.08 -23.10 5.67
CA THR C 421 17.97 -22.16 6.77
C THR C 421 18.78 -20.90 6.45
N PRO C 422 18.19 -19.71 6.51
CA PRO C 422 18.96 -18.49 6.33
C PRO C 422 19.79 -18.18 7.56
N LYS C 423 20.99 -17.67 7.32
CA LYS C 423 22.00 -17.47 8.35
C LYS C 423 22.72 -16.15 8.11
N ASP C 424 22.76 -15.30 9.14
CA ASP C 424 23.35 -13.98 9.02
C ASP C 424 24.01 -13.56 10.33
N GLY C 425 25.03 -12.72 10.24
CA GLY C 425 25.73 -12.23 11.40
C GLY C 425 27.22 -12.45 11.32
N PRO C 426 28.01 -11.58 11.95
CA PRO C 426 29.47 -11.69 11.87
C PRO C 426 30.10 -12.65 12.87
N SER C 427 29.28 -13.30 13.71
CA SER C 427 29.81 -14.11 14.82
C SER C 427 30.47 -15.40 14.35
N ALA C 428 30.35 -15.76 13.08
CA ALA C 428 31.04 -16.90 12.54
C ALA C 428 32.40 -16.56 11.98
N GLY C 429 32.80 -15.28 12.04
CA GLY C 429 33.88 -14.79 11.19
C GLY C 429 35.23 -15.40 11.51
N ILE C 430 35.58 -15.46 12.79
CA ILE C 430 36.78 -16.16 13.26
C ILE C 430 36.78 -17.59 12.75
N ALA C 431 35.62 -18.26 12.85
CA ALA C 431 35.46 -19.63 12.36
C ALA C 431 35.78 -19.71 10.87
N MET C 432 35.29 -18.74 10.10
CA MET C 432 35.53 -18.68 8.66
C MET C 432 37.03 -18.64 8.38
N CYS C 433 37.73 -17.78 9.14
CA CYS C 433 39.16 -17.61 8.95
C CYS C 433 39.90 -18.91 9.23
N THR C 434 39.49 -19.61 10.30
CA THR C 434 40.16 -20.85 10.69
C THR C 434 39.98 -21.89 9.60
N ALA C 435 38.76 -21.96 9.04
CA ALA C 435 38.46 -22.93 8.00
C ALA C 435 39.32 -22.68 6.78
N LEU C 436 39.47 -21.40 6.42
CA LEU C 436 40.24 -21.05 5.23
C LEU C 436 41.70 -21.44 5.40
N VAL C 437 42.24 -21.22 6.61
CA VAL C 437 43.64 -21.55 6.87
C VAL C 437 43.84 -23.04 6.75
N SER C 438 42.88 -23.81 7.29
CA SER C 438 42.94 -25.27 7.19
C SER C 438 42.87 -25.70 5.73
N CYS C 439 41.98 -25.07 4.97
CA CYS C 439 41.78 -25.52 3.61
C CYS C 439 42.87 -24.97 2.69
N LEU C 440 43.76 -24.12 3.21
CA LEU C 440 44.91 -23.71 2.41
C LEU C 440 46.17 -24.43 2.82
N THR C 441 46.15 -25.22 3.90
CA THR C 441 47.37 -25.83 4.40
C THR C 441 47.30 -27.34 4.52
N GLY C 442 46.13 -27.95 4.49
CA GLY C 442 46.00 -29.34 4.83
C GLY C 442 46.17 -29.62 6.31
N ASN C 443 46.12 -28.59 7.14
CA ASN C 443 46.24 -28.76 8.59
C ASN C 443 44.84 -28.86 9.15
N PRO C 444 44.40 -30.03 9.62
CA PRO C 444 43.00 -30.21 9.95
C PRO C 444 42.62 -29.55 11.27
N VAL C 445 41.41 -29.01 11.28
CA VAL C 445 40.84 -28.42 12.49
C VAL C 445 40.39 -29.55 13.40
N ARG C 446 40.82 -29.51 14.66
CA ARG C 446 40.45 -30.56 15.59
C ARG C 446 38.98 -30.42 15.97
N ALA C 447 38.28 -31.55 15.94
CA ALA C 447 36.82 -31.57 15.96
C ALA C 447 36.24 -31.34 17.34
N ASP C 448 37.05 -31.32 18.39
CA ASP C 448 36.57 -31.04 19.73
C ASP C 448 36.57 -29.54 20.03
N VAL C 449 36.86 -28.71 19.04
CA VAL C 449 36.93 -27.27 19.21
C VAL C 449 35.78 -26.59 18.49
N ALA C 450 35.03 -25.79 19.23
CA ALA C 450 34.11 -24.82 18.65
C ALA C 450 34.68 -23.43 18.89
N MET C 451 34.11 -22.43 18.21
CA MET C 451 34.56 -21.06 18.36
C MET C 451 33.48 -20.09 17.93
N THR C 452 33.62 -18.85 18.40
CA THR C 452 32.74 -17.76 17.99
C THR C 452 33.51 -16.46 18.12
N GLY C 453 33.06 -15.45 17.38
CA GLY C 453 33.72 -14.17 17.42
C GLY C 453 33.75 -13.47 16.08
N GLU C 454 33.96 -12.15 16.11
CA GLU C 454 33.97 -11.32 14.93
C GLU C 454 35.42 -11.00 14.60
N ILE C 455 35.74 -10.85 13.32
CA ILE C 455 37.11 -10.64 12.89
C ILE C 455 37.23 -9.25 12.27
N THR C 456 38.38 -8.63 12.46
CA THR C 456 38.77 -7.40 11.79
C THR C 456 40.04 -7.64 10.99
N LEU C 457 40.33 -6.71 10.07
CA LEU C 457 41.47 -6.88 9.16
C LEU C 457 42.80 -6.78 9.88
N ARG C 458 42.84 -6.11 11.02
CA ARG C 458 44.02 -6.11 11.87
C ARG C 458 44.32 -7.50 12.41
N GLY C 459 43.27 -8.29 12.66
CA GLY C 459 43.43 -9.65 13.13
C GLY C 459 42.73 -9.88 14.45
N LEU C 460 42.13 -8.81 14.97
CA LEU C 460 41.57 -8.84 16.32
C LEU C 460 40.21 -9.49 16.35
N VAL C 461 39.84 -9.96 17.54
CA VAL C 461 38.58 -10.66 17.77
C VAL C 461 37.68 -9.72 18.55
N LEU C 462 36.53 -9.42 17.99
CA LEU C 462 35.60 -8.47 18.58
C LEU C 462 34.46 -9.20 19.29
N PRO C 463 33.79 -8.56 20.26
CA PRO C 463 32.76 -9.26 21.03
C PRO C 463 31.53 -9.60 20.20
N ILE C 464 30.82 -10.62 20.66
CA ILE C 464 29.59 -11.09 20.05
C ILE C 464 28.51 -11.21 21.13
N GLY C 465 27.31 -11.59 20.69
CA GLY C 465 26.16 -11.61 21.56
C GLY C 465 25.61 -13.01 21.75
N GLY C 466 25.08 -13.27 22.94
CA GLY C 466 24.39 -14.52 23.24
C GLY C 466 25.31 -15.70 23.48
N LEU C 467 26.26 -15.57 24.42
CA LEU C 467 27.15 -16.68 24.73
C LEU C 467 26.47 -17.86 25.40
N LYS C 468 25.38 -17.63 26.14
CA LYS C 468 24.85 -18.66 27.02
C LYS C 468 24.30 -19.84 26.23
N GLU C 469 23.50 -19.56 25.20
CA GLU C 469 22.94 -20.63 24.39
C GLU C 469 23.97 -21.23 23.45
N LYS C 470 25.00 -20.47 23.09
CA LYS C 470 26.09 -21.02 22.29
C LYS C 470 26.90 -22.01 23.09
N LEU C 471 27.18 -21.71 24.36
CA LEU C 471 27.92 -22.62 25.22
C LEU C 471 27.07 -23.81 25.64
N LEU C 472 25.76 -23.60 25.83
CA LEU C 472 24.87 -24.73 26.06
C LEU C 472 24.76 -25.62 24.83
N ALA C 473 24.86 -25.03 23.64
CA ALA C 473 24.84 -25.82 22.41
C ALA C 473 26.13 -26.60 22.23
N ALA C 474 27.26 -26.01 22.64
CA ALA C 474 28.52 -26.73 22.57
C ALA C 474 28.59 -27.83 23.61
N HIS C 475 28.02 -27.59 24.80
CA HIS C 475 27.98 -28.61 25.83
C HIS C 475 27.03 -29.74 25.47
N ARG C 476 25.89 -29.41 24.85
CA ARG C 476 24.98 -30.43 24.35
C ARG C 476 25.60 -31.21 23.20
N GLY C 477 26.37 -30.53 22.34
CA GLY C 477 26.94 -31.16 21.18
C GLY C 477 28.14 -32.05 21.42
N GLY C 478 28.75 -31.98 22.60
CA GLY C 478 29.92 -32.77 22.89
C GLY C 478 31.24 -32.06 22.68
N ILE C 479 31.23 -30.74 22.52
CA ILE C 479 32.46 -29.96 22.45
C ILE C 479 33.12 -29.96 23.83
N LYS C 480 34.45 -30.06 23.86
CA LYS C 480 35.18 -30.01 25.12
C LYS C 480 35.95 -28.70 25.31
N VAL C 481 36.10 -27.90 24.27
CA VAL C 481 36.84 -26.64 24.34
C VAL C 481 36.29 -25.67 23.31
N VAL C 482 35.91 -24.47 23.78
CA VAL C 482 35.38 -23.42 22.92
C VAL C 482 36.38 -22.28 22.88
N LEU C 483 36.11 -21.31 22.01
CA LEU C 483 36.93 -20.11 21.85
C LEU C 483 35.97 -18.92 21.78
N ILE C 484 35.88 -18.16 22.86
CA ILE C 484 35.03 -16.97 22.91
C ILE C 484 35.94 -15.77 22.73
N PRO C 485 35.43 -14.59 22.38
CA PRO C 485 36.26 -13.38 22.42
C PRO C 485 36.65 -13.00 23.84
N ASP C 486 37.59 -12.06 23.93
CA ASP C 486 38.11 -11.64 25.23
C ASP C 486 37.06 -10.85 26.01
N ASP C 487 36.48 -9.82 25.39
CA ASP C 487 35.59 -8.91 26.11
C ASP C 487 34.21 -9.50 26.38
N ASN C 488 34.01 -10.80 26.17
CA ASN C 488 32.83 -11.51 26.62
C ASN C 488 33.08 -12.31 27.89
N LYS C 489 34.26 -12.15 28.53
CA LYS C 489 34.54 -12.81 29.81
C LYS C 489 33.49 -12.50 30.88
N ARG C 490 32.96 -11.27 30.86
CA ARG C 490 31.91 -10.87 31.80
C ARG C 490 30.67 -11.75 31.68
N ASP C 491 30.36 -12.20 30.46
CA ASP C 491 29.17 -13.04 30.29
C ASP C 491 29.36 -14.41 30.92
N LEU C 492 30.62 -14.84 31.09
CA LEU C 492 30.91 -16.07 31.84
C LEU C 492 30.49 -15.99 33.30
N GLU C 493 30.19 -14.80 33.82
CA GLU C 493 29.65 -14.69 35.17
C GLU C 493 28.23 -15.24 35.29
N GLU C 494 27.49 -15.41 34.20
CA GLU C 494 26.10 -15.84 34.32
C GLU C 494 25.85 -17.18 33.64
N ILE C 495 26.89 -18.00 33.53
CA ILE C 495 26.78 -19.33 32.93
C ILE C 495 26.60 -20.33 34.07
N PRO C 496 25.78 -21.38 33.92
CA PRO C 496 25.69 -22.42 34.96
C PRO C 496 27.00 -23.16 35.19
N ASP C 497 27.05 -23.89 36.30
CA ASP C 497 28.31 -24.39 36.83
C ASP C 497 28.79 -25.63 36.10
N ASN C 498 27.88 -26.50 35.66
CA ASN C 498 28.29 -27.70 34.93
C ASN C 498 28.85 -27.36 33.56
N VAL C 499 28.34 -26.30 32.94
CA VAL C 499 28.82 -25.86 31.63
C VAL C 499 30.24 -25.31 31.75
N ILE C 500 30.49 -24.49 32.78
CA ILE C 500 31.84 -24.00 33.06
C ILE C 500 32.77 -25.14 33.45
N ALA C 501 32.28 -26.13 34.19
CA ALA C 501 33.10 -27.24 34.63
C ALA C 501 33.48 -28.17 33.48
N ASP C 502 32.59 -28.37 32.52
CA ASP C 502 32.87 -29.29 31.41
C ASP C 502 33.66 -28.64 30.28
N LEU C 503 33.33 -27.40 29.95
CA LEU C 503 33.96 -26.73 28.80
C LEU C 503 35.28 -26.09 29.22
N GLU C 504 36.34 -26.39 28.49
CA GLU C 504 37.61 -25.70 28.62
C GLU C 504 37.51 -24.41 27.82
N ILE C 505 37.14 -23.32 28.47
CA ILE C 505 36.82 -22.08 27.77
C ILE C 505 38.07 -21.21 27.67
N HIS C 506 38.48 -20.90 26.45
CA HIS C 506 39.63 -20.02 26.20
C HIS C 506 39.17 -18.71 25.59
N PRO C 507 39.28 -17.60 26.29
CA PRO C 507 39.09 -16.29 25.65
C PRO C 507 40.27 -15.95 24.76
N VAL C 508 39.99 -15.42 23.57
CA VAL C 508 41.02 -15.05 22.62
C VAL C 508 40.93 -13.56 22.35
N LYS C 509 42.04 -12.98 21.89
CA LYS C 509 42.14 -11.57 21.58
C LYS C 509 42.42 -11.29 20.12
N ARG C 510 43.12 -12.19 19.45
CA ARG C 510 43.53 -12.03 18.07
C ARG C 510 43.55 -13.41 17.41
N ILE C 511 43.93 -13.44 16.13
CA ILE C 511 43.63 -14.60 15.31
C ILE C 511 44.66 -15.72 15.46
N ASP C 512 45.92 -15.41 15.78
CA ASP C 512 46.92 -16.47 15.86
C ASP C 512 46.81 -17.24 17.17
N ASP C 513 46.09 -16.71 18.15
CA ASP C 513 45.71 -17.49 19.32
C ASP C 513 44.72 -18.59 18.90
N VAL C 514 43.74 -18.22 18.08
CA VAL C 514 42.77 -19.18 17.56
C VAL C 514 43.44 -20.23 16.69
N LEU C 515 44.34 -19.79 15.81
CA LEU C 515 45.05 -20.74 14.96
C LEU C 515 46.06 -21.58 15.75
N ALA C 516 46.51 -21.09 16.90
CA ALA C 516 47.34 -21.91 17.76
C ALA C 516 46.54 -22.97 18.50
N ILE C 517 45.34 -22.64 18.94
CA ILE C 517 44.53 -23.58 19.71
C ILE C 517 43.77 -24.55 18.82
N ALA C 518 43.08 -24.05 17.80
CA ALA C 518 42.08 -24.84 17.06
C ALA C 518 42.67 -25.73 15.97
N LEU C 519 43.92 -25.54 15.59
CA LEU C 519 44.52 -26.41 14.58
C LEU C 519 45.32 -27.51 15.25
N GLU C 520 45.46 -28.63 14.54
CA GLU C 520 46.16 -29.78 15.11
C GLU C 520 47.67 -29.56 15.11
N HIS C 521 48.21 -28.96 14.06
CA HIS C 521 49.63 -28.71 13.92
C HIS C 521 49.94 -27.23 14.12
N PRO C 522 51.17 -26.88 14.49
CA PRO C 522 51.52 -25.46 14.60
C PRO C 522 51.58 -24.77 13.25
N ALA C 523 51.01 -23.58 13.19
CA ALA C 523 50.99 -22.80 11.96
C ALA C 523 52.25 -21.94 11.82
N ALA D 1 -41.29 -6.89 30.89
CA ALA D 1 -40.97 -6.47 29.53
C ALA D 1 -40.14 -7.53 28.81
N LEU D 2 -38.88 -7.71 29.25
CA LEU D 2 -38.00 -8.72 28.71
C LEU D 2 -37.20 -9.45 29.78
N LYS D 3 -37.54 -9.28 31.06
CA LYS D 3 -36.84 -10.05 32.09
C LYS D 3 -37.25 -11.52 32.09
N ARG D 4 -38.41 -11.85 31.51
CA ARG D 4 -38.82 -13.24 31.39
C ARG D 4 -37.87 -14.03 30.50
N LYS D 5 -37.29 -13.38 29.50
CA LYS D 5 -36.31 -14.03 28.64
C LYS D 5 -34.92 -13.99 29.24
N ILE D 6 -34.68 -13.08 30.19
CA ILE D 6 -33.40 -13.02 30.86
C ILE D 6 -33.29 -14.10 31.94
N GLU D 7 -34.32 -14.22 32.78
CA GLU D 7 -34.32 -15.32 33.74
C GLU D 7 -34.64 -16.64 33.06
N ALA D 8 -35.26 -16.60 31.87
CA ALA D 8 -35.44 -17.81 31.09
C ALA D 8 -34.14 -18.30 30.46
N ALA D 9 -33.09 -17.47 30.42
CA ALA D 9 -31.86 -17.86 29.76
C ALA D 9 -30.82 -18.42 30.72
N LYS D 10 -30.98 -18.18 32.03
CA LYS D 10 -30.07 -18.65 33.10
C LYS D 10 -28.64 -18.20 32.86
N MET D 11 -28.45 -16.89 32.87
CA MET D 11 -27.17 -16.30 32.54
C MET D 11 -26.24 -16.29 33.76
N PRO D 12 -24.92 -16.32 33.55
CA PRO D 12 -23.99 -16.12 34.67
C PRO D 12 -24.02 -14.70 35.22
N LYS D 13 -23.30 -14.44 36.31
CA LYS D 13 -23.56 -13.29 37.16
C LYS D 13 -23.25 -11.97 36.47
N ASP D 14 -22.09 -11.88 35.79
CA ASP D 14 -21.71 -10.65 35.13
C ASP D 14 -22.61 -10.35 33.94
N ALA D 15 -22.94 -11.37 33.16
CA ALA D 15 -23.78 -11.19 31.98
C ALA D 15 -25.22 -10.88 32.39
N ARG D 16 -25.72 -11.55 33.44
CA ARG D 16 -27.07 -11.29 33.93
C ARG D 16 -27.21 -9.89 34.50
N GLU D 17 -26.27 -9.49 35.36
CA GLU D 17 -26.30 -8.15 35.95
C GLU D 17 -26.14 -7.08 34.89
N LYS D 18 -25.33 -7.34 33.86
CA LYS D 18 -25.16 -6.31 32.84
C LYS D 18 -26.37 -6.21 31.94
N THR D 19 -26.99 -7.34 31.59
CA THR D 19 -28.15 -7.25 30.70
C THR D 19 -29.39 -6.75 31.45
N GLU D 20 -29.45 -6.91 32.77
CA GLU D 20 -30.58 -6.36 33.50
C GLU D 20 -30.33 -4.91 33.88
N ALA D 21 -29.07 -4.48 33.93
CA ALA D 21 -28.79 -3.04 33.99
C ALA D 21 -29.10 -2.36 32.67
N GLU D 22 -28.88 -3.04 31.55
CA GLU D 22 -29.24 -2.49 30.26
C GLU D 22 -30.75 -2.44 30.07
N LEU D 23 -31.46 -3.49 30.52
CA LEU D 23 -32.91 -3.47 30.39
C LEU D 23 -33.54 -2.49 31.37
N GLN D 24 -32.96 -2.35 32.57
CA GLN D 24 -33.46 -1.36 33.52
C GLN D 24 -33.19 0.05 33.03
N LYS D 25 -32.05 0.27 32.36
CA LYS D 25 -31.76 1.51 31.67
C LYS D 25 -32.72 1.76 30.51
N LEU D 26 -33.22 0.69 29.86
CA LEU D 26 -34.07 0.85 28.69
C LEU D 26 -35.48 1.34 29.07
N LYS D 27 -35.95 1.04 30.28
CA LYS D 27 -37.31 1.42 30.65
C LYS D 27 -37.45 2.91 30.94
N MET D 28 -36.40 3.56 31.46
CA MET D 28 -36.42 4.99 31.69
C MET D 28 -36.11 5.80 30.44
N MET D 29 -35.91 5.14 29.31
CA MET D 29 -35.71 5.80 28.02
C MET D 29 -37.05 5.93 27.32
N SER D 30 -37.19 6.96 26.52
CA SER D 30 -38.38 7.02 25.69
C SER D 30 -38.23 6.06 24.51
N PRO D 31 -39.29 5.35 24.16
CA PRO D 31 -39.23 4.47 22.98
C PRO D 31 -39.24 5.27 21.68
N MET D 32 -39.28 4.51 20.57
CA MET D 32 -39.17 5.01 19.20
C MET D 32 -37.87 5.79 19.01
N SER D 33 -36.80 5.36 19.67
CA SER D 33 -35.57 6.13 19.71
C SER D 33 -34.44 5.42 18.96
N ALA D 34 -33.30 6.09 18.87
CA ALA D 34 -32.13 5.48 18.27
C ALA D 34 -31.34 4.66 19.29
N GLU D 35 -31.08 5.23 20.47
CA GLU D 35 -30.29 4.53 21.46
C GLU D 35 -31.10 3.42 22.14
N ALA D 36 -32.43 3.57 22.18
CA ALA D 36 -33.28 2.48 22.64
C ALA D 36 -33.27 1.33 21.64
N THR D 37 -33.14 1.64 20.36
CA THR D 37 -32.95 0.61 19.34
C THR D 37 -31.59 -0.07 19.51
N VAL D 38 -30.56 0.70 19.89
CA VAL D 38 -29.24 0.13 20.17
C VAL D 38 -29.30 -0.82 21.36
N VAL D 39 -30.00 -0.42 22.43
CA VAL D 39 -30.10 -1.26 23.62
C VAL D 39 -30.94 -2.51 23.36
N ARG D 40 -32.02 -2.38 22.58
CA ARG D 40 -32.80 -3.56 22.20
C ARG D 40 -32.02 -4.49 21.29
N GLY D 41 -31.13 -3.94 20.46
CA GLY D 41 -30.26 -4.80 19.67
C GLY D 41 -29.26 -5.56 20.53
N TYR D 42 -28.68 -4.89 21.53
CA TYR D 42 -27.71 -5.52 22.40
C TYR D 42 -28.33 -6.59 23.28
N ILE D 43 -29.53 -6.31 23.83
CA ILE D 43 -30.26 -7.33 24.57
C ILE D 43 -30.68 -8.46 23.65
N ASP D 44 -31.05 -8.15 22.41
CA ASP D 44 -31.41 -9.18 21.43
C ASP D 44 -30.23 -10.07 21.10
N TRP D 45 -28.99 -9.56 21.14
CA TRP D 45 -27.86 -10.46 21.00
C TRP D 45 -27.59 -11.26 22.26
N MET D 46 -27.70 -10.65 23.45
CA MET D 46 -27.36 -11.43 24.64
C MET D 46 -28.45 -12.41 25.06
N LEU D 47 -29.65 -12.36 24.48
CA LEU D 47 -30.64 -13.37 24.78
C LEU D 47 -30.51 -14.61 23.91
N GLN D 48 -29.68 -14.57 22.87
CA GLN D 48 -29.53 -15.69 21.97
C GLN D 48 -28.12 -16.26 21.96
N VAL D 49 -27.23 -15.74 22.80
CA VAL D 49 -25.91 -16.34 23.00
C VAL D 49 -26.07 -17.48 24.00
N PRO D 50 -25.54 -18.68 23.72
CA PRO D 50 -25.65 -19.78 24.68
C PRO D 50 -24.79 -19.53 25.91
N TRP D 51 -25.42 -19.62 27.08
CA TRP D 51 -24.72 -19.47 28.35
C TRP D 51 -24.69 -20.75 29.16
N ASN D 52 -25.71 -21.61 29.03
CA ASN D 52 -25.79 -22.82 29.82
C ASN D 52 -25.99 -24.09 29.00
N SER D 53 -26.40 -23.97 27.73
CA SER D 53 -26.83 -25.14 26.95
C SER D 53 -25.63 -26.00 26.58
N ARG D 54 -25.71 -27.28 26.93
CA ARG D 54 -24.60 -28.21 26.79
C ARG D 54 -25.12 -29.51 26.22
N SER D 55 -24.45 -30.03 25.19
CA SER D 55 -24.84 -31.30 24.59
C SER D 55 -24.17 -32.45 25.31
N LYS D 56 -24.91 -33.54 25.47
CA LYS D 56 -24.37 -34.72 26.13
C LYS D 56 -23.46 -35.48 25.19
N VAL D 57 -22.22 -35.68 25.60
CA VAL D 57 -21.20 -36.27 24.76
C VAL D 57 -21.17 -37.79 24.95
N LYS D 58 -20.60 -38.47 23.96
CA LYS D 58 -20.63 -39.92 23.90
C LYS D 58 -19.48 -40.53 24.68
N LYS D 59 -19.80 -41.49 25.54
CA LYS D 59 -18.80 -42.17 26.36
C LYS D 59 -18.27 -43.46 25.73
N ASP D 60 -19.01 -44.05 24.80
CA ASP D 60 -18.64 -45.35 24.24
C ASP D 60 -17.53 -45.16 23.19
N LEU D 61 -16.54 -46.04 23.25
CA LEU D 61 -15.41 -45.98 22.31
C LEU D 61 -15.59 -46.88 21.11
N VAL D 62 -16.22 -48.05 21.29
CA VAL D 62 -16.40 -48.98 20.19
C VAL D 62 -17.41 -48.43 19.18
N LYS D 63 -18.49 -47.83 19.68
CA LYS D 63 -19.46 -47.18 18.80
C LYS D 63 -18.84 -45.96 18.11
N ALA D 64 -17.94 -45.26 18.80
CA ALA D 64 -17.28 -44.10 18.22
C ALA D 64 -16.36 -44.49 17.08
N GLN D 65 -15.47 -45.47 17.31
CA GLN D 65 -14.59 -45.96 16.26
C GLN D 65 -15.37 -46.62 15.14
N GLU D 66 -16.54 -47.17 15.46
CA GLU D 66 -17.45 -47.65 14.43
C GLU D 66 -17.96 -46.50 13.56
N VAL D 67 -18.26 -45.35 14.15
CA VAL D 67 -18.76 -44.21 13.37
C VAL D 67 -17.66 -43.62 12.50
N LEU D 68 -16.50 -43.32 13.10
CA LEU D 68 -15.39 -42.74 12.33
C LEU D 68 -14.81 -43.72 11.32
N ASP D 69 -15.04 -45.03 11.50
CA ASP D 69 -14.68 -45.97 10.44
C ASP D 69 -15.76 -46.11 9.39
N THR D 70 -17.02 -45.86 9.71
CA THR D 70 -18.05 -45.91 8.67
C THR D 70 -18.02 -44.71 7.75
N ASP D 71 -17.57 -43.55 8.20
CA ASP D 71 -17.60 -42.45 7.24
C ASP D 71 -16.22 -41.99 6.75
N HIS D 72 -15.15 -42.66 7.15
CA HIS D 72 -13.82 -42.41 6.58
C HIS D 72 -13.03 -43.70 6.54
N TYR D 73 -11.92 -43.68 5.79
CA TYR D 73 -11.08 -44.86 5.61
C TYR D 73 -9.65 -44.52 5.96
N GLY D 74 -9.16 -45.05 7.07
CA GLY D 74 -7.73 -45.07 7.34
C GLY D 74 -7.07 -43.76 7.72
N LEU D 75 -7.80 -42.87 8.37
CA LEU D 75 -7.19 -41.69 8.97
C LEU D 75 -6.87 -41.99 10.43
N GLU D 76 -5.91 -42.90 10.61
CA GLU D 76 -5.71 -43.59 11.88
C GLU D 76 -5.18 -42.70 12.99
N ARG D 77 -4.37 -41.69 12.66
CA ARG D 77 -3.80 -40.85 13.70
C ARG D 77 -4.85 -39.92 14.29
N VAL D 78 -5.74 -39.40 13.44
CA VAL D 78 -6.80 -38.51 13.90
C VAL D 78 -7.85 -39.30 14.67
N LYS D 79 -8.23 -40.48 14.16
CA LYS D 79 -9.22 -41.31 14.83
C LYS D 79 -8.68 -41.82 16.17
N ASP D 80 -7.37 -42.09 16.23
CA ASP D 80 -6.73 -42.37 17.51
C ASP D 80 -6.83 -41.18 18.45
N ARG D 81 -6.61 -39.95 17.94
CA ARG D 81 -6.70 -38.75 18.77
C ARG D 81 -8.09 -38.55 19.35
N ILE D 82 -9.12 -38.84 18.55
CA ILE D 82 -10.50 -38.68 19.02
C ILE D 82 -10.86 -39.76 20.03
N LEU D 83 -10.33 -40.97 19.85
CA LEU D 83 -10.52 -41.98 20.88
C LEU D 83 -9.77 -41.65 22.17
N GLU D 84 -8.64 -40.94 22.05
CA GLU D 84 -7.94 -40.45 23.23
C GLU D 84 -8.77 -39.42 23.98
N TYR D 85 -9.41 -38.50 23.25
CA TYR D 85 -10.26 -37.49 23.88
C TYR D 85 -11.47 -38.14 24.54
N LEU D 86 -12.12 -39.08 23.85
CA LEU D 86 -13.27 -39.76 24.44
C LEU D 86 -12.89 -40.77 25.50
N ALA D 87 -11.61 -41.11 25.61
CA ALA D 87 -11.17 -41.97 26.70
C ALA D 87 -10.87 -41.14 27.96
N VAL D 88 -10.30 -39.94 27.78
CA VAL D 88 -10.09 -39.05 28.90
C VAL D 88 -11.43 -38.52 29.42
N GLN D 89 -12.37 -38.27 28.51
CA GLN D 89 -13.62 -37.61 28.85
C GLN D 89 -14.50 -38.47 29.76
N SER D 90 -14.33 -39.79 29.73
CA SER D 90 -15.12 -40.65 30.59
C SER D 90 -14.58 -40.72 32.02
N ARG D 91 -13.47 -40.06 32.33
CA ARG D 91 -12.89 -40.06 33.67
C ARG D 91 -13.15 -38.76 34.43
N VAL D 92 -13.40 -37.66 33.73
CA VAL D 92 -13.64 -36.37 34.36
C VAL D 92 -14.95 -35.80 33.84
N SER D 93 -15.35 -34.66 34.40
CA SER D 93 -16.57 -33.99 33.97
C SER D 93 -16.34 -33.14 32.74
N LYS D 94 -15.46 -32.14 32.83
CA LYS D 94 -15.19 -31.23 31.73
C LYS D 94 -13.70 -31.11 31.49
N ILE D 95 -13.33 -30.92 30.23
CA ILE D 95 -11.94 -30.75 29.80
C ILE D 95 -11.93 -29.47 28.97
N LYS D 96 -10.77 -28.82 28.90
CA LYS D 96 -10.53 -27.85 27.85
C LYS D 96 -10.70 -28.52 26.49
N GLY D 97 -11.37 -27.83 25.57
CA GLY D 97 -11.57 -28.33 24.24
C GLY D 97 -10.25 -28.42 23.50
N PRO D 98 -10.00 -29.57 22.85
CA PRO D 98 -8.71 -29.75 22.17
C PRO D 98 -8.61 -28.88 20.94
N ILE D 99 -7.44 -28.27 20.76
CA ILE D 99 -7.19 -27.35 19.66
C ILE D 99 -6.27 -28.05 18.67
N LEU D 100 -6.82 -28.48 17.54
CA LEU D 100 -6.13 -29.30 16.57
C LEU D 100 -5.83 -28.50 15.31
N CYS D 101 -4.91 -29.04 14.51
CA CYS D 101 -4.50 -28.42 13.25
C CYS D 101 -4.20 -29.55 12.26
N LEU D 102 -5.16 -29.86 11.40
CA LEU D 102 -5.00 -30.91 10.41
C LEU D 102 -4.29 -30.34 9.19
N VAL D 103 -3.08 -30.83 8.93
CA VAL D 103 -2.25 -30.31 7.84
C VAL D 103 -2.02 -31.42 6.82
N GLY D 104 -2.40 -31.15 5.57
CA GLY D 104 -2.24 -32.11 4.51
C GLY D 104 -2.53 -31.55 3.13
N PRO D 105 -2.42 -32.41 2.12
CA PRO D 105 -2.70 -31.98 0.74
C PRO D 105 -4.19 -31.76 0.53
N PRO D 106 -4.59 -31.12 -0.56
CA PRO D 106 -6.03 -31.02 -0.87
C PRO D 106 -6.64 -32.38 -1.17
N GLY D 107 -7.92 -32.53 -0.82
CA GLY D 107 -8.65 -33.75 -1.05
C GLY D 107 -8.31 -34.89 -0.11
N VAL D 108 -7.57 -34.62 0.97
CA VAL D 108 -7.13 -35.70 1.85
C VAL D 108 -8.16 -36.04 2.91
N GLY D 109 -9.23 -35.26 3.02
CA GLY D 109 -10.28 -35.57 3.97
C GLY D 109 -10.17 -34.89 5.31
N LYS D 110 -10.15 -33.55 5.33
CA LYS D 110 -10.04 -32.81 6.58
C LYS D 110 -11.33 -32.15 7.02
N THR D 111 -12.22 -31.82 6.10
CA THR D 111 -13.47 -31.13 6.44
C THR D 111 -14.57 -32.13 6.81
N SER D 112 -14.76 -33.16 5.97
CA SER D 112 -15.69 -34.24 6.29
C SER D 112 -15.24 -34.99 7.54
N LEU D 113 -13.94 -34.98 7.82
CA LEU D 113 -13.43 -35.54 9.07
C LEU D 113 -13.93 -34.73 10.26
N GLY D 114 -14.02 -33.41 10.10
CA GLY D 114 -14.64 -32.60 11.14
C GLY D 114 -16.12 -32.89 11.31
N GLN D 115 -16.81 -33.19 10.21
CA GLN D 115 -18.20 -33.66 10.32
C GLN D 115 -18.27 -35.00 11.06
N SER D 116 -17.28 -35.88 10.85
CA SER D 116 -17.28 -37.18 11.52
C SER D 116 -17.02 -37.05 13.01
N ILE D 117 -16.07 -36.19 13.40
CA ILE D 117 -15.79 -35.94 14.80
C ILE D 117 -17.00 -35.31 15.47
N ALA D 118 -17.69 -34.41 14.76
CA ALA D 118 -18.90 -33.81 15.30
C ALA D 118 -20.01 -34.84 15.52
N LYS D 119 -20.22 -35.75 14.56
CA LYS D 119 -21.30 -36.72 14.71
C LYS D 119 -20.92 -37.81 15.71
N ALA D 120 -19.62 -38.02 15.95
CA ALA D 120 -19.19 -39.12 16.78
C ALA D 120 -19.01 -38.74 18.25
N THR D 121 -18.45 -37.57 18.53
CA THR D 121 -18.25 -37.16 19.93
C THR D 121 -19.54 -36.70 20.58
N GLY D 122 -20.60 -36.46 19.82
CA GLY D 122 -21.84 -35.95 20.35
C GLY D 122 -22.01 -34.45 20.23
N ARG D 123 -20.96 -33.74 19.86
CA ARG D 123 -21.00 -32.28 19.75
C ARG D 123 -21.81 -31.85 18.54
N GLN D 124 -22.15 -30.57 18.51
CA GLN D 124 -22.80 -30.01 17.34
C GLN D 124 -21.75 -29.38 16.42
N TYR D 125 -22.15 -29.14 15.19
CA TYR D 125 -21.20 -28.78 14.15
C TYR D 125 -21.53 -27.41 13.57
N VAL D 126 -20.50 -26.57 13.44
CA VAL D 126 -20.55 -25.39 12.59
C VAL D 126 -19.11 -25.09 12.17
N ARG D 127 -18.95 -24.54 10.97
CA ARG D 127 -17.64 -24.25 10.44
C ARG D 127 -17.53 -22.77 10.11
N MET D 128 -16.34 -22.22 10.30
CA MET D 128 -16.02 -20.84 9.95
C MET D 128 -14.86 -20.90 8.97
N ALA D 129 -15.10 -20.49 7.73
CA ALA D 129 -14.08 -20.50 6.71
C ALA D 129 -13.16 -19.30 6.93
N LEU D 130 -11.89 -19.56 7.21
CA LEU D 130 -10.93 -18.49 7.44
C LEU D 130 -10.30 -17.97 6.17
N GLY D 131 -10.67 -18.49 5.01
CA GLY D 131 -10.12 -17.98 3.77
C GLY D 131 -10.77 -16.67 3.40
N GLY D 132 -9.97 -15.61 3.29
CA GLY D 132 -10.48 -14.30 2.98
C GLY D 132 -10.74 -13.43 4.18
N VAL D 133 -10.63 -13.97 5.40
CA VAL D 133 -10.71 -13.18 6.61
C VAL D 133 -9.49 -12.26 6.65
N ARG D 134 -9.73 -10.96 6.62
CA ARG D 134 -8.67 -9.99 6.42
C ARG D 134 -8.55 -8.98 7.57
N ASP D 135 -9.50 -8.97 8.50
CA ASP D 135 -9.48 -8.01 9.60
C ASP D 135 -10.00 -8.63 10.89
N GLU D 136 -9.66 -8.01 12.02
CA GLU D 136 -10.05 -8.53 13.32
C GLU D 136 -11.53 -8.38 13.62
N ALA D 137 -12.25 -7.55 12.86
CA ALA D 137 -13.67 -7.31 13.09
C ALA D 137 -14.53 -8.50 12.72
N GLU D 138 -13.98 -9.48 12.03
CA GLU D 138 -14.68 -10.73 11.77
C GLU D 138 -14.51 -11.72 12.92
N ILE D 139 -13.69 -11.37 13.91
CA ILE D 139 -13.47 -12.22 15.07
C ILE D 139 -13.93 -11.53 16.35
N ARG D 140 -13.58 -10.26 16.54
CA ARG D 140 -14.00 -9.53 17.73
C ARG D 140 -15.21 -8.63 17.51
N GLY D 141 -15.50 -8.23 16.28
CA GLY D 141 -16.62 -7.35 16.03
C GLY D 141 -16.30 -5.90 16.30
N HIS D 142 -17.34 -5.08 16.31
CA HIS D 142 -17.23 -3.66 16.56
C HIS D 142 -18.00 -3.28 17.82
N ARG D 143 -17.66 -2.11 18.36
CA ARG D 143 -18.42 -1.52 19.46
C ARG D 143 -19.81 -1.14 19.00
N ARG D 144 -20.78 -1.20 19.93
CA ARG D 144 -22.16 -0.88 19.57
C ARG D 144 -22.40 0.60 19.34
N THR D 145 -21.40 1.45 19.54
CA THR D 145 -21.47 2.84 19.11
C THR D 145 -21.61 2.94 17.60
N TYR D 146 -20.93 2.05 16.87
CA TYR D 146 -20.94 2.03 15.41
C TYR D 146 -22.30 1.59 14.89
N ILE D 147 -22.56 1.90 13.62
CA ILE D 147 -23.87 1.67 13.03
C ILE D 147 -24.07 0.20 12.70
N GLY D 148 -23.21 -0.35 11.84
CA GLY D 148 -23.25 -1.76 11.51
C GLY D 148 -22.38 -2.60 12.43
N SER D 149 -22.83 -2.81 13.66
CA SER D 149 -22.01 -3.43 14.70
C SER D 149 -22.62 -4.77 15.11
N MET D 150 -21.87 -5.84 14.91
CA MET D 150 -22.29 -7.20 15.20
C MET D 150 -21.20 -7.88 16.01
N PRO D 151 -21.54 -8.89 16.83
CA PRO D 151 -20.48 -9.53 17.64
C PRO D 151 -19.62 -10.54 16.88
N GLY D 152 -18.80 -10.02 15.97
CA GLY D 152 -17.84 -10.83 15.24
C GLY D 152 -18.51 -11.87 14.35
N LYS D 153 -17.81 -12.97 14.12
CA LYS D 153 -18.42 -14.17 13.56
C LYS D 153 -18.20 -15.43 14.37
N LEU D 154 -17.45 -15.38 15.48
CA LEU D 154 -17.42 -16.50 16.40
C LEU D 154 -18.72 -16.59 17.19
N ILE D 155 -19.16 -15.45 17.74
CA ILE D 155 -20.34 -15.42 18.59
C ILE D 155 -21.60 -15.62 17.76
N GLN D 156 -21.56 -15.27 16.48
CA GLN D 156 -22.71 -15.50 15.62
C GLN D 156 -22.90 -16.97 15.31
N LYS D 157 -21.82 -17.74 15.27
CA LYS D 157 -21.94 -19.18 15.05
C LYS D 157 -22.18 -19.93 16.34
N MET D 158 -21.67 -19.41 17.46
CA MET D 158 -22.08 -19.91 18.76
C MET D 158 -23.58 -19.71 18.98
N ALA D 159 -24.10 -18.56 18.57
CA ALA D 159 -25.54 -18.32 18.65
C ALA D 159 -26.29 -19.08 17.57
N LYS D 160 -25.64 -19.35 16.44
CA LYS D 160 -26.29 -20.07 15.36
C LYS D 160 -26.49 -21.52 15.71
N VAL D 161 -25.56 -22.09 16.49
CA VAL D 161 -25.76 -23.44 17.02
C VAL D 161 -26.66 -23.39 18.23
N GLY D 162 -26.23 -22.68 19.28
CA GLY D 162 -26.97 -22.63 20.51
C GLY D 162 -26.54 -23.63 21.55
N VAL D 163 -25.23 -23.80 21.75
CA VAL D 163 -24.70 -24.76 22.71
C VAL D 163 -23.36 -24.22 23.22
N LYS D 164 -22.89 -24.75 24.34
CA LYS D 164 -21.62 -24.29 24.89
C LYS D 164 -20.45 -25.13 24.39
N ASN D 165 -20.70 -26.36 23.92
CA ASN D 165 -19.66 -27.24 23.38
C ASN D 165 -19.90 -27.61 21.92
N PRO D 166 -19.63 -26.70 20.97
CA PRO D 166 -19.65 -27.12 19.58
C PRO D 166 -18.28 -27.58 19.10
N LEU D 167 -18.22 -27.93 17.83
CA LEU D 167 -16.97 -28.21 17.13
C LEU D 167 -16.81 -27.14 16.06
N PHE D 168 -16.00 -26.13 16.35
CA PHE D 168 -15.62 -25.20 15.30
C PHE D 168 -14.62 -25.87 14.37
N LEU D 169 -14.93 -25.83 13.09
CA LEU D 169 -13.98 -26.21 12.06
C LEU D 169 -13.42 -24.90 11.52
N LEU D 170 -12.30 -24.47 12.11
CA LEU D 170 -11.60 -23.31 11.57
C LEU D 170 -10.92 -23.75 10.29
N ASP D 171 -11.59 -23.55 9.17
CA ASP D 171 -11.16 -24.09 7.90
C ASP D 171 -10.25 -23.11 7.17
N GLN D 172 -9.14 -23.63 6.64
CA GLN D 172 -8.15 -22.90 5.85
C GLN D 172 -7.54 -21.75 6.66
N ILE D 173 -6.80 -22.14 7.69
CA ILE D 173 -6.07 -21.19 8.53
C ILE D 173 -4.98 -20.49 7.74
N ASP D 174 -4.30 -21.22 6.86
CA ASP D 174 -3.20 -20.64 6.09
C ASP D 174 -3.66 -19.69 4.99
N LYS D 175 -4.96 -19.54 4.76
CA LYS D 175 -5.49 -18.64 3.74
C LYS D 175 -5.90 -17.28 4.31
N MET D 176 -5.21 -16.83 5.36
CA MET D 176 -5.54 -15.56 6.01
C MET D 176 -4.54 -14.49 5.63
N ALA D 177 -5.05 -13.29 5.37
CA ALA D 177 -4.21 -12.15 5.02
C ALA D 177 -3.94 -11.35 6.30
N SER D 178 -2.73 -11.49 6.84
CA SER D 178 -2.41 -10.91 8.15
C SER D 178 -1.26 -9.92 8.07
N ASP D 179 -1.30 -9.03 7.09
CA ASP D 179 -0.34 -7.94 6.96
C ASP D 179 -0.80 -6.73 7.78
N MET D 180 -0.15 -5.59 7.55
CA MET D 180 -0.40 -4.41 8.39
C MET D 180 -1.74 -3.74 8.09
N ARG D 181 -2.37 -4.07 6.96
CA ARG D 181 -3.71 -3.53 6.70
C ARG D 181 -4.76 -4.20 7.56
N GLY D 182 -4.46 -5.37 8.10
CA GLY D 182 -5.32 -6.07 9.03
C GLY D 182 -4.74 -7.42 9.35
N ASP D 183 -4.70 -7.78 10.63
CA ASP D 183 -4.08 -9.04 11.08
C ASP D 183 -5.04 -9.82 11.96
N PRO D 184 -5.96 -10.58 11.36
CA PRO D 184 -6.87 -11.42 12.16
C PRO D 184 -6.22 -12.66 12.76
N ALA D 185 -5.00 -13.02 12.34
CA ALA D 185 -4.30 -14.12 12.99
C ALA D 185 -3.86 -13.77 14.40
N SER D 186 -3.60 -12.50 14.67
CA SER D 186 -3.28 -12.04 16.01
C SER D 186 -4.50 -11.99 16.92
N ALA D 187 -5.70 -11.86 16.34
CA ALA D 187 -6.92 -11.91 17.14
C ALA D 187 -7.33 -13.33 17.49
N LEU D 188 -6.88 -14.33 16.72
CA LEU D 188 -7.09 -15.72 17.08
C LEU D 188 -6.19 -16.19 18.21
N LEU D 189 -5.21 -15.39 18.62
CA LEU D 189 -4.35 -15.76 19.73
C LEU D 189 -5.12 -15.81 21.04
N GLU D 190 -6.13 -14.95 21.21
CA GLU D 190 -6.97 -15.04 22.40
C GLU D 190 -7.98 -16.17 22.25
N VAL D 191 -8.37 -16.49 21.02
CA VAL D 191 -9.34 -17.55 20.78
C VAL D 191 -8.70 -18.92 20.99
N LEU D 192 -7.38 -19.04 20.82
CA LEU D 192 -6.74 -20.34 20.89
C LEU D 192 -5.78 -20.51 22.07
N ASP D 193 -5.81 -19.61 23.03
CA ASP D 193 -4.93 -19.75 24.19
C ASP D 193 -5.74 -20.23 25.39
N PRO D 194 -5.40 -21.38 25.99
CA PRO D 194 -6.13 -21.85 27.18
C PRO D 194 -5.96 -20.96 28.40
N GLU D 195 -4.94 -20.10 28.44
CA GLU D 195 -4.79 -19.09 29.48
C GLU D 195 -5.90 -18.04 29.44
N GLN D 196 -6.54 -17.84 28.28
CA GLN D 196 -7.53 -16.79 28.15
C GLN D 196 -8.74 -17.21 27.31
N ASN D 197 -9.15 -18.48 27.34
CA ASN D 197 -10.40 -18.89 26.74
C ASN D 197 -11.60 -18.70 27.65
N VAL D 198 -11.37 -18.60 28.97
CA VAL D 198 -12.48 -18.38 29.90
C VAL D 198 -12.94 -16.94 29.92
N ALA D 199 -12.25 -16.05 29.21
CA ALA D 199 -12.65 -14.65 29.11
C ALA D 199 -12.26 -14.19 27.71
N PHE D 200 -13.20 -14.29 26.76
CA PHE D 200 -12.89 -13.96 25.39
C PHE D 200 -12.99 -12.46 25.09
N ASN D 201 -13.97 -11.77 25.69
CA ASN D 201 -14.12 -10.32 25.63
C ASN D 201 -14.28 -9.83 24.18
N ASP D 202 -15.42 -10.17 23.61
CA ASP D 202 -15.84 -9.63 22.32
C ASP D 202 -15.99 -8.11 22.40
N HIS D 203 -15.76 -7.43 21.26
CA HIS D 203 -15.90 -5.98 21.25
C HIS D 203 -17.35 -5.53 21.36
N TYR D 204 -18.27 -6.26 20.75
CA TYR D 204 -19.68 -5.89 20.86
C TYR D 204 -20.25 -6.33 22.20
N LEU D 205 -20.05 -7.59 22.55
CA LEU D 205 -20.44 -8.11 23.86
C LEU D 205 -19.23 -8.01 24.76
N GLU D 206 -19.11 -6.91 25.50
CA GLU D 206 -17.94 -6.72 26.35
C GLU D 206 -17.96 -7.55 27.64
N VAL D 207 -18.95 -8.42 27.82
CA VAL D 207 -18.92 -9.43 28.87
C VAL D 207 -17.89 -10.47 28.46
N ASP D 208 -17.13 -10.96 29.44
CA ASP D 208 -16.19 -12.05 29.20
C ASP D 208 -16.94 -13.33 28.87
N TYR D 209 -16.53 -14.00 27.80
CA TYR D 209 -17.20 -15.20 27.33
C TYR D 209 -16.26 -16.39 27.44
N ASP D 210 -16.82 -17.58 27.64
CA ASP D 210 -16.05 -18.79 27.95
C ASP D 210 -15.93 -19.65 26.69
N LEU D 211 -14.76 -19.62 26.05
CA LEU D 211 -14.49 -20.47 24.90
C LEU D 211 -13.71 -21.72 25.25
N SER D 212 -13.60 -22.03 26.55
CA SER D 212 -12.77 -23.16 26.96
C SER D 212 -13.47 -24.50 26.70
N ASP D 213 -14.77 -24.47 26.48
CA ASP D 213 -15.55 -25.68 26.34
C ASP D 213 -15.82 -26.03 24.87
N VAL D 214 -15.23 -25.28 23.95
CA VAL D 214 -15.47 -25.45 22.51
C VAL D 214 -14.33 -26.27 21.94
N MET D 215 -14.66 -27.31 21.17
CA MET D 215 -13.62 -28.06 20.49
C MET D 215 -13.22 -27.35 19.20
N PHE D 216 -11.93 -27.06 19.06
CA PHE D 216 -11.38 -26.36 17.91
C PHE D 216 -10.63 -27.35 17.02
N VAL D 217 -11.18 -27.65 15.86
CA VAL D 217 -10.46 -28.39 14.83
C VAL D 217 -10.26 -27.46 13.65
N ALA D 218 -9.01 -27.22 13.30
CA ALA D 218 -8.64 -26.31 12.23
C ALA D 218 -7.92 -27.07 11.14
N THR D 219 -8.09 -26.63 9.90
CA THR D 219 -7.49 -27.32 8.75
C THR D 219 -6.54 -26.39 8.01
N SER D 220 -5.48 -26.96 7.46
CA SER D 220 -4.50 -26.18 6.71
C SER D 220 -3.87 -27.06 5.65
N ASN D 221 -3.31 -26.41 4.63
CA ASN D 221 -2.61 -27.12 3.57
C ASN D 221 -1.10 -27.09 3.72
N SER D 222 -0.58 -26.33 4.69
CA SER D 222 0.85 -26.21 4.87
C SER D 222 1.14 -25.82 6.31
N MET D 223 2.43 -25.84 6.65
CA MET D 223 2.90 -25.36 7.94
C MET D 223 3.27 -23.89 7.92
N ASN D 224 2.76 -23.14 6.93
CA ASN D 224 3.05 -21.71 6.81
C ASN D 224 1.99 -20.90 7.56
N ILE D 225 1.87 -21.23 8.84
CA ILE D 225 0.99 -20.57 9.80
C ILE D 225 1.93 -19.73 10.65
N PRO D 226 1.54 -18.52 11.08
CA PRO D 226 2.42 -17.74 11.96
C PRO D 226 2.68 -18.42 13.31
N ALA D 227 3.92 -18.31 13.76
CA ALA D 227 4.49 -19.05 14.88
C ALA D 227 3.81 -18.89 16.25
N PRO D 228 3.22 -17.74 16.62
CA PRO D 228 2.38 -17.74 17.83
C PRO D 228 1.10 -18.58 17.69
N LEU D 229 0.62 -18.85 16.48
CA LEU D 229 -0.49 -19.78 16.31
C LEU D 229 -0.06 -21.23 16.25
N LEU D 230 1.16 -21.53 15.79
CA LEU D 230 1.61 -22.91 15.71
C LEU D 230 1.82 -23.54 17.08
N ASP D 231 2.17 -22.73 18.09
CA ASP D 231 2.32 -23.25 19.44
C ASP D 231 0.99 -23.59 20.10
N ARG D 232 -0.05 -22.82 19.84
CA ARG D 232 -1.36 -23.00 20.44
C ARG D 232 -2.18 -24.10 19.78
N MET D 233 -1.64 -24.78 18.78
CA MET D 233 -2.39 -25.74 17.98
C MET D 233 -1.59 -27.03 17.88
N GLU D 234 -2.24 -28.16 18.18
CA GLU D 234 -1.60 -29.46 18.04
C GLU D 234 -1.71 -29.90 16.59
N VAL D 235 -0.58 -29.97 15.89
CA VAL D 235 -0.59 -30.23 14.46
C VAL D 235 -0.55 -31.74 14.22
N ILE D 236 -1.53 -32.23 13.47
CA ILE D 236 -1.56 -33.60 13.00
C ILE D 236 -1.35 -33.56 11.49
N ARG D 237 -0.32 -34.27 11.01
CA ARG D 237 0.00 -34.30 9.59
C ARG D 237 -0.76 -35.43 8.93
N LEU D 238 -1.53 -35.10 7.89
CA LEU D 238 -2.21 -36.10 7.08
C LEU D 238 -1.50 -36.19 5.74
N SER D 239 -1.14 -37.41 5.35
CA SER D 239 -0.36 -37.64 4.15
C SER D 239 -1.25 -38.17 3.04
N GLY D 240 -0.70 -38.19 1.83
CA GLY D 240 -1.43 -38.62 0.66
C GLY D 240 -1.74 -40.11 0.67
N TYR D 241 -2.51 -40.51 -0.33
CA TYR D 241 -3.07 -41.86 -0.41
C TYR D 241 -2.34 -42.65 -1.49
N THR D 242 -2.30 -43.97 -1.30
CA THR D 242 -1.75 -44.87 -2.31
C THR D 242 -2.83 -45.16 -3.34
N GLU D 243 -2.59 -46.10 -4.24
CA GLU D 243 -3.62 -46.44 -5.21
C GLU D 243 -4.65 -47.41 -4.67
N ASP D 244 -4.24 -48.38 -3.86
CA ASP D 244 -5.22 -49.29 -3.27
C ASP D 244 -6.02 -48.61 -2.16
N GLU D 245 -5.42 -47.61 -1.48
CA GLU D 245 -6.18 -46.81 -0.53
C GLU D 245 -7.23 -45.98 -1.24
N LYS D 246 -6.89 -45.37 -2.38
CA LYS D 246 -7.87 -44.66 -3.18
C LYS D 246 -8.93 -45.59 -3.75
N LEU D 247 -8.55 -46.83 -4.05
CA LEU D 247 -9.53 -47.82 -4.51
C LEU D 247 -10.49 -48.21 -3.40
N ASN D 248 -10.00 -48.28 -2.16
CA ASN D 248 -10.87 -48.63 -1.05
C ASN D 248 -11.74 -47.46 -0.60
N ILE D 249 -11.21 -46.24 -0.69
CA ILE D 249 -12.01 -45.05 -0.42
C ILE D 249 -13.09 -44.87 -1.48
N ALA D 250 -12.75 -45.11 -2.74
CA ALA D 250 -13.73 -45.00 -3.81
C ALA D 250 -14.77 -46.11 -3.74
N LYS D 251 -14.34 -47.34 -3.49
CA LYS D 251 -15.25 -48.46 -3.55
C LYS D 251 -16.10 -48.56 -2.29
N GLN D 252 -15.58 -48.09 -1.15
CA GLN D 252 -16.29 -48.22 0.10
C GLN D 252 -16.98 -46.93 0.55
N HIS D 253 -16.55 -45.79 0.06
CA HIS D 253 -17.12 -44.54 0.59
C HIS D 253 -17.61 -43.59 -0.49
N LEU D 254 -16.97 -43.54 -1.66
CA LEU D 254 -17.33 -42.53 -2.64
C LEU D 254 -18.48 -42.99 -3.54
N LEU D 255 -18.44 -44.23 -4.01
CA LEU D 255 -19.52 -44.77 -4.84
C LEU D 255 -20.88 -44.86 -4.14
N PRO D 256 -21.01 -45.29 -2.87
CA PRO D 256 -22.33 -45.15 -2.23
C PRO D 256 -22.75 -43.72 -2.01
N LYS D 257 -21.82 -42.83 -1.70
CA LYS D 257 -22.17 -41.43 -1.49
C LYS D 257 -22.62 -40.77 -2.78
N GLN D 258 -22.10 -41.22 -3.93
CA GLN D 258 -22.57 -40.71 -5.20
C GLN D 258 -23.82 -41.40 -5.72
N PHE D 259 -24.11 -42.63 -5.28
CA PHE D 259 -25.30 -43.31 -5.76
C PHE D 259 -26.60 -42.74 -5.21
N GLU D 260 -26.70 -42.49 -3.90
CA GLU D 260 -27.88 -41.81 -3.38
C GLU D 260 -27.74 -40.30 -3.38
N ARG D 261 -26.73 -39.75 -4.04
CA ARG D 261 -26.73 -38.35 -4.40
C ARG D 261 -27.43 -38.09 -5.71
N ASN D 262 -27.27 -39.00 -6.67
CA ASN D 262 -27.91 -38.88 -7.98
C ASN D 262 -29.04 -39.88 -8.16
N ALA D 263 -29.57 -40.42 -7.05
CA ALA D 263 -30.76 -41.28 -7.00
C ALA D 263 -30.63 -42.54 -7.84
N ILE D 264 -29.42 -43.08 -7.92
CA ILE D 264 -29.22 -44.36 -8.58
C ILE D 264 -29.67 -45.46 -7.66
N LYS D 265 -30.60 -46.29 -8.13
CA LYS D 265 -31.16 -47.36 -7.32
C LYS D 265 -30.23 -48.58 -7.37
N LYS D 266 -30.76 -49.75 -6.98
CA LYS D 266 -29.95 -50.93 -6.67
C LYS D 266 -29.19 -51.46 -7.88
N GLY D 267 -29.88 -51.72 -8.99
CA GLY D 267 -29.24 -52.44 -10.08
C GLY D 267 -28.98 -51.67 -11.35
N GLU D 268 -28.98 -50.33 -11.29
CA GLU D 268 -28.79 -49.52 -12.48
C GLU D 268 -27.35 -49.39 -12.91
N LEU D 269 -26.45 -48.98 -12.02
CA LEU D 269 -25.07 -48.68 -12.39
C LEU D 269 -24.13 -49.60 -11.64
N THR D 270 -23.13 -50.13 -12.36
CA THR D 270 -22.10 -50.97 -11.77
C THR D 270 -20.75 -50.54 -12.31
N ILE D 271 -19.83 -50.20 -11.41
CA ILE D 271 -18.47 -49.83 -11.75
C ILE D 271 -17.53 -50.84 -11.09
N ASP D 272 -16.69 -51.48 -11.91
CA ASP D 272 -15.77 -52.46 -11.34
C ASP D 272 -14.52 -51.77 -10.79
N ASP D 273 -13.53 -52.60 -10.44
CA ASP D 273 -12.30 -52.06 -9.88
C ASP D 273 -11.39 -51.46 -10.94
N SER D 274 -11.36 -52.05 -12.14
CA SER D 274 -10.43 -51.59 -13.18
C SER D 274 -10.82 -50.25 -13.77
N ALA D 275 -12.11 -49.91 -13.77
CA ALA D 275 -12.52 -48.58 -14.18
C ALA D 275 -12.05 -47.54 -13.17
N ILE D 276 -12.15 -47.86 -11.88
CA ILE D 276 -11.70 -46.95 -10.83
C ILE D 276 -10.20 -46.78 -10.89
N MET D 277 -9.46 -47.87 -11.11
CA MET D 277 -8.01 -47.79 -11.22
C MET D 277 -7.58 -47.07 -12.49
N SER D 278 -8.41 -47.13 -13.54
CA SER D 278 -8.10 -46.38 -14.75
C SER D 278 -8.40 -44.89 -14.59
N ILE D 279 -9.37 -44.55 -13.73
CA ILE D 279 -9.58 -43.15 -13.38
C ILE D 279 -8.44 -42.64 -12.50
N ILE D 280 -7.95 -43.48 -11.59
CA ILE D 280 -6.84 -43.10 -10.72
C ILE D 280 -5.57 -42.87 -11.53
N ARG D 281 -5.21 -43.82 -12.39
CA ARG D 281 -3.95 -43.71 -13.09
C ARG D 281 -4.03 -42.77 -14.30
N TYR D 282 -5.16 -42.77 -15.00
CA TYR D 282 -5.23 -42.16 -16.32
C TYR D 282 -5.94 -40.81 -16.36
N TYR D 283 -6.74 -40.51 -15.35
CA TYR D 283 -7.49 -39.26 -15.31
C TYR D 283 -7.11 -38.36 -14.14
N THR D 284 -6.31 -38.87 -13.20
CA THR D 284 -5.83 -38.11 -12.06
C THR D 284 -4.33 -38.33 -11.91
N ARG D 285 -3.67 -37.38 -11.26
CA ARG D 285 -2.36 -37.63 -10.68
C ARG D 285 -2.18 -36.95 -9.32
N GLU D 286 -3.27 -36.58 -8.65
CA GLU D 286 -3.26 -35.89 -7.39
C GLU D 286 -2.88 -36.84 -6.24
N ALA D 287 -2.87 -36.28 -5.02
CA ALA D 287 -2.70 -37.08 -3.82
C ALA D 287 -4.01 -37.26 -3.05
N GLY D 288 -4.98 -36.38 -3.26
CA GLY D 288 -6.28 -36.50 -2.64
C GLY D 288 -7.26 -37.26 -3.50
N VAL D 289 -8.55 -37.09 -3.19
CA VAL D 289 -9.60 -37.78 -3.93
C VAL D 289 -10.70 -36.82 -4.36
N ARG D 290 -10.36 -35.54 -4.53
CA ARG D 290 -11.29 -34.58 -5.14
C ARG D 290 -11.69 -35.01 -6.54
N SER D 291 -10.70 -35.27 -7.38
CA SER D 291 -10.96 -35.57 -8.78
C SER D 291 -11.60 -36.95 -8.95
N LEU D 292 -11.42 -37.85 -7.98
CA LEU D 292 -12.12 -39.13 -8.04
C LEU D 292 -13.62 -38.96 -7.91
N GLU D 293 -14.09 -38.14 -6.97
CA GLU D 293 -15.53 -37.96 -6.89
C GLU D 293 -16.04 -37.01 -7.97
N ARG D 294 -15.15 -36.21 -8.58
CA ARG D 294 -15.55 -35.48 -9.79
C ARG D 294 -15.83 -36.43 -10.95
N GLU D 295 -14.89 -37.35 -11.23
CA GLU D 295 -15.06 -38.25 -12.37
C GLU D 295 -16.16 -39.26 -12.11
N ILE D 296 -16.28 -39.74 -10.86
CA ILE D 296 -17.36 -40.65 -10.50
C ILE D 296 -18.71 -39.94 -10.53
N SER D 297 -18.75 -38.64 -10.20
CA SER D 297 -19.99 -37.88 -10.36
C SER D 297 -20.37 -37.74 -11.83
N LYS D 298 -19.37 -37.55 -12.70
CA LYS D 298 -19.62 -37.54 -14.14
C LYS D 298 -20.15 -38.87 -14.64
N LEU D 299 -19.61 -39.98 -14.13
CA LEU D 299 -20.09 -41.29 -14.52
C LEU D 299 -21.52 -41.52 -14.06
N CYS D 300 -21.86 -41.02 -12.88
CA CYS D 300 -23.20 -41.24 -12.36
C CYS D 300 -24.24 -40.43 -13.11
N ARG D 301 -23.96 -39.15 -13.38
CA ARG D 301 -25.00 -38.35 -14.05
C ARG D 301 -25.05 -38.66 -15.54
N LYS D 302 -23.94 -39.09 -16.14
CA LYS D 302 -24.03 -39.62 -17.50
C LYS D 302 -24.76 -40.96 -17.54
N ALA D 303 -24.68 -41.73 -16.45
CA ALA D 303 -25.44 -42.97 -16.39
C ALA D 303 -26.93 -42.68 -16.28
N VAL D 304 -27.31 -41.68 -15.49
CA VAL D 304 -28.73 -41.36 -15.34
C VAL D 304 -29.29 -40.74 -16.63
N LYS D 305 -28.50 -39.89 -17.30
CA LYS D 305 -28.94 -39.35 -18.58
C LYS D 305 -29.06 -40.44 -19.64
N ASN D 306 -28.11 -41.38 -19.67
CA ASN D 306 -28.20 -42.49 -20.61
C ASN D 306 -29.32 -43.46 -20.26
N LEU D 307 -29.81 -43.45 -19.01
CA LEU D 307 -31.02 -44.21 -18.70
C LEU D 307 -32.30 -43.46 -19.04
N LEU D 308 -32.26 -42.13 -19.10
CA LEU D 308 -33.44 -41.37 -19.50
C LEU D 308 -33.56 -41.20 -21.01
N MET D 309 -32.47 -41.26 -21.76
CA MET D 309 -32.54 -41.17 -23.21
C MET D 309 -32.99 -42.50 -23.81
N ASP D 310 -32.38 -43.59 -23.39
CA ASP D 310 -32.63 -44.91 -23.96
C ASP D 310 -33.14 -45.83 -22.86
N LYS D 311 -34.45 -46.07 -22.85
CA LYS D 311 -35.05 -46.99 -21.90
C LYS D 311 -35.04 -48.43 -22.39
N THR D 312 -34.35 -48.72 -23.49
CA THR D 312 -34.15 -50.10 -23.94
C THR D 312 -33.28 -50.86 -22.94
N VAL D 313 -32.22 -50.21 -22.46
CA VAL D 313 -31.32 -50.82 -21.49
C VAL D 313 -31.72 -50.32 -20.10
N LYS D 314 -31.54 -51.18 -19.10
CA LYS D 314 -31.87 -50.84 -17.71
C LYS D 314 -30.67 -51.01 -16.79
N HIS D 315 -29.48 -51.24 -17.33
CA HIS D 315 -28.29 -51.48 -16.53
C HIS D 315 -27.08 -51.06 -17.33
N ILE D 316 -26.24 -50.20 -16.74
CA ILE D 316 -25.03 -49.69 -17.39
C ILE D 316 -23.83 -50.25 -16.65
N GLU D 317 -22.97 -50.95 -17.37
CA GLU D 317 -21.79 -51.59 -16.79
C GLU D 317 -20.56 -50.89 -17.34
N ILE D 318 -19.69 -50.44 -16.44
CA ILE D 318 -18.46 -49.73 -16.81
C ILE D 318 -17.28 -50.59 -16.37
N ASN D 319 -16.38 -50.90 -17.29
CA ASN D 319 -15.33 -51.86 -17.04
C ASN D 319 -13.95 -51.44 -17.52
N GLY D 320 -13.58 -50.17 -17.40
CA GLY D 320 -12.24 -49.73 -17.73
C GLY D 320 -11.93 -49.61 -19.20
N ASP D 321 -12.75 -50.17 -20.08
CA ASP D 321 -12.56 -50.04 -21.52
C ASP D 321 -13.55 -49.10 -22.17
N ASN D 322 -14.76 -48.97 -21.59
CA ASN D 322 -15.76 -48.03 -22.07
C ASN D 322 -15.74 -46.72 -21.29
N LEU D 323 -14.63 -46.38 -20.63
CA LEU D 323 -14.51 -45.05 -20.04
C LEU D 323 -14.37 -43.98 -21.10
N LYS D 324 -13.85 -44.34 -22.27
CA LYS D 324 -13.84 -43.42 -23.41
C LYS D 324 -15.25 -43.14 -23.92
N ASP D 325 -16.20 -44.05 -23.68
CA ASP D 325 -17.58 -43.80 -24.03
C ASP D 325 -18.25 -42.82 -23.07
N PHE D 326 -17.66 -42.59 -21.90
CA PHE D 326 -18.21 -41.65 -20.92
C PHE D 326 -17.32 -40.44 -20.72
N LEU D 327 -16.02 -40.62 -20.53
CA LEU D 327 -15.14 -39.47 -20.32
C LEU D 327 -14.35 -39.08 -21.56
N GLY D 328 -14.28 -39.94 -22.56
CA GLY D 328 -13.54 -39.59 -23.75
C GLY D 328 -12.06 -39.87 -23.57
N VAL D 329 -11.22 -38.91 -23.97
CA VAL D 329 -9.78 -39.11 -23.97
C VAL D 329 -9.28 -39.06 -22.52
N GLN D 330 -8.21 -39.80 -22.25
CA GLN D 330 -7.59 -39.78 -20.92
C GLN D 330 -6.74 -38.53 -20.80
N LYS D 331 -6.37 -38.16 -19.58
CA LYS D 331 -5.70 -36.89 -19.40
C LYS D 331 -4.19 -37.05 -19.26
N VAL D 332 -3.74 -37.83 -18.28
CA VAL D 332 -2.33 -37.97 -17.95
C VAL D 332 -1.96 -39.45 -18.08
N ASP D 333 -0.75 -39.72 -18.57
CA ASP D 333 -0.19 -41.07 -18.56
C ASP D 333 -0.06 -41.65 -17.17
N THR D 339 13.06 -45.38 -20.35
CA THR D 339 13.14 -46.76 -19.86
C THR D 339 14.57 -47.29 -19.96
N GLU D 340 15.34 -46.74 -20.90
CA GLU D 340 16.72 -47.11 -21.07
C GLU D 340 17.60 -46.23 -20.19
N ASN D 341 18.85 -46.63 -20.04
CA ASN D 341 19.75 -45.90 -19.15
C ASN D 341 20.30 -44.68 -19.85
N ARG D 342 19.96 -43.49 -19.34
CA ARG D 342 20.36 -42.26 -19.98
C ARG D 342 21.62 -41.70 -19.34
N VAL D 343 22.41 -41.00 -20.15
CA VAL D 343 23.63 -40.34 -19.71
C VAL D 343 23.30 -38.92 -19.30
N GLY D 344 23.61 -38.56 -18.07
CA GLY D 344 23.39 -37.21 -17.60
C GLY D 344 21.94 -36.88 -17.30
N GLN D 345 21.19 -37.83 -16.77
CA GLN D 345 19.78 -37.63 -16.49
C GLN D 345 19.38 -38.50 -15.30
N VAL D 346 18.91 -37.87 -14.22
CA VAL D 346 18.42 -38.58 -13.06
C VAL D 346 16.98 -38.18 -12.82
N THR D 347 16.33 -38.91 -11.92
CA THR D 347 14.96 -38.61 -11.50
C THR D 347 14.91 -38.43 -9.98
N GLY D 348 15.18 -37.22 -9.54
CA GLY D 348 15.01 -36.89 -8.14
C GLY D 348 13.55 -36.83 -7.73
N LEU D 349 13.34 -36.71 -6.43
CA LEU D 349 12.01 -36.70 -5.85
C LEU D 349 11.74 -35.32 -5.26
N ALA D 350 10.55 -34.78 -5.53
CA ALA D 350 10.20 -33.43 -5.11
C ALA D 350 8.94 -33.49 -4.27
N TRP D 351 8.86 -32.61 -3.27
CA TRP D 351 7.72 -32.57 -2.36
C TRP D 351 7.23 -31.13 -2.23
N THR D 352 6.16 -30.81 -2.96
CA THR D 352 5.50 -29.53 -2.85
C THR D 352 4.42 -29.60 -1.76
N GLU D 353 3.68 -28.51 -1.61
CA GLU D 353 2.56 -28.51 -0.68
C GLU D 353 1.36 -29.27 -1.22
N VAL D 354 1.25 -29.39 -2.54
CA VAL D 354 0.24 -30.20 -3.17
C VAL D 354 0.48 -31.69 -2.92
N GLY D 355 1.74 -32.08 -2.76
CA GLY D 355 2.12 -33.45 -2.49
C GLY D 355 3.45 -33.80 -3.12
N GLY D 356 3.67 -35.10 -3.26
CA GLY D 356 4.88 -35.57 -3.89
C GLY D 356 4.79 -35.55 -5.41
N ASP D 357 5.95 -35.57 -6.05
CA ASP D 357 6.04 -35.56 -7.50
C ASP D 357 7.43 -36.04 -7.89
N LEU D 358 7.51 -36.65 -9.07
CA LEU D 358 8.80 -36.99 -9.66
C LEU D 358 9.46 -35.72 -10.20
N LEU D 359 10.76 -35.83 -10.49
CA LEU D 359 11.54 -34.65 -10.83
C LEU D 359 12.66 -35.06 -11.76
N THR D 360 12.46 -34.85 -13.06
CA THR D 360 13.50 -35.17 -14.02
C THR D 360 14.56 -34.07 -14.00
N ILE D 361 15.83 -34.49 -13.98
CA ILE D 361 16.97 -33.58 -13.95
C ILE D 361 17.91 -33.99 -15.08
N GLU D 362 18.27 -33.03 -15.92
CA GLU D 362 19.04 -33.30 -17.13
C GLU D 362 20.22 -32.34 -17.21
N THR D 363 21.36 -32.86 -17.63
CA THR D 363 22.56 -32.05 -17.79
C THR D 363 23.13 -32.25 -19.19
N ALA D 364 23.91 -31.27 -19.62
CA ALA D 364 24.66 -31.39 -20.87
C ALA D 364 25.99 -30.66 -20.70
N CYS D 365 27.08 -31.40 -20.82
CA CYS D 365 28.43 -30.86 -20.68
C CYS D 365 29.04 -30.87 -22.08
N VAL D 366 29.04 -29.73 -22.75
CA VAL D 366 29.55 -29.67 -24.11
C VAL D 366 30.93 -29.01 -24.07
N PRO D 367 31.77 -29.14 -25.09
CA PRO D 367 33.06 -28.44 -25.07
C PRO D 367 32.87 -26.94 -25.24
N GLY D 368 33.14 -26.20 -24.16
CA GLY D 368 33.07 -24.76 -24.18
C GLY D 368 34.22 -24.13 -23.44
N LYS D 369 33.96 -23.09 -22.66
CA LYS D 369 35.01 -22.37 -21.96
C LYS D 369 34.79 -22.25 -20.47
N GLY D 370 33.81 -22.95 -19.90
CA GLY D 370 33.60 -22.95 -18.47
C GLY D 370 32.35 -22.24 -17.98
N LYS D 371 31.40 -21.94 -18.87
CA LYS D 371 30.17 -21.29 -18.45
C LYS D 371 29.31 -22.32 -17.72
N LEU D 372 28.35 -21.85 -16.92
CA LEU D 372 27.57 -22.72 -16.05
C LEU D 372 26.15 -22.19 -15.99
N THR D 373 25.26 -22.80 -16.79
CA THR D 373 23.92 -22.26 -16.98
C THR D 373 22.87 -23.20 -16.41
N TYR D 374 21.89 -22.59 -15.71
CA TYR D 374 20.87 -23.30 -14.95
C TYR D 374 19.51 -22.83 -15.45
N THR D 375 18.71 -23.75 -15.97
CA THR D 375 17.38 -23.39 -16.46
C THR D 375 16.34 -24.33 -15.84
N GLY D 376 15.09 -23.89 -15.89
CA GLY D 376 13.99 -24.66 -15.35
C GLY D 376 13.24 -24.02 -14.20
N SER D 377 13.29 -22.69 -14.07
CA SER D 377 12.64 -21.92 -13.00
C SER D 377 13.11 -22.39 -11.62
N LEU D 378 14.41 -22.26 -11.40
CA LEU D 378 15.04 -22.78 -10.19
C LEU D 378 15.12 -21.70 -9.13
N GLY D 379 14.89 -22.09 -7.88
CA GLY D 379 15.09 -21.23 -6.75
C GLY D 379 16.57 -21.07 -6.46
N GLU D 380 16.89 -20.07 -5.63
CA GLU D 380 18.28 -19.77 -5.33
C GLU D 380 18.96 -20.85 -4.52
N VAL D 381 18.21 -21.59 -3.70
CA VAL D 381 18.80 -22.66 -2.92
C VAL D 381 19.17 -23.85 -3.81
N MET D 382 18.38 -24.13 -4.85
CA MET D 382 18.75 -25.20 -5.77
C MET D 382 19.97 -24.85 -6.60
N GLN D 383 20.12 -23.58 -6.98
CA GLN D 383 21.29 -23.14 -7.72
C GLN D 383 22.56 -23.27 -6.88
N GLU D 384 22.46 -22.89 -5.59
CA GLU D 384 23.55 -23.10 -4.66
C GLU D 384 23.81 -24.57 -4.40
N SER D 385 22.77 -25.40 -4.55
CA SER D 385 22.94 -26.84 -4.42
C SER D 385 23.65 -27.45 -5.62
N ILE D 386 23.45 -26.89 -6.82
CA ILE D 386 24.20 -27.37 -7.98
C ILE D 386 25.64 -26.86 -7.91
N GLN D 387 25.85 -25.68 -7.35
CA GLN D 387 27.23 -25.20 -7.15
C GLN D 387 27.97 -26.04 -6.12
N ALA D 388 27.29 -26.43 -5.04
CA ALA D 388 27.91 -27.32 -4.06
C ALA D 388 28.14 -28.71 -4.62
N ALA D 389 27.21 -29.18 -5.45
CA ALA D 389 27.34 -30.49 -6.07
C ALA D 389 28.51 -30.54 -7.04
N LEU D 390 28.63 -29.49 -7.86
CA LEU D 390 29.74 -29.36 -8.79
C LEU D 390 31.07 -29.20 -8.05
N THR D 391 31.04 -28.58 -6.87
CA THR D 391 32.25 -28.50 -6.06
C THR D 391 32.64 -29.87 -5.49
N VAL D 392 31.65 -30.69 -5.13
CA VAL D 392 31.92 -32.07 -4.74
C VAL D 392 32.52 -32.84 -5.90
N VAL D 393 32.07 -32.56 -7.13
CA VAL D 393 32.65 -33.21 -8.30
C VAL D 393 34.08 -32.73 -8.56
N ARG D 394 34.35 -31.44 -8.36
CA ARG D 394 35.71 -30.92 -8.57
C ARG D 394 36.66 -31.40 -7.48
N ALA D 395 36.14 -31.72 -6.30
CA ALA D 395 36.99 -32.17 -5.21
C ALA D 395 37.53 -33.58 -5.44
N ARG D 396 36.75 -34.45 -6.08
CA ARG D 396 37.12 -35.85 -6.27
C ARG D 396 37.18 -36.20 -7.74
N ALA D 397 37.81 -35.33 -8.54
CA ALA D 397 37.86 -35.50 -9.98
C ALA D 397 38.80 -36.63 -10.39
N ASP D 398 39.99 -36.70 -9.79
CA ASP D 398 40.93 -37.76 -10.12
C ASP D 398 40.49 -39.12 -9.60
N LYS D 399 39.64 -39.16 -8.59
CA LYS D 399 39.05 -40.43 -8.17
C LYS D 399 38.07 -40.94 -9.22
N LEU D 400 37.15 -40.08 -9.66
CA LEU D 400 36.03 -40.51 -10.49
C LEU D 400 36.42 -40.77 -11.94
N GLY D 401 37.56 -40.28 -12.38
CA GLY D 401 37.98 -40.45 -13.75
C GLY D 401 37.67 -39.30 -14.68
N ILE D 402 37.49 -38.09 -14.15
CA ILE D 402 37.25 -36.92 -14.98
C ILE D 402 38.58 -36.21 -15.20
N ASN D 403 38.80 -35.74 -16.42
CA ASN D 403 39.91 -34.85 -16.73
C ASN D 403 39.73 -33.56 -15.93
N PRO D 404 40.68 -33.17 -15.07
CA PRO D 404 40.46 -32.03 -14.16
C PRO D 404 40.42 -30.64 -14.80
N ASP D 405 40.44 -30.57 -16.13
CA ASP D 405 40.29 -29.32 -16.85
C ASP D 405 38.84 -29.07 -17.25
N PHE D 406 37.91 -29.80 -16.62
CA PHE D 406 36.51 -29.70 -17.01
C PHE D 406 35.84 -28.42 -16.51
N TYR D 407 36.49 -27.69 -15.60
CA TYR D 407 35.92 -26.43 -15.16
C TYR D 407 36.18 -25.31 -16.16
N GLU D 408 37.12 -25.51 -17.08
CA GLU D 408 37.53 -24.47 -18.02
C GLU D 408 37.48 -24.91 -19.48
N LYS D 409 37.32 -26.21 -19.75
CA LYS D 409 37.22 -26.71 -21.11
C LYS D 409 35.87 -27.30 -21.44
N ARG D 410 34.99 -27.45 -20.46
CA ARG D 410 33.64 -27.94 -20.66
C ARG D 410 32.71 -26.87 -20.10
N ASP D 411 31.57 -26.65 -20.73
CA ASP D 411 30.54 -25.85 -20.09
C ASP D 411 29.24 -26.63 -19.96
N ILE D 412 28.54 -26.36 -18.85
CA ILE D 412 27.56 -27.26 -18.28
C ILE D 412 26.21 -26.56 -18.28
N HIS D 413 25.18 -27.25 -18.78
CA HIS D 413 23.81 -26.78 -18.69
C HIS D 413 23.02 -27.77 -17.87
N VAL D 414 22.49 -27.30 -16.74
CA VAL D 414 21.58 -28.09 -15.91
C VAL D 414 20.18 -27.57 -16.14
N HIS D 415 19.34 -28.40 -16.74
CA HIS D 415 17.95 -28.07 -17.01
C HIS D 415 17.07 -29.12 -16.38
N VAL D 416 16.01 -28.67 -15.71
CA VAL D 416 14.92 -29.53 -15.29
C VAL D 416 13.75 -29.30 -16.24
N PRO D 417 13.17 -30.35 -16.82
CA PRO D 417 12.11 -30.15 -17.81
C PRO D 417 10.73 -29.88 -17.21
N GLU D 418 10.70 -29.45 -15.94
CA GLU D 418 9.57 -28.79 -15.32
C GLU D 418 8.92 -27.75 -16.23
N GLY D 419 9.71 -26.80 -16.74
CA GLY D 419 9.21 -25.75 -17.60
C GLY D 419 8.88 -24.47 -16.85
N ALA D 420 7.59 -24.27 -16.56
CA ALA D 420 7.13 -23.04 -15.93
C ALA D 420 6.76 -23.24 -14.46
N THR D 421 7.04 -24.40 -13.90
CA THR D 421 6.73 -24.59 -12.49
C THR D 421 7.95 -24.28 -11.64
N PRO D 422 7.80 -23.42 -10.63
CA PRO D 422 8.94 -23.09 -9.76
C PRO D 422 9.27 -24.26 -8.84
N LYS D 423 10.56 -24.44 -8.59
CA LYS D 423 11.05 -25.52 -7.76
C LYS D 423 12.17 -25.01 -6.88
N ASP D 424 12.18 -25.42 -5.62
CA ASP D 424 13.20 -24.95 -4.68
C ASP D 424 13.38 -25.97 -3.57
N GLY D 425 14.58 -26.01 -3.02
CA GLY D 425 14.89 -26.89 -1.91
C GLY D 425 16.22 -27.60 -2.07
N PRO D 426 16.84 -27.99 -0.96
CA PRO D 426 18.12 -28.73 -1.03
C PRO D 426 17.96 -30.19 -1.41
N SER D 427 16.73 -30.71 -1.39
CA SER D 427 16.48 -32.14 -1.37
C SER D 427 16.80 -32.84 -2.69
N ALA D 428 17.06 -32.10 -3.75
CA ALA D 428 17.43 -32.69 -5.03
C ALA D 428 18.94 -32.76 -5.22
N GLY D 429 19.71 -32.34 -4.21
CA GLY D 429 21.11 -32.00 -4.41
C GLY D 429 21.99 -33.16 -4.83
N ILE D 430 21.83 -34.31 -4.17
CA ILE D 430 22.60 -35.51 -4.52
C ILE D 430 22.28 -35.95 -5.94
N ALA D 431 21.02 -35.73 -6.37
CA ALA D 431 20.60 -36.06 -7.72
C ALA D 431 21.41 -35.26 -8.73
N MET D 432 21.65 -33.98 -8.42
CA MET D 432 22.42 -33.09 -9.28
C MET D 432 23.81 -33.65 -9.52
N CYS D 433 24.50 -34.06 -8.44
CA CYS D 433 25.88 -34.46 -8.64
C CYS D 433 25.98 -35.81 -9.29
N THR D 434 24.93 -36.63 -9.17
CA THR D 434 24.89 -37.90 -9.90
C THR D 434 24.89 -37.62 -11.40
N ALA D 435 24.03 -36.68 -11.82
CA ALA D 435 24.02 -36.28 -13.22
C ALA D 435 25.31 -35.57 -13.58
N LEU D 436 25.90 -34.84 -12.62
CA LEU D 436 27.16 -34.17 -12.90
C LEU D 436 28.30 -35.16 -13.03
N VAL D 437 28.20 -36.34 -12.41
CA VAL D 437 29.19 -37.34 -12.75
C VAL D 437 28.89 -37.91 -14.12
N SER D 438 27.60 -38.15 -14.38
CA SER D 438 27.19 -38.99 -15.50
C SER D 438 27.46 -38.33 -16.84
N CYS D 439 27.27 -37.02 -16.93
CA CYS D 439 27.57 -36.32 -18.16
C CYS D 439 29.06 -36.06 -18.33
N LEU D 440 29.84 -36.09 -17.25
CA LEU D 440 31.27 -35.86 -17.36
C LEU D 440 32.08 -37.13 -17.53
N THR D 441 31.46 -38.30 -17.42
CA THR D 441 32.15 -39.56 -17.62
C THR D 441 31.52 -40.45 -18.68
N GLY D 442 30.31 -40.14 -19.14
CA GLY D 442 29.62 -41.02 -20.06
C GLY D 442 29.04 -42.26 -19.44
N ASN D 443 28.99 -42.33 -18.11
CA ASN D 443 28.40 -43.48 -17.42
C ASN D 443 26.91 -43.24 -17.28
N PRO D 444 26.06 -44.09 -17.87
CA PRO D 444 24.61 -43.82 -17.82
C PRO D 444 24.03 -44.07 -16.44
N VAL D 445 23.12 -43.19 -16.03
CA VAL D 445 22.37 -43.42 -14.80
C VAL D 445 21.32 -44.49 -15.06
N ARG D 446 21.30 -45.52 -14.23
CA ARG D 446 20.28 -46.56 -14.38
C ARG D 446 18.90 -46.02 -14.04
N ALA D 447 17.96 -46.20 -14.97
CA ALA D 447 16.75 -45.41 -15.06
C ALA D 447 15.65 -45.82 -14.10
N ASP D 448 15.83 -46.90 -13.36
CA ASP D 448 14.84 -47.30 -12.36
C ASP D 448 15.14 -46.75 -10.98
N VAL D 449 16.05 -45.79 -10.86
CA VAL D 449 16.56 -45.33 -9.57
C VAL D 449 16.18 -43.88 -9.37
N ALA D 450 15.43 -43.61 -8.31
CA ALA D 450 15.24 -42.26 -7.82
C ALA D 450 16.15 -42.01 -6.63
N MET D 451 16.39 -40.73 -6.33
CA MET D 451 17.27 -40.41 -5.22
C MET D 451 16.91 -39.05 -4.66
N THR D 452 17.18 -38.89 -3.36
CA THR D 452 16.94 -37.64 -2.67
C THR D 452 17.98 -37.49 -1.57
N GLY D 453 18.26 -36.24 -1.21
CA GLY D 453 19.30 -35.97 -0.24
C GLY D 453 20.05 -34.69 -0.48
N GLU D 454 20.53 -34.07 0.59
CA GLU D 454 21.24 -32.80 0.55
C GLU D 454 22.75 -33.04 0.48
N ILE D 455 23.44 -32.17 -0.26
CA ILE D 455 24.87 -32.27 -0.51
C ILE D 455 25.65 -31.49 0.55
N THR D 456 26.64 -32.16 1.14
CA THR D 456 27.72 -31.60 1.93
C THR D 456 28.97 -31.54 1.05
N LEU D 457 29.81 -30.51 1.25
CA LEU D 457 31.01 -30.39 0.42
C LEU D 457 32.03 -31.49 0.67
N ARG D 458 32.05 -32.09 1.86
CA ARG D 458 32.94 -33.22 2.06
C ARG D 458 32.38 -34.47 1.39
N GLY D 459 31.08 -34.49 1.13
CA GLY D 459 30.47 -35.54 0.36
C GLY D 459 29.37 -36.29 1.06
N LEU D 460 28.85 -35.78 2.16
CA LEU D 460 27.87 -36.54 2.92
C LEU D 460 26.46 -36.29 2.39
N VAL D 461 25.53 -37.07 2.92
CA VAL D 461 24.11 -36.96 2.57
C VAL D 461 23.35 -36.61 3.84
N LEU D 462 22.67 -35.49 3.82
CA LEU D 462 21.96 -34.90 4.93
C LEU D 462 20.48 -35.24 4.86
N PRO D 463 19.76 -35.21 5.98
CA PRO D 463 18.34 -35.59 5.96
C PRO D 463 17.47 -34.64 5.17
N ILE D 464 16.38 -35.18 4.67
CA ILE D 464 15.38 -34.45 3.91
C ILE D 464 14.02 -34.65 4.56
N GLY D 465 13.10 -33.73 4.28
CA GLY D 465 11.77 -33.81 4.82
C GLY D 465 10.76 -34.25 3.77
N GLY D 466 9.61 -34.70 4.23
CA GLY D 466 8.56 -35.14 3.35
C GLY D 466 8.89 -36.45 2.67
N LEU D 467 9.36 -37.43 3.45
CA LEU D 467 9.83 -38.69 2.89
C LEU D 467 8.68 -39.53 2.35
N LYS D 468 7.56 -39.54 3.07
CA LYS D 468 6.45 -40.42 2.73
C LYS D 468 5.81 -40.02 1.41
N GLU D 469 5.65 -38.71 1.16
CA GLU D 469 5.05 -38.26 -0.09
C GLU D 469 5.99 -38.47 -1.27
N LYS D 470 7.29 -38.44 -1.03
CA LYS D 470 8.25 -38.75 -2.09
C LYS D 470 8.23 -40.23 -2.43
N LEU D 471 8.09 -41.09 -1.42
CA LEU D 471 7.99 -42.52 -1.70
C LEU D 471 6.66 -42.88 -2.34
N LEU D 472 5.59 -42.15 -2.02
CA LEU D 472 4.32 -42.35 -2.71
C LEU D 472 4.38 -41.85 -4.14
N ALA D 473 5.14 -40.78 -4.38
CA ALA D 473 5.33 -40.31 -5.75
C ALA D 473 6.21 -41.26 -6.54
N ALA D 474 7.15 -41.92 -5.89
CA ALA D 474 8.01 -42.88 -6.58
C ALA D 474 7.31 -44.21 -6.78
N HIS D 475 6.28 -44.51 -5.99
CA HIS D 475 5.59 -45.77 -6.16
C HIS D 475 4.62 -45.71 -7.34
N ARG D 476 4.07 -44.54 -7.66
CA ARG D 476 3.18 -44.40 -8.79
C ARG D 476 3.89 -43.90 -10.04
N GLY D 477 5.21 -43.92 -10.04
CA GLY D 477 5.96 -43.49 -11.21
C GLY D 477 6.73 -44.60 -11.86
N GLY D 478 6.63 -45.81 -11.32
CA GLY D 478 7.34 -46.94 -11.87
C GLY D 478 8.76 -47.11 -11.38
N ILE D 479 9.15 -46.39 -10.34
CA ILE D 479 10.49 -46.49 -9.78
C ILE D 479 10.56 -47.78 -8.96
N LYS D 480 11.73 -48.43 -8.98
CA LYS D 480 11.94 -49.64 -8.19
C LYS D 480 12.99 -49.47 -7.11
N VAL D 481 14.05 -48.72 -7.36
CA VAL D 481 15.13 -48.49 -6.41
C VAL D 481 15.07 -47.03 -5.99
N VAL D 482 15.10 -46.77 -4.67
CA VAL D 482 15.03 -45.40 -4.16
C VAL D 482 16.20 -45.19 -3.20
N LEU D 483 17.06 -44.22 -3.51
CA LEU D 483 18.17 -43.86 -2.63
C LEU D 483 17.72 -42.82 -1.63
N ILE D 484 18.00 -43.07 -0.36
CA ILE D 484 17.46 -42.33 0.78
C ILE D 484 18.65 -41.89 1.65
N PRO D 485 18.60 -40.73 2.30
CA PRO D 485 19.61 -40.42 3.32
C PRO D 485 19.61 -41.43 4.46
N ASP D 486 20.78 -41.58 5.09
CA ASP D 486 20.92 -42.59 6.13
C ASP D 486 20.19 -42.19 7.41
N ASP D 487 19.89 -40.92 7.58
CA ASP D 487 19.24 -40.45 8.79
C ASP D 487 17.73 -40.32 8.65
N ASN D 488 17.16 -40.69 7.50
CA ASN D 488 15.72 -40.76 7.34
C ASN D 488 15.17 -42.17 7.44
N LYS D 489 16.02 -43.15 7.76
CA LYS D 489 15.55 -44.53 7.85
C LYS D 489 14.64 -44.73 9.06
N ARG D 490 14.76 -43.84 10.06
CA ARG D 490 13.84 -43.84 11.19
C ARG D 490 12.41 -43.48 10.77
N ASP D 491 12.23 -42.90 9.58
CA ASP D 491 10.90 -42.65 9.06
C ASP D 491 10.31 -43.85 8.34
N LEU D 492 11.14 -44.86 8.02
CA LEU D 492 10.68 -45.99 7.21
C LEU D 492 9.66 -46.87 7.91
N GLU D 493 9.50 -46.76 9.23
CA GLU D 493 8.41 -47.44 9.92
C GLU D 493 7.18 -46.57 10.08
N GLU D 494 6.96 -45.61 9.17
CA GLU D 494 5.68 -44.90 9.09
C GLU D 494 5.10 -44.96 7.68
N ILE D 495 5.62 -45.85 6.85
CA ILE D 495 5.29 -45.92 5.42
C ILE D 495 4.33 -47.11 5.28
N PRO D 496 3.37 -47.08 4.34
CA PRO D 496 2.56 -48.28 4.10
C PRO D 496 3.39 -49.46 3.61
N ASP D 497 2.95 -50.66 4.01
CA ASP D 497 3.74 -51.87 3.82
C ASP D 497 3.85 -52.28 2.35
N ASN D 498 2.88 -51.88 1.52
CA ASN D 498 3.00 -52.16 0.09
C ASN D 498 4.04 -51.28 -0.57
N VAL D 499 4.24 -50.06 -0.06
CA VAL D 499 5.26 -49.16 -0.59
C VAL D 499 6.64 -49.68 -0.24
N ILE D 500 6.82 -50.14 1.00
CA ILE D 500 8.10 -50.74 1.40
C ILE D 500 8.31 -52.08 0.70
N ALA D 501 7.22 -52.79 0.40
CA ALA D 501 7.33 -54.08 -0.28
C ALA D 501 7.72 -53.91 -1.74
N ASP D 502 7.17 -52.90 -2.41
CA ASP D 502 7.41 -52.75 -3.83
C ASP D 502 8.71 -51.99 -4.12
N LEU D 503 8.92 -50.85 -3.47
CA LEU D 503 10.15 -50.11 -3.64
C LEU D 503 11.32 -50.78 -2.93
N GLU D 504 12.50 -50.69 -3.52
CA GLU D 504 13.75 -51.12 -2.90
C GLU D 504 14.42 -49.86 -2.34
N ILE D 505 14.52 -49.78 -1.03
CA ILE D 505 15.02 -48.58 -0.36
C ILE D 505 16.47 -48.80 0.03
N HIS D 506 17.34 -47.85 -0.34
CA HIS D 506 18.75 -47.92 0.03
C HIS D 506 19.15 -46.68 0.83
N PRO D 507 19.33 -46.78 2.14
CA PRO D 507 19.88 -45.65 2.89
C PRO D 507 21.37 -45.51 2.62
N VAL D 508 21.79 -44.32 2.21
CA VAL D 508 23.18 -44.06 1.86
C VAL D 508 23.73 -42.96 2.76
N LYS D 509 25.03 -43.01 3.00
CA LYS D 509 25.71 -42.07 3.88
C LYS D 509 26.48 -41.00 3.12
N ARG D 510 26.97 -41.30 1.93
CA ARG D 510 27.82 -40.37 1.20
C ARG D 510 27.68 -40.61 -0.30
N ILE D 511 28.40 -39.79 -1.07
CA ILE D 511 28.31 -39.78 -2.52
C ILE D 511 28.81 -41.08 -3.15
N ASP D 512 29.81 -41.75 -2.55
CA ASP D 512 30.36 -42.95 -3.13
C ASP D 512 29.36 -44.10 -3.12
N ASP D 513 28.47 -44.12 -2.13
CA ASP D 513 27.38 -45.09 -2.12
C ASP D 513 26.38 -44.79 -3.24
N VAL D 514 26.11 -43.51 -3.48
CA VAL D 514 25.14 -43.09 -4.48
C VAL D 514 25.63 -43.44 -5.87
N LEU D 515 26.90 -43.12 -6.16
CA LEU D 515 27.49 -43.45 -7.45
C LEU D 515 27.72 -44.96 -7.59
N ALA D 516 27.97 -45.66 -6.49
CA ALA D 516 28.13 -47.10 -6.55
C ALA D 516 26.83 -47.84 -6.77
N ILE D 517 25.70 -47.24 -6.41
CA ILE D 517 24.40 -47.90 -6.62
C ILE D 517 23.73 -47.43 -7.91
N ALA D 518 23.69 -46.12 -8.14
CA ALA D 518 22.81 -45.55 -9.16
C ALA D 518 23.48 -45.31 -10.50
N LEU D 519 24.75 -45.66 -10.67
CA LEU D 519 25.37 -45.64 -11.98
C LEU D 519 25.45 -47.06 -12.53
N GLU D 520 25.49 -47.16 -13.86
CA GLU D 520 25.46 -48.46 -14.50
C GLU D 520 26.83 -49.14 -14.45
N HIS D 521 27.85 -48.43 -14.82
CA HIS D 521 29.19 -48.99 -14.81
C HIS D 521 29.94 -48.55 -13.54
N PRO D 522 30.86 -49.36 -13.05
CA PRO D 522 31.61 -48.96 -11.85
C PRO D 522 32.56 -47.81 -12.12
N ALA D 523 32.66 -46.92 -11.13
CA ALA D 523 33.47 -45.72 -11.26
C ALA D 523 34.81 -45.87 -10.55
N ALA E 1 -55.06 -1.75 9.27
CA ALA E 1 -55.57 -3.05 9.68
C ALA E 1 -55.07 -4.15 8.76
N LEU E 2 -53.78 -4.50 8.91
CA LEU E 2 -53.13 -5.53 8.10
C LEU E 2 -53.12 -6.89 8.78
N LYS E 3 -54.12 -7.19 9.60
CA LYS E 3 -54.13 -8.44 10.36
C LYS E 3 -54.43 -9.65 9.49
N ARG E 4 -55.07 -9.47 8.34
CA ARG E 4 -55.45 -10.61 7.51
C ARG E 4 -54.38 -10.97 6.50
N LYS E 5 -53.40 -10.09 6.28
CA LYS E 5 -52.34 -10.39 5.33
C LYS E 5 -51.25 -11.26 5.92
N ILE E 6 -51.08 -11.26 7.24
CA ILE E 6 -50.14 -12.17 7.89
C ILE E 6 -50.62 -13.61 7.78
N GLU E 7 -51.91 -13.83 8.03
CA GLU E 7 -52.49 -15.16 7.82
C GLU E 7 -52.62 -15.47 6.34
N ALA E 8 -52.80 -14.44 5.50
CA ALA E 8 -52.86 -14.65 4.06
C ALA E 8 -51.52 -15.04 3.46
N ALA E 9 -50.40 -14.63 4.08
CA ALA E 9 -49.09 -14.95 3.54
C ALA E 9 -48.64 -16.38 3.86
N LYS E 10 -49.21 -16.98 4.91
CA LYS E 10 -48.89 -18.32 5.39
C LYS E 10 -47.38 -18.49 5.67
N MET E 11 -46.89 -17.62 6.54
CA MET E 11 -45.48 -17.57 6.87
C MET E 11 -45.13 -18.63 7.92
N PRO E 12 -43.85 -19.00 8.05
CA PRO E 12 -43.44 -19.90 9.14
C PRO E 12 -43.42 -19.24 10.52
N LYS E 13 -42.86 -19.95 11.50
CA LYS E 13 -43.02 -19.63 12.92
C LYS E 13 -42.46 -18.26 13.28
N ASP E 14 -41.15 -18.07 13.11
CA ASP E 14 -40.49 -16.85 13.56
C ASP E 14 -40.93 -15.64 12.73
N ALA E 15 -41.25 -15.87 11.46
CA ALA E 15 -41.76 -14.81 10.60
C ALA E 15 -43.12 -14.30 11.09
N ARG E 16 -44.04 -15.23 11.36
CA ARG E 16 -45.36 -14.84 11.88
C ARG E 16 -45.26 -14.19 13.25
N GLU E 17 -44.40 -14.72 14.12
CA GLU E 17 -44.30 -14.19 15.47
C GLU E 17 -43.68 -12.81 15.50
N LYS E 18 -42.68 -12.55 14.66
CA LYS E 18 -42.08 -11.22 14.68
C LYS E 18 -42.98 -10.21 13.95
N THR E 19 -43.72 -10.66 12.92
CA THR E 19 -44.63 -9.74 12.26
C THR E 19 -45.85 -9.40 13.12
N GLU E 20 -46.37 -10.37 13.86
CA GLU E 20 -47.51 -10.08 14.71
C GLU E 20 -47.08 -9.08 15.76
N ALA E 21 -45.88 -9.28 16.32
CA ALA E 21 -45.34 -8.41 17.33
C ALA E 21 -45.07 -7.02 16.78
N GLU E 22 -44.54 -6.97 15.57
CA GLU E 22 -44.24 -5.70 14.91
C GLU E 22 -45.50 -4.91 14.64
N LEU E 23 -46.55 -5.60 14.22
CA LEU E 23 -47.81 -4.95 13.91
C LEU E 23 -48.42 -4.28 15.13
N GLN E 24 -48.37 -4.96 16.27
CA GLN E 24 -48.92 -4.42 17.50
C GLN E 24 -48.16 -3.17 17.92
N LYS E 25 -46.83 -3.23 17.78
CA LYS E 25 -46.03 -2.08 18.17
C LYS E 25 -46.42 -0.87 17.30
N LEU E 26 -46.56 -1.10 15.99
CA LEU E 26 -46.91 -0.02 15.09
C LEU E 26 -48.28 0.55 15.39
N LYS E 27 -49.21 -0.34 15.73
CA LYS E 27 -50.57 0.03 16.04
C LYS E 27 -50.63 0.95 17.25
N MET E 28 -49.85 0.64 18.29
CA MET E 28 -49.87 1.50 19.47
C MET E 28 -49.36 2.92 19.18
N MET E 29 -48.33 2.97 18.34
CA MET E 29 -47.56 4.13 17.92
C MET E 29 -48.36 5.03 16.98
N SER E 30 -47.79 6.19 16.68
CA SER E 30 -48.27 7.33 15.90
C SER E 30 -47.78 7.22 14.46
N PRO E 31 -48.65 7.52 13.49
CA PRO E 31 -48.24 7.44 12.09
C PRO E 31 -47.40 8.64 11.68
N MET E 32 -46.91 8.58 10.44
CA MET E 32 -46.22 9.61 9.67
C MET E 32 -44.80 9.90 10.19
N SER E 33 -44.40 9.32 11.32
CA SER E 33 -43.05 9.50 11.83
C SER E 33 -42.08 8.55 11.14
N ALA E 34 -40.78 8.83 11.28
CA ALA E 34 -39.75 8.03 10.62
C ALA E 34 -39.61 6.65 11.24
N GLU E 35 -39.95 6.53 12.52
CA GLU E 35 -39.95 5.21 13.16
C GLU E 35 -41.08 4.35 12.64
N ALA E 36 -42.22 4.95 12.29
CA ALA E 36 -43.29 4.20 11.64
C ALA E 36 -42.94 3.88 10.20
N THR E 37 -42.07 4.68 9.59
CA THR E 37 -41.51 4.33 8.29
C THR E 37 -40.60 3.11 8.39
N VAL E 38 -39.82 3.01 9.48
CA VAL E 38 -38.96 1.85 9.69
C VAL E 38 -39.80 0.60 9.98
N VAL E 39 -40.81 0.72 10.83
CA VAL E 39 -41.63 -0.43 11.21
C VAL E 39 -42.48 -0.90 10.02
N ARG E 40 -43.26 0.02 9.44
CA ARG E 40 -44.08 -0.29 8.25
C ARG E 40 -43.22 -0.75 7.08
N GLY E 41 -42.01 -0.21 6.98
CA GLY E 41 -41.01 -0.76 6.08
C GLY E 41 -40.68 -2.21 6.36
N TYR E 42 -40.60 -2.58 7.64
CA TYR E 42 -40.28 -3.96 7.97
C TYR E 42 -41.44 -4.89 7.63
N ILE E 43 -42.69 -4.44 7.81
CA ILE E 43 -43.78 -5.33 7.43
C ILE E 43 -43.90 -5.47 5.91
N ASP E 44 -43.77 -4.38 5.15
CA ASP E 44 -43.93 -4.57 3.71
C ASP E 44 -42.63 -5.05 3.04
N TRP E 45 -41.55 -5.24 3.81
CA TRP E 45 -40.51 -6.15 3.33
C TRP E 45 -40.78 -7.59 3.76
N MET E 46 -41.45 -7.80 4.88
CA MET E 46 -41.78 -9.16 5.32
C MET E 46 -43.01 -9.73 4.65
N LEU E 47 -43.66 -9.00 3.73
CA LEU E 47 -44.76 -9.56 2.97
C LEU E 47 -44.44 -9.82 1.50
N GLN E 48 -43.41 -9.17 0.96
CA GLN E 48 -42.97 -9.46 -0.40
C GLN E 48 -42.13 -10.72 -0.50
N VAL E 49 -41.71 -11.29 0.61
CA VAL E 49 -40.82 -12.45 0.60
C VAL E 49 -41.62 -13.69 0.23
N PRO E 50 -41.18 -14.48 -0.75
CA PRO E 50 -41.94 -15.68 -1.14
C PRO E 50 -41.79 -16.83 -0.16
N TRP E 51 -42.63 -16.85 0.87
CA TRP E 51 -42.50 -17.88 1.90
C TRP E 51 -43.08 -19.21 1.45
N ASN E 52 -44.03 -19.22 0.52
CA ASN E 52 -44.63 -20.49 0.09
C ASN E 52 -44.92 -20.58 -1.40
N SER E 53 -44.57 -19.57 -2.20
CA SER E 53 -44.93 -19.54 -3.61
C SER E 53 -43.89 -20.29 -4.43
N ARG E 54 -44.27 -21.46 -4.94
CA ARG E 54 -43.37 -22.33 -5.69
C ARG E 54 -43.81 -22.41 -7.14
N SER E 55 -42.85 -22.35 -8.06
CA SER E 55 -43.11 -22.56 -9.48
C SER E 55 -42.88 -24.02 -9.84
N LYS E 56 -43.77 -24.56 -10.65
CA LYS E 56 -43.67 -25.95 -11.07
C LYS E 56 -42.55 -26.09 -12.10
N VAL E 57 -41.68 -27.08 -11.90
CA VAL E 57 -40.60 -27.34 -12.83
C VAL E 57 -41.06 -28.39 -13.84
N LYS E 58 -40.38 -28.46 -14.98
CA LYS E 58 -40.68 -29.45 -16.00
C LYS E 58 -39.64 -30.56 -15.96
N LYS E 59 -40.06 -31.76 -16.33
CA LYS E 59 -39.25 -32.96 -16.17
C LYS E 59 -39.01 -33.69 -17.48
N ASP E 60 -39.07 -33.00 -18.62
CA ASP E 60 -38.82 -33.59 -19.92
C ASP E 60 -37.52 -33.04 -20.50
N LEU E 61 -36.77 -33.92 -21.17
CA LEU E 61 -35.45 -33.57 -21.68
C LEU E 61 -35.37 -33.48 -23.19
N VAL E 62 -36.36 -34.00 -23.92
CA VAL E 62 -36.43 -33.77 -25.36
C VAL E 62 -36.77 -32.32 -25.63
N LYS E 63 -37.79 -31.81 -24.93
CA LYS E 63 -38.15 -30.40 -25.05
C LYS E 63 -37.06 -29.49 -24.50
N ALA E 64 -36.35 -29.93 -23.45
CA ALA E 64 -35.24 -29.13 -22.92
C ALA E 64 -34.08 -29.07 -23.89
N GLN E 65 -33.81 -30.18 -24.58
CA GLN E 65 -32.84 -30.18 -25.68
C GLN E 65 -33.25 -29.23 -26.79
N GLU E 66 -34.52 -29.28 -27.22
CA GLU E 66 -34.90 -28.44 -28.34
C GLU E 66 -35.27 -27.03 -27.91
N VAL E 67 -35.12 -26.70 -26.62
CA VAL E 67 -35.08 -25.30 -26.21
C VAL E 67 -33.64 -24.81 -26.17
N LEU E 68 -32.74 -25.63 -25.61
CA LEU E 68 -31.34 -25.21 -25.48
C LEU E 68 -30.62 -25.13 -26.82
N ASP E 69 -31.07 -25.88 -27.83
CA ASP E 69 -30.37 -25.79 -29.12
C ASP E 69 -30.68 -24.47 -29.83
N THR E 70 -31.88 -23.94 -29.66
CA THR E 70 -32.18 -22.56 -30.01
C THR E 70 -31.59 -21.65 -28.94
N ASP E 71 -31.52 -20.36 -29.28
CA ASP E 71 -30.92 -19.24 -28.54
C ASP E 71 -29.41 -19.33 -28.43
N HIS E 72 -28.78 -20.41 -28.89
CA HIS E 72 -27.35 -20.60 -28.83
C HIS E 72 -26.91 -21.44 -30.03
N TYR E 73 -25.60 -21.66 -30.14
CA TYR E 73 -25.07 -22.48 -31.21
C TYR E 73 -23.76 -23.12 -30.76
N GLY E 74 -23.67 -24.43 -30.98
CA GLY E 74 -22.40 -25.12 -30.90
C GLY E 74 -21.81 -25.31 -29.53
N LEU E 75 -22.56 -25.07 -28.46
CA LEU E 75 -22.09 -25.35 -27.12
C LEU E 75 -22.57 -26.73 -26.66
N GLU E 76 -22.26 -27.74 -27.48
CA GLU E 76 -22.90 -29.06 -27.35
C GLU E 76 -22.40 -29.81 -26.13
N ARG E 77 -21.15 -29.59 -25.73
CA ARG E 77 -20.64 -30.21 -24.50
C ARG E 77 -21.24 -29.54 -23.27
N VAL E 78 -21.39 -28.21 -23.31
CA VAL E 78 -21.97 -27.48 -22.20
C VAL E 78 -23.44 -27.82 -22.04
N LYS E 79 -24.19 -27.78 -23.15
CA LYS E 79 -25.60 -28.13 -23.12
C LYS E 79 -25.81 -29.60 -22.79
N ASP E 80 -24.86 -30.45 -23.17
CA ASP E 80 -24.88 -31.84 -22.77
C ASP E 80 -24.76 -31.96 -21.26
N ARG E 81 -23.85 -31.19 -20.65
CA ARG E 81 -23.67 -31.21 -19.20
C ARG E 81 -24.91 -30.71 -18.46
N ILE E 82 -25.55 -29.67 -19.00
CA ILE E 82 -26.77 -29.14 -18.42
C ILE E 82 -27.89 -30.17 -18.50
N LEU E 83 -27.99 -30.89 -19.61
CA LEU E 83 -29.00 -31.94 -19.71
C LEU E 83 -28.69 -33.13 -18.81
N GLU E 84 -27.43 -33.34 -18.46
CA GLU E 84 -27.12 -34.29 -17.40
C GLU E 84 -27.64 -33.80 -16.05
N TYR E 85 -27.51 -32.50 -15.80
CA TYR E 85 -27.95 -31.94 -14.52
C TYR E 85 -29.46 -31.99 -14.37
N LEU E 86 -30.20 -31.56 -15.41
CA LEU E 86 -31.65 -31.68 -15.38
C LEU E 86 -32.10 -33.14 -15.46
N ALA E 87 -31.26 -34.02 -16.03
CA ALA E 87 -31.56 -35.45 -15.97
C ALA E 87 -31.47 -35.97 -14.54
N VAL E 88 -30.56 -35.40 -13.73
CA VAL E 88 -30.49 -35.78 -12.32
C VAL E 88 -31.67 -35.20 -11.55
N GLN E 89 -32.06 -33.96 -11.83
CA GLN E 89 -33.16 -33.34 -11.07
C GLN E 89 -34.53 -33.98 -11.29
N SER E 90 -34.68 -34.86 -12.27
CA SER E 90 -35.94 -35.57 -12.43
C SER E 90 -36.07 -36.75 -11.49
N ARG E 91 -35.06 -37.05 -10.69
CA ARG E 91 -35.07 -38.18 -9.78
C ARG E 91 -34.71 -37.82 -8.34
N VAL E 92 -33.84 -36.84 -8.15
CA VAL E 92 -33.44 -36.44 -6.81
C VAL E 92 -34.39 -35.38 -6.25
N SER E 93 -34.82 -34.47 -7.12
CA SER E 93 -35.77 -33.37 -6.96
C SER E 93 -35.22 -32.19 -6.16
N LYS E 94 -34.06 -32.34 -5.52
CA LYS E 94 -33.29 -31.24 -4.92
C LYS E 94 -31.83 -31.61 -4.90
N ILE E 95 -31.00 -30.87 -5.64
CA ILE E 95 -29.58 -31.17 -5.75
C ILE E 95 -28.87 -30.81 -4.44
N LYS E 96 -28.14 -31.76 -3.89
CA LYS E 96 -27.30 -31.53 -2.73
C LYS E 96 -25.82 -31.47 -3.08
N GLY E 97 -25.48 -31.47 -4.36
CA GLY E 97 -24.10 -31.43 -4.78
C GLY E 97 -23.59 -30.03 -5.02
N PRO E 98 -22.63 -29.89 -5.92
CA PRO E 98 -22.03 -28.57 -6.19
C PRO E 98 -22.92 -27.72 -7.09
N ILE E 99 -22.38 -26.56 -7.47
CA ILE E 99 -23.10 -25.53 -8.22
C ILE E 99 -22.47 -25.42 -9.60
N LEU E 100 -23.30 -25.27 -10.63
CA LEU E 100 -22.81 -25.19 -12.00
C LEU E 100 -22.08 -23.87 -12.21
N CYS E 101 -20.82 -23.95 -12.59
CA CYS E 101 -19.98 -22.78 -12.84
C CYS E 101 -19.66 -22.70 -14.31
N LEU E 102 -19.97 -21.57 -14.93
CA LEU E 102 -19.75 -21.35 -16.35
C LEU E 102 -18.52 -20.47 -16.49
N VAL E 103 -17.43 -21.04 -17.01
CA VAL E 103 -16.16 -20.36 -17.13
C VAL E 103 -15.84 -20.20 -18.60
N GLY E 104 -15.37 -19.03 -19.00
CA GLY E 104 -14.94 -18.81 -20.35
C GLY E 104 -14.47 -17.40 -20.61
N PRO E 105 -13.93 -17.15 -21.80
CA PRO E 105 -13.50 -15.80 -22.16
C PRO E 105 -14.69 -14.87 -22.31
N PRO E 106 -14.51 -13.56 -22.19
CA PRO E 106 -15.65 -12.62 -22.28
C PRO E 106 -16.24 -12.58 -23.68
N GLY E 107 -17.56 -12.78 -23.76
CA GLY E 107 -18.29 -12.74 -25.01
C GLY E 107 -19.08 -14.01 -25.29
N VAL E 108 -18.65 -15.13 -24.73
CA VAL E 108 -19.40 -16.36 -24.88
C VAL E 108 -20.69 -16.27 -24.08
N GLY E 109 -21.66 -17.10 -24.46
CA GLY E 109 -22.99 -16.96 -23.88
C GLY E 109 -23.15 -17.58 -22.52
N LYS E 110 -22.66 -16.92 -21.48
CA LYS E 110 -22.81 -17.44 -20.13
C LYS E 110 -24.11 -16.98 -19.47
N THR E 111 -24.39 -15.68 -19.54
CA THR E 111 -25.63 -15.14 -18.99
C THR E 111 -26.83 -15.62 -19.79
N SER E 112 -26.68 -15.71 -21.12
CA SER E 112 -27.76 -16.21 -21.96
C SER E 112 -28.00 -17.69 -21.74
N LEU E 113 -26.96 -18.46 -21.41
CA LEU E 113 -27.21 -19.82 -20.94
C LEU E 113 -27.86 -19.83 -19.57
N GLY E 114 -27.64 -18.80 -18.75
CA GLY E 114 -28.44 -18.68 -17.54
C GLY E 114 -29.92 -18.54 -17.84
N GLN E 115 -30.25 -17.69 -18.82
CA GLN E 115 -31.64 -17.50 -19.22
C GLN E 115 -32.21 -18.75 -19.89
N SER E 116 -31.38 -19.52 -20.59
CA SER E 116 -31.91 -20.67 -21.31
C SER E 116 -31.99 -21.91 -20.43
N ILE E 117 -31.14 -22.02 -19.40
CA ILE E 117 -31.38 -22.99 -18.35
C ILE E 117 -32.66 -22.65 -17.61
N ALA E 118 -32.85 -21.36 -17.31
CA ALA E 118 -34.04 -20.93 -16.57
C ALA E 118 -35.31 -21.11 -17.38
N LYS E 119 -35.24 -21.00 -18.70
CA LYS E 119 -36.39 -21.32 -19.53
C LYS E 119 -36.52 -22.82 -19.77
N ALA E 120 -35.41 -23.55 -19.70
CA ALA E 120 -35.44 -24.97 -20.01
C ALA E 120 -36.02 -25.80 -18.87
N THR E 121 -35.69 -25.46 -17.63
CA THR E 121 -36.20 -26.18 -16.47
C THR E 121 -37.66 -25.88 -16.18
N GLY E 122 -38.05 -24.61 -16.19
CA GLY E 122 -39.40 -24.22 -15.84
C GLY E 122 -39.48 -23.21 -14.73
N ARG E 123 -38.34 -22.71 -14.24
CA ARG E 123 -38.29 -21.78 -13.13
C ARG E 123 -38.20 -20.36 -13.65
N GLN E 124 -38.21 -19.41 -12.71
CA GLN E 124 -38.10 -18.00 -13.03
C GLN E 124 -36.64 -17.57 -12.90
N TYR E 125 -36.22 -16.70 -13.81
CA TYR E 125 -34.84 -16.29 -13.93
C TYR E 125 -34.58 -15.07 -13.04
N VAL E 126 -33.39 -15.02 -12.46
CA VAL E 126 -32.91 -13.84 -11.75
C VAL E 126 -31.39 -13.82 -11.84
N ARG E 127 -30.83 -12.63 -11.88
CA ARG E 127 -29.38 -12.43 -12.02
C ARG E 127 -28.93 -11.46 -10.94
N MET E 128 -27.95 -11.87 -10.15
CA MET E 128 -27.31 -11.01 -9.17
C MET E 128 -25.93 -10.67 -9.68
N ALA E 129 -25.77 -9.47 -10.23
CA ALA E 129 -24.48 -9.04 -10.74
C ALA E 129 -23.54 -8.73 -9.58
N LEU E 130 -22.27 -9.10 -9.76
CA LEU E 130 -21.25 -8.82 -8.78
C LEU E 130 -20.24 -7.85 -9.40
N GLY E 131 -19.15 -7.58 -8.69
CA GLY E 131 -18.17 -6.64 -9.17
C GLY E 131 -18.10 -5.41 -8.29
N GLY E 132 -19.27 -4.93 -7.88
CA GLY E 132 -19.34 -3.80 -6.96
C GLY E 132 -19.55 -4.27 -5.54
N VAL E 133 -19.40 -5.58 -5.30
CA VAL E 133 -19.62 -6.14 -3.99
C VAL E 133 -18.33 -6.04 -3.18
N ARG E 134 -18.30 -5.10 -2.24
CA ARG E 134 -17.22 -4.98 -1.28
C ARG E 134 -17.69 -5.37 0.11
N ASP E 135 -18.94 -5.05 0.43
CA ASP E 135 -19.49 -5.32 1.75
C ASP E 135 -20.06 -6.72 1.82
N GLU E 136 -19.88 -7.37 2.97
CA GLU E 136 -20.63 -8.56 3.31
C GLU E 136 -22.08 -8.24 3.64
N ALA E 137 -22.35 -7.02 4.11
CA ALA E 137 -23.70 -6.54 4.37
C ALA E 137 -24.41 -6.06 3.12
N GLU E 138 -23.80 -6.21 1.94
CA GLU E 138 -24.49 -6.00 0.69
C GLU E 138 -25.16 -7.28 0.20
N ILE E 139 -24.76 -8.43 0.74
CA ILE E 139 -25.39 -9.71 0.45
C ILE E 139 -26.26 -10.19 1.61
N ARG E 140 -25.79 -10.00 2.84
CA ARG E 140 -26.55 -10.38 4.03
C ARG E 140 -27.48 -9.30 4.52
N GLY E 141 -27.23 -8.04 4.15
CA GLY E 141 -28.06 -6.95 4.62
C GLY E 141 -27.48 -6.28 5.85
N HIS E 142 -28.04 -5.11 6.17
CA HIS E 142 -27.75 -4.41 7.40
C HIS E 142 -28.86 -4.70 8.41
N ARG E 143 -28.59 -4.40 9.67
CA ARG E 143 -29.68 -4.44 10.63
C ARG E 143 -30.52 -3.19 10.52
N ARG E 144 -31.55 -3.13 11.36
CA ARG E 144 -32.50 -2.04 11.36
C ARG E 144 -32.25 -1.00 12.46
N THR E 145 -30.99 -0.77 12.81
CA THR E 145 -30.61 0.24 13.79
C THR E 145 -30.46 1.61 13.14
N TYR E 146 -30.31 1.66 11.82
CA TYR E 146 -30.12 2.90 11.09
C TYR E 146 -31.45 3.31 10.48
N ILE E 147 -31.58 4.60 10.18
CA ILE E 147 -32.85 5.14 9.68
C ILE E 147 -33.15 4.60 8.30
N GLY E 148 -32.21 4.72 7.38
CA GLY E 148 -32.39 4.10 6.07
C GLY E 148 -31.78 2.71 6.04
N SER E 149 -32.60 1.70 6.29
CA SER E 149 -32.16 0.31 6.31
C SER E 149 -33.06 -0.50 5.39
N MET E 150 -32.44 -1.21 4.47
CA MET E 150 -33.06 -2.04 3.45
C MET E 150 -32.21 -3.29 3.22
N PRO E 151 -32.84 -4.43 2.91
CA PRO E 151 -32.11 -5.71 2.94
C PRO E 151 -31.10 -5.84 1.81
N GLY E 152 -30.31 -6.90 1.91
CA GLY E 152 -29.35 -7.24 0.88
C GLY E 152 -30.03 -7.71 -0.38
N LYS E 153 -29.24 -7.75 -1.47
CA LYS E 153 -29.81 -7.98 -2.79
C LYS E 153 -30.27 -9.41 -3.01
N LEU E 154 -29.87 -10.35 -2.15
CA LEU E 154 -30.29 -11.73 -2.33
C LEU E 154 -31.78 -11.88 -2.08
N ILE E 155 -32.26 -11.43 -0.91
CA ILE E 155 -33.67 -11.54 -0.60
C ILE E 155 -34.49 -10.45 -1.29
N GLN E 156 -33.84 -9.39 -1.81
CA GLN E 156 -34.58 -8.41 -2.59
C GLN E 156 -34.85 -8.91 -4.00
N LYS E 157 -33.85 -9.55 -4.63
CA LYS E 157 -34.11 -10.17 -5.92
C LYS E 157 -35.02 -11.38 -5.78
N MET E 158 -34.94 -12.06 -4.63
CA MET E 158 -35.94 -13.04 -4.26
C MET E 158 -37.33 -12.42 -4.11
N ALA E 159 -37.39 -11.15 -3.71
CA ALA E 159 -38.67 -10.47 -3.58
C ALA E 159 -39.21 -9.98 -4.92
N LYS E 160 -38.33 -9.66 -5.88
CA LYS E 160 -38.82 -9.21 -7.18
C LYS E 160 -39.16 -10.41 -8.06
N VAL E 161 -38.64 -11.59 -7.74
CA VAL E 161 -39.12 -12.80 -8.41
C VAL E 161 -40.43 -13.26 -7.79
N GLY E 162 -40.48 -13.32 -6.47
CA GLY E 162 -41.69 -13.74 -5.80
C GLY E 162 -41.95 -15.23 -5.83
N VAL E 163 -40.92 -16.03 -6.12
CA VAL E 163 -41.03 -17.48 -6.21
C VAL E 163 -40.01 -18.09 -5.25
N LYS E 164 -40.42 -19.17 -4.55
CA LYS E 164 -39.54 -19.82 -3.59
C LYS E 164 -38.31 -20.44 -4.27
N ASN E 165 -38.48 -21.00 -5.46
CA ASN E 165 -37.39 -21.61 -6.22
C ASN E 165 -37.11 -20.85 -7.51
N PRO E 166 -36.23 -19.85 -7.47
CA PRO E 166 -35.74 -19.29 -8.73
C PRO E 166 -34.47 -19.94 -9.22
N LEU E 167 -33.98 -19.41 -10.33
CA LEU E 167 -32.67 -19.74 -10.88
C LEU E 167 -31.81 -18.50 -10.74
N PHE E 168 -31.01 -18.45 -9.68
CA PHE E 168 -30.03 -17.38 -9.55
C PHE E 168 -28.86 -17.58 -10.50
N LEU E 169 -28.39 -16.47 -11.05
CA LEU E 169 -27.17 -16.40 -11.83
C LEU E 169 -26.23 -15.49 -11.07
N LEU E 170 -25.35 -16.07 -10.27
CA LEU E 170 -24.29 -15.30 -9.64
C LEU E 170 -23.30 -14.89 -10.73
N ASP E 171 -23.49 -13.71 -11.29
CA ASP E 171 -22.71 -13.29 -12.43
C ASP E 171 -21.43 -12.62 -11.95
N GLN E 172 -20.33 -12.99 -12.59
CA GLN E 172 -18.97 -12.50 -12.30
C GLN E 172 -18.57 -12.79 -10.86
N ILE E 173 -18.46 -14.08 -10.54
CA ILE E 173 -17.94 -14.49 -9.24
C ILE E 173 -16.44 -14.23 -9.15
N ASP E 174 -15.76 -14.11 -10.30
CA ASP E 174 -14.35 -13.72 -10.30
C ASP E 174 -14.18 -12.27 -9.90
N LYS E 175 -14.86 -11.38 -10.62
CA LYS E 175 -14.73 -9.94 -10.45
C LYS E 175 -15.42 -9.52 -9.16
N MET E 176 -14.61 -9.28 -8.13
CA MET E 176 -15.02 -8.51 -6.97
C MET E 176 -13.76 -7.89 -6.38
N ALA E 177 -13.94 -6.76 -5.69
CA ALA E 177 -12.81 -5.91 -5.32
C ALA E 177 -11.98 -6.54 -4.21
N SER E 178 -10.85 -5.90 -3.88
CA SER E 178 -10.01 -6.42 -2.82
C SER E 178 -10.26 -5.70 -1.50
N ASP E 179 -10.53 -4.40 -1.57
CA ASP E 179 -10.83 -3.61 -0.37
C ASP E 179 -12.26 -3.96 0.08
N MET E 180 -12.35 -5.04 0.85
CA MET E 180 -13.63 -5.60 1.24
C MET E 180 -13.83 -5.39 2.74
N ARG E 181 -14.98 -4.80 3.10
CA ARG E 181 -15.28 -4.51 4.50
C ARG E 181 -15.55 -5.76 5.31
N GLY E 182 -16.44 -6.63 4.85
CA GLY E 182 -16.65 -7.93 5.44
C GLY E 182 -16.03 -9.03 4.61
N ASP E 183 -16.60 -10.23 4.74
CA ASP E 183 -16.20 -11.38 3.92
C ASP E 183 -17.45 -11.88 3.18
N PRO E 184 -17.72 -11.33 2.00
CA PRO E 184 -18.85 -11.83 1.20
C PRO E 184 -18.65 -13.23 0.65
N ALA E 185 -17.42 -13.75 0.65
CA ALA E 185 -17.20 -15.14 0.24
C ALA E 185 -17.77 -16.12 1.26
N SER E 186 -17.92 -15.69 2.52
CA SER E 186 -18.57 -16.52 3.52
C SER E 186 -20.09 -16.53 3.35
N ALA E 187 -20.67 -15.38 3.02
CA ALA E 187 -22.11 -15.32 2.76
C ALA E 187 -22.46 -16.05 1.48
N LEU E 188 -21.69 -15.81 0.42
CA LEU E 188 -21.85 -16.56 -0.82
C LEU E 188 -21.48 -18.03 -0.64
N LEU E 189 -20.70 -18.36 0.38
CA LEU E 189 -20.53 -19.76 0.75
C LEU E 189 -21.80 -20.32 1.37
N GLU E 190 -22.42 -19.58 2.29
CA GLU E 190 -23.56 -20.17 3.01
C GLU E 190 -24.85 -20.10 2.20
N VAL E 191 -24.88 -19.40 1.07
CA VAL E 191 -26.02 -19.56 0.18
C VAL E 191 -25.84 -20.80 -0.69
N LEU E 192 -24.62 -21.32 -0.76
CA LEU E 192 -24.32 -22.46 -1.63
C LEU E 192 -24.02 -23.73 -0.85
N ASP E 193 -24.09 -23.68 0.48
CA ASP E 193 -23.75 -24.81 1.33
C ASP E 193 -25.04 -25.42 1.86
N PRO E 194 -25.39 -26.65 1.49
CA PRO E 194 -26.73 -27.18 1.79
C PRO E 194 -26.99 -27.46 3.25
N GLU E 195 -25.95 -27.52 4.10
CA GLU E 195 -26.20 -27.59 5.54
C GLU E 195 -26.60 -26.23 6.08
N GLN E 196 -26.17 -25.16 5.41
CA GLN E 196 -26.43 -23.80 5.85
C GLN E 196 -27.45 -23.07 4.98
N ASN E 197 -28.11 -23.77 4.07
CA ASN E 197 -29.20 -23.21 3.28
C ASN E 197 -30.56 -23.36 3.92
N VAL E 198 -30.75 -24.36 4.80
CA VAL E 198 -31.99 -24.45 5.56
C VAL E 198 -32.12 -23.30 6.53
N ALA E 199 -31.01 -22.77 7.02
CA ALA E 199 -31.02 -21.69 8.00
C ALA E 199 -30.17 -20.55 7.45
N PHE E 200 -30.78 -19.66 6.67
CA PHE E 200 -30.10 -18.46 6.18
C PHE E 200 -30.56 -17.26 6.99
N ASN E 201 -29.60 -16.43 7.38
CA ASN E 201 -29.84 -15.34 8.33
C ASN E 201 -29.63 -13.97 7.66
N ASP E 202 -30.73 -13.39 7.19
CA ASP E 202 -30.70 -12.02 6.70
C ASP E 202 -30.68 -11.07 7.89
N HIS E 203 -29.84 -10.03 7.82
CA HIS E 203 -29.68 -9.13 8.95
C HIS E 203 -30.84 -8.16 9.10
N TYR E 204 -31.57 -7.86 8.02
CA TYR E 204 -32.73 -7.00 8.14
C TYR E 204 -33.93 -7.77 8.66
N LEU E 205 -34.22 -8.93 8.04
CA LEU E 205 -35.40 -9.70 8.40
C LEU E 205 -35.23 -10.38 9.76
N GLU E 206 -34.00 -10.76 10.12
CA GLU E 206 -33.65 -11.41 11.39
C GLU E 206 -34.44 -12.68 11.63
N VAL E 207 -34.79 -13.39 10.57
CA VAL E 207 -35.56 -14.62 10.65
C VAL E 207 -34.82 -15.71 9.88
N ASP E 208 -35.45 -16.86 9.76
CA ASP E 208 -34.83 -18.07 9.24
C ASP E 208 -35.43 -18.37 7.86
N TYR E 209 -34.85 -17.79 6.81
CA TYR E 209 -35.36 -17.99 5.46
C TYR E 209 -34.70 -19.20 4.83
N ASP E 210 -35.50 -20.01 4.14
CA ASP E 210 -35.02 -21.25 3.55
C ASP E 210 -34.50 -20.98 2.13
N LEU E 211 -33.24 -21.36 1.87
CA LEU E 211 -32.65 -21.28 0.54
C LEU E 211 -32.29 -22.67 0.02
N SER E 212 -32.90 -23.71 0.57
CA SER E 212 -32.66 -25.07 0.12
C SER E 212 -33.60 -25.48 -1.01
N ASP E 213 -34.07 -24.51 -1.78
CA ASP E 213 -34.95 -24.73 -2.91
C ASP E 213 -34.46 -24.03 -4.17
N VAL E 214 -33.54 -23.09 -4.05
CA VAL E 214 -33.13 -22.24 -5.16
C VAL E 214 -32.08 -22.97 -5.98
N MET E 215 -32.23 -22.94 -7.30
CA MET E 215 -31.15 -23.43 -8.16
C MET E 215 -30.19 -22.29 -8.44
N PHE E 216 -28.92 -22.49 -8.09
CA PHE E 216 -27.87 -21.53 -8.34
C PHE E 216 -27.04 -21.99 -9.53
N VAL E 217 -26.73 -21.06 -10.43
CA VAL E 217 -25.66 -21.21 -11.40
C VAL E 217 -24.86 -19.92 -11.38
N ALA E 218 -23.56 -20.01 -11.62
CA ALA E 218 -22.71 -18.82 -11.59
C ALA E 218 -21.90 -18.72 -12.88
N THR E 219 -21.42 -17.52 -13.17
CA THR E 219 -20.53 -17.31 -14.31
C THR E 219 -19.18 -16.80 -13.82
N SER E 220 -18.24 -16.77 -14.75
CA SER E 220 -16.82 -16.60 -14.44
C SER E 220 -16.04 -16.36 -15.72
N ASN E 221 -15.05 -15.47 -15.66
CA ASN E 221 -14.11 -15.32 -16.77
C ASN E 221 -12.86 -16.17 -16.59
N SER E 222 -12.46 -16.42 -15.34
CA SER E 222 -11.23 -17.11 -15.01
C SER E 222 -11.48 -17.87 -13.72
N MET E 223 -10.42 -18.22 -13.01
CA MET E 223 -10.54 -18.87 -11.71
C MET E 223 -9.82 -18.09 -10.61
N ASN E 224 -10.06 -16.79 -10.54
CA ASN E 224 -9.73 -16.01 -9.35
C ASN E 224 -10.93 -15.98 -8.40
N ILE E 225 -11.48 -17.16 -8.15
CA ILE E 225 -12.58 -17.36 -7.22
C ILE E 225 -11.97 -17.36 -5.82
N PRO E 226 -12.61 -16.75 -4.82
CA PRO E 226 -12.09 -16.85 -3.45
C PRO E 226 -12.10 -18.28 -2.93
N ALA E 227 -11.29 -18.50 -1.90
CA ALA E 227 -10.96 -19.85 -1.44
C ALA E 227 -12.15 -20.66 -0.91
N PRO E 228 -13.05 -20.14 -0.05
CA PRO E 228 -14.17 -21.00 0.39
C PRO E 228 -15.20 -21.30 -0.69
N LEU E 229 -15.23 -20.53 -1.78
CA LEU E 229 -16.22 -20.73 -2.82
C LEU E 229 -15.84 -21.79 -3.84
N LEU E 230 -14.54 -22.07 -4.02
CA LEU E 230 -14.08 -22.83 -5.17
C LEU E 230 -14.42 -24.31 -5.08
N ASP E 231 -14.56 -24.86 -3.87
CA ASP E 231 -14.89 -26.27 -3.71
C ASP E 231 -16.40 -26.53 -3.73
N ARG E 232 -17.20 -25.50 -3.98
CA ARG E 232 -18.65 -25.65 -4.11
C ARG E 232 -19.11 -25.44 -5.55
N MET E 233 -18.19 -25.42 -6.50
CA MET E 233 -18.52 -25.10 -7.88
C MET E 233 -18.13 -26.24 -8.80
N GLU E 234 -18.95 -26.48 -9.82
CA GLU E 234 -18.69 -27.48 -10.84
C GLU E 234 -18.46 -26.72 -12.14
N VAL E 235 -17.24 -26.80 -12.66
CA VAL E 235 -16.81 -25.95 -13.77
C VAL E 235 -17.13 -26.65 -15.08
N ILE E 236 -17.84 -25.95 -15.95
CA ILE E 236 -18.21 -26.48 -17.25
C ILE E 236 -17.26 -26.01 -18.37
N ARG E 237 -16.65 -24.83 -18.21
CA ARG E 237 -15.52 -24.34 -19.03
C ARG E 237 -15.91 -24.21 -20.51
N LEU E 238 -16.75 -23.20 -20.78
CA LEU E 238 -17.03 -22.79 -22.15
C LEU E 238 -15.76 -22.35 -22.85
N SER E 239 -15.47 -22.97 -23.98
CA SER E 239 -14.28 -22.62 -24.75
C SER E 239 -14.61 -21.54 -25.77
N GLY E 240 -13.60 -21.15 -26.54
CA GLY E 240 -13.74 -20.09 -27.51
C GLY E 240 -14.50 -20.53 -28.76
N TYR E 241 -14.51 -19.64 -29.74
CA TYR E 241 -15.25 -19.84 -30.98
C TYR E 241 -14.32 -19.86 -32.18
N THR E 242 -14.71 -20.59 -33.21
CA THR E 242 -13.98 -20.62 -34.46
C THR E 242 -14.45 -19.46 -35.33
N GLU E 243 -14.09 -19.47 -36.61
CA GLU E 243 -14.65 -18.46 -37.51
C GLU E 243 -16.02 -18.89 -38.04
N ASP E 244 -16.18 -20.17 -38.40
CA ASP E 244 -17.46 -20.61 -38.92
C ASP E 244 -18.52 -20.71 -37.82
N GLU E 245 -18.09 -20.90 -36.57
CA GLU E 245 -19.04 -20.87 -35.47
C GLU E 245 -19.55 -19.46 -35.23
N LYS E 246 -18.67 -18.45 -35.33
CA LYS E 246 -19.13 -17.07 -35.24
C LYS E 246 -19.95 -16.67 -36.44
N LEU E 247 -19.67 -17.27 -37.60
CA LEU E 247 -20.46 -16.99 -38.79
C LEU E 247 -21.86 -17.59 -38.67
N ASN E 248 -21.99 -18.74 -37.99
CA ASN E 248 -23.32 -19.31 -37.81
C ASN E 248 -24.07 -18.69 -36.63
N ILE E 249 -23.35 -18.20 -35.62
CA ILE E 249 -23.99 -17.43 -34.56
C ILE E 249 -24.52 -16.11 -35.11
N ALA E 250 -23.71 -15.43 -35.91
CA ALA E 250 -24.17 -14.19 -36.53
C ALA E 250 -25.22 -14.46 -37.59
N LYS E 251 -25.13 -15.60 -38.25
CA LYS E 251 -26.03 -15.92 -39.34
C LYS E 251 -27.41 -16.28 -38.83
N GLN E 252 -27.50 -17.13 -37.81
CA GLN E 252 -28.77 -17.65 -37.34
C GLN E 252 -29.30 -16.95 -36.09
N HIS E 253 -28.47 -16.19 -35.37
CA HIS E 253 -28.93 -15.63 -34.10
C HIS E 253 -28.70 -14.14 -33.93
N LEU E 254 -27.66 -13.56 -34.48
CA LEU E 254 -27.38 -12.14 -34.23
C LEU E 254 -28.04 -11.22 -35.24
N LEU E 255 -28.11 -11.61 -36.51
CA LEU E 255 -28.82 -10.81 -37.50
C LEU E 255 -30.33 -10.75 -37.32
N PRO E 256 -31.08 -11.83 -37.00
CA PRO E 256 -32.53 -11.66 -36.79
C PRO E 256 -32.89 -10.88 -35.53
N LYS E 257 -32.00 -10.75 -34.56
CA LYS E 257 -32.31 -9.94 -33.39
C LYS E 257 -31.76 -8.51 -33.51
N GLN E 258 -31.12 -8.18 -34.62
CA GLN E 258 -30.77 -6.79 -34.93
C GLN E 258 -31.54 -6.23 -36.11
N PHE E 259 -32.05 -7.09 -37.00
CA PHE E 259 -33.04 -6.62 -37.97
C PHE E 259 -34.34 -6.28 -37.28
N GLU E 260 -34.69 -7.01 -36.22
CA GLU E 260 -35.93 -6.79 -35.51
C GLU E 260 -35.81 -5.61 -34.55
N ARG E 261 -34.62 -5.41 -33.98
CA ARG E 261 -34.40 -4.31 -33.05
C ARG E 261 -34.39 -2.96 -33.75
N ASN E 262 -33.93 -2.90 -35.00
CA ASN E 262 -33.96 -1.66 -35.77
C ASN E 262 -35.17 -1.61 -36.70
N ALA E 263 -36.08 -2.58 -36.60
CA ALA E 263 -37.29 -2.72 -37.43
C ALA E 263 -36.97 -2.74 -38.92
N ILE E 264 -35.87 -3.37 -39.28
CA ILE E 264 -35.54 -3.60 -40.68
C ILE E 264 -36.31 -4.83 -41.16
N LYS E 265 -37.18 -4.63 -42.15
CA LYS E 265 -37.90 -5.75 -42.72
C LYS E 265 -37.05 -6.37 -43.83
N LYS E 266 -37.59 -7.38 -44.51
CA LYS E 266 -36.77 -8.28 -45.32
C LYS E 266 -36.34 -7.63 -46.63
N GLY E 267 -37.05 -6.59 -47.07
CA GLY E 267 -36.77 -6.01 -48.36
C GLY E 267 -35.84 -4.83 -48.31
N GLU E 268 -35.18 -4.61 -47.17
CA GLU E 268 -34.31 -3.46 -47.00
C GLU E 268 -32.83 -3.83 -47.00
N LEU E 269 -32.42 -4.73 -46.12
CA LEU E 269 -30.99 -4.95 -45.85
C LEU E 269 -30.65 -6.42 -46.03
N THR E 270 -29.58 -6.67 -46.78
CA THR E 270 -29.05 -8.02 -46.97
C THR E 270 -27.56 -7.97 -46.74
N ILE E 271 -27.10 -8.52 -45.62
CA ILE E 271 -25.69 -8.56 -45.29
C ILE E 271 -25.11 -9.88 -45.79
N ASP E 272 -24.16 -9.80 -46.72
CA ASP E 272 -23.49 -10.98 -47.23
C ASP E 272 -22.59 -11.57 -46.14
N ASP E 273 -22.39 -12.89 -46.21
CA ASP E 273 -21.67 -13.59 -45.16
C ASP E 273 -20.17 -13.31 -45.20
N SER E 274 -19.65 -12.91 -46.37
CA SER E 274 -18.25 -12.51 -46.46
C SER E 274 -18.00 -11.20 -45.74
N ALA E 275 -19.01 -10.35 -45.61
CA ALA E 275 -18.89 -9.17 -44.77
C ALA E 275 -18.80 -9.55 -43.30
N ILE E 276 -19.56 -10.57 -42.90
CA ILE E 276 -19.47 -11.06 -41.53
C ILE E 276 -18.11 -11.66 -41.25
N MET E 277 -17.57 -12.42 -42.22
CA MET E 277 -16.21 -12.93 -42.11
C MET E 277 -15.18 -11.81 -42.08
N SER E 278 -15.46 -10.69 -42.76
CA SER E 278 -14.54 -9.57 -42.72
C SER E 278 -14.60 -8.83 -41.39
N ILE E 279 -15.76 -8.83 -40.73
CA ILE E 279 -15.83 -8.25 -39.39
C ILE E 279 -15.16 -9.15 -38.38
N ILE E 280 -15.25 -10.48 -38.59
CA ILE E 280 -14.59 -11.43 -37.69
C ILE E 280 -13.07 -11.32 -37.82
N ARG E 281 -12.57 -11.32 -39.05
CA ARG E 281 -11.12 -11.35 -39.25
C ARG E 281 -10.48 -9.98 -39.05
N TYR E 282 -11.16 -8.92 -39.47
CA TYR E 282 -10.52 -7.64 -39.71
C TYR E 282 -10.87 -6.56 -38.69
N TYR E 283 -12.04 -6.62 -38.06
CA TYR E 283 -12.46 -5.56 -37.16
C TYR E 283 -12.38 -5.95 -35.69
N THR E 284 -12.54 -7.22 -35.37
CA THR E 284 -12.71 -7.67 -33.99
C THR E 284 -11.59 -8.63 -33.60
N ARG E 285 -11.26 -8.63 -32.30
CA ARG E 285 -10.32 -9.60 -31.75
C ARG E 285 -10.88 -10.27 -30.50
N GLU E 286 -12.19 -10.40 -30.40
CA GLU E 286 -12.79 -11.02 -29.23
C GLU E 286 -12.81 -12.54 -29.42
N ALA E 287 -13.03 -13.27 -28.33
CA ALA E 287 -13.28 -14.70 -28.43
C ALA E 287 -14.77 -15.00 -28.56
N GLY E 288 -15.62 -14.08 -28.08
CA GLY E 288 -17.06 -14.24 -28.18
C GLY E 288 -17.63 -13.51 -29.38
N VAL E 289 -18.91 -13.16 -29.28
CA VAL E 289 -19.62 -12.52 -30.38
C VAL E 289 -20.26 -11.21 -29.92
N ARG E 290 -19.73 -10.61 -28.85
CA ARG E 290 -20.23 -9.31 -28.42
C ARG E 290 -19.84 -8.21 -29.39
N SER E 291 -18.60 -8.24 -29.87
CA SER E 291 -18.17 -7.24 -30.85
C SER E 291 -18.85 -7.44 -32.20
N LEU E 292 -19.25 -8.68 -32.52
CA LEU E 292 -20.11 -8.89 -33.67
C LEU E 292 -21.47 -8.24 -33.49
N GLU E 293 -21.99 -8.22 -32.26
CA GLU E 293 -23.20 -7.45 -32.01
C GLU E 293 -22.95 -5.96 -32.15
N ARG E 294 -21.76 -5.48 -31.81
CA ARG E 294 -21.48 -4.05 -31.93
C ARG E 294 -21.39 -3.61 -33.39
N GLU E 295 -20.59 -4.31 -34.20
CA GLU E 295 -20.45 -3.90 -35.59
C GLU E 295 -21.65 -4.31 -36.46
N ILE E 296 -22.37 -5.36 -36.11
CA ILE E 296 -23.60 -5.68 -36.83
C ILE E 296 -24.69 -4.66 -36.50
N SER E 297 -24.82 -4.28 -35.23
CA SER E 297 -25.83 -3.29 -34.85
C SER E 297 -25.51 -1.92 -35.43
N LYS E 298 -24.24 -1.53 -35.43
CA LYS E 298 -23.84 -0.28 -36.05
C LYS E 298 -24.03 -0.32 -37.55
N LEU E 299 -23.81 -1.48 -38.16
CA LEU E 299 -23.96 -1.64 -39.60
C LEU E 299 -25.43 -1.53 -40.03
N CYS E 300 -26.33 -2.17 -39.26
CA CYS E 300 -27.75 -2.08 -39.53
C CYS E 300 -28.26 -0.67 -39.30
N ARG E 301 -27.71 0.02 -38.29
CA ARG E 301 -28.12 1.38 -38.01
C ARG E 301 -27.69 2.35 -39.11
N LYS E 302 -26.51 2.14 -39.68
CA LYS E 302 -26.09 2.93 -40.82
C LYS E 302 -26.92 2.64 -42.06
N ALA E 303 -27.37 1.38 -42.21
CA ALA E 303 -28.29 1.06 -43.31
C ALA E 303 -29.62 1.79 -43.13
N VAL E 304 -30.10 1.91 -41.89
CA VAL E 304 -31.32 2.66 -41.61
C VAL E 304 -31.16 4.13 -41.96
N LYS E 305 -30.05 4.75 -41.53
CA LYS E 305 -29.87 6.18 -41.76
C LYS E 305 -29.65 6.47 -43.24
N ASN E 306 -29.02 5.55 -43.97
CA ASN E 306 -28.90 5.71 -45.41
C ASN E 306 -30.25 5.57 -46.10
N LEU E 307 -31.11 4.65 -45.60
CA LEU E 307 -32.43 4.50 -46.21
C LEU E 307 -33.35 5.67 -45.89
N LEU E 308 -33.09 6.42 -44.82
CA LEU E 308 -33.86 7.64 -44.64
C LEU E 308 -33.32 8.79 -45.51
N MET E 309 -32.01 9.09 -45.40
CA MET E 309 -31.56 10.27 -46.15
C MET E 309 -31.21 9.98 -47.61
N ASP E 310 -31.55 8.81 -48.15
CA ASP E 310 -31.34 8.57 -49.58
C ASP E 310 -32.64 8.60 -50.37
N LYS E 311 -33.61 7.74 -49.99
CA LYS E 311 -34.95 7.63 -50.58
C LYS E 311 -34.94 7.24 -52.06
N THR E 312 -33.81 6.79 -52.60
CA THR E 312 -33.74 6.27 -53.96
C THR E 312 -33.42 4.79 -53.98
N VAL E 313 -32.40 4.37 -53.24
CA VAL E 313 -32.11 2.95 -53.07
C VAL E 313 -33.07 2.41 -52.02
N LYS E 314 -33.65 1.25 -52.30
CA LYS E 314 -34.57 0.61 -51.36
C LYS E 314 -34.03 -0.70 -50.82
N HIS E 315 -32.95 -1.22 -51.40
CA HIS E 315 -32.38 -2.51 -50.98
C HIS E 315 -30.87 -2.34 -50.87
N ILE E 316 -30.38 -2.13 -49.65
CA ILE E 316 -28.95 -2.00 -49.39
C ILE E 316 -28.38 -3.40 -49.20
N GLU E 317 -27.37 -3.75 -49.99
CA GLU E 317 -26.67 -5.01 -49.86
C GLU E 317 -25.21 -4.74 -49.52
N ILE E 318 -24.71 -5.42 -48.50
CA ILE E 318 -23.40 -5.16 -47.94
C ILE E 318 -22.55 -6.41 -48.14
N ASN E 319 -21.69 -6.38 -49.14
CA ASN E 319 -20.75 -7.47 -49.37
C ASN E 319 -19.45 -7.17 -48.62
N GLY E 320 -18.39 -7.91 -48.90
CA GLY E 320 -17.13 -7.73 -48.22
C GLY E 320 -16.33 -6.50 -48.62
N ASP E 321 -16.80 -5.74 -49.61
CA ASP E 321 -16.11 -4.56 -50.08
C ASP E 321 -16.67 -3.26 -49.52
N ASN E 322 -17.94 -3.26 -49.10
CA ASN E 322 -18.63 -2.03 -48.74
C ASN E 322 -18.50 -1.70 -47.26
N LEU E 323 -17.92 -2.59 -46.45
CA LEU E 323 -17.76 -2.32 -45.02
C LEU E 323 -16.81 -1.16 -44.76
N LYS E 324 -15.82 -0.97 -45.63
CA LYS E 324 -14.95 0.20 -45.55
C LYS E 324 -15.72 1.50 -45.80
N ASP E 325 -16.82 1.43 -46.54
CA ASP E 325 -17.68 2.59 -46.65
C ASP E 325 -18.51 2.79 -45.39
N PHE E 326 -18.81 1.71 -44.66
CA PHE E 326 -19.74 1.79 -43.54
C PHE E 326 -19.02 1.79 -42.19
N LEU E 327 -18.25 0.75 -41.89
CA LEU E 327 -17.65 0.62 -40.58
C LEU E 327 -16.27 1.25 -40.50
N GLY E 328 -15.83 1.94 -41.54
CA GLY E 328 -14.56 2.62 -41.50
C GLY E 328 -13.40 1.74 -41.92
N VAL E 329 -12.20 2.18 -41.54
CA VAL E 329 -11.00 1.43 -41.89
C VAL E 329 -10.88 0.19 -41.02
N GLN E 330 -10.03 -0.74 -41.45
CA GLN E 330 -9.82 -1.97 -40.72
C GLN E 330 -8.99 -1.70 -39.48
N LYS E 331 -9.46 -2.18 -38.33
CA LYS E 331 -8.82 -1.87 -37.07
C LYS E 331 -7.62 -2.76 -36.81
N VAL E 332 -7.79 -4.08 -36.95
CA VAL E 332 -6.73 -5.03 -36.69
C VAL E 332 -6.48 -5.89 -37.92
N ASP E 333 -5.51 -6.80 -37.82
CA ASP E 333 -5.27 -7.81 -38.83
C ASP E 333 -4.57 -8.99 -38.16
N TYR E 334 -4.90 -10.20 -38.60
CA TYR E 334 -4.32 -11.40 -38.05
C TYR E 334 -3.03 -11.75 -38.78
N GLY E 335 -2.10 -12.34 -38.05
CA GLY E 335 -0.90 -12.85 -38.68
C GLY E 335 -1.20 -14.06 -39.53
N ARG E 336 -0.53 -14.14 -40.68
CA ARG E 336 -0.79 -15.19 -41.65
C ARG E 336 0.53 -15.82 -42.06
N ALA E 337 0.45 -16.79 -42.97
CA ALA E 337 1.61 -17.53 -43.42
C ALA E 337 2.50 -16.66 -44.30
N ASP E 338 3.78 -16.99 -44.31
CA ASP E 338 4.72 -16.35 -45.21
C ASP E 338 4.63 -17.05 -46.57
N THR E 339 5.04 -16.33 -47.63
CA THR E 339 4.90 -16.84 -48.98
C THR E 339 6.06 -17.71 -49.45
N GLU E 340 7.30 -17.38 -49.09
CA GLU E 340 8.45 -18.14 -49.53
C GLU E 340 9.24 -18.62 -48.32
N ASN E 341 10.14 -19.57 -48.56
CA ASN E 341 10.87 -20.23 -47.48
C ASN E 341 12.02 -19.32 -47.08
N ARG E 342 11.88 -18.63 -45.95
CA ARG E 342 12.95 -17.78 -45.45
C ARG E 342 13.90 -18.60 -44.59
N VAL E 343 15.11 -18.08 -44.40
CA VAL E 343 16.14 -18.85 -43.72
C VAL E 343 15.89 -18.88 -42.22
N GLY E 344 15.97 -17.73 -41.55
CA GLY E 344 15.86 -17.74 -40.12
C GLY E 344 14.46 -17.82 -39.55
N GLN E 345 13.44 -17.46 -40.32
CA GLN E 345 12.09 -17.24 -39.83
C GLN E 345 11.39 -18.57 -39.61
N VAL E 346 10.80 -18.73 -38.42
CA VAL E 346 10.02 -19.91 -38.07
C VAL E 346 8.70 -19.44 -37.49
N THR E 347 7.60 -19.90 -38.06
CA THR E 347 6.27 -19.61 -37.53
C THR E 347 5.98 -20.54 -36.36
N GLY E 348 5.65 -19.95 -35.21
CA GLY E 348 5.22 -20.70 -34.05
C GLY E 348 3.75 -20.41 -33.75
N LEU E 349 3.24 -21.12 -32.76
CA LEU E 349 1.85 -20.97 -32.36
C LEU E 349 1.77 -20.43 -30.94
N ALA E 350 1.11 -19.28 -30.79
CA ALA E 350 0.97 -18.64 -29.50
C ALA E 350 -0.49 -18.66 -29.08
N TRP E 351 -0.70 -18.73 -27.77
CA TRP E 351 -2.03 -18.85 -27.17
C TRP E 351 -2.26 -17.68 -26.23
N THR E 352 -3.28 -16.88 -26.51
CA THR E 352 -3.71 -15.80 -25.64
C THR E 352 -5.13 -16.07 -25.18
N GLU E 353 -5.65 -15.20 -24.31
CA GLU E 353 -7.01 -15.38 -23.82
C GLU E 353 -8.05 -14.87 -24.79
N VAL E 354 -7.66 -14.03 -25.75
CA VAL E 354 -8.59 -13.60 -26.78
C VAL E 354 -8.57 -14.53 -27.98
N GLY E 355 -7.91 -15.68 -27.85
CA GLY E 355 -7.82 -16.61 -28.96
C GLY E 355 -6.38 -16.95 -29.24
N GLY E 356 -6.16 -17.65 -30.35
CA GLY E 356 -4.83 -18.03 -30.73
C GLY E 356 -4.26 -17.17 -31.84
N ASP E 357 -2.96 -16.96 -31.79
CA ASP E 357 -2.28 -16.15 -32.80
C ASP E 357 -1.06 -16.91 -33.30
N LEU E 358 -0.59 -16.51 -34.48
CA LEU E 358 0.72 -16.97 -34.92
C LEU E 358 1.81 -16.20 -34.19
N LEU E 359 3.04 -16.70 -34.30
CA LEU E 359 4.14 -16.14 -33.52
C LEU E 359 5.41 -16.26 -34.35
N THR E 360 5.73 -15.21 -35.10
CA THR E 360 6.92 -15.21 -35.94
C THR E 360 8.17 -15.23 -35.08
N ILE E 361 9.19 -15.96 -35.52
CA ILE E 361 10.46 -16.05 -34.81
C ILE E 361 11.60 -15.83 -35.81
N GLU E 362 12.30 -14.71 -35.67
CA GLU E 362 13.50 -14.48 -36.45
C GLU E 362 14.73 -14.72 -35.58
N THR E 363 15.77 -15.25 -36.20
CA THR E 363 17.08 -15.33 -35.59
C THR E 363 18.10 -14.76 -36.57
N ALA E 364 19.29 -14.46 -36.07
CA ALA E 364 20.37 -13.93 -36.91
C ALA E 364 21.69 -14.35 -36.30
N CYS E 365 22.47 -15.09 -37.07
CA CYS E 365 23.81 -15.53 -36.65
C CYS E 365 24.83 -14.80 -37.51
N VAL E 366 25.41 -13.74 -36.96
CA VAL E 366 26.39 -12.94 -37.68
C VAL E 366 27.76 -13.30 -37.12
N PRO E 367 28.85 -13.20 -37.90
CA PRO E 367 30.17 -13.53 -37.35
C PRO E 367 30.65 -12.51 -36.32
N GLY E 368 30.84 -12.95 -35.08
CA GLY E 368 31.26 -12.05 -34.03
C GLY E 368 32.10 -12.69 -32.94
N LYS E 369 31.84 -12.31 -31.69
CA LYS E 369 32.56 -12.86 -30.55
C LYS E 369 31.77 -13.90 -29.80
N GLY E 370 30.59 -14.31 -30.26
CA GLY E 370 29.83 -15.29 -29.53
C GLY E 370 28.76 -14.89 -28.50
N LYS E 371 28.30 -13.65 -28.55
CA LYS E 371 27.27 -13.14 -27.66
C LYS E 371 25.88 -13.19 -28.28
N LEU E 372 24.90 -13.73 -27.54
CA LEU E 372 23.50 -13.91 -27.96
C LEU E 372 22.59 -12.83 -27.36
N THR E 373 21.80 -12.12 -28.16
CA THR E 373 20.91 -11.07 -27.64
C THR E 373 19.42 -11.52 -27.82
N TYR E 374 18.60 -11.47 -26.79
CA TYR E 374 17.19 -11.87 -26.97
C TYR E 374 16.30 -10.61 -26.88
N THR E 375 15.50 -10.36 -27.91
CA THR E 375 14.62 -9.20 -27.95
C THR E 375 13.20 -9.65 -28.23
N GLY E 376 12.25 -8.76 -27.98
CA GLY E 376 10.86 -9.02 -28.25
C GLY E 376 9.96 -9.21 -27.05
N SER E 377 10.29 -8.56 -25.92
CA SER E 377 9.52 -8.63 -24.66
C SER E 377 9.38 -10.07 -24.17
N LEU E 378 10.48 -10.81 -24.21
CA LEU E 378 10.44 -12.23 -23.89
C LEU E 378 10.49 -12.45 -22.39
N GLY E 379 9.65 -13.36 -21.90
CA GLY E 379 9.68 -13.76 -20.51
C GLY E 379 10.92 -14.59 -20.22
N GLU E 380 11.17 -14.78 -18.92
CA GLU E 380 12.37 -15.49 -18.51
C GLU E 380 12.27 -16.98 -18.81
N VAL E 381 11.06 -17.53 -18.73
CA VAL E 381 10.84 -18.93 -19.10
C VAL E 381 11.09 -19.14 -20.60
N MET E 382 10.74 -18.14 -21.42
CA MET E 382 11.06 -18.22 -22.84
C MET E 382 12.56 -18.18 -23.09
N GLN E 383 13.28 -17.31 -22.39
CA GLN E 383 14.71 -17.18 -22.58
C GLN E 383 15.44 -18.44 -22.13
N GLU E 384 14.97 -19.06 -21.04
CA GLU E 384 15.47 -20.36 -20.64
C GLU E 384 15.17 -21.44 -21.67
N SER E 385 14.02 -21.35 -22.35
CA SER E 385 13.74 -22.31 -23.41
C SER E 385 14.61 -22.09 -24.63
N ILE E 386 14.98 -20.84 -24.91
CA ILE E 386 15.84 -20.55 -26.05
C ILE E 386 17.25 -21.06 -25.78
N GLN E 387 17.79 -20.83 -24.59
CA GLN E 387 19.15 -21.32 -24.34
C GLN E 387 19.18 -22.82 -24.08
N ALA E 388 18.04 -23.40 -23.69
CA ALA E 388 17.92 -24.86 -23.74
C ALA E 388 17.98 -25.39 -25.17
N ALA E 389 17.27 -24.72 -26.08
CA ALA E 389 17.29 -25.10 -27.50
C ALA E 389 18.67 -24.92 -28.09
N LEU E 390 19.38 -23.86 -27.71
CA LEU E 390 20.75 -23.65 -28.17
C LEU E 390 21.70 -24.69 -27.58
N THR E 391 21.39 -25.20 -26.38
CA THR E 391 22.17 -26.30 -25.83
C THR E 391 21.93 -27.59 -26.61
N VAL E 392 20.69 -27.81 -27.07
CA VAL E 392 20.39 -28.93 -27.95
C VAL E 392 21.18 -28.84 -29.25
N VAL E 393 21.28 -27.63 -29.81
CA VAL E 393 22.04 -27.43 -31.03
C VAL E 393 23.54 -27.64 -30.78
N ARG E 394 24.04 -27.21 -29.61
CA ARG E 394 25.46 -27.41 -29.31
C ARG E 394 25.79 -28.88 -29.05
N ALA E 395 24.83 -29.66 -28.55
CA ALA E 395 25.09 -31.07 -28.36
C ALA E 395 24.98 -31.86 -29.66
N ARG E 396 24.10 -31.45 -30.56
CA ARG E 396 23.94 -32.13 -31.85
C ARG E 396 24.68 -31.38 -32.94
N ALA E 397 25.82 -30.77 -32.61
CA ALA E 397 26.46 -29.82 -33.50
C ALA E 397 27.14 -30.50 -34.69
N ASP E 398 27.76 -31.66 -34.46
CA ASP E 398 28.54 -32.29 -35.52
C ASP E 398 27.69 -33.07 -36.51
N LYS E 399 26.55 -33.60 -36.09
CA LYS E 399 25.73 -34.38 -37.02
C LYS E 399 24.74 -33.52 -37.78
N LEU E 400 24.56 -32.26 -37.38
CA LEU E 400 23.79 -31.31 -38.16
C LEU E 400 24.65 -30.54 -39.16
N GLY E 401 25.93 -30.85 -39.25
CA GLY E 401 26.80 -30.18 -40.18
C GLY E 401 27.23 -28.80 -39.75
N ILE E 402 27.15 -28.51 -38.45
CA ILE E 402 27.47 -27.18 -37.92
C ILE E 402 28.89 -27.20 -37.37
N ASN E 403 29.65 -26.16 -37.71
CA ASN E 403 30.98 -25.95 -37.15
C ASN E 403 30.85 -25.74 -35.65
N PRO E 404 31.45 -26.59 -34.81
CA PRO E 404 31.10 -26.58 -33.38
C PRO E 404 31.59 -25.38 -32.58
N ASP E 405 32.37 -24.47 -33.17
CA ASP E 405 32.87 -23.32 -32.42
C ASP E 405 31.95 -22.10 -32.52
N PHE E 406 30.69 -22.30 -32.92
CA PHE E 406 29.79 -21.17 -33.14
C PHE E 406 29.37 -20.49 -31.84
N TYR E 407 29.59 -21.15 -30.69
CA TYR E 407 29.40 -20.48 -29.41
C TYR E 407 30.42 -19.37 -29.21
N GLU E 408 31.59 -19.50 -29.83
CA GLU E 408 32.67 -18.55 -29.68
C GLU E 408 32.84 -17.64 -30.90
N LYS E 409 32.41 -18.11 -32.08
CA LYS E 409 32.69 -17.40 -33.32
C LYS E 409 31.52 -16.60 -33.88
N ARG E 410 30.28 -16.91 -33.53
CA ARG E 410 29.13 -16.28 -34.17
C ARG E 410 28.18 -15.73 -33.12
N ASP E 411 27.90 -14.42 -33.21
CA ASP E 411 26.87 -13.80 -32.40
C ASP E 411 25.48 -14.23 -32.87
N ILE E 412 24.59 -14.49 -31.92
CA ILE E 412 23.25 -15.01 -32.18
C ILE E 412 22.24 -14.06 -31.56
N HIS E 413 21.25 -13.65 -32.36
CA HIS E 413 20.16 -12.80 -31.92
C HIS E 413 18.84 -13.49 -32.20
N VAL E 414 17.94 -13.50 -31.21
CA VAL E 414 16.61 -14.07 -31.36
C VAL E 414 15.59 -12.97 -31.11
N HIS E 415 14.82 -12.63 -32.15
CA HIS E 415 13.80 -11.60 -32.06
C HIS E 415 12.44 -12.18 -32.43
N VAL E 416 11.41 -11.73 -31.73
CA VAL E 416 10.02 -12.02 -32.03
C VAL E 416 9.35 -10.68 -32.30
N PRO E 417 8.75 -10.47 -33.49
CA PRO E 417 8.60 -9.11 -34.04
C PRO E 417 7.70 -8.17 -33.27
N GLU E 418 6.63 -8.64 -32.65
CA GLU E 418 5.77 -7.76 -31.86
C GLU E 418 6.51 -7.40 -30.57
N GLY E 419 7.32 -6.34 -30.67
CA GLY E 419 8.23 -5.98 -29.59
C GLY E 419 7.55 -5.42 -28.37
N ALA E 420 6.39 -4.80 -28.53
CA ALA E 420 5.66 -4.25 -27.40
C ALA E 420 4.78 -5.29 -26.71
N THR E 421 4.43 -6.37 -27.38
CA THR E 421 3.56 -7.37 -26.80
C THR E 421 4.36 -8.32 -25.91
N PRO E 422 4.07 -8.40 -24.62
CA PRO E 422 4.80 -9.35 -23.76
C PRO E 422 4.35 -10.78 -24.03
N LYS E 423 5.29 -11.71 -23.89
CA LYS E 423 5.02 -13.10 -24.19
C LYS E 423 5.94 -14.00 -23.37
N ASP E 424 5.40 -15.14 -22.94
CA ASP E 424 6.11 -16.00 -22.02
C ASP E 424 5.60 -17.43 -22.19
N GLY E 425 6.45 -18.40 -21.87
CA GLY E 425 6.07 -19.79 -21.88
C GLY E 425 7.03 -20.68 -22.66
N PRO E 426 7.11 -21.96 -22.28
CA PRO E 426 8.08 -22.86 -22.93
C PRO E 426 7.64 -23.38 -24.29
N SER E 427 6.40 -23.11 -24.69
CA SER E 427 5.75 -23.81 -25.79
C SER E 427 6.29 -23.46 -27.17
N ALA E 428 7.35 -22.66 -27.26
CA ALA E 428 7.98 -22.33 -28.53
C ALA E 428 9.38 -22.92 -28.65
N GLY E 429 9.77 -23.79 -27.70
CA GLY E 429 11.14 -24.26 -27.64
C GLY E 429 11.63 -24.97 -28.88
N ILE E 430 10.86 -25.96 -29.37
CA ILE E 430 11.26 -26.66 -30.59
C ILE E 430 11.10 -25.79 -31.82
N ALA E 431 10.39 -24.66 -31.71
CA ALA E 431 10.47 -23.68 -32.78
C ALA E 431 11.84 -23.04 -32.82
N MET E 432 12.30 -22.56 -31.64
CA MET E 432 13.54 -21.79 -31.53
C MET E 432 14.73 -22.57 -32.03
N CYS E 433 14.84 -23.83 -31.57
CA CYS E 433 15.88 -24.76 -31.98
C CYS E 433 15.96 -24.88 -33.49
N THR E 434 14.78 -25.02 -34.14
CA THR E 434 14.72 -25.14 -35.59
C THR E 434 15.29 -23.91 -36.26
N ALA E 435 14.91 -22.73 -35.75
CA ALA E 435 15.41 -21.46 -36.26
C ALA E 435 16.92 -21.38 -36.12
N LEU E 436 17.44 -21.83 -34.97
CA LEU E 436 18.87 -21.78 -34.73
C LEU E 436 19.59 -22.70 -35.69
N VAL E 437 19.04 -23.90 -35.93
CA VAL E 437 19.63 -24.83 -36.89
C VAL E 437 19.57 -24.23 -38.28
N SER E 438 18.46 -23.55 -38.57
CA SER E 438 18.26 -22.91 -39.85
C SER E 438 19.21 -21.74 -40.07
N CYS E 439 19.71 -21.13 -38.99
CA CYS E 439 20.68 -20.07 -39.18
C CYS E 439 22.11 -20.57 -39.13
N LEU E 440 22.34 -21.78 -38.65
CA LEU E 440 23.70 -22.28 -38.52
C LEU E 440 24.07 -23.24 -39.65
N THR E 441 23.14 -23.53 -40.55
CA THR E 441 23.41 -24.31 -41.74
C THR E 441 23.02 -23.59 -43.03
N GLY E 442 22.27 -22.49 -42.94
CA GLY E 442 21.74 -21.86 -44.13
C GLY E 442 20.61 -22.63 -44.77
N ASN E 443 19.97 -23.54 -44.04
CA ASN E 443 18.89 -24.35 -44.56
C ASN E 443 17.59 -23.62 -44.28
N PRO E 444 16.84 -23.21 -45.30
CA PRO E 444 15.63 -22.42 -45.05
C PRO E 444 14.48 -23.27 -44.54
N VAL E 445 13.60 -22.63 -43.79
CA VAL E 445 12.43 -23.27 -43.21
C VAL E 445 11.27 -23.10 -44.17
N ARG E 446 10.59 -24.20 -44.48
CA ARG E 446 9.43 -24.12 -45.36
C ARG E 446 8.28 -23.41 -44.67
N ALA E 447 7.77 -22.37 -45.33
CA ALA E 447 6.91 -21.36 -44.72
C ALA E 447 5.49 -21.84 -44.46
N ASP E 448 5.11 -23.02 -44.93
CA ASP E 448 3.78 -23.53 -44.66
C ASP E 448 3.72 -24.42 -43.43
N VAL E 449 4.78 -24.45 -42.62
CA VAL E 449 4.86 -25.33 -41.46
C VAL E 449 4.98 -24.47 -40.21
N ALA E 450 3.98 -24.53 -39.34
CA ALA E 450 4.06 -24.03 -37.99
C ALA E 450 4.36 -25.18 -37.05
N MET E 451 4.84 -24.85 -35.85
CA MET E 451 5.20 -25.89 -34.91
C MET E 451 5.05 -25.36 -33.50
N THR E 452 4.79 -26.27 -32.57
CA THR E 452 4.73 -25.95 -31.15
C THR E 452 5.26 -27.13 -30.37
N GLY E 453 5.87 -26.84 -29.22
CA GLY E 453 6.41 -27.88 -28.39
C GLY E 453 7.49 -27.42 -27.43
N GLU E 454 7.46 -27.96 -26.22
CA GLU E 454 8.48 -27.70 -25.21
C GLU E 454 9.66 -28.65 -25.38
N ILE E 455 10.85 -28.08 -25.52
CA ILE E 455 12.04 -28.87 -25.80
C ILE E 455 12.74 -29.16 -24.47
N THR E 456 13.39 -30.32 -24.41
CA THR E 456 14.25 -30.70 -23.30
C THR E 456 15.66 -30.90 -23.84
N LEU E 457 16.62 -31.16 -22.95
CA LEU E 457 18.02 -31.22 -23.37
C LEU E 457 18.35 -32.45 -24.21
N ARG E 458 17.73 -33.59 -23.95
CA ARG E 458 18.02 -34.77 -24.75
C ARG E 458 17.22 -34.82 -26.05
N GLY E 459 16.53 -33.74 -26.41
CA GLY E 459 15.90 -33.63 -27.71
C GLY E 459 14.42 -33.92 -27.74
N LEU E 460 13.84 -34.44 -26.67
CA LEU E 460 12.44 -34.83 -26.70
C LEU E 460 11.53 -33.61 -26.61
N VAL E 461 10.30 -33.79 -27.07
CA VAL E 461 9.36 -32.70 -27.24
C VAL E 461 8.25 -32.90 -26.20
N LEU E 462 8.24 -32.07 -25.17
CA LEU E 462 7.27 -32.19 -24.11
C LEU E 462 5.92 -31.65 -24.55
N PRO E 463 4.83 -32.08 -23.92
CA PRO E 463 3.50 -31.57 -24.30
C PRO E 463 3.31 -30.11 -23.94
N ILE E 464 2.33 -29.50 -24.61
CA ILE E 464 1.96 -28.11 -24.41
C ILE E 464 0.46 -28.05 -24.10
N GLY E 465 0.00 -26.86 -23.73
CA GLY E 465 -1.40 -26.67 -23.42
C GLY E 465 -2.14 -25.83 -24.45
N GLY E 466 -3.39 -26.19 -24.71
CA GLY E 466 -4.24 -25.42 -25.60
C GLY E 466 -3.93 -25.57 -27.08
N LEU E 467 -4.14 -26.77 -27.62
CA LEU E 467 -4.00 -26.95 -29.07
C LEU E 467 -5.15 -26.37 -29.86
N LYS E 468 -6.29 -26.08 -29.24
CA LYS E 468 -7.47 -25.72 -30.01
C LYS E 468 -7.31 -24.36 -30.66
N GLU E 469 -6.95 -23.35 -29.87
CA GLU E 469 -6.75 -22.01 -30.41
C GLU E 469 -5.52 -21.94 -31.30
N LYS E 470 -4.54 -22.81 -31.09
CA LYS E 470 -3.34 -22.80 -31.93
C LYS E 470 -3.63 -23.43 -33.30
N LEU E 471 -4.44 -24.48 -33.33
CA LEU E 471 -4.82 -25.05 -34.62
C LEU E 471 -5.83 -24.18 -35.34
N LEU E 472 -6.66 -23.44 -34.60
CA LEU E 472 -7.51 -22.44 -35.24
C LEU E 472 -6.69 -21.27 -35.78
N ALA E 473 -5.60 -20.93 -35.09
CA ALA E 473 -4.73 -19.86 -35.58
C ALA E 473 -3.94 -20.28 -36.80
N ALA E 474 -3.44 -21.52 -36.82
CA ALA E 474 -2.76 -22.02 -38.01
C ALA E 474 -3.73 -22.28 -39.14
N HIS E 475 -4.97 -22.59 -38.81
CA HIS E 475 -6.02 -22.71 -39.82
C HIS E 475 -6.35 -21.36 -40.44
N ARG E 476 -6.42 -20.33 -39.61
CA ARG E 476 -6.74 -18.99 -40.08
C ARG E 476 -5.60 -18.39 -40.91
N GLY E 477 -4.38 -18.58 -40.47
CA GLY E 477 -3.23 -17.97 -41.09
C GLY E 477 -2.76 -18.57 -42.40
N GLY E 478 -3.36 -19.66 -42.86
CA GLY E 478 -2.91 -20.24 -44.11
C GLY E 478 -1.79 -21.25 -43.98
N ILE E 479 -1.48 -21.67 -42.76
CA ILE E 479 -0.51 -22.73 -42.53
C ILE E 479 -1.13 -24.05 -42.98
N LYS E 480 -0.32 -24.93 -43.58
CA LYS E 480 -0.80 -26.22 -44.05
C LYS E 480 -0.40 -27.38 -43.17
N VAL E 481 0.76 -27.33 -42.52
CA VAL E 481 1.30 -28.42 -41.72
C VAL E 481 1.59 -27.90 -40.31
N VAL E 482 1.12 -28.61 -39.30
CA VAL E 482 1.37 -28.25 -37.91
C VAL E 482 2.12 -29.40 -37.25
N LEU E 483 3.24 -29.08 -36.59
CA LEU E 483 4.04 -30.06 -35.87
C LEU E 483 3.74 -29.94 -34.37
N ILE E 484 2.93 -30.84 -33.85
CA ILE E 484 2.59 -30.87 -32.43
C ILE E 484 3.43 -31.96 -31.76
N PRO E 485 3.60 -31.94 -30.45
CA PRO E 485 4.18 -33.12 -29.79
C PRO E 485 3.22 -34.30 -29.79
N ASP E 486 3.75 -35.46 -29.41
CA ASP E 486 2.99 -36.70 -29.53
C ASP E 486 1.89 -36.80 -28.48
N ASP E 487 2.18 -36.40 -27.25
CA ASP E 487 1.22 -36.59 -26.18
C ASP E 487 0.11 -35.54 -26.15
N ASN E 488 0.15 -34.56 -27.06
CA ASN E 488 -1.02 -33.72 -27.32
C ASN E 488 -1.92 -34.30 -28.40
N LYS E 489 -1.57 -35.49 -28.93
CA LYS E 489 -2.38 -36.17 -29.93
C LYS E 489 -3.79 -36.48 -29.43
N ARG E 490 -3.94 -36.70 -28.11
CA ARG E 490 -5.23 -36.84 -27.45
C ARG E 490 -6.16 -35.68 -27.75
N ASP E 491 -5.61 -34.46 -27.74
CA ASP E 491 -6.42 -33.26 -27.97
C ASP E 491 -7.00 -33.21 -29.38
N LEU E 492 -6.43 -34.00 -30.30
CA LEU E 492 -6.98 -34.11 -31.65
C LEU E 492 -8.36 -34.75 -31.70
N GLU E 493 -8.83 -35.36 -30.60
CA GLU E 493 -10.22 -35.79 -30.55
C GLU E 493 -11.14 -34.75 -29.94
N GLU E 494 -10.77 -33.46 -29.98
CA GLU E 494 -11.64 -32.40 -29.48
C GLU E 494 -11.59 -31.21 -30.43
N ILE E 495 -11.18 -31.47 -31.67
CA ILE E 495 -10.98 -30.42 -32.66
C ILE E 495 -12.02 -30.62 -33.76
N PRO E 496 -12.66 -29.56 -34.27
CA PRO E 496 -13.59 -29.72 -35.40
C PRO E 496 -12.88 -30.19 -36.66
N ASP E 497 -13.55 -31.09 -37.39
CA ASP E 497 -12.96 -31.79 -38.54
C ASP E 497 -12.77 -30.89 -39.76
N ASN E 498 -13.24 -29.64 -39.72
CA ASN E 498 -12.81 -28.66 -40.70
C ASN E 498 -11.31 -28.41 -40.59
N VAL E 499 -10.81 -28.37 -39.35
CA VAL E 499 -9.39 -28.13 -39.10
C VAL E 499 -8.57 -29.36 -39.47
N ILE E 500 -9.01 -30.55 -39.07
CA ILE E 500 -8.27 -31.78 -39.36
C ILE E 500 -8.31 -32.07 -40.86
N ALA E 501 -9.46 -31.85 -41.50
CA ALA E 501 -9.53 -32.02 -42.94
C ALA E 501 -8.73 -30.96 -43.68
N ASP E 502 -8.58 -29.77 -43.09
CA ASP E 502 -7.80 -28.72 -43.72
C ASP E 502 -6.31 -28.87 -43.46
N LEU E 503 -5.90 -29.25 -42.26
CA LEU E 503 -4.49 -29.29 -41.88
C LEU E 503 -3.89 -30.67 -42.04
N GLU E 504 -2.56 -30.70 -42.04
CA GLU E 504 -1.78 -31.94 -42.07
C GLU E 504 -0.97 -31.96 -40.78
N ILE E 505 -1.51 -32.61 -39.77
CA ILE E 505 -0.94 -32.57 -38.42
C ILE E 505 0.00 -33.75 -38.24
N HIS E 506 1.25 -33.47 -37.92
CA HIS E 506 2.26 -34.49 -37.71
C HIS E 506 2.72 -34.47 -36.25
N PRO E 507 2.39 -35.48 -35.45
CA PRO E 507 2.94 -35.54 -34.08
C PRO E 507 4.40 -35.93 -34.11
N VAL E 508 5.20 -35.25 -33.29
CA VAL E 508 6.62 -35.53 -33.19
C VAL E 508 6.94 -35.95 -31.77
N LYS E 509 8.04 -36.70 -31.62
CA LYS E 509 8.52 -37.16 -30.33
C LYS E 509 9.86 -36.54 -29.94
N ARG E 510 10.74 -36.34 -30.91
CA ARG E 510 12.07 -35.80 -30.65
C ARG E 510 12.33 -34.65 -31.61
N ILE E 511 13.55 -34.14 -31.62
CA ILE E 511 13.85 -32.96 -32.41
C ILE E 511 14.28 -33.33 -33.83
N ASP E 512 14.71 -34.58 -34.04
CA ASP E 512 15.03 -35.04 -35.38
C ASP E 512 13.79 -35.17 -36.25
N ASP E 513 12.65 -35.49 -35.63
CA ASP E 513 11.37 -35.50 -36.34
C ASP E 513 10.96 -34.09 -36.75
N VAL E 514 11.31 -33.09 -35.95
CA VAL E 514 11.01 -31.70 -36.31
C VAL E 514 11.92 -31.24 -37.44
N LEU E 515 13.23 -31.47 -37.30
CA LEU E 515 14.19 -31.02 -38.29
C LEU E 515 14.06 -31.75 -39.62
N ALA E 516 13.53 -32.97 -39.62
CA ALA E 516 13.32 -33.67 -40.88
C ALA E 516 12.17 -33.06 -41.68
N ILE E 517 11.07 -32.72 -41.01
CA ILE E 517 9.88 -32.24 -41.69
C ILE E 517 10.01 -30.76 -42.02
N ALA E 518 10.43 -29.97 -41.03
CA ALA E 518 10.26 -28.52 -41.09
C ALA E 518 11.30 -27.81 -41.95
N LEU E 519 12.44 -28.44 -42.20
CA LEU E 519 13.43 -27.81 -43.05
C LEU E 519 13.25 -28.26 -44.50
N GLU E 520 13.75 -27.43 -45.41
CA GLU E 520 13.68 -27.78 -46.83
C GLU E 520 14.69 -28.86 -47.19
N HIS E 521 15.97 -28.59 -47.02
CA HIS E 521 17.01 -29.54 -47.36
C HIS E 521 17.19 -30.54 -46.22
N PRO E 522 17.59 -31.77 -46.54
CA PRO E 522 17.79 -32.78 -45.48
C PRO E 522 19.00 -32.47 -44.61
N ALA E 523 18.82 -32.54 -43.30
CA ALA E 523 19.89 -32.25 -42.36
C ALA E 523 20.88 -33.40 -42.27
N ALA F 1 -62.49 22.38 -4.62
CA ALA F 1 -61.22 22.67 -3.93
C ALA F 1 -60.02 22.31 -4.81
N LEU F 2 -59.52 21.09 -4.65
CA LEU F 2 -58.37 20.61 -5.41
C LEU F 2 -58.74 19.55 -6.43
N LYS F 3 -60.02 19.18 -6.53
CA LYS F 3 -60.44 18.11 -7.44
C LYS F 3 -60.36 18.53 -8.90
N ARG F 4 -60.62 19.80 -9.21
CA ARG F 4 -60.48 20.27 -10.58
C ARG F 4 -59.02 20.36 -11.00
N LYS F 5 -58.09 20.45 -10.03
CA LYS F 5 -56.68 20.40 -10.37
C LYS F 5 -56.21 18.97 -10.62
N ILE F 6 -56.72 18.00 -9.87
CA ILE F 6 -56.26 16.62 -10.06
C ILE F 6 -56.94 16.00 -11.27
N GLU F 7 -58.09 16.53 -11.68
CA GLU F 7 -58.70 16.05 -12.91
C GLU F 7 -58.32 16.96 -14.09
N ALA F 8 -57.75 18.13 -13.79
CA ALA F 8 -57.34 19.07 -14.84
C ALA F 8 -56.17 18.57 -15.67
N ALA F 9 -55.32 17.68 -15.13
CA ALA F 9 -54.24 17.12 -15.91
C ALA F 9 -54.55 15.74 -16.47
N LYS F 10 -55.62 15.10 -15.99
CA LYS F 10 -56.03 13.74 -16.34
C LYS F 10 -54.90 12.74 -16.09
N MET F 11 -54.56 12.60 -14.82
CA MET F 11 -53.60 11.62 -14.34
C MET F 11 -54.15 10.21 -14.55
N PRO F 12 -53.27 9.20 -14.69
CA PRO F 12 -53.74 7.81 -14.73
C PRO F 12 -54.51 7.39 -13.49
N LYS F 13 -55.32 6.34 -13.67
CA LYS F 13 -56.38 6.01 -12.72
C LYS F 13 -55.84 5.51 -11.38
N ASP F 14 -54.75 4.74 -11.40
CA ASP F 14 -54.14 4.24 -10.17
C ASP F 14 -53.66 5.39 -9.29
N ALA F 15 -53.01 6.37 -9.90
CA ALA F 15 -52.52 7.52 -9.15
C ALA F 15 -53.65 8.46 -8.74
N ARG F 16 -54.88 8.25 -9.26
CA ARG F 16 -55.99 9.08 -8.84
C ARG F 16 -56.90 8.36 -7.85
N GLU F 17 -56.80 7.03 -7.72
CA GLU F 17 -57.34 6.48 -6.48
C GLU F 17 -56.36 6.69 -5.34
N LYS F 18 -55.07 6.83 -5.65
CA LYS F 18 -54.14 7.29 -4.61
C LYS F 18 -54.39 8.75 -4.25
N THR F 19 -54.47 9.62 -5.26
CA THR F 19 -54.61 11.05 -5.01
C THR F 19 -55.98 11.38 -4.44
N GLU F 20 -57.04 10.78 -4.98
CA GLU F 20 -58.36 10.91 -4.35
C GLU F 20 -58.43 10.18 -3.02
N ALA F 21 -57.56 9.19 -2.79
CA ALA F 21 -57.52 8.54 -1.48
C ALA F 21 -56.97 9.48 -0.41
N GLU F 22 -55.86 10.19 -0.69
CA GLU F 22 -55.44 11.17 0.30
C GLU F 22 -56.28 12.45 0.24
N LEU F 23 -57.11 12.60 -0.79
CA LEU F 23 -58.05 13.73 -0.80
C LEU F 23 -59.22 13.45 0.15
N GLN F 24 -59.77 12.23 0.10
CA GLN F 24 -60.82 11.88 1.05
C GLN F 24 -60.25 11.63 2.45
N LYS F 25 -58.95 11.37 2.57
CA LYS F 25 -58.33 11.43 3.88
C LYS F 25 -58.12 12.87 4.33
N LEU F 26 -57.85 13.77 3.39
CA LEU F 26 -57.70 15.19 3.70
C LEU F 26 -59.01 15.83 4.12
N LYS F 27 -60.14 15.29 3.64
CA LYS F 27 -61.45 15.76 4.10
C LYS F 27 -61.70 15.45 5.57
N MET F 28 -60.99 14.48 6.15
CA MET F 28 -61.16 14.08 7.54
C MET F 28 -59.93 14.39 8.39
N MET F 29 -59.34 15.57 8.19
CA MET F 29 -58.25 16.05 9.03
C MET F 29 -58.29 17.56 9.12
N SER F 30 -57.48 18.10 10.03
CA SER F 30 -57.29 19.51 10.33
C SER F 30 -56.40 20.16 9.27
N PRO F 31 -56.74 21.38 8.83
CA PRO F 31 -55.95 22.01 7.76
C PRO F 31 -54.60 22.51 8.21
N MET F 32 -54.50 23.05 9.43
CA MET F 32 -53.31 23.78 9.85
C MET F 32 -52.20 22.89 10.36
N SER F 33 -52.42 21.59 10.49
CA SER F 33 -51.41 20.70 11.05
C SER F 33 -50.30 20.44 10.04
N ALA F 34 -49.12 20.07 10.57
CA ALA F 34 -47.99 19.74 9.71
C ALA F 34 -48.18 18.42 8.98
N GLU F 35 -49.02 17.53 9.52
CA GLU F 35 -49.38 16.32 8.79
C GLU F 35 -50.20 16.67 7.55
N ALA F 36 -51.04 17.70 7.65
CA ALA F 36 -51.70 18.23 6.46
C ALA F 36 -50.73 18.92 5.51
N THR F 37 -49.62 19.45 6.02
CA THR F 37 -48.59 19.97 5.12
C THR F 37 -47.90 18.83 4.38
N VAL F 38 -47.76 17.67 5.03
CA VAL F 38 -47.25 16.48 4.33
C VAL F 38 -48.26 15.99 3.30
N VAL F 39 -49.55 16.08 3.61
CA VAL F 39 -50.59 15.62 2.69
C VAL F 39 -50.67 16.53 1.45
N ARG F 40 -50.77 17.85 1.68
CA ARG F 40 -50.76 18.80 0.58
C ARG F 40 -49.46 18.77 -0.20
N GLY F 41 -48.34 18.48 0.46
CA GLY F 41 -47.09 18.31 -0.27
C GLY F 41 -47.11 17.07 -1.14
N TYR F 42 -47.69 15.97 -0.64
CA TYR F 42 -47.77 14.75 -1.43
C TYR F 42 -48.74 14.90 -2.59
N ILE F 43 -49.77 15.74 -2.44
CA ILE F 43 -50.61 16.09 -3.59
C ILE F 43 -49.83 16.93 -4.59
N ASP F 44 -49.07 17.90 -4.09
CA ASP F 44 -48.29 18.79 -4.97
C ASP F 44 -47.16 18.08 -5.69
N TRP F 45 -46.56 17.04 -5.10
CA TRP F 45 -45.51 16.28 -5.77
C TRP F 45 -46.06 15.12 -6.59
N MET F 46 -47.34 15.14 -6.93
CA MET F 46 -47.88 14.26 -7.96
C MET F 46 -48.53 15.01 -9.10
N LEU F 47 -48.98 16.24 -8.90
CA LEU F 47 -49.56 17.06 -9.95
C LEU F 47 -48.50 17.85 -10.72
N GLN F 48 -47.23 17.67 -10.35
CA GLN F 48 -46.12 18.21 -11.11
C GLN F 48 -45.39 17.13 -11.89
N VAL F 49 -45.66 15.86 -11.60
CA VAL F 49 -45.05 14.74 -12.33
C VAL F 49 -45.62 14.71 -13.75
N PRO F 50 -44.79 14.64 -14.78
CA PRO F 50 -45.33 14.67 -16.15
C PRO F 50 -45.94 13.36 -16.61
N TRP F 51 -47.22 13.16 -16.28
CA TRP F 51 -47.93 11.98 -16.75
C TRP F 51 -48.28 12.05 -18.23
N ASN F 52 -48.24 13.24 -18.82
CA ASN F 52 -48.62 13.46 -20.20
C ASN F 52 -47.80 14.63 -20.74
N SER F 53 -48.28 15.24 -21.83
CA SER F 53 -47.67 16.41 -22.48
C SER F 53 -46.27 16.10 -22.98
N ARG F 54 -46.19 15.19 -23.93
CA ARG F 54 -44.93 14.86 -24.58
C ARG F 54 -44.47 16.01 -25.47
N SER F 55 -43.19 15.96 -25.82
CA SER F 55 -42.61 16.85 -26.81
C SER F 55 -42.51 16.11 -28.13
N LYS F 56 -42.97 16.75 -29.20
CA LYS F 56 -42.95 16.14 -30.53
C LYS F 56 -41.51 16.03 -31.01
N VAL F 57 -41.01 14.81 -31.11
CA VAL F 57 -39.64 14.59 -31.54
C VAL F 57 -39.53 14.80 -33.04
N LYS F 58 -38.38 15.30 -33.48
CA LYS F 58 -38.22 15.67 -34.88
C LYS F 58 -37.65 14.51 -35.68
N LYS F 59 -38.10 14.39 -36.93
CA LYS F 59 -37.84 13.22 -37.75
C LYS F 59 -36.91 13.47 -38.92
N ASP F 60 -36.78 14.70 -39.39
CA ASP F 60 -35.88 14.98 -40.51
C ASP F 60 -34.45 15.11 -39.99
N LEU F 61 -33.50 14.81 -40.87
CA LEU F 61 -32.10 14.70 -40.48
C LEU F 61 -31.19 15.74 -41.09
N VAL F 62 -31.67 16.56 -42.04
CA VAL F 62 -30.82 17.64 -42.55
C VAL F 62 -30.81 18.82 -41.59
N LYS F 63 -32.00 19.20 -41.10
CA LYS F 63 -32.06 20.28 -40.13
C LYS F 63 -31.46 19.85 -38.79
N ALA F 64 -31.49 18.54 -38.51
CA ALA F 64 -30.79 18.02 -37.34
C ALA F 64 -29.28 18.06 -37.55
N GLN F 65 -28.82 17.83 -38.78
CA GLN F 65 -27.40 17.97 -39.10
C GLN F 65 -26.91 19.39 -38.88
N GLU F 66 -27.65 20.38 -39.37
CA GLU F 66 -27.16 21.75 -39.22
C GLU F 66 -27.38 22.28 -37.80
N VAL F 67 -28.40 21.78 -37.11
CA VAL F 67 -28.62 22.26 -35.74
C VAL F 67 -27.71 21.51 -34.78
N LEU F 68 -27.08 20.42 -35.25
CA LEU F 68 -25.91 19.91 -34.54
C LEU F 68 -24.66 20.72 -34.87
N ASP F 69 -24.50 21.12 -36.13
CA ASP F 69 -23.33 21.89 -36.53
C ASP F 69 -23.40 23.36 -36.15
N THR F 70 -24.45 23.82 -35.45
CA THR F 70 -24.54 25.23 -35.14
C THR F 70 -23.82 25.57 -33.83
N ASP F 71 -23.45 24.55 -33.06
CA ASP F 71 -22.81 24.75 -31.76
C ASP F 71 -21.56 23.94 -31.55
N HIS F 72 -21.23 23.01 -32.45
CA HIS F 72 -20.02 22.21 -32.31
C HIS F 72 -19.41 22.00 -33.68
N TYR F 73 -18.08 22.13 -33.75
CA TYR F 73 -17.41 22.17 -35.04
C TYR F 73 -17.14 20.78 -35.61
N GLY F 74 -16.32 19.99 -34.92
CA GLY F 74 -15.70 18.86 -35.58
C GLY F 74 -15.83 17.50 -34.92
N LEU F 75 -16.99 17.22 -34.36
CA LEU F 75 -17.28 15.89 -33.83
C LEU F 75 -18.10 15.09 -34.83
N GLU F 76 -17.51 14.81 -35.99
CA GLU F 76 -18.28 14.31 -37.13
C GLU F 76 -18.76 12.88 -36.93
N ARG F 77 -17.91 12.02 -36.34
CA ARG F 77 -18.34 10.64 -36.12
C ARG F 77 -19.40 10.54 -35.03
N VAL F 78 -19.29 11.40 -34.02
CA VAL F 78 -20.31 11.45 -32.98
C VAL F 78 -21.63 11.93 -33.54
N LYS F 79 -21.61 12.99 -34.35
CA LYS F 79 -22.81 13.50 -34.99
C LYS F 79 -23.42 12.50 -35.96
N ASP F 80 -22.57 11.71 -36.62
CA ASP F 80 -23.07 10.60 -37.44
C ASP F 80 -23.82 9.60 -36.58
N ARG F 81 -23.24 9.19 -35.45
CA ARG F 81 -23.89 8.22 -34.58
C ARG F 81 -25.20 8.77 -33.99
N ILE F 82 -25.27 10.08 -33.76
CA ILE F 82 -26.50 10.66 -33.23
C ILE F 82 -27.58 10.72 -34.30
N LEU F 83 -27.20 10.99 -35.56
CA LEU F 83 -28.20 10.97 -36.62
C LEU F 83 -28.65 9.55 -36.95
N GLU F 84 -27.80 8.55 -36.72
CA GLU F 84 -28.21 7.17 -36.89
C GLU F 84 -29.15 6.75 -35.77
N TYR F 85 -28.88 7.19 -34.54
CA TYR F 85 -29.79 6.96 -33.43
C TYR F 85 -31.12 7.67 -33.65
N LEU F 86 -31.12 8.82 -34.32
CA LEU F 86 -32.37 9.47 -34.66
C LEU F 86 -33.03 8.86 -35.87
N ALA F 87 -32.29 8.06 -36.64
CA ALA F 87 -32.91 7.34 -37.74
C ALA F 87 -33.69 6.14 -37.24
N VAL F 88 -33.07 5.34 -36.37
CA VAL F 88 -33.80 4.22 -35.78
C VAL F 88 -34.85 4.74 -34.79
N GLN F 89 -34.58 5.88 -34.14
CA GLN F 89 -35.59 6.55 -33.33
C GLN F 89 -36.74 7.07 -34.18
N SER F 90 -36.45 7.42 -35.43
CA SER F 90 -37.52 7.81 -36.35
C SER F 90 -38.37 6.62 -36.74
N ARG F 91 -37.75 5.46 -37.00
CA ARG F 91 -38.55 4.29 -37.34
C ARG F 91 -39.13 3.62 -36.09
N VAL F 92 -38.26 3.12 -35.22
CA VAL F 92 -38.70 2.55 -33.95
C VAL F 92 -39.01 3.70 -33.00
N SER F 93 -40.27 3.80 -32.57
CA SER F 93 -40.69 4.92 -31.74
C SER F 93 -40.12 4.87 -30.33
N LYS F 94 -39.52 3.75 -29.92
CA LYS F 94 -39.04 3.59 -28.55
C LYS F 94 -37.83 2.65 -28.60
N ILE F 95 -36.63 3.24 -28.66
CA ILE F 95 -35.42 2.43 -28.58
C ILE F 95 -35.10 2.18 -27.11
N LYS F 96 -35.15 0.92 -26.70
CA LYS F 96 -34.79 0.59 -25.33
C LYS F 96 -33.66 -0.44 -25.25
N GLY F 97 -32.77 -0.44 -26.24
CA GLY F 97 -31.59 -1.28 -26.19
C GLY F 97 -30.50 -0.66 -25.36
N PRO F 98 -29.29 -0.56 -25.93
CA PRO F 98 -28.19 0.10 -25.21
C PRO F 98 -28.33 1.61 -25.17
N ILE F 99 -27.38 2.27 -24.51
CA ILE F 99 -27.46 3.69 -24.17
C ILE F 99 -26.19 4.37 -24.69
N LEU F 100 -26.36 5.56 -25.28
CA LEU F 100 -25.23 6.30 -25.82
C LEU F 100 -24.28 6.77 -24.71
N CYS F 101 -22.99 6.55 -24.92
CA CYS F 101 -21.94 6.95 -23.99
C CYS F 101 -20.87 7.70 -24.76
N LEU F 102 -20.39 8.80 -24.19
CA LEU F 102 -19.40 9.67 -24.83
C LEU F 102 -18.13 9.64 -24.01
N VAL F 103 -17.18 8.80 -24.42
CA VAL F 103 -15.90 8.66 -23.71
C VAL F 103 -14.89 9.59 -24.38
N GLY F 104 -14.23 10.42 -23.56
CA GLY F 104 -13.17 11.25 -24.07
C GLY F 104 -12.50 12.08 -23.00
N PRO F 105 -11.32 12.62 -23.30
CA PRO F 105 -10.58 13.41 -22.31
C PRO F 105 -11.29 14.73 -22.03
N PRO F 106 -11.06 15.33 -20.87
CA PRO F 106 -11.73 16.60 -20.55
C PRO F 106 -11.23 17.74 -21.43
N GLY F 107 -12.17 18.55 -21.90
CA GLY F 107 -11.86 19.64 -22.79
C GLY F 107 -12.67 19.60 -24.06
N VAL F 108 -12.88 18.40 -24.60
CA VAL F 108 -13.81 18.26 -25.72
C VAL F 108 -15.23 18.41 -25.21
N GLY F 109 -16.13 18.77 -26.11
CA GLY F 109 -17.44 19.21 -25.69
C GLY F 109 -18.48 18.13 -25.49
N LYS F 110 -18.17 17.11 -24.70
CA LYS F 110 -19.12 16.01 -24.53
C LYS F 110 -20.30 16.36 -23.63
N THR F 111 -20.18 17.40 -22.81
CA THR F 111 -21.32 17.80 -21.98
C THR F 111 -22.28 18.69 -22.76
N SER F 112 -21.76 19.61 -23.57
CA SER F 112 -22.61 20.48 -24.38
C SER F 112 -23.23 19.74 -25.56
N LEU F 113 -22.79 18.51 -25.86
CA LEU F 113 -23.54 17.66 -26.77
C LEU F 113 -24.89 17.29 -26.21
N GLY F 114 -25.08 17.35 -24.88
CA GLY F 114 -26.43 17.23 -24.34
C GLY F 114 -27.32 18.39 -24.75
N GLN F 115 -26.74 19.58 -24.91
CA GLN F 115 -27.49 20.72 -25.43
C GLN F 115 -27.76 20.59 -26.92
N SER F 116 -26.74 20.22 -27.71
CA SER F 116 -26.92 20.14 -29.15
C SER F 116 -27.85 19.00 -29.55
N ILE F 117 -27.74 17.86 -28.87
CA ILE F 117 -28.70 16.78 -29.05
C ILE F 117 -30.06 17.18 -28.49
N ALA F 118 -30.06 17.94 -27.39
CA ALA F 118 -31.29 18.33 -26.72
C ALA F 118 -32.19 19.19 -27.61
N LYS F 119 -31.65 20.23 -28.24
CA LYS F 119 -32.46 20.93 -29.21
C LYS F 119 -32.32 20.37 -30.62
N ALA F 120 -31.57 19.28 -30.79
CA ALA F 120 -31.51 18.62 -32.10
C ALA F 120 -32.61 17.57 -32.25
N THR F 121 -32.90 16.83 -31.18
CA THR F 121 -33.99 15.87 -31.23
C THR F 121 -35.35 16.54 -31.04
N GLY F 122 -35.36 17.74 -30.47
CA GLY F 122 -36.58 18.45 -30.18
C GLY F 122 -37.08 18.30 -28.77
N ARG F 123 -36.55 17.34 -28.01
CA ARG F 123 -37.06 17.08 -26.66
C ARG F 123 -36.44 18.06 -25.67
N GLN F 124 -36.79 17.89 -24.40
CA GLN F 124 -36.31 18.81 -23.38
C GLN F 124 -35.10 18.21 -22.65
N TYR F 125 -34.24 19.10 -22.17
CA TYR F 125 -33.00 18.66 -21.55
C TYR F 125 -32.93 18.74 -20.04
N VAL F 126 -32.65 17.59 -19.44
CA VAL F 126 -32.49 17.48 -18.01
C VAL F 126 -31.11 16.87 -17.84
N ARG F 127 -30.27 17.49 -17.01
CA ARG F 127 -28.93 16.98 -16.83
C ARG F 127 -28.74 16.45 -15.43
N MET F 128 -28.15 15.29 -15.32
CA MET F 128 -27.94 14.72 -14.00
C MET F 128 -26.45 14.55 -13.95
N ALA F 129 -25.81 15.19 -12.98
CA ALA F 129 -24.38 15.07 -12.87
C ALA F 129 -24.14 14.19 -11.69
N LEU F 130 -23.53 13.04 -11.94
CA LEU F 130 -23.27 12.11 -10.86
C LEU F 130 -21.80 12.11 -10.57
N GLY F 131 -21.45 12.51 -9.36
CA GLY F 131 -20.05 12.51 -8.95
C GLY F 131 -19.85 12.87 -7.49
N ARG F 143 -39.15 8.73 0.95
CA ARG F 143 -40.38 8.24 1.56
C ARG F 143 -41.06 9.37 2.33
N ARG F 144 -42.39 9.43 2.26
CA ARG F 144 -43.15 10.47 2.95
C ARG F 144 -43.06 10.27 4.46
N THR F 145 -42.88 11.37 5.18
CA THR F 145 -42.71 11.33 6.63
C THR F 145 -43.07 12.69 7.21
N TYR F 146 -42.99 12.78 8.54
CA TYR F 146 -43.48 13.98 9.23
C TYR F 146 -42.53 15.16 9.08
N ILE F 147 -41.22 14.91 8.95
CA ILE F 147 -40.26 16.01 8.83
C ILE F 147 -40.25 16.63 7.44
N GLY F 148 -40.94 16.03 6.47
CA GLY F 148 -40.95 16.54 5.13
C GLY F 148 -39.89 15.90 4.26
N SER F 149 -40.25 15.49 3.06
CA SER F 149 -39.31 14.83 2.16
C SER F 149 -39.51 15.33 0.75
N MET F 150 -38.42 15.51 0.06
CA MET F 150 -38.36 15.75 -1.37
C MET F 150 -38.43 14.42 -2.11
N PRO F 151 -38.93 14.40 -3.35
CA PRO F 151 -38.86 13.17 -4.15
C PRO F 151 -37.43 12.87 -4.59
N GLY F 152 -37.25 11.73 -5.23
CA GLY F 152 -35.95 11.29 -5.70
C GLY F 152 -35.39 12.19 -6.77
N LYS F 153 -34.07 12.17 -6.94
CA LYS F 153 -33.40 12.99 -7.94
C LYS F 153 -33.81 12.65 -9.37
N LEU F 154 -33.96 11.35 -9.66
CA LEU F 154 -34.34 10.93 -11.00
C LEU F 154 -35.72 11.44 -11.39
N ILE F 155 -36.64 11.43 -10.45
CA ILE F 155 -38.00 11.92 -10.65
C ILE F 155 -38.11 13.44 -10.59
N GLN F 156 -37.30 14.06 -9.73
CA GLN F 156 -37.33 15.50 -9.55
C GLN F 156 -36.97 16.24 -10.82
N LYS F 157 -35.97 15.75 -11.54
CA LYS F 157 -35.58 16.38 -12.78
C LYS F 157 -36.75 16.32 -13.74
N MET F 158 -37.44 15.18 -13.74
CA MET F 158 -38.60 14.97 -14.59
C MET F 158 -39.73 15.93 -14.28
N ALA F 159 -39.98 16.16 -12.99
CA ALA F 159 -41.05 17.05 -12.56
C ALA F 159 -40.70 18.49 -12.87
N LYS F 160 -39.45 18.87 -12.65
CA LYS F 160 -39.01 20.21 -12.92
C LYS F 160 -39.15 20.50 -14.40
N VAL F 161 -38.72 19.54 -15.22
CA VAL F 161 -38.85 19.71 -16.66
C VAL F 161 -40.33 19.69 -17.05
N GLY F 162 -41.09 18.85 -16.36
CA GLY F 162 -42.50 18.71 -16.69
C GLY F 162 -42.81 18.22 -18.08
N VAL F 163 -42.07 17.24 -18.61
CA VAL F 163 -42.32 16.67 -19.93
C VAL F 163 -42.11 15.16 -19.84
N LYS F 164 -42.89 14.40 -20.62
CA LYS F 164 -42.84 12.95 -20.53
C LYS F 164 -41.60 12.38 -21.19
N ASN F 165 -41.04 13.05 -22.20
CA ASN F 165 -39.89 12.55 -22.96
C ASN F 165 -38.70 13.50 -22.87
N PRO F 166 -37.98 13.48 -21.74
CA PRO F 166 -36.85 14.39 -21.58
C PRO F 166 -35.51 13.68 -21.67
N LEU F 167 -34.59 14.23 -22.45
CA LEU F 167 -33.27 13.64 -22.58
C LEU F 167 -32.61 13.68 -21.20
N PHE F 168 -31.97 12.58 -20.82
CA PHE F 168 -31.33 12.47 -19.52
C PHE F 168 -29.86 12.16 -19.67
N LEU F 169 -29.03 12.88 -18.92
CA LEU F 169 -27.59 12.68 -18.98
C LEU F 169 -26.96 12.22 -17.68
N LEU F 170 -26.10 11.21 -17.78
CA LEU F 170 -25.40 10.65 -16.65
C LEU F 170 -23.94 11.06 -16.87
N ASP F 171 -23.57 12.20 -16.29
CA ASP F 171 -22.26 12.79 -16.53
C ASP F 171 -21.24 12.27 -15.54
N GLN F 172 -20.08 11.88 -16.07
CA GLN F 172 -18.89 11.50 -15.30
C GLN F 172 -19.17 10.32 -14.38
N ILE F 173 -19.60 9.21 -14.99
CA ILE F 173 -19.76 7.95 -14.28
C ILE F 173 -18.39 7.41 -13.86
N ASP F 174 -17.33 7.79 -14.58
CA ASP F 174 -15.96 7.59 -14.13
C ASP F 174 -15.69 8.29 -12.81
N LYS F 175 -16.34 9.43 -12.54
CA LYS F 175 -16.24 10.10 -11.25
C LYS F 175 -17.43 9.84 -10.34
N MET F 176 -18.42 9.06 -10.77
CA MET F 176 -19.50 8.65 -9.89
C MET F 176 -19.11 7.53 -8.94
N ALA F 177 -18.70 6.39 -9.48
CA ALA F 177 -18.30 5.25 -8.66
C ALA F 177 -16.90 5.48 -8.08
N SER F 178 -16.84 5.94 -6.84
CA SER F 178 -15.56 6.16 -6.18
C SER F 178 -15.13 4.90 -5.45
N ASP F 179 -14.09 5.03 -4.62
CA ASP F 179 -13.61 3.93 -3.79
C ASP F 179 -14.28 3.92 -2.41
N MET F 180 -15.40 4.64 -2.27
CA MET F 180 -16.08 4.81 -1.00
C MET F 180 -17.51 4.27 -1.11
N ARG F 181 -18.15 4.12 0.05
CA ARG F 181 -19.55 3.71 0.11
C ARG F 181 -20.43 4.85 -0.41
N GLY F 182 -21.07 4.62 -1.55
CA GLY F 182 -21.93 5.62 -2.16
C GLY F 182 -23.09 4.95 -2.85
N ASP F 183 -23.35 5.36 -4.08
CA ASP F 183 -24.41 4.77 -4.88
C ASP F 183 -23.94 3.47 -5.50
N PRO F 184 -24.63 2.35 -5.29
CA PRO F 184 -24.34 1.13 -6.05
C PRO F 184 -24.93 1.24 -7.45
N ALA F 185 -24.78 0.15 -8.21
CA ALA F 185 -25.25 0.14 -9.59
C ALA F 185 -26.74 -0.13 -9.71
N SER F 186 -27.44 -0.36 -8.60
CA SER F 186 -28.82 -0.84 -8.65
C SER F 186 -29.79 0.25 -9.12
N ALA F 187 -29.76 1.41 -8.46
CA ALA F 187 -30.80 2.42 -8.64
C ALA F 187 -30.70 3.13 -9.99
N LEU F 188 -29.67 2.87 -10.80
CA LEU F 188 -29.63 3.45 -12.13
C LEU F 188 -29.65 2.40 -13.23
N LEU F 189 -29.31 1.13 -12.96
CA LEU F 189 -29.51 0.15 -14.02
C LEU F 189 -30.96 -0.30 -14.03
N GLU F 190 -31.67 -0.14 -12.90
CA GLU F 190 -33.11 -0.29 -12.94
C GLU F 190 -33.78 0.84 -13.71
N VAL F 191 -33.09 1.97 -13.90
CA VAL F 191 -33.54 3.02 -14.82
C VAL F 191 -33.16 2.68 -16.25
N LEU F 192 -31.98 2.08 -16.47
CA LEU F 192 -31.51 1.84 -17.83
C LEU F 192 -32.16 0.63 -18.50
N ASP F 193 -32.57 -0.40 -17.75
CA ASP F 193 -33.01 -1.64 -18.38
C ASP F 193 -34.42 -1.50 -18.94
N PRO F 194 -34.76 -2.19 -20.04
CA PRO F 194 -36.04 -1.94 -20.71
C PRO F 194 -37.26 -2.51 -19.99
N GLU F 195 -37.14 -3.69 -19.39
CA GLU F 195 -38.31 -4.35 -18.81
C GLU F 195 -38.67 -3.83 -17.42
N GLN F 196 -37.74 -3.19 -16.73
CA GLN F 196 -38.02 -2.63 -15.41
C GLN F 196 -38.28 -1.13 -15.43
N ASN F 197 -38.71 -0.59 -16.57
CA ASN F 197 -39.05 0.82 -16.64
C ASN F 197 -40.53 1.08 -16.86
N VAL F 198 -41.34 0.03 -17.04
CA VAL F 198 -42.79 0.22 -17.08
C VAL F 198 -43.35 0.47 -15.69
N ALA F 199 -42.65 0.02 -14.64
CA ALA F 199 -43.10 0.25 -13.27
C ALA F 199 -41.86 0.62 -12.45
N PHE F 200 -41.55 1.92 -12.39
CA PHE F 200 -40.51 2.44 -11.52
C PHE F 200 -41.19 3.13 -10.34
N ASN F 201 -41.43 2.37 -9.27
CA ASN F 201 -42.08 2.91 -8.08
C ASN F 201 -41.08 3.75 -7.30
N ASP F 202 -41.26 5.08 -7.36
CA ASP F 202 -40.44 5.99 -6.58
C ASP F 202 -40.80 5.86 -5.11
N HIS F 203 -39.78 5.85 -4.25
CA HIS F 203 -39.98 5.58 -2.83
C HIS F 203 -40.73 6.69 -2.11
N TYR F 204 -40.67 7.92 -2.62
CA TYR F 204 -41.44 8.99 -2.01
C TYR F 204 -42.91 8.93 -2.40
N LEU F 205 -43.21 8.49 -3.61
CA LEU F 205 -44.57 8.54 -4.12
C LEU F 205 -45.31 7.22 -4.04
N GLU F 206 -44.56 6.09 -3.94
CA GLU F 206 -45.03 4.69 -4.03
C GLU F 206 -46.04 4.47 -5.18
N VAL F 207 -45.83 5.18 -6.28
CA VAL F 207 -46.65 5.05 -7.48
C VAL F 207 -45.71 4.76 -8.64
N ASP F 208 -45.98 3.69 -9.38
CA ASP F 208 -45.16 3.27 -10.51
C ASP F 208 -45.27 4.27 -11.66
N TYR F 209 -44.13 4.85 -12.04
CA TYR F 209 -44.07 5.85 -13.10
C TYR F 209 -43.15 5.34 -14.20
N ASP F 210 -43.61 5.46 -15.45
CA ASP F 210 -42.90 4.90 -16.60
C ASP F 210 -41.65 5.73 -16.90
N LEU F 211 -40.62 5.06 -17.42
CA LEU F 211 -39.42 5.72 -17.88
C LEU F 211 -39.09 5.40 -19.34
N SER F 212 -40.01 4.73 -20.04
CA SER F 212 -39.82 4.49 -21.46
C SER F 212 -40.04 5.80 -22.24
N ASP F 213 -39.54 5.80 -23.48
CA ASP F 213 -39.52 6.98 -24.36
C ASP F 213 -38.81 8.15 -23.70
N VAL F 214 -37.72 7.87 -23.00
CA VAL F 214 -36.89 8.90 -22.37
C VAL F 214 -35.45 8.63 -22.80
N MET F 215 -34.89 9.55 -23.58
CA MET F 215 -33.57 9.34 -24.15
C MET F 215 -32.49 9.50 -23.08
N PHE F 216 -31.50 8.62 -23.10
CA PHE F 216 -30.44 8.59 -22.11
C PHE F 216 -29.08 8.76 -22.80
N VAL F 217 -28.31 9.74 -22.34
CA VAL F 217 -26.94 9.98 -22.81
C VAL F 217 -26.05 10.06 -21.57
N ALA F 218 -24.99 9.28 -21.56
CA ALA F 218 -24.05 9.24 -20.43
C ALA F 218 -22.65 9.58 -20.94
N THR F 219 -21.97 10.49 -20.25
CA THR F 219 -20.65 10.95 -20.65
C THR F 219 -19.59 10.49 -19.65
N SER F 220 -18.40 10.18 -20.15
CA SER F 220 -17.35 9.65 -19.30
C SER F 220 -15.99 10.00 -19.88
N ASN F 221 -14.98 9.95 -19.01
CA ASN F 221 -13.61 10.24 -19.41
C ASN F 221 -12.77 8.99 -19.61
N SER F 222 -13.29 7.82 -19.25
CA SER F 222 -12.62 6.55 -19.51
C SER F 222 -13.69 5.47 -19.56
N MET F 223 -13.26 4.22 -19.71
CA MET F 223 -14.16 3.08 -19.60
C MET F 223 -14.20 2.50 -18.20
N ASN F 224 -13.77 3.26 -17.20
CA ASN F 224 -13.86 2.84 -15.80
C ASN F 224 -15.30 3.03 -15.32
N ILE F 225 -16.15 2.12 -15.77
CA ILE F 225 -17.59 2.18 -15.56
C ILE F 225 -17.93 0.89 -14.79
N PRO F 226 -18.88 0.91 -13.86
CA PRO F 226 -19.29 -0.34 -13.20
C PRO F 226 -19.86 -1.35 -14.19
N ALA F 227 -19.51 -2.62 -13.94
CA ALA F 227 -19.82 -3.76 -14.80
C ALA F 227 -21.31 -4.01 -15.09
N PRO F 228 -22.27 -3.74 -14.20
CA PRO F 228 -23.68 -3.75 -14.65
C PRO F 228 -24.04 -2.61 -15.59
N LEU F 229 -23.22 -1.57 -15.70
CA LEU F 229 -23.53 -0.43 -16.55
C LEU F 229 -22.81 -0.46 -17.88
N LEU F 230 -21.61 -1.07 -17.94
CA LEU F 230 -20.84 -1.11 -19.18
C LEU F 230 -21.47 -2.02 -20.22
N ASP F 231 -22.33 -2.94 -19.79
CA ASP F 231 -23.10 -3.81 -20.66
C ASP F 231 -24.10 -3.04 -21.53
N ARG F 232 -24.50 -1.84 -21.10
CA ARG F 232 -25.57 -1.12 -21.77
C ARG F 232 -25.10 0.21 -22.37
N MET F 233 -23.79 0.44 -22.47
CA MET F 233 -23.26 1.73 -22.88
C MET F 233 -22.36 1.57 -24.09
N GLU F 234 -22.78 2.15 -25.22
CA GLU F 234 -21.99 2.12 -26.44
C GLU F 234 -20.86 3.11 -26.33
N VAL F 235 -19.62 2.62 -26.31
CA VAL F 235 -18.45 3.45 -26.11
C VAL F 235 -18.17 4.19 -27.42
N ILE F 236 -18.49 5.48 -27.45
CA ILE F 236 -18.12 6.37 -28.54
C ILE F 236 -16.89 7.14 -28.10
N ARG F 237 -15.83 7.05 -28.89
CA ARG F 237 -14.58 7.72 -28.55
C ARG F 237 -14.50 9.09 -29.21
N LEU F 238 -13.94 10.05 -28.47
CA LEU F 238 -13.77 11.41 -28.95
C LEU F 238 -12.28 11.73 -28.89
N SER F 239 -11.62 11.72 -30.04
CA SER F 239 -10.19 11.94 -30.09
C SER F 239 -9.85 13.40 -29.86
N GLY F 240 -8.56 13.67 -29.68
CA GLY F 240 -8.11 15.02 -29.44
C GLY F 240 -8.20 15.88 -30.69
N TYR F 241 -8.45 17.16 -30.48
CA TYR F 241 -8.63 18.09 -31.59
C TYR F 241 -7.28 18.46 -32.18
N THR F 242 -7.21 18.54 -33.50
CA THR F 242 -6.01 19.05 -34.15
C THR F 242 -5.98 20.57 -34.08
N GLU F 243 -4.87 21.15 -34.53
CA GLU F 243 -4.66 22.59 -34.33
C GLU F 243 -5.53 23.44 -35.24
N ASP F 244 -5.81 22.96 -36.45
CA ASP F 244 -6.74 23.68 -37.32
C ASP F 244 -8.16 23.58 -36.77
N GLU F 245 -8.50 22.46 -36.15
CA GLU F 245 -9.80 22.33 -35.52
C GLU F 245 -9.91 23.21 -34.29
N LYS F 246 -8.83 23.32 -33.50
CA LYS F 246 -8.85 24.20 -32.34
C LYS F 246 -8.91 25.67 -32.75
N LEU F 247 -8.28 26.02 -33.88
CA LEU F 247 -8.42 27.36 -34.42
C LEU F 247 -9.85 27.62 -34.88
N ASN F 248 -10.49 26.64 -35.50
CA ASN F 248 -11.87 26.82 -35.94
C ASN F 248 -12.87 26.82 -34.78
N ILE F 249 -12.54 26.19 -33.67
CA ILE F 249 -13.39 26.21 -32.48
C ILE F 249 -13.21 27.51 -31.71
N ALA F 250 -11.98 28.03 -31.66
CA ALA F 250 -11.74 29.29 -30.97
C ALA F 250 -12.34 30.46 -31.74
N LYS F 251 -12.31 30.41 -33.06
CA LYS F 251 -12.70 31.57 -33.86
C LYS F 251 -14.21 31.65 -34.04
N GLN F 252 -14.90 30.51 -34.05
CA GLN F 252 -16.31 30.48 -34.39
C GLN F 252 -17.21 30.33 -33.17
N HIS F 253 -16.74 29.71 -32.10
CA HIS F 253 -17.59 29.36 -30.97
C HIS F 253 -17.11 29.87 -29.64
N LEU F 254 -15.87 30.34 -29.52
CA LEU F 254 -15.27 30.60 -28.22
C LEU F 254 -14.88 32.05 -27.98
N LEU F 255 -14.42 32.76 -29.01
CA LEU F 255 -14.30 34.21 -28.91
C LEU F 255 -15.63 34.94 -28.68
N PRO F 256 -16.77 34.59 -29.32
CA PRO F 256 -18.00 35.32 -28.99
C PRO F 256 -18.54 35.07 -27.60
N LYS F 257 -18.31 33.89 -27.00
CA LYS F 257 -18.84 33.69 -25.66
C LYS F 257 -18.01 34.43 -24.62
N GLN F 258 -16.71 34.60 -24.87
CA GLN F 258 -15.92 35.45 -23.99
C GLN F 258 -16.22 36.92 -24.23
N PHE F 259 -16.55 37.28 -25.47
CA PHE F 259 -16.93 38.66 -25.74
C PHE F 259 -18.25 39.02 -25.09
N GLU F 260 -19.17 38.06 -25.01
CA GLU F 260 -20.46 38.38 -24.38
C GLU F 260 -20.39 38.23 -22.86
N ARG F 261 -19.52 37.37 -22.33
CA ARG F 261 -19.41 37.31 -20.88
C ARG F 261 -18.43 38.35 -20.35
N ASN F 262 -17.76 39.07 -21.24
CA ASN F 262 -16.95 40.21 -20.82
C ASN F 262 -17.51 41.55 -21.27
N ALA F 263 -18.59 41.53 -22.06
CA ALA F 263 -19.22 42.71 -22.66
C ALA F 263 -18.20 43.57 -23.42
N ILE F 264 -17.60 42.95 -24.42
CA ILE F 264 -16.72 43.66 -25.33
C ILE F 264 -17.46 43.87 -26.64
N LYS F 265 -17.81 45.12 -26.94
CA LYS F 265 -18.39 45.41 -28.23
C LYS F 265 -17.31 45.32 -29.32
N LYS F 266 -17.76 45.25 -30.57
CA LYS F 266 -16.95 44.61 -31.60
C LYS F 266 -15.86 45.55 -32.14
N GLY F 267 -15.86 46.80 -31.73
CA GLY F 267 -14.99 47.80 -32.33
C GLY F 267 -13.59 47.92 -31.76
N GLU F 268 -13.30 47.32 -30.61
CA GLU F 268 -12.05 47.67 -29.94
C GLU F 268 -11.06 46.51 -29.85
N LEU F 269 -11.55 45.27 -29.86
CA LEU F 269 -10.69 44.12 -29.65
C LEU F 269 -10.64 43.26 -30.91
N THR F 270 -9.43 43.01 -31.39
CA THR F 270 -9.20 42.14 -32.54
C THR F 270 -8.12 41.13 -32.18
N ILE F 271 -8.51 39.87 -32.06
CA ILE F 271 -7.60 38.77 -31.77
C ILE F 271 -7.41 38.01 -33.07
N ASP F 272 -6.22 38.10 -33.64
CA ASP F 272 -5.96 37.55 -34.96
C ASP F 272 -5.83 36.03 -34.92
N ASP F 273 -5.68 35.45 -36.11
CA ASP F 273 -5.55 34.00 -36.21
C ASP F 273 -4.16 33.54 -35.79
N SER F 274 -3.13 34.34 -36.09
CA SER F 274 -1.78 34.03 -35.63
C SER F 274 -1.64 34.14 -34.12
N ALA F 275 -2.50 34.94 -33.49
CA ALA F 275 -2.54 34.97 -32.03
C ALA F 275 -3.06 33.66 -31.48
N ILE F 276 -4.13 33.12 -32.07
CA ILE F 276 -4.73 31.89 -31.58
C ILE F 276 -3.81 30.70 -31.84
N MET F 277 -3.19 30.66 -33.03
CA MET F 277 -2.23 29.60 -33.31
C MET F 277 -0.97 29.74 -32.46
N SER F 278 -0.63 30.97 -32.05
CA SER F 278 0.48 31.14 -31.12
C SER F 278 0.12 30.64 -29.73
N ILE F 279 -1.16 30.77 -29.33
CA ILE F 279 -1.57 30.21 -28.05
C ILE F 279 -1.56 28.69 -28.08
N ILE F 280 -2.09 28.11 -29.17
CA ILE F 280 -2.18 26.66 -29.29
C ILE F 280 -0.80 26.02 -29.37
N ARG F 281 0.09 26.60 -30.17
CA ARG F 281 1.41 25.99 -30.33
C ARG F 281 2.36 26.34 -29.21
N TYR F 282 2.39 27.60 -28.76
CA TYR F 282 3.40 28.08 -27.84
C TYR F 282 2.96 28.14 -26.39
N TYR F 283 1.67 28.31 -26.11
CA TYR F 283 1.23 28.62 -24.76
C TYR F 283 0.40 27.53 -24.10
N THR F 284 0.04 26.45 -24.79
CA THR F 284 -0.78 25.45 -24.14
C THR F 284 -0.51 24.06 -24.72
N ARG F 285 -0.79 23.03 -23.91
CA ARG F 285 -0.65 21.62 -24.27
C ARG F 285 -1.78 20.85 -23.62
N GLU F 286 -2.87 20.61 -24.36
CA GLU F 286 -3.94 19.76 -23.89
C GLU F 286 -4.65 19.19 -25.12
N ALA F 287 -5.57 18.26 -24.87
CA ALA F 287 -6.38 17.68 -25.93
C ALA F 287 -7.62 18.50 -26.26
N GLY F 288 -8.14 19.23 -25.29
CA GLY F 288 -9.36 20.00 -25.46
C GLY F 288 -9.10 21.46 -25.76
N VAL F 289 -10.12 22.28 -25.50
CA VAL F 289 -10.05 23.71 -25.76
C VAL F 289 -10.39 24.52 -24.51
N ARG F 290 -10.07 23.96 -23.33
CA ARG F 290 -10.39 24.65 -22.08
C ARG F 290 -9.29 25.63 -21.69
N SER F 291 -8.03 25.18 -21.77
CA SER F 291 -6.89 26.04 -21.44
C SER F 291 -6.75 27.18 -22.44
N LEU F 292 -7.15 26.93 -23.70
CA LEU F 292 -7.27 28.00 -24.69
C LEU F 292 -8.29 29.04 -24.26
N GLU F 293 -9.33 28.63 -23.54
CA GLU F 293 -10.31 29.61 -23.08
C GLU F 293 -9.87 30.34 -21.83
N ARG F 294 -8.99 29.73 -21.05
CA ARG F 294 -8.37 30.50 -19.97
C ARG F 294 -7.41 31.54 -20.53
N GLU F 295 -6.70 31.19 -21.61
CA GLU F 295 -5.80 32.15 -22.24
C GLU F 295 -6.56 33.27 -22.96
N ILE F 296 -7.67 32.93 -23.62
CA ILE F 296 -8.45 33.93 -24.34
C ILE F 296 -9.20 34.84 -23.38
N SER F 297 -9.72 34.27 -22.28
CA SER F 297 -10.39 35.08 -21.28
C SER F 297 -9.42 36.02 -20.57
N LYS F 298 -8.20 35.52 -20.30
CA LYS F 298 -7.16 36.39 -19.76
C LYS F 298 -6.78 37.49 -20.74
N LEU F 299 -6.79 37.17 -22.03
CA LEU F 299 -6.46 38.15 -23.07
C LEU F 299 -7.53 39.25 -23.15
N CYS F 300 -8.80 38.86 -23.05
CA CYS F 300 -9.90 39.82 -23.13
C CYS F 300 -9.97 40.71 -21.90
N ARG F 301 -9.77 40.16 -20.71
CA ARG F 301 -9.82 40.99 -19.51
C ARG F 301 -8.60 41.89 -19.42
N LYS F 302 -7.46 41.48 -20.00
CA LYS F 302 -6.34 42.42 -20.11
C LYS F 302 -6.63 43.51 -21.12
N ALA F 303 -7.44 43.21 -22.14
CA ALA F 303 -7.85 44.28 -23.06
C ALA F 303 -8.76 45.29 -22.36
N VAL F 304 -9.69 44.82 -21.52
CA VAL F 304 -10.58 45.73 -20.80
C VAL F 304 -9.80 46.57 -19.80
N LYS F 305 -8.85 45.95 -19.08
CA LYS F 305 -7.98 46.70 -18.18
C LYS F 305 -7.13 47.73 -18.93
N ASN F 306 -6.67 47.38 -20.12
CA ASN F 306 -5.90 48.31 -20.92
C ASN F 306 -6.75 49.35 -21.63
N LEU F 307 -8.08 49.22 -21.59
CA LEU F 307 -8.92 50.31 -22.04
C LEU F 307 -9.31 51.27 -20.92
N LEU F 308 -9.53 50.75 -19.71
CA LEU F 308 -9.81 51.66 -18.60
C LEU F 308 -8.57 52.43 -18.17
N MET F 309 -7.41 51.79 -18.16
CA MET F 309 -6.19 52.45 -17.69
C MET F 309 -5.57 53.37 -18.74
N ASP F 310 -6.12 53.42 -19.96
CA ASP F 310 -5.60 54.30 -21.01
C ASP F 310 -6.78 54.66 -21.91
N LYS F 311 -7.22 55.92 -21.81
CA LYS F 311 -8.31 56.41 -22.62
C LYS F 311 -7.84 57.02 -23.94
N THR F 312 -6.53 57.05 -24.19
CA THR F 312 -6.02 57.60 -25.44
C THR F 312 -6.30 56.65 -26.60
N VAL F 313 -5.73 55.44 -26.54
CA VAL F 313 -6.01 54.44 -27.56
C VAL F 313 -7.35 53.79 -27.23
N LYS F 314 -8.05 53.33 -28.27
CA LYS F 314 -9.34 52.68 -28.10
C LYS F 314 -9.38 51.31 -28.73
N HIS F 315 -8.75 51.11 -29.88
CA HIS F 315 -8.75 49.81 -30.54
C HIS F 315 -7.47 49.08 -30.14
N ILE F 316 -7.61 47.88 -29.59
CA ILE F 316 -6.47 47.06 -29.19
C ILE F 316 -6.30 45.94 -30.21
N GLU F 317 -5.15 45.93 -30.88
CA GLU F 317 -4.83 44.93 -31.88
C GLU F 317 -3.88 43.92 -31.28
N ILE F 318 -4.28 42.65 -31.26
CA ILE F 318 -3.50 41.58 -30.65
C ILE F 318 -3.16 40.59 -31.74
N ASN F 319 -1.87 40.33 -31.94
CA ASN F 319 -1.41 39.41 -32.96
C ASN F 319 -0.32 38.50 -32.42
N GLY F 320 0.39 37.80 -33.31
CA GLY F 320 1.42 36.88 -32.90
C GLY F 320 2.64 37.50 -32.25
N ASP F 321 2.83 38.82 -32.41
CA ASP F 321 4.00 39.49 -31.85
C ASP F 321 3.76 39.96 -30.42
N ASN F 322 2.58 40.50 -30.12
CA ASN F 322 2.33 41.11 -28.82
C ASN F 322 1.64 40.16 -27.84
N LEU F 323 1.83 38.86 -28.00
CA LEU F 323 1.43 37.89 -26.98
C LEU F 323 2.54 37.61 -25.98
N LYS F 324 3.58 38.43 -25.96
CA LYS F 324 4.50 38.46 -24.84
C LYS F 324 4.27 39.69 -23.96
N ASP F 325 3.62 40.72 -24.50
CA ASP F 325 3.13 41.80 -23.66
C ASP F 325 1.96 41.32 -22.83
N PHE F 326 1.13 40.47 -23.39
CA PHE F 326 0.04 39.81 -22.68
C PHE F 326 0.45 38.37 -22.41
N LEU F 327 -0.32 37.71 -21.54
CA LEU F 327 -0.26 36.28 -21.27
C LEU F 327 1.07 35.76 -20.72
N GLY F 328 2.01 36.65 -20.41
CA GLY F 328 3.33 36.24 -19.98
C GLY F 328 4.26 35.91 -21.12
N VAL F 329 5.12 34.91 -20.93
CA VAL F 329 6.09 34.49 -21.92
C VAL F 329 5.72 33.07 -22.35
N GLN F 330 6.36 32.59 -23.42
CA GLN F 330 6.02 31.31 -24.02
C GLN F 330 6.37 30.16 -23.09
N LYS F 331 5.36 29.42 -22.67
CA LYS F 331 5.57 28.39 -21.65
C LYS F 331 6.18 27.13 -22.24
N VAL F 332 5.62 26.65 -23.35
CA VAL F 332 6.10 25.41 -23.95
C VAL F 332 6.55 25.68 -25.39
N ASP F 333 7.00 24.63 -26.07
CA ASP F 333 7.49 24.76 -27.44
C ASP F 333 7.38 23.39 -28.10
N TYR F 334 7.37 23.39 -29.43
CA TYR F 334 7.30 22.17 -30.22
C TYR F 334 8.54 22.02 -31.08
N GLY F 335 8.72 20.82 -31.63
CA GLY F 335 9.92 20.51 -32.39
C GLY F 335 9.77 20.84 -33.86
N ARG F 336 10.88 21.25 -34.46
CA ARG F 336 10.90 21.71 -35.84
C ARG F 336 11.87 20.84 -36.63
N ALA F 337 11.72 20.88 -37.95
CA ALA F 337 12.66 20.20 -38.83
C ALA F 337 13.97 20.96 -38.86
N ASP F 338 15.08 20.24 -38.75
CA ASP F 338 16.40 20.85 -38.78
C ASP F 338 16.91 20.90 -40.23
N THR F 339 16.15 21.61 -41.07
CA THR F 339 16.34 21.63 -42.51
C THR F 339 17.58 22.42 -42.94
N GLU F 340 18.15 23.20 -42.01
CA GLU F 340 19.28 24.09 -42.33
C GLU F 340 20.54 23.32 -42.68
N ASN F 341 20.63 22.05 -42.28
CA ASN F 341 21.76 21.20 -42.65
C ASN F 341 21.27 19.76 -42.68
N ARG F 342 22.01 18.90 -43.39
CA ARG F 342 21.72 17.48 -43.48
C ARG F 342 22.90 16.74 -42.88
N VAL F 343 22.68 16.09 -41.74
CA VAL F 343 23.73 15.54 -40.91
C VAL F 343 23.42 14.08 -40.59
N GLY F 344 24.23 13.48 -39.71
CA GLY F 344 24.11 12.08 -39.35
C GLY F 344 23.08 11.73 -38.30
N GLN F 345 21.97 12.46 -38.25
CA GLN F 345 20.89 12.18 -37.32
C GLN F 345 19.60 12.02 -38.11
N VAL F 346 18.59 11.43 -37.49
CA VAL F 346 17.30 11.29 -38.16
C VAL F 346 16.25 12.01 -37.35
N THR F 347 15.05 12.08 -37.92
CA THR F 347 13.90 12.74 -37.30
C THR F 347 12.76 11.73 -37.27
N GLY F 348 12.62 11.06 -36.14
CA GLY F 348 11.52 10.17 -35.93
C GLY F 348 10.27 10.91 -35.49
N LEU F 349 9.22 10.15 -35.28
CA LEU F 349 7.91 10.70 -34.94
C LEU F 349 7.43 10.05 -33.65
N ALA F 350 6.89 10.87 -32.75
CA ALA F 350 6.43 10.41 -31.45
C ALA F 350 4.96 10.77 -31.27
N TRP F 351 4.22 9.84 -30.68
CA TRP F 351 2.79 10.00 -30.46
C TRP F 351 2.49 10.00 -28.97
N THR F 352 1.53 10.82 -28.57
CA THR F 352 1.14 10.95 -27.18
C THR F 352 -0.30 11.44 -27.11
N GLU F 353 -0.81 11.58 -25.88
CA GLU F 353 -2.21 11.94 -25.67
C GLU F 353 -2.51 13.38 -26.04
N VAL F 354 -1.58 14.30 -25.81
CA VAL F 354 -1.81 15.70 -26.15
C VAL F 354 -1.78 15.88 -27.67
N GLY F 355 -1.01 15.05 -28.37
CA GLY F 355 -0.94 15.16 -29.81
C GLY F 355 0.27 14.46 -30.40
N GLY F 356 0.98 15.14 -31.29
CA GLY F 356 2.16 14.60 -31.91
C GLY F 356 3.39 15.41 -31.56
N ASP F 357 4.55 14.80 -31.80
CA ASP F 357 5.80 15.48 -31.55
C ASP F 357 6.86 14.94 -32.51
N LEU F 358 7.72 15.82 -32.99
CA LEU F 358 8.92 15.36 -33.65
C LEU F 358 9.88 14.80 -32.62
N LEU F 359 10.70 13.84 -33.04
CA LEU F 359 11.57 13.12 -32.12
C LEU F 359 12.89 12.88 -32.83
N THR F 360 13.82 13.83 -32.71
CA THR F 360 15.12 13.66 -33.33
C THR F 360 15.91 12.56 -32.63
N ILE F 361 16.68 11.81 -33.42
CA ILE F 361 17.44 10.67 -32.93
C ILE F 361 18.86 10.82 -33.44
N GLU F 362 19.83 10.77 -32.51
CA GLU F 362 21.22 11.05 -32.81
C GLU F 362 22.05 9.82 -32.51
N THR F 363 23.05 9.59 -33.35
CA THR F 363 24.03 8.54 -33.11
C THR F 363 25.41 9.13 -33.25
N ALA F 364 26.37 8.52 -32.57
CA ALA F 364 27.77 8.86 -32.70
C ALA F 364 28.57 7.57 -32.65
N CYS F 365 29.42 7.37 -33.65
CA CYS F 365 30.12 6.10 -33.82
C CYS F 365 31.61 6.40 -33.89
N VAL F 366 32.28 6.29 -32.76
CA VAL F 366 33.70 6.66 -32.64
C VAL F 366 34.50 5.37 -32.64
N PRO F 367 35.81 5.40 -32.88
CA PRO F 367 36.60 4.16 -32.71
C PRO F 367 36.69 3.75 -31.25
N GLY F 368 36.54 2.45 -31.01
CA GLY F 368 36.57 1.95 -29.66
C GLY F 368 36.58 0.44 -29.64
N LYS F 369 35.97 -0.13 -28.61
CA LYS F 369 35.96 -1.56 -28.40
C LYS F 369 34.62 -2.20 -28.77
N GLY F 370 33.63 -1.42 -29.15
CA GLY F 370 32.32 -1.97 -29.45
C GLY F 370 31.30 -1.78 -28.36
N LYS F 371 31.50 -0.81 -27.48
CA LYS F 371 30.52 -0.48 -26.45
C LYS F 371 29.27 0.13 -27.08
N LEU F 372 28.11 -0.26 -26.55
CA LEU F 372 26.83 0.15 -27.08
C LEU F 372 26.08 0.91 -25.99
N THR F 373 26.02 2.23 -26.10
CA THR F 373 25.43 3.07 -25.07
C THR F 373 24.15 3.69 -25.59
N TYR F 374 23.06 3.53 -24.84
CA TYR F 374 21.76 4.06 -25.21
C TYR F 374 21.32 5.05 -24.15
N THR F 375 20.86 6.22 -24.57
CA THR F 375 20.78 7.40 -23.71
C THR F 375 19.56 8.22 -24.06
N GLY F 376 18.89 8.74 -23.03
CA GLY F 376 17.77 9.63 -23.26
C GLY F 376 16.46 9.21 -22.63
N SER F 377 16.55 8.50 -21.49
CA SER F 377 15.41 7.92 -20.76
C SER F 377 14.62 6.97 -21.63
N LEU F 378 15.33 6.06 -22.29
CA LEU F 378 14.70 5.13 -23.22
C LEU F 378 14.09 3.95 -22.48
N GLY F 379 12.88 3.59 -22.89
CA GLY F 379 12.26 2.37 -22.41
C GLY F 379 12.95 1.15 -22.96
N GLU F 380 12.65 -0.01 -22.38
CA GLU F 380 13.34 -1.24 -22.75
C GLU F 380 12.93 -1.76 -24.11
N VAL F 381 11.70 -1.46 -24.55
CA VAL F 381 11.27 -1.86 -25.88
C VAL F 381 11.99 -1.04 -26.94
N MET F 382 12.31 0.22 -26.64
CA MET F 382 13.11 1.01 -27.57
C MET F 382 14.53 0.50 -27.66
N GLN F 383 15.13 0.14 -26.53
CA GLN F 383 16.49 -0.39 -26.53
C GLN F 383 16.57 -1.72 -27.27
N GLU F 384 15.52 -2.54 -27.13
CA GLU F 384 15.41 -3.75 -27.93
C GLU F 384 15.27 -3.43 -29.41
N SER F 385 14.60 -2.33 -29.76
CA SER F 385 14.53 -1.95 -31.17
C SER F 385 15.86 -1.43 -31.69
N ILE F 386 16.70 -0.83 -30.82
CA ILE F 386 18.03 -0.41 -31.25
C ILE F 386 18.89 -1.63 -31.50
N GLN F 387 18.77 -2.64 -30.63
CA GLN F 387 19.55 -3.86 -30.81
C GLN F 387 19.11 -4.63 -32.05
N ALA F 388 17.80 -4.61 -32.34
CA ALA F 388 17.28 -5.24 -33.55
C ALA F 388 17.76 -4.51 -34.79
N ALA F 389 17.73 -3.17 -34.76
CA ALA F 389 18.17 -2.38 -35.89
C ALA F 389 19.68 -2.52 -36.13
N LEU F 390 20.45 -2.61 -35.05
CA LEU F 390 21.89 -2.83 -35.19
C LEU F 390 22.18 -4.24 -35.70
N THR F 391 21.33 -5.20 -35.38
CA THR F 391 21.47 -6.53 -35.95
C THR F 391 21.15 -6.52 -37.44
N VAL F 392 20.18 -5.70 -37.86
CA VAL F 392 19.90 -5.52 -39.28
C VAL F 392 21.09 -4.91 -40.00
N VAL F 393 21.78 -3.98 -39.35
CA VAL F 393 22.96 -3.38 -39.97
C VAL F 393 24.11 -4.38 -40.04
N ARG F 394 24.28 -5.21 -38.99
CA ARG F 394 25.36 -6.19 -38.99
C ARG F 394 25.10 -7.30 -40.00
N ALA F 395 23.83 -7.65 -40.24
CA ALA F 395 23.52 -8.67 -41.23
C ALA F 395 23.70 -8.16 -42.66
N ARG F 396 23.66 -6.86 -42.86
CA ARG F 396 23.76 -6.24 -44.18
C ARG F 396 25.00 -5.36 -44.30
N ALA F 397 26.11 -5.77 -43.68
CA ALA F 397 27.26 -4.89 -43.56
C ALA F 397 28.03 -4.74 -44.87
N ASP F 398 28.14 -5.80 -45.67
CA ASP F 398 28.94 -5.75 -46.89
C ASP F 398 28.29 -4.91 -47.97
N LYS F 399 27.00 -5.11 -48.23
CA LYS F 399 26.36 -4.44 -49.35
C LYS F 399 26.02 -2.99 -49.06
N LEU F 400 26.01 -2.59 -47.79
CA LEU F 400 25.90 -1.18 -47.45
C LEU F 400 27.23 -0.44 -47.54
N GLY F 401 28.34 -1.15 -47.72
CA GLY F 401 29.65 -0.53 -47.78
C GLY F 401 30.34 -0.40 -46.45
N ILE F 402 29.85 -1.06 -45.41
CA ILE F 402 30.41 -0.93 -44.09
C ILE F 402 31.46 -2.03 -43.90
N ASN F 403 32.59 -1.67 -43.31
CA ASN F 403 33.58 -2.66 -42.89
C ASN F 403 32.95 -3.48 -41.77
N PRO F 404 32.81 -4.80 -41.94
CA PRO F 404 31.94 -5.58 -41.02
C PRO F 404 32.48 -5.74 -39.60
N ASP F 405 33.70 -5.30 -39.30
CA ASP F 405 34.25 -5.44 -37.96
C ASP F 405 33.89 -4.28 -37.04
N PHE F 406 32.85 -3.51 -37.37
CA PHE F 406 32.48 -2.36 -36.56
C PHE F 406 31.84 -2.75 -35.23
N TYR F 407 31.42 -4.02 -35.09
CA TYR F 407 30.90 -4.49 -33.81
C TYR F 407 31.97 -4.52 -32.73
N GLU F 408 33.25 -4.62 -33.11
CA GLU F 408 34.34 -4.70 -32.16
C GLU F 408 35.35 -3.56 -32.30
N LYS F 409 35.21 -2.72 -33.32
CA LYS F 409 36.17 -1.66 -33.55
C LYS F 409 35.61 -0.25 -33.35
N ARG F 410 34.29 -0.09 -33.20
CA ARG F 410 33.69 1.23 -33.07
C ARG F 410 32.62 1.21 -31.98
N ASP F 411 32.75 2.13 -31.04
CA ASP F 411 31.72 2.34 -30.03
C ASP F 411 30.58 3.16 -30.60
N ILE F 412 29.35 2.79 -30.23
CA ILE F 412 28.13 3.34 -30.80
C ILE F 412 27.29 3.93 -29.68
N HIS F 413 26.88 5.19 -29.86
CA HIS F 413 26.07 5.90 -28.88
C HIS F 413 24.79 6.33 -29.58
N VAL F 414 23.65 6.01 -28.97
CA VAL F 414 22.34 6.43 -29.49
C VAL F 414 21.70 7.31 -28.43
N HIS F 415 21.53 8.58 -28.74
CA HIS F 415 20.96 9.57 -27.85
C HIS F 415 19.72 10.21 -28.46
N VAL F 416 18.75 10.50 -27.60
CA VAL F 416 17.57 11.25 -27.99
C VAL F 416 17.50 12.47 -27.06
N PRO F 417 17.40 13.70 -27.61
CA PRO F 417 17.83 14.89 -26.88
C PRO F 417 17.05 15.31 -25.64
N GLU F 418 15.73 15.10 -25.61
CA GLU F 418 14.96 15.56 -24.45
C GLU F 418 15.15 14.56 -23.31
N GLY F 419 16.20 14.79 -22.54
CA GLY F 419 16.40 14.06 -21.31
C GLY F 419 15.35 14.39 -20.27
N ALA F 420 15.21 13.47 -19.30
CA ALA F 420 14.14 13.48 -18.29
C ALA F 420 12.75 13.49 -18.91
N THR F 421 12.62 12.86 -20.08
CA THR F 421 11.36 12.61 -20.73
C THR F 421 11.29 11.12 -21.05
N PRO F 422 10.43 10.36 -20.39
CA PRO F 422 10.42 8.90 -20.61
C PRO F 422 9.88 8.55 -21.99
N LYS F 423 10.66 7.78 -22.74
CA LYS F 423 10.33 7.44 -24.11
C LYS F 423 10.33 5.93 -24.26
N ASP F 424 9.23 5.37 -24.74
CA ASP F 424 9.12 3.93 -24.90
C ASP F 424 8.21 3.62 -26.09
N GLY F 425 8.48 2.50 -26.74
CA GLY F 425 7.64 2.06 -27.84
C GLY F 425 8.40 1.36 -28.95
N PRO F 426 7.73 0.43 -29.63
CA PRO F 426 8.38 -0.32 -30.73
C PRO F 426 8.66 0.50 -31.97
N SER F 427 8.05 1.68 -32.10
CA SER F 427 8.25 2.52 -33.28
C SER F 427 9.65 3.14 -33.25
N ALA F 428 9.94 3.90 -34.31
CA ALA F 428 11.24 4.52 -34.57
C ALA F 428 12.37 3.49 -34.60
N GLY F 429 12.08 2.29 -35.09
CA GLY F 429 13.14 1.32 -35.29
C GLY F 429 13.89 1.54 -36.59
N ILE F 430 13.16 1.87 -37.65
CA ILE F 430 13.82 2.11 -38.94
C ILE F 430 14.51 3.47 -38.94
N ALA F 431 14.06 4.38 -38.07
CA ALA F 431 14.76 5.64 -37.89
C ALA F 431 16.13 5.42 -37.27
N MET F 432 16.20 4.57 -36.25
CA MET F 432 17.47 4.27 -35.63
C MET F 432 18.34 3.40 -36.52
N CYS F 433 17.73 2.56 -37.37
CA CYS F 433 18.52 1.84 -38.37
C CYS F 433 19.10 2.78 -39.42
N THR F 434 18.33 3.80 -39.81
CA THR F 434 18.81 4.82 -40.74
C THR F 434 19.93 5.64 -40.14
N ALA F 435 19.83 5.97 -38.85
CA ALA F 435 20.88 6.72 -38.18
C ALA F 435 22.14 5.88 -38.01
N LEU F 436 21.99 4.57 -37.80
CA LEU F 436 23.17 3.71 -37.70
C LEU F 436 23.88 3.54 -39.03
N VAL F 437 23.12 3.31 -40.11
CA VAL F 437 23.69 3.26 -41.45
C VAL F 437 24.33 4.59 -41.83
N SER F 438 23.73 5.69 -41.37
CA SER F 438 24.26 7.02 -41.66
C SER F 438 25.59 7.27 -40.97
N CYS F 439 25.64 7.07 -39.65
CA CYS F 439 26.88 7.35 -38.92
C CYS F 439 27.97 6.32 -39.18
N LEU F 440 27.61 5.12 -39.64
CA LEU F 440 28.62 4.15 -40.05
C LEU F 440 29.16 4.40 -41.45
N THR F 441 28.31 4.78 -42.39
CA THR F 441 28.77 5.03 -43.75
C THR F 441 29.25 6.45 -43.97
N GLY F 442 28.96 7.38 -43.07
CA GLY F 442 29.26 8.77 -43.32
C GLY F 442 28.34 9.39 -44.36
N ASN F 443 27.12 8.88 -44.48
CA ASN F 443 26.16 9.32 -45.47
C ASN F 443 25.11 10.17 -44.75
N PRO F 444 24.95 11.44 -45.12
CA PRO F 444 24.04 12.32 -44.36
C PRO F 444 22.59 11.99 -44.63
N VAL F 445 21.81 11.88 -43.56
CA VAL F 445 20.36 11.77 -43.69
C VAL F 445 19.81 13.11 -44.13
N ARG F 446 18.99 13.11 -45.17
CA ARG F 446 18.37 14.34 -45.61
C ARG F 446 17.33 14.80 -44.60
N ALA F 447 17.42 16.08 -44.24
CA ALA F 447 16.71 16.67 -43.11
C ALA F 447 15.23 16.86 -43.34
N ASP F 448 14.77 16.78 -44.59
CA ASP F 448 13.37 17.01 -44.93
C ASP F 448 12.51 15.77 -44.75
N VAL F 449 13.10 14.67 -44.27
CA VAL F 449 12.42 13.38 -44.19
C VAL F 449 12.21 13.02 -42.73
N ALA F 450 10.95 12.94 -42.32
CA ALA F 450 10.60 12.28 -41.07
C ALA F 450 10.27 10.82 -41.33
N MET F 451 10.32 10.02 -40.26
CA MET F 451 10.25 8.57 -40.37
C MET F 451 9.48 7.97 -39.23
N THR F 452 8.79 6.86 -39.51
CA THR F 452 8.14 6.05 -38.49
C THR F 452 8.03 4.63 -39.01
N GLY F 453 8.00 3.68 -38.10
CA GLY F 453 7.93 2.28 -38.46
C GLY F 453 8.63 1.42 -37.41
N GLU F 454 8.54 0.12 -37.63
CA GLU F 454 9.07 -0.88 -36.71
C GLU F 454 9.87 -1.91 -37.50
N ILE F 455 11.12 -2.11 -37.11
CA ILE F 455 12.07 -2.91 -37.87
C ILE F 455 12.08 -4.33 -37.32
N THR F 456 12.27 -5.31 -38.19
CA THR F 456 12.55 -6.69 -37.81
C THR F 456 13.87 -7.13 -38.43
N LEU F 457 14.37 -8.29 -37.96
CA LEU F 457 15.68 -8.78 -38.38
C LEU F 457 15.75 -9.13 -39.85
N ARG F 458 14.62 -9.48 -40.47
CA ARG F 458 14.62 -9.81 -41.88
C ARG F 458 14.70 -8.55 -42.73
N GLY F 459 14.43 -7.39 -42.13
CA GLY F 459 14.45 -6.13 -42.83
C GLY F 459 13.10 -5.52 -43.08
N LEU F 460 12.03 -6.13 -42.55
CA LEU F 460 10.69 -5.65 -42.81
C LEU F 460 10.39 -4.39 -42.01
N VAL F 461 9.26 -3.78 -42.35
CA VAL F 461 8.74 -2.61 -41.65
C VAL F 461 7.33 -2.93 -41.20
N LEU F 462 7.12 -3.03 -39.91
CA LEU F 462 5.85 -3.39 -39.31
C LEU F 462 5.02 -2.15 -39.01
N PRO F 463 3.70 -2.27 -38.92
CA PRO F 463 2.85 -1.09 -38.70
C PRO F 463 3.03 -0.47 -37.33
N ILE F 464 2.55 0.77 -37.24
CA ILE F 464 2.60 1.57 -36.03
C ILE F 464 1.19 2.08 -35.73
N GLY F 465 1.08 2.89 -34.68
CA GLY F 465 -0.19 3.44 -34.28
C GLY F 465 -0.10 4.94 -34.08
N GLY F 466 -1.26 5.59 -34.23
CA GLY F 466 -1.32 7.03 -34.12
C GLY F 466 -0.66 7.71 -35.30
N LEU F 467 -1.05 7.31 -36.52
CA LEU F 467 -0.40 7.86 -37.70
C LEU F 467 -0.82 9.30 -37.96
N LYS F 468 -2.06 9.66 -37.60
CA LYS F 468 -2.57 10.99 -37.89
C LYS F 468 -1.84 12.07 -37.10
N GLU F 469 -1.63 11.85 -35.80
CA GLU F 469 -0.92 12.84 -34.99
C GLU F 469 0.57 12.91 -35.35
N LYS F 470 1.15 11.79 -35.81
CA LYS F 470 2.51 11.84 -36.32
C LYS F 470 2.58 12.64 -37.61
N LEU F 471 1.54 12.56 -38.45
CA LEU F 471 1.53 13.32 -39.70
C LEU F 471 1.23 14.79 -39.47
N LEU F 472 0.49 15.12 -38.41
CA LEU F 472 0.25 16.52 -38.10
C LEU F 472 1.44 17.14 -37.38
N ALA F 473 2.15 16.34 -36.58
CA ALA F 473 3.42 16.78 -36.02
C ALA F 473 4.45 17.00 -37.12
N ALA F 474 4.50 16.10 -38.09
CA ALA F 474 5.44 16.26 -39.20
C ALA F 474 5.04 17.40 -40.12
N HIS F 475 3.74 17.68 -40.25
CA HIS F 475 3.33 18.82 -41.06
C HIS F 475 3.59 20.15 -40.34
N ARG F 476 3.40 20.19 -39.03
CA ARG F 476 3.74 21.39 -38.26
C ARG F 476 5.24 21.63 -38.21
N GLY F 477 6.04 20.57 -38.19
CA GLY F 477 7.47 20.72 -37.99
C GLY F 477 8.23 21.27 -39.18
N GLY F 478 7.63 21.25 -40.37
CA GLY F 478 8.34 21.63 -41.57
C GLY F 478 8.92 20.48 -42.35
N ILE F 479 8.49 19.25 -42.06
CA ILE F 479 8.90 18.09 -42.83
C ILE F 479 8.14 18.06 -44.15
N LYS F 480 8.83 17.72 -45.23
CA LYS F 480 8.19 17.56 -46.53
C LYS F 480 7.92 16.11 -46.90
N VAL F 481 8.74 15.16 -46.45
CA VAL F 481 8.67 13.77 -46.87
C VAL F 481 8.48 12.89 -45.65
N VAL F 482 7.47 12.04 -45.66
CA VAL F 482 7.20 11.14 -44.54
C VAL F 482 7.27 9.70 -45.04
N LEU F 483 8.02 8.85 -44.33
CA LEU F 483 8.15 7.44 -44.63
C LEU F 483 7.29 6.67 -43.63
N ILE F 484 6.18 6.11 -44.10
CA ILE F 484 5.29 5.32 -43.25
C ILE F 484 5.41 3.86 -43.67
N PRO F 485 4.95 2.90 -42.87
CA PRO F 485 4.86 1.51 -43.36
C PRO F 485 3.80 1.36 -44.43
N ASP F 486 3.84 0.23 -45.11
CA ASP F 486 2.89 -0.06 -46.18
C ASP F 486 1.49 -0.27 -45.64
N ASP F 487 1.38 -1.05 -44.57
CA ASP F 487 0.10 -1.40 -43.96
C ASP F 487 -0.54 -0.24 -43.19
N ASN F 488 0.00 0.96 -43.27
CA ASN F 488 -0.65 2.15 -42.74
C ASN F 488 -1.21 3.05 -43.84
N LYS F 489 -1.14 2.61 -45.11
CA LYS F 489 -1.82 3.32 -46.20
C LYS F 489 -3.31 3.48 -45.93
N ARG F 490 -3.90 2.45 -45.32
CA ARG F 490 -5.28 2.47 -44.82
C ARG F 490 -5.57 3.69 -43.97
N ASP F 491 -4.67 4.03 -43.04
CA ASP F 491 -4.90 5.16 -42.16
C ASP F 491 -4.81 6.49 -42.91
N LEU F 492 -4.17 6.51 -44.09
CA LEU F 492 -4.17 7.68 -44.94
C LEU F 492 -5.54 8.02 -45.50
N GLU F 493 -6.54 7.14 -45.32
CA GLU F 493 -7.91 7.49 -45.66
C GLU F 493 -8.58 8.41 -44.65
N GLU F 494 -7.89 8.82 -43.57
CA GLU F 494 -8.48 9.78 -42.65
C GLU F 494 -7.47 10.87 -42.30
N ILE F 495 -6.86 11.46 -43.32
CA ILE F 495 -5.99 12.61 -43.15
C ILE F 495 -6.62 13.77 -43.92
N PRO F 496 -6.62 14.99 -43.39
CA PRO F 496 -7.10 16.13 -44.19
C PRO F 496 -6.20 16.39 -45.39
N ASP F 497 -6.83 16.81 -46.49
CA ASP F 497 -6.16 16.80 -47.78
C ASP F 497 -5.17 17.95 -47.95
N ASN F 498 -5.19 18.95 -47.07
CA ASN F 498 -4.09 19.91 -47.06
C ASN F 498 -2.81 19.26 -46.54
N VAL F 499 -2.94 18.35 -45.57
CA VAL F 499 -1.80 17.65 -45.02
C VAL F 499 -1.28 16.61 -46.01
N ILE F 500 -2.19 15.95 -46.73
CA ILE F 500 -1.80 15.06 -47.82
C ILE F 500 -1.15 15.84 -48.95
N ALA F 501 -1.69 17.03 -49.25
CA ALA F 501 -1.15 17.85 -50.33
C ALA F 501 0.20 18.45 -49.99
N ASP F 502 0.52 18.63 -48.72
CA ASP F 502 1.80 19.23 -48.35
C ASP F 502 2.87 18.18 -48.07
N LEU F 503 2.48 17.01 -47.57
CA LEU F 503 3.44 15.97 -47.25
C LEU F 503 3.58 14.99 -48.40
N GLU F 504 4.83 14.66 -48.73
CA GLU F 504 5.13 13.63 -49.71
C GLU F 504 5.30 12.31 -48.95
N ILE F 505 4.21 11.58 -48.82
CA ILE F 505 4.17 10.38 -48.00
C ILE F 505 4.56 9.18 -48.83
N HIS F 506 5.58 8.45 -48.38
CA HIS F 506 6.05 7.26 -49.07
C HIS F 506 5.79 6.04 -48.21
N PRO F 507 4.81 5.20 -48.54
CA PRO F 507 4.66 3.93 -47.82
C PRO F 507 5.70 2.91 -48.25
N VAL F 508 6.48 2.44 -47.29
CA VAL F 508 7.55 1.49 -47.54
C VAL F 508 7.22 0.18 -46.84
N LYS F 509 7.98 -0.86 -47.19
CA LYS F 509 7.80 -2.18 -46.61
C LYS F 509 9.10 -2.86 -46.25
N ARG F 510 10.25 -2.28 -46.59
CA ARG F 510 11.55 -2.84 -46.25
C ARG F 510 12.50 -1.76 -45.76
N ILE F 511 13.72 -2.14 -45.44
CA ILE F 511 14.73 -1.16 -45.07
C ILE F 511 15.45 -0.60 -46.29
N ASP F 512 15.37 -1.30 -47.43
CA ASP F 512 16.02 -0.80 -48.64
C ASP F 512 15.26 0.38 -49.23
N ASP F 513 13.93 0.35 -49.17
CA ASP F 513 13.11 1.47 -49.59
C ASP F 513 13.31 2.67 -48.67
N VAL F 514 13.60 2.41 -47.40
CA VAL F 514 13.90 3.46 -46.44
C VAL F 514 15.23 4.12 -46.74
N LEU F 515 16.29 3.31 -46.91
CA LEU F 515 17.62 3.87 -47.12
C LEU F 515 17.79 4.45 -48.51
N ALA F 516 16.96 4.05 -49.46
CA ALA F 516 17.00 4.67 -50.78
C ALA F 516 16.50 6.10 -50.73
N ILE F 517 15.43 6.36 -49.99
CA ILE F 517 14.84 7.69 -49.93
C ILE F 517 15.55 8.56 -48.91
N ALA F 518 15.75 8.06 -47.69
CA ALA F 518 16.16 8.86 -46.55
C ALA F 518 17.63 9.27 -46.57
N LEU F 519 18.48 8.60 -47.34
CA LEU F 519 19.87 8.98 -47.44
C LEU F 519 20.09 9.75 -48.73
N GLU F 520 20.89 10.81 -48.65
CA GLU F 520 21.02 11.69 -49.81
C GLU F 520 21.96 11.10 -50.86
N HIS F 521 22.83 10.20 -50.46
CA HIS F 521 23.68 9.52 -51.43
C HIS F 521 23.21 8.09 -51.62
N PRO F 522 23.40 7.51 -52.81
CA PRO F 522 23.00 6.11 -53.01
C PRO F 522 23.89 5.15 -52.25
N ALA F 523 23.31 4.04 -51.82
CA ALA F 523 24.04 3.05 -51.04
C ALA F 523 24.13 1.72 -51.77
N ALA G 1 -39.12 15.50 16.80
CA ALA G 1 -38.04 15.04 15.94
C ALA G 1 -36.75 15.79 16.23
N ALA G 2 -35.68 15.05 16.51
CA ALA G 2 -34.40 15.63 16.91
C ALA G 2 -33.27 14.87 16.22
N ALA G 3 -32.35 15.61 15.62
CA ALA G 3 -31.21 15.00 14.96
C ALA G 3 -30.22 14.44 15.98
N ALA G 4 -29.44 13.45 15.55
CA ALA G 4 -28.49 12.77 16.43
C ALA G 4 -27.36 12.21 15.60
N ALA G 5 -26.13 12.59 15.93
CA ALA G 5 -24.96 12.24 15.15
C ALA G 5 -24.42 10.90 15.58
N ALA G 6 -24.27 10.00 14.61
CA ALA G 6 -23.75 8.66 14.87
C ALA G 6 -22.37 8.54 14.26
N ALA G 7 -21.56 7.63 14.80
CA ALA G 7 -20.19 7.44 14.33
C ALA G 7 -20.07 6.18 13.50
PG ATP H . -1.01 29.02 4.97
O1G ATP H . -1.13 28.69 3.51
O2G ATP H . -0.14 28.06 5.75
O3G ATP H . -2.31 29.31 5.65
PB ATP H . -0.65 31.68 4.16
O1B ATP H . 0.01 31.62 2.81
O2B ATP H . -2.14 31.83 4.28
O3B ATP H . -0.18 30.39 5.00
PA ATP H . -0.64 34.11 5.64
O1A ATP H . -1.12 33.74 7.01
O2A ATP H . -1.62 34.74 4.69
O3A ATP H . 0.09 32.85 4.98
O5' ATP H . 0.62 35.09 5.78
C5' ATP H . 1.37 35.11 6.99
C4' ATP H . 1.91 36.52 7.18
O4' ATP H . 2.87 36.84 6.19
C3' ATP H . 0.78 37.53 7.01
O3' ATP H . 0.53 38.15 8.27
C2' ATP H . 1.28 38.57 6.04
O2' ATP H . 1.20 39.86 6.62
C1' ATP H . 2.73 38.20 5.80
N9 ATP H . 3.02 38.37 4.37
C8 ATP H . 3.03 37.40 3.45
N7 ATP H . 3.33 37.88 2.23
C5 ATP H . 3.53 39.20 2.37
C6 ATP H . 3.89 40.31 1.47
N6 ATP H . 4.09 40.10 0.14
N1 ATP H . 3.99 41.54 2.00
C2 ATP H . 3.79 41.75 3.31
N3 ATP H . 3.47 40.79 4.18
C4 ATP H . 3.33 39.51 3.77
MG MG I . -3.78 30.81 5.55
PG ATP J . 8.37 12.20 25.15
O1G ATP J . 8.60 13.23 24.08
O2G ATP J . 7.00 12.25 25.78
O3G ATP J . 8.76 10.81 24.74
PB ATP J . 9.43 14.04 27.00
O1B ATP J . 10.49 14.86 26.33
O2B ATP J . 8.01 14.54 27.12
O3B ATP J . 9.40 12.58 26.32
PA ATP J . 9.18 14.14 29.79
O1A ATP J . 7.96 13.28 29.95
O2A ATP J . 9.03 15.64 29.83
O3A ATP J . 9.97 13.69 28.47
O5' ATP J . 10.25 13.73 30.91
C5' ATP J . 9.99 12.65 31.81
C4' ATP J . 10.91 12.78 33.01
O4' ATP J . 12.21 13.19 32.60
C3' ATP J . 10.40 13.84 33.96
O3' ATP J . 10.00 13.23 35.19
C2' ATP J . 11.56 14.77 34.21
O2' ATP J . 11.81 14.93 35.61
C1' ATP J . 12.76 14.10 33.56
N9 ATP J . 13.61 15.09 32.89
C8 ATP J . 13.76 15.24 31.56
N7 ATP J . 14.62 16.24 31.27
C5 ATP J . 15.03 16.76 32.45
C6 ATP J . 15.95 17.83 32.87
N6 ATP J . 16.61 18.58 31.96
N1 ATP J . 16.10 18.04 34.18
C2 ATP J . 15.46 17.30 35.10
N3 ATP J . 14.61 16.31 34.79
C4 ATP J . 14.37 15.99 33.50
MG MG K . 5.77 13.52 26.83
PG ATP L . 2.56 -15.79 24.38
O1G ATP L . 1.69 -16.93 23.91
O2G ATP L . 1.92 -14.43 24.26
O3G ATP L . 3.98 -15.85 23.88
PB ATP L . 3.47 -17.23 26.62
O1B ATP L . 4.93 -16.88 26.63
O2B ATP L . 3.01 -18.50 25.94
O3B ATP L . 2.70 -15.98 25.97
PA ATP L . 1.92 -18.29 28.74
O1A ATP L . 1.54 -17.79 30.10
O2A ATP L . 0.81 -18.61 27.78
O3A ATP L . 2.93 -17.21 28.12
O5' ATP L . 2.78 -19.62 28.99
C5' ATP L . 2.49 -20.82 28.28
C4' ATP L . 2.46 -21.99 29.27
O4' ATP L . 3.77 -22.32 29.68
C3' ATP L . 1.67 -21.65 30.52
O3' ATP L . 0.57 -22.55 30.64
C2' ATP L . 2.62 -21.88 31.67
O2' ATP L . 1.97 -22.70 32.65
C1' ATP L . 3.80 -22.64 31.07
N9 ATP L . 5.05 -22.16 31.68
C8 ATP L . 5.94 -21.37 31.07
N7 ATP L . 7.00 -21.12 31.87
C5 ATP L . 6.79 -21.77 33.02
C6 ATP L . 7.51 -21.93 34.30
N6 ATP L . 8.71 -21.32 34.50
N1 ATP L . 6.95 -22.69 35.24
C2 ATP L . 5.76 -23.30 35.05
N3 ATP L . 5.06 -23.20 33.92
C4 ATP L . 5.50 -22.47 32.88
MG MG M . 0.64 -15.18 25.95
PG ATP N . -8.69 -28.89 1.33
O1G ATP N . -7.50 -29.21 2.20
O2G ATP N . -9.79 -28.11 2.00
O3G ATP N . -8.31 -28.37 -0.04
PB ATP N . -9.93 -31.28 2.17
O1B ATP N . -10.93 -30.53 2.99
O2B ATP N . -8.77 -32.00 2.81
O3B ATP N . -9.35 -30.33 1.01
PA ATP N . -12.22 -32.78 1.64
O1A ATP N . -13.13 -31.72 1.08
O2A ATP N . -12.34 -33.16 3.09
O3A ATP N . -10.71 -32.36 1.29
O5' ATP N . -12.37 -34.12 0.76
C5' ATP N . -13.31 -34.22 -0.31
C4' ATP N . -13.97 -35.58 -0.27
O4' ATP N . -13.00 -36.62 -0.16
C3' ATP N . -14.86 -35.70 0.95
O3' ATP N . -16.23 -35.66 0.55
C2' ATP N . -14.54 -37.04 1.58
O2' ATP N . -15.72 -37.83 1.66
C1' ATP N . -13.54 -37.68 0.64
N9 ATP N . -12.47 -38.35 1.40
C8 ATP N . -11.23 -37.88 1.58
N7 ATP N . -10.48 -38.72 2.32
C5 ATP N . -11.26 -39.77 2.63
C6 ATP N . -11.09 -41.02 3.40
N6 ATP N . -9.92 -41.32 3.99
N1 ATP N . -12.16 -41.84 3.49
C2 ATP N . -13.33 -41.55 2.91
N3 ATP N . -13.55 -40.43 2.19
C4 ATP N . -12.56 -39.52 2.03
MG MG O . -11.60 -28.00 3.08
PB ADP P . -20.48 -12.44 -20.87
O1B ADP P . -20.71 -13.92 -20.69
O2B ADP P . -20.95 -11.61 -19.71
O3B ADP P . -19.11 -12.09 -21.36
PA ADP P . -22.99 -12.48 -22.18
O1A ADP P . -23.09 -13.98 -22.24
O2A ADP P . -23.74 -11.73 -21.10
O3A ADP P . -21.45 -12.02 -22.08
O5' ADP P . -23.49 -11.89 -23.59
C5' ADP P . -22.99 -12.41 -24.82
C4' ADP P . -23.96 -12.06 -25.95
O4' ADP P . -23.55 -12.74 -27.13
C3' ADP P . -25.36 -12.51 -25.62
O3' ADP P . -26.26 -11.42 -25.75
C2' ADP P . -25.70 -13.59 -26.63
O2' ADP P . -26.93 -13.27 -27.30
C1' ADP P . -24.57 -13.60 -27.63
N9 ADP P . -24.00 -14.96 -27.68
C8 ADP P . -22.92 -15.37 -27.01
N7 ADP P . -22.63 -16.66 -27.28
C5 ADP P . -23.56 -17.10 -28.14
C6 ADP P . -23.85 -18.37 -28.83
N6 ADP P . -23.06 -19.46 -28.64
N1 ADP P . -24.90 -18.41 -29.65
C2 ADP P . -25.68 -17.34 -29.86
N3 ADP P . -25.48 -16.15 -29.26
C4 ADP P . -24.45 -15.98 -28.41
MG MG Q . -22.69 -11.93 -17.90
PB ADP R . -16.13 18.16 -20.07
O1B ADP R . -15.12 18.20 -21.17
O2B ADP R . -17.39 17.40 -20.39
O3B ADP R . -15.58 17.85 -18.70
PA ADP R . -17.39 20.45 -21.14
O1A ADP R . -17.47 19.57 -22.35
O2A ADP R . -18.67 21.01 -20.58
O3A ADP R . -16.64 19.69 -19.95
O5' ADP R . -16.49 21.74 -21.49
C5' ADP R . -15.71 21.80 -22.68
C4' ADP R . -15.87 23.18 -23.29
O4' ADP R . -15.13 23.28 -24.51
C3' ADP R . -17.32 23.49 -23.62
O3' ADP R . -17.80 24.54 -22.79
C2' ADP R . -17.34 23.94 -25.05
O2' ADP R . -17.80 25.28 -25.12
C1' ADP R . -15.90 23.90 -25.54
N9 ADP R . -15.86 23.05 -26.74
C8 ADP R . -15.37 21.80 -26.81
N7 ADP R . -15.48 21.28 -28.05
C5 ADP R . -16.06 22.21 -28.82
C6 ADP R . -16.46 22.30 -30.23
N6 ADP R . -16.28 21.28 -31.09
N1 ADP R . -17.03 23.45 -30.64
C2 ADP R . -17.24 24.47 -29.79
N3 ADP R . -16.89 24.45 -28.50
C4 ADP R . -16.31 23.37 -27.96
#